data_7NDB
#
_entry.id   7NDB
#
_cell.length_a   1.00
_cell.length_b   1.00
_cell.length_c   1.00
_cell.angle_alpha   90.00
_cell.angle_beta   90.00
_cell.angle_gamma   90.00
#
_symmetry.space_group_name_H-M   'P 1'
#
loop_
_entity.id
_entity.type
_entity.pdbx_description
1 polymer 'Spike glycoprotein'
2 polymer 'COVOX-253H165L Fab heavy chain'
3 polymer 'COVOX-253H165L Fab light chain'
4 branched 2-acetamido-2-deoxy-beta-D-glucopyranose-(1-4)-2-acetamido-2-deoxy-beta-D-glucopyranose
5 branched 2-acetamido-2-deoxy-beta-D-glucopyranose-(1-4)-[alpha-L-fucopyranose-(1-6)]2-acetamido-2-deoxy-beta-D-glucopyranose
6 non-polymer 2-acetamido-2-deoxy-beta-D-glucopyranose
#
loop_
_entity_poly.entity_id
_entity_poly.type
_entity_poly.pdbx_seq_one_letter_code
_entity_poly.pdbx_strand_id
1 'polypeptide(L)'
;MFVFLVLLPLVSSQCVNLTTRTQLPPAYTNSFTRGVYYPDKVFRSSVLHSTQDLFLPFFSNVTWFHAIHVSGTNGTKRFD
NPVLPFNDGVYFASTEKSNIIRGWIFGTTLDSKTQSLLIVNNATNVVIKVCEFQFCNDPFLGVYYHKNNKSWMESEFRVY
SSANNCTFEYVSQPFLMDLEGKQGNFKNLREFVFKNIDGYFKIYSKHTPINLVRDLPQGFSALEPLVDLPIGINITRFQT
LLALHRSYLTPGDSSSGWTAGAAAYYVGYLQPRTFLLKYNENGTITDAVDCALDPLSETKCTLKSFTVEKGIYQTSNFRV
QPTESIVRFPNITNLCPFGEVFNATRFASVYAWNRKRISNCVADYSVLYNSASFSTFKCYGVSPTKLNDLCFTNVYADSF
VIRGDEVRQIAPGQTGKIADYNYKLPDDFTGCVIAWNSNNLDSKVGGNYNYLYRLFRKSNLKPFERDISTEIYQAGSTPC
NGVEGFNCYFPLQSYGFQPTNGVGYQPYRVVVLSFELLHAPATVCGPKKSTNLVKNKCVNFNFNGLTGTGVLTESNKKFL
PFQQFGRDIADTTDAVRDPQTLEILDITPCSFGGVSVITPGTNTSNQVAVLYQDVNCTEVPVAIHADQLTPTWRVYSTGS
NVFQTRAGCLIGAEHVNNSYECDIPIGAGICASYQTQTNSPGSASSVASQSIIAYTMSLGAENSVAYSNNSIAIPTNFTI
SVTTEILPVSMTKTSVDCTMYICGDSTECSNLLLQYGSFCTQLNRALTGIAVEQDKNTQEVFAQVKQIYKTPPIKDFGGF
NFSQILPDPSKPSKRSFIEDLLFNKVTLADAGFIKQYGDCLGDIAARDLICAQKFNGLTVLPPLLTDEMIAQYTSALLAG
TITSGWTFGAGAALQIPFAMQMAYRFNGIGVTQNVLYENQKLIANQFNSAIGKIQDSLSSTASALGKLQDVVNQNAQALN
TLVKQLSSNFGAISSVLNDILSRLDPPEAEVQIDRLITGRLQSLQTYVTQQLIRAAEIRASANLAATKMSECVLGQSKRV
DFCGKGYHLMSFPQSAPHGVVFLHVTYVPAQEKNFTTAPAICHDGKAHFPREGVFVSNGTHWFVTQRNFYEPQIITTDNT
FVSGNCDVVIGIVNNTVYDPLQPELDSFKEELDKYFKNHTSPDVDLGDISGINASVVNIQKEIDRLNEVAKNLNESLIDL
QELGKYEQGSGYIPEAPRDGQAYVRKDGEWVLLSTFLGRSLEVLFQGPGHHHHHHHHGSAWSHPQFEKGGGSGGGSGGSA
WSHPQFEK
;
A,B,C
2 'polypeptide(L)'
;ILFLVATATGVHSQVQLVQSGPEVKKPGTSVKVSCKASGFTFTTSAVQWVRQARGQRLEWIGWIVVGSGNTNYAQKFQER
VTITRDMSTTTAYMELSSLRSEDTAVYFCAAPHCNSTSCYDAFDIWGQGTMVTVSSASTKGPSVFPLAPSSKSTSGGTAA
LGCLVKDYFPEPVTVSWNSGALTSGVHTFPAVLQSSGLYSLSSVVTVPSSSLGTQTYICNVNHKPSNTKVDKKVEPKSCD
K
;
H
3 'polypeptide(L)'
;DIVMTQSPGTLSLSPGERATLSCRASQSVRSSYLAWYQQKPGQAPRLLIYGASRRGTGIPDRFSGSGSGTDFTLTISRLE
PEDFAVYYCQQYGSSPWTFGQGTKVEIKRTVAAPSVFIFPPSDEQLKSGTASVVCLLNNFYPREAKVQWKVDNALQSGNS
QESVTEQDSKDSTYSLSSTLTLSKADYEKHKVYACEVTHQGLSSPVTKSFNRGEC
;
L
#
loop_
_chem_comp.id
_chem_comp.type
_chem_comp.name
_chem_comp.formula
FUC L-saccharide, alpha linking alpha-L-fucopyranose 'C6 H12 O5'
NAG D-saccharide, beta linking 2-acetamido-2-deoxy-beta-D-glucopyranose 'C8 H15 N O6'
#
# COMPACT_ATOMS: atom_id res chain seq x y z
N ALA A 27 49.02 30.96 -11.19
CA ALA A 27 49.16 30.01 -12.28
C ALA A 27 48.06 28.96 -12.23
N TYR A 28 47.88 28.25 -13.34
CA TYR A 28 46.89 27.19 -13.45
C TYR A 28 47.51 25.97 -14.11
N THR A 29 46.92 24.81 -13.81
CA THR A 29 47.36 23.55 -14.40
C THR A 29 46.17 22.61 -14.48
N ASN A 30 46.38 21.46 -15.11
CA ASN A 30 45.29 20.54 -15.42
C ASN A 30 45.31 19.35 -14.46
N SER A 31 44.25 19.24 -13.66
CA SER A 31 44.03 18.12 -12.74
C SER A 31 43.37 16.99 -13.52
N PHE A 32 44.21 16.21 -14.20
CA PHE A 32 43.80 15.19 -15.16
C PHE A 32 42.72 14.25 -14.61
N THR A 33 43.07 13.46 -13.59
CA THR A 33 42.14 12.51 -13.00
C THR A 33 42.25 12.41 -11.49
N ARG A 34 42.96 13.31 -10.82
CA ARG A 34 43.22 13.19 -9.39
C ARG A 34 42.07 13.77 -8.58
N GLY A 35 42.02 13.40 -7.30
CA GLY A 35 40.95 13.83 -6.41
C GLY A 35 39.93 12.77 -6.02
N VAL A 36 40.20 11.49 -6.27
CA VAL A 36 39.28 10.42 -5.90
C VAL A 36 39.65 9.88 -4.53
N TYR A 37 38.64 9.74 -3.67
CA TYR A 37 38.83 9.31 -2.29
C TYR A 37 37.80 8.23 -1.94
N TYR A 38 38.20 7.31 -1.06
CA TYR A 38 37.31 6.25 -0.60
C TYR A 38 36.06 6.88 0.03
N PRO A 39 34.90 6.80 -0.62
CA PRO A 39 33.71 7.47 -0.08
C PRO A 39 33.12 6.80 1.15
N ASP A 40 33.48 5.56 1.44
CA ASP A 40 32.93 4.85 2.58
C ASP A 40 34.05 4.10 3.30
N LYS A 41 33.83 3.85 4.59
CA LYS A 41 34.78 3.12 5.41
C LYS A 41 34.51 1.61 5.42
N VAL A 42 33.93 1.09 4.33
CA VAL A 42 33.59 -0.32 4.20
C VAL A 42 34.47 -0.93 3.13
N PHE A 43 35.06 -2.08 3.43
CA PHE A 43 35.91 -2.74 2.45
C PHE A 43 35.07 -3.33 1.32
N ARG A 44 35.60 -3.27 0.10
CA ARG A 44 35.03 -3.91 -1.07
C ARG A 44 36.17 -4.45 -1.93
N SER A 45 35.82 -5.29 -2.90
CA SER A 45 36.83 -5.96 -3.70
C SER A 45 36.26 -6.34 -5.06
N SER A 46 37.05 -6.13 -6.10
CA SER A 46 36.75 -6.57 -7.47
C SER A 46 35.31 -6.24 -7.87
N VAL A 47 35.03 -4.93 -7.93
CA VAL A 47 33.66 -4.47 -8.20
C VAL A 47 33.73 -3.07 -8.78
N LEU A 48 32.71 -2.70 -9.54
CA LEU A 48 32.56 -1.34 -10.07
C LEU A 48 31.34 -0.73 -9.40
N HIS A 49 31.60 0.11 -8.39
CA HIS A 49 30.56 0.69 -7.57
C HIS A 49 30.34 2.15 -7.94
N SER A 50 29.09 2.53 -8.16
CA SER A 50 28.75 3.90 -8.49
C SER A 50 28.34 4.65 -7.23
N THR A 51 28.80 5.88 -7.10
CA THR A 51 28.50 6.69 -5.92
C THR A 51 28.57 8.17 -6.27
N GLN A 52 27.64 8.94 -5.72
CA GLN A 52 27.59 10.38 -5.93
C GLN A 52 28.02 11.08 -4.66
N ASP A 53 28.92 12.06 -4.79
CA ASP A 53 29.43 12.83 -3.67
C ASP A 53 30.24 13.99 -4.24
N LEU A 54 30.87 14.76 -3.34
CA LEU A 54 31.71 15.88 -3.73
C LEU A 54 33.08 15.37 -4.12
N PHE A 55 33.42 15.45 -5.41
CA PHE A 55 34.69 15.00 -5.93
C PHE A 55 35.35 16.13 -6.71
N LEU A 56 36.63 15.94 -7.01
CA LEU A 56 37.36 16.85 -7.89
C LEU A 56 37.13 16.42 -9.33
N PRO A 57 36.47 17.22 -10.16
CA PRO A 57 36.20 16.81 -11.54
C PRO A 57 37.50 16.54 -12.30
N PHE A 58 37.46 15.53 -13.15
CA PHE A 58 38.64 15.14 -13.92
C PHE A 58 39.00 16.25 -14.90
N PHE A 59 40.32 16.37 -15.16
CA PHE A 59 40.84 17.34 -16.11
C PHE A 59 40.34 18.76 -15.79
N SER A 60 40.32 19.09 -14.51
CA SER A 60 39.84 20.41 -14.10
C SER A 60 40.98 21.42 -14.07
N ASN A 61 40.62 22.70 -14.13
CA ASN A 61 41.62 23.77 -14.02
C ASN A 61 41.87 24.06 -12.55
N VAL A 62 43.03 23.62 -12.04
CA VAL A 62 43.41 23.81 -10.65
C VAL A 62 44.44 24.93 -10.57
N THR A 63 44.24 25.84 -9.62
CA THR A 63 45.12 26.99 -9.49
C THR A 63 46.45 26.57 -8.89
N TRP A 64 47.53 27.09 -9.46
CA TRP A 64 48.90 26.74 -9.08
C TRP A 64 49.57 27.94 -8.44
N PHE A 65 49.99 27.79 -7.19
CA PHE A 65 50.70 28.84 -6.47
C PHE A 65 52.14 28.42 -6.26
N HIS A 66 53.08 29.26 -6.68
CA HIS A 66 54.50 28.96 -6.55
C HIS A 66 55.09 29.66 -5.32
N PRO A 82 48.32 33.51 1.62
CA PRO A 82 47.13 33.99 0.93
C PRO A 82 45.86 33.25 1.37
N VAL A 83 44.76 33.97 1.50
CA VAL A 83 43.49 33.40 1.92
C VAL A 83 42.70 32.99 0.69
N LEU A 84 42.04 31.84 0.76
CA LEU A 84 41.25 31.29 -0.33
C LEU A 84 39.89 30.87 0.19
N PRO A 85 38.87 30.90 -0.65
CA PRO A 85 37.54 30.43 -0.22
C PRO A 85 37.51 28.92 -0.03
N PHE A 86 36.47 28.47 0.68
CA PHE A 86 36.23 27.06 0.96
C PHE A 86 34.79 26.72 0.60
N ASN A 87 34.39 27.07 -0.63
CA ASN A 87 33.01 27.03 -1.08
C ASN A 87 32.27 25.76 -0.68
N ASP A 88 32.69 24.61 -1.20
CA ASP A 88 32.03 23.34 -0.90
C ASP A 88 33.03 22.21 -0.73
N GLY A 89 34.23 22.52 -0.26
CA GLY A 89 35.29 21.52 -0.21
C GLY A 89 36.44 21.86 -1.11
N VAL A 90 37.63 21.32 -0.82
CA VAL A 90 38.85 21.70 -1.50
C VAL A 90 39.74 20.47 -1.65
N TYR A 91 40.38 20.35 -2.81
CA TYR A 91 41.47 19.40 -3.04
C TYR A 91 42.77 20.18 -3.04
N PHE A 92 43.70 19.81 -2.16
CA PHE A 92 44.97 20.48 -2.03
C PHE A 92 46.08 19.49 -2.37
N ALA A 93 47.15 19.98 -2.99
CA ALA A 93 48.28 19.11 -3.31
C ALA A 93 49.58 19.86 -3.11
N SER A 94 50.60 19.15 -2.63
CA SER A 94 51.89 19.73 -2.33
C SER A 94 53.02 18.81 -2.74
N THR A 95 54.02 19.36 -3.41
CA THR A 95 55.28 18.68 -3.67
C THR A 95 56.35 19.35 -2.81
N GLU A 96 57.05 18.55 -2.01
CA GLU A 96 57.94 19.09 -1.00
C GLU A 96 59.30 18.41 -1.07
N LYS A 97 60.33 19.17 -0.73
CA LYS A 97 61.67 18.65 -0.53
C LYS A 97 62.15 18.73 0.91
N SER A 98 61.64 19.69 1.69
CA SER A 98 61.98 19.79 3.11
C SER A 98 60.78 20.13 3.99
N ASN A 99 59.56 19.96 3.48
CA ASN A 99 58.34 20.16 4.25
C ASN A 99 58.22 21.61 4.74
N ILE A 100 58.27 22.53 3.79
CA ILE A 100 58.14 23.96 4.13
C ILE A 100 56.72 24.25 4.61
N ILE A 101 55.72 23.76 3.86
CA ILE A 101 54.33 24.02 4.23
C ILE A 101 53.97 23.15 5.42
N ARG A 102 53.44 23.76 6.47
CA ARG A 102 53.07 22.97 7.64
C ARG A 102 51.64 23.20 8.10
N GLY A 103 51.15 24.43 8.05
CA GLY A 103 49.94 24.75 8.80
C GLY A 103 48.75 25.16 7.96
N TRP A 104 47.56 25.09 8.53
CA TRP A 104 46.35 25.60 7.89
C TRP A 104 45.53 26.40 8.88
N ILE A 105 44.88 27.44 8.38
CA ILE A 105 43.92 28.23 9.16
C ILE A 105 42.59 28.23 8.41
N PHE A 106 41.50 28.04 9.15
CA PHE A 106 40.16 27.98 8.58
C PHE A 106 39.26 28.95 9.32
N GLY A 107 38.27 29.48 8.61
CA GLY A 107 37.27 30.33 9.22
C GLY A 107 36.73 31.34 8.24
N THR A 108 35.92 32.25 8.76
CA THR A 108 35.32 33.34 7.98
C THR A 108 36.19 34.60 8.02
N THR A 109 36.54 35.06 9.21
CA THR A 109 37.36 36.25 9.40
C THR A 109 38.82 35.92 9.67
N LEU A 110 39.10 34.79 10.31
CA LEU A 110 40.44 34.23 10.48
C LEU A 110 41.32 35.07 11.41
N ASP A 111 40.71 35.83 12.31
CA ASP A 111 41.47 36.62 13.30
C ASP A 111 40.61 36.75 14.55
N SER A 112 40.82 35.84 15.49
CA SER A 112 40.23 35.90 16.83
C SER A 112 38.72 36.12 16.76
N LYS A 113 38.07 35.38 15.87
CA LYS A 113 36.62 35.45 15.70
C LYS A 113 36.11 34.33 14.80
N SER A 116 36.70 29.45 14.16
CA SER A 116 37.92 29.33 13.37
C SER A 116 38.71 28.09 13.78
N LEU A 117 39.40 27.48 12.82
CA LEU A 117 40.16 26.27 13.05
C LEU A 117 41.63 26.52 12.75
N LEU A 118 42.49 25.75 13.39
CA LEU A 118 43.92 25.76 13.10
C LEU A 118 44.44 24.33 13.09
N ILE A 119 45.32 24.03 12.15
CA ILE A 119 46.00 22.75 12.06
C ILE A 119 47.48 23.03 11.91
N VAL A 120 48.32 22.23 12.57
CA VAL A 120 49.75 22.43 12.54
C VAL A 120 50.43 21.10 12.83
N ASN A 121 51.54 20.85 12.14
CA ASN A 121 52.30 19.61 12.31
C ASN A 121 53.56 19.96 13.07
N ASN A 122 53.54 19.77 14.40
CA ASN A 122 54.70 20.11 15.22
C ASN A 122 55.61 18.89 15.27
N ALA A 123 56.76 18.99 14.60
CA ALA A 123 57.76 17.94 14.53
C ALA A 123 57.15 16.60 14.09
N THR A 124 56.51 15.90 15.02
CA THR A 124 55.91 14.59 14.78
C THR A 124 54.58 14.47 15.50
N ASN A 125 53.76 15.53 15.44
CA ASN A 125 52.49 15.56 16.18
C ASN A 125 51.53 16.53 15.49
N VAL A 126 50.59 15.97 14.72
CA VAL A 126 49.49 16.75 14.18
C VAL A 126 48.71 17.35 15.35
N VAL A 127 48.37 18.63 15.25
CA VAL A 127 47.67 19.35 16.30
C VAL A 127 46.56 20.16 15.64
N ILE A 128 45.31 19.86 15.99
CA ILE A 128 44.14 20.59 15.52
C ILE A 128 43.49 21.27 16.71
N LYS A 129 43.19 22.56 16.55
CA LYS A 129 42.53 23.34 17.59
C LYS A 129 41.45 24.20 16.93
N VAL A 130 40.50 24.65 17.74
CA VAL A 130 39.43 25.51 17.25
C VAL A 130 39.35 26.82 18.03
N CYS A 131 40.41 27.17 18.76
CA CYS A 131 40.43 28.45 19.46
C CYS A 131 40.48 29.59 18.44
N GLU A 132 39.89 30.72 18.80
CA GLU A 132 39.96 31.92 17.96
C GLU A 132 41.32 32.59 18.14
N PHE A 133 42.34 31.99 17.53
CA PHE A 133 43.70 32.45 17.73
C PHE A 133 43.93 33.80 17.04
N GLN A 134 44.99 34.49 17.45
CA GLN A 134 45.45 35.70 16.80
C GLN A 134 46.61 35.32 15.89
N PHE A 135 46.38 35.36 14.58
CA PHE A 135 47.40 35.00 13.61
C PHE A 135 47.77 36.20 12.74
N CYS A 136 49.01 36.20 12.28
CA CYS A 136 49.51 37.27 11.42
C CYS A 136 48.87 37.22 10.04
N CYS A 166 37.89 27.93 23.43
CA CYS A 166 38.24 26.71 22.73
C CYS A 166 37.18 25.64 22.99
N THR A 167 36.76 24.94 21.93
CA THR A 167 35.78 23.86 22.07
C THR A 167 36.31 22.52 21.57
N PHE A 168 37.58 22.44 21.19
CA PHE A 168 38.14 21.18 20.70
C PHE A 168 39.66 21.25 20.71
N GLU A 169 40.28 20.10 20.89
CA GLU A 169 41.74 19.99 20.90
C GLU A 169 42.12 18.56 20.58
N TYR A 170 42.84 18.35 19.49
CA TYR A 170 43.28 17.02 19.09
C TYR A 170 44.77 17.04 18.81
N VAL A 171 45.46 15.98 19.20
CA VAL A 171 46.90 15.86 19.00
C VAL A 171 47.20 14.42 18.59
N SER A 172 47.90 14.25 17.48
CA SER A 172 48.28 12.94 16.98
C SER A 172 49.10 12.16 18.00
N ASN A 188 58.68 14.29 -2.61
CA ASN A 188 57.47 13.53 -2.34
C ASN A 188 56.22 14.37 -2.61
N LEU A 189 55.08 13.70 -2.78
CA LEU A 189 53.81 14.35 -3.05
C LEU A 189 52.81 14.00 -1.97
N ARG A 190 52.11 15.01 -1.46
CA ARG A 190 51.08 14.85 -0.45
C ARG A 190 49.78 15.44 -0.96
N GLU A 191 48.70 14.67 -0.88
CA GLU A 191 47.41 15.13 -1.40
C GLU A 191 46.36 15.10 -0.30
N PHE A 192 45.57 16.16 -0.19
CA PHE A 192 44.55 16.26 0.83
C PHE A 192 43.21 16.65 0.22
N VAL A 193 42.14 16.18 0.84
CA VAL A 193 40.78 16.60 0.52
C VAL A 193 40.12 17.06 1.82
N PHE A 194 39.55 18.27 1.81
CA PHE A 194 38.87 18.85 2.95
C PHE A 194 37.41 19.08 2.55
N LYS A 195 36.48 18.49 3.30
CA LYS A 195 35.08 18.82 3.10
C LYS A 195 34.39 19.03 4.45
N ASN A 196 33.33 19.83 4.43
CA ASN A 196 32.55 20.13 5.63
C ASN A 196 31.08 19.83 5.32
N ILE A 197 30.62 18.66 5.75
CA ILE A 197 29.27 18.17 5.46
C ILE A 197 28.55 17.92 6.77
N ASP A 198 27.41 18.60 6.96
CA ASP A 198 26.56 18.43 8.14
C ASP A 198 27.35 18.57 9.43
N GLY A 199 28.23 19.57 9.47
CA GLY A 199 29.02 19.83 10.66
C GLY A 199 30.18 18.90 10.88
N TYR A 200 30.38 17.91 10.02
CA TYR A 200 31.53 17.03 10.11
C TYR A 200 32.57 17.46 9.08
N PHE A 201 33.81 17.62 9.53
CA PHE A 201 34.93 18.00 8.67
C PHE A 201 35.70 16.74 8.34
N LYS A 202 35.62 16.29 7.09
CA LYS A 202 36.31 15.10 6.62
C LYS A 202 37.59 15.50 5.92
N ILE A 203 38.70 14.90 6.35
CA ILE A 203 40.02 15.16 5.78
C ILE A 203 40.56 13.83 5.31
N TYR A 204 40.71 13.70 4.00
CA TYR A 204 41.35 12.55 3.37
C TYR A 204 42.76 12.96 2.94
N SER A 205 43.70 12.02 2.98
CA SER A 205 45.06 12.39 2.60
C SER A 205 45.84 11.18 2.10
N LYS A 206 46.45 11.31 0.94
CA LYS A 206 47.32 10.30 0.38
C LYS A 206 48.75 10.85 0.35
N HIS A 207 49.68 10.02 -0.11
CA HIS A 207 51.09 10.36 -0.21
C HIS A 207 51.75 9.41 -1.21
N THR A 208 52.59 9.96 -2.09
CA THR A 208 53.26 9.15 -3.09
C THR A 208 54.49 9.88 -3.61
N PRO A 209 55.62 9.18 -3.76
CA PRO A 209 56.82 9.84 -4.28
C PRO A 209 56.73 10.04 -5.79
N ILE A 210 57.26 11.17 -6.24
CA ILE A 210 57.24 11.54 -7.65
C ILE A 210 58.51 12.32 -7.97
N ASN A 211 58.91 12.28 -9.23
CA ASN A 211 60.07 13.00 -9.73
C ASN A 211 59.62 13.92 -10.87
N LEU A 212 59.19 15.12 -10.51
CA LEU A 212 58.71 16.09 -11.49
C LEU A 212 58.67 17.46 -10.84
N VAL A 213 58.92 18.49 -11.66
CA VAL A 213 59.01 19.86 -11.19
C VAL A 213 58.13 20.82 -11.98
N ARG A 214 57.31 20.32 -12.91
CA ARG A 214 56.49 21.18 -13.76
C ARG A 214 55.08 21.35 -13.20
N ASP A 215 54.37 20.24 -13.01
CA ASP A 215 53.01 20.28 -12.51
C ASP A 215 52.68 18.91 -11.90
N LEU A 216 51.43 18.71 -11.54
CA LEU A 216 51.01 17.43 -10.97
C LEU A 216 51.12 16.35 -12.03
N PRO A 217 51.74 15.21 -11.73
CA PRO A 217 51.90 14.17 -12.76
C PRO A 217 50.57 13.54 -13.13
N GLN A 218 50.51 13.02 -14.35
CA GLN A 218 49.33 12.32 -14.83
C GLN A 218 49.28 10.92 -14.23
N GLY A 219 48.12 10.56 -13.71
CA GLY A 219 47.98 9.27 -13.05
C GLY A 219 46.72 9.23 -12.22
N PHE A 220 46.55 8.10 -11.53
CA PHE A 220 45.40 7.87 -10.67
C PHE A 220 45.85 7.29 -9.34
N SER A 221 45.19 7.75 -8.27
CA SER A 221 45.41 7.21 -6.93
C SER A 221 44.24 7.63 -6.06
N ALA A 222 44.07 6.93 -4.94
CA ALA A 222 42.94 7.17 -4.05
C ALA A 222 43.44 7.72 -2.72
N LEU A 223 42.67 8.65 -2.15
CA LEU A 223 43.03 9.35 -0.92
C LEU A 223 42.17 8.81 0.21
N GLU A 224 42.72 7.86 0.97
CA GLU A 224 41.96 7.26 2.06
C GLU A 224 41.67 8.28 3.16
N PRO A 225 40.57 8.11 3.88
CA PRO A 225 40.22 9.08 4.93
C PRO A 225 41.21 9.04 6.09
N LEU A 226 41.43 10.18 6.69
CA LEU A 226 42.33 10.28 7.83
C LEU A 226 41.69 10.92 9.06
N VAL A 227 40.82 11.91 8.88
CA VAL A 227 40.23 12.61 10.02
C VAL A 227 38.75 12.86 9.76
N ASP A 228 37.93 12.64 10.78
CA ASP A 228 36.56 13.13 10.82
C ASP A 228 36.39 13.95 12.09
N LEU A 229 36.04 15.23 11.93
CA LEU A 229 36.07 16.18 13.04
C LEU A 229 34.68 16.73 13.28
N PRO A 230 34.17 16.68 14.51
CA PRO A 230 32.82 17.20 14.80
C PRO A 230 32.82 18.69 15.13
N ILE A 231 33.25 19.51 14.16
CA ILE A 231 33.36 20.95 14.43
C ILE A 231 31.98 21.58 14.52
N GLY A 232 31.10 21.29 13.56
CA GLY A 232 29.84 22.00 13.47
C GLY A 232 30.00 23.48 13.24
N ILE A 233 31.12 23.89 12.63
CA ILE A 233 31.49 25.29 12.51
C ILE A 233 31.36 25.75 11.06
N ASN A 234 30.80 26.94 10.88
CA ASN A 234 30.73 27.54 9.55
C ASN A 234 32.13 27.73 8.99
N ILE A 235 32.26 27.51 7.69
CA ILE A 235 33.53 27.65 6.98
C ILE A 235 33.26 28.41 5.68
N THR A 236 34.01 29.49 5.45
CA THR A 236 33.97 30.18 4.17
C THR A 236 35.33 30.63 3.66
N ARG A 237 36.42 30.32 4.36
CA ARG A 237 37.74 30.75 3.90
C ARG A 237 38.81 29.94 4.62
N PHE A 238 39.98 29.87 3.99
CA PHE A 238 41.11 29.17 4.56
C PHE A 238 42.39 29.80 4.03
N GLN A 239 43.51 29.42 4.64
CA GLN A 239 44.81 29.95 4.26
C GLN A 239 45.91 29.01 4.75
N THR A 240 46.86 28.73 3.87
CA THR A 240 47.97 27.85 4.21
C THR A 240 49.02 28.59 5.03
N LEU A 241 50.00 27.83 5.51
CA LEU A 241 51.07 28.36 6.36
C LEU A 241 52.34 27.60 6.04
N LEU A 242 53.36 28.32 5.57
CA LEU A 242 54.64 27.71 5.24
C LEU A 242 55.79 28.51 5.85
N ALA A 263 58.73 25.40 -2.78
CA ALA A 263 57.68 24.40 -2.66
C ALA A 263 56.33 24.97 -3.09
N ALA A 264 55.92 24.67 -4.31
CA ALA A 264 54.65 25.14 -4.84
C ALA A 264 53.53 24.19 -4.44
N TYR A 265 52.30 24.65 -4.59
CA TYR A 265 51.13 23.84 -4.30
C TYR A 265 50.02 24.11 -5.31
N TYR A 266 48.99 23.26 -5.27
CA TYR A 266 47.87 23.31 -6.20
C TYR A 266 46.57 23.21 -5.42
N VAL A 267 45.59 24.02 -5.83
CA VAL A 267 44.29 24.09 -5.17
C VAL A 267 43.18 23.90 -6.20
N GLY A 268 42.23 23.00 -5.88
CA GLY A 268 41.04 22.84 -6.70
C GLY A 268 39.81 22.72 -5.81
N TYR A 269 38.65 22.83 -6.43
CA TYR A 269 37.38 22.83 -5.72
C TYR A 269 36.53 21.65 -6.16
N LEU A 270 35.78 21.10 -5.20
CA LEU A 270 34.96 19.92 -5.41
C LEU A 270 33.54 20.29 -5.85
N GLN A 271 32.94 19.39 -6.62
CA GLN A 271 31.56 19.50 -7.08
C GLN A 271 30.84 18.18 -6.84
N PRO A 272 29.51 18.21 -6.72
CA PRO A 272 28.76 16.97 -6.50
C PRO A 272 28.60 16.13 -7.75
N ARG A 273 29.58 15.28 -8.04
CA ARG A 273 29.60 14.50 -9.27
C ARG A 273 29.63 13.01 -8.96
N THR A 274 28.86 12.24 -9.73
CA THR A 274 28.85 10.79 -9.59
C THR A 274 30.09 10.17 -10.22
N PHE A 275 30.62 9.12 -9.59
CA PHE A 275 31.82 8.43 -10.05
C PHE A 275 31.59 6.92 -9.97
N LEU A 276 32.36 6.19 -10.76
CA LEU A 276 32.27 4.74 -10.86
C LEU A 276 33.63 4.15 -10.47
N LEU A 277 33.77 3.82 -9.19
CA LEU A 277 35.05 3.36 -8.65
C LEU A 277 35.25 1.88 -8.91
N LYS A 278 36.49 1.51 -9.23
CA LYS A 278 36.88 0.13 -9.50
C LYS A 278 37.74 -0.38 -8.36
N TYR A 279 37.14 -1.22 -7.50
CA TYR A 279 37.88 -1.89 -6.44
C TYR A 279 38.49 -3.19 -6.98
N ASN A 280 39.79 -3.34 -6.78
CA ASN A 280 40.51 -4.50 -7.30
C ASN A 280 40.33 -5.67 -6.34
N GLU A 281 41.09 -6.76 -6.56
CA GLU A 281 41.03 -7.92 -5.68
C GLU A 281 41.46 -7.57 -4.25
N ASN A 282 42.42 -6.67 -4.11
CA ASN A 282 42.99 -6.33 -2.81
C ASN A 282 42.28 -5.18 -2.13
N GLY A 283 41.25 -4.60 -2.76
CA GLY A 283 40.47 -3.56 -2.13
C GLY A 283 41.00 -2.16 -2.31
N THR A 284 41.88 -1.94 -3.27
CA THR A 284 42.39 -0.61 -3.58
C THR A 284 41.73 -0.10 -4.86
N ILE A 285 41.24 1.13 -4.82
CA ILE A 285 40.63 1.76 -5.99
C ILE A 285 41.71 1.94 -7.05
N THR A 286 41.59 1.23 -8.16
CA THR A 286 42.57 1.31 -9.23
C THR A 286 42.12 2.17 -10.40
N ASP A 287 40.82 2.41 -10.54
CA ASP A 287 40.30 3.19 -11.65
C ASP A 287 38.96 3.77 -11.26
N ALA A 288 38.53 4.78 -12.01
CA ALA A 288 37.26 5.45 -11.76
C ALA A 288 36.76 6.05 -13.06
N VAL A 289 35.49 6.42 -13.08
CA VAL A 289 34.86 7.01 -14.26
C VAL A 289 33.92 8.11 -13.79
N ASP A 290 34.28 9.37 -14.09
CA ASP A 290 33.40 10.49 -13.81
C ASP A 290 32.16 10.39 -14.69
N CYS A 291 30.98 10.36 -14.08
CA CYS A 291 29.76 10.17 -14.84
C CYS A 291 29.30 11.41 -15.60
N ALA A 292 30.07 12.49 -15.55
CA ALA A 292 29.71 13.70 -16.30
C ALA A 292 30.91 14.36 -16.97
N LEU A 293 32.05 13.68 -17.08
CA LEU A 293 33.24 14.31 -17.66
C LEU A 293 33.07 14.53 -19.15
N ASP A 294 32.61 13.51 -19.88
CA ASP A 294 32.54 13.57 -21.33
C ASP A 294 31.56 12.51 -21.80
N PRO A 295 31.12 12.55 -23.06
CA PRO A 295 30.14 11.55 -23.53
C PRO A 295 30.61 10.12 -23.36
N LEU A 296 31.88 9.81 -23.66
CA LEU A 296 32.38 8.46 -23.46
C LEU A 296 32.31 8.07 -21.99
N SER A 297 32.64 9.01 -21.09
CA SER A 297 32.52 8.74 -19.66
C SER A 297 31.07 8.48 -19.28
N GLU A 298 30.13 9.25 -19.86
CA GLU A 298 28.72 9.00 -19.62
C GLU A 298 28.33 7.60 -20.08
N THR A 299 28.86 7.17 -21.22
CA THR A 299 28.59 5.83 -21.72
C THR A 299 29.09 4.78 -20.73
N LYS A 300 30.33 4.94 -20.27
CA LYS A 300 30.89 4.01 -19.31
C LYS A 300 30.06 3.98 -18.03
N CYS A 301 29.58 5.15 -17.60
CA CYS A 301 28.74 5.22 -16.41
C CYS A 301 27.43 4.47 -16.61
N THR A 302 26.80 4.67 -17.76
CA THR A 302 25.51 4.03 -18.03
C THR A 302 25.67 2.52 -18.16
N LEU A 303 26.79 2.06 -18.73
CA LEU A 303 27.05 0.65 -18.90
C LEU A 303 27.56 -0.01 -17.63
N LYS A 304 27.91 0.78 -16.62
CA LYS A 304 28.50 0.29 -15.38
C LYS A 304 29.76 -0.54 -15.65
N SER A 305 30.54 -0.09 -16.62
CA SER A 305 31.77 -0.76 -17.01
C SER A 305 32.81 0.28 -17.38
N PHE A 306 34.07 -0.11 -17.28
CA PHE A 306 35.18 0.73 -17.70
C PHE A 306 35.67 0.40 -19.10
N THR A 307 35.05 -0.60 -19.75
CA THR A 307 35.33 -0.95 -21.13
C THR A 307 34.01 -0.99 -21.88
N VAL A 308 33.97 -0.35 -23.05
CA VAL A 308 32.76 -0.24 -23.85
C VAL A 308 33.00 -0.92 -25.19
N GLU A 309 32.13 -1.85 -25.55
CA GLU A 309 32.25 -2.58 -26.80
C GLU A 309 31.81 -1.70 -27.97
N LYS A 310 32.20 -2.13 -29.17
CA LYS A 310 31.78 -1.45 -30.39
C LYS A 310 30.26 -1.42 -30.50
N GLY A 311 29.72 -0.28 -30.87
CA GLY A 311 28.29 -0.14 -31.06
C GLY A 311 27.86 1.29 -30.79
N ILE A 312 26.55 1.50 -30.91
CA ILE A 312 25.93 2.80 -30.63
C ILE A 312 25.03 2.64 -29.41
N TYR A 313 25.31 3.41 -28.37
CA TYR A 313 24.56 3.33 -27.12
C TYR A 313 23.83 4.65 -26.88
N GLN A 314 22.54 4.57 -26.60
CA GLN A 314 21.75 5.74 -26.26
C GLN A 314 21.99 6.05 -24.79
N THR A 315 22.78 7.10 -24.52
CA THR A 315 23.26 7.35 -23.16
C THR A 315 22.42 8.35 -22.38
N SER A 316 22.29 9.59 -22.86
CA SER A 316 21.80 10.65 -21.99
C SER A 316 20.76 11.49 -22.72
N ASN A 317 20.37 12.60 -22.09
CA ASN A 317 19.44 13.57 -22.67
C ASN A 317 20.02 14.96 -22.42
N PHE A 318 20.62 15.54 -23.46
CA PHE A 318 21.15 16.91 -23.38
C PHE A 318 20.05 17.88 -22.98
N ARG A 319 20.20 18.49 -21.81
CA ARG A 319 19.26 19.48 -21.28
C ARG A 319 19.98 20.82 -21.17
N VAL A 320 19.60 21.76 -22.05
CA VAL A 320 19.84 23.18 -21.79
C VAL A 320 19.37 23.56 -20.40
N GLN A 321 20.33 23.78 -19.50
CA GLN A 321 20.01 24.22 -18.15
C GLN A 321 19.47 25.65 -18.17
N PRO A 322 18.63 26.02 -17.21
CA PRO A 322 18.13 27.40 -17.15
C PRO A 322 19.26 28.39 -16.98
N THR A 323 19.07 29.59 -17.55
CA THR A 323 20.07 30.65 -17.49
C THR A 323 19.65 31.83 -16.64
N GLU A 324 18.36 31.97 -16.32
CA GLU A 324 17.86 33.07 -15.52
C GLU A 324 16.91 32.52 -14.46
N SER A 325 16.73 33.31 -13.40
CA SER A 325 15.75 33.01 -12.35
C SER A 325 14.71 34.12 -12.35
N ILE A 326 13.48 33.78 -12.73
CA ILE A 326 12.41 34.76 -12.88
C ILE A 326 11.35 34.48 -11.82
N VAL A 327 11.16 35.44 -10.92
CA VAL A 327 10.15 35.35 -9.88
C VAL A 327 9.15 36.48 -10.10
N ARG A 328 7.86 36.15 -10.13
CA ARG A 328 6.85 37.19 -10.32
C ARG A 328 5.67 36.98 -9.39
N PHE A 329 5.12 38.11 -8.91
CA PHE A 329 4.02 38.12 -7.98
C PHE A 329 3.23 39.40 -8.22
N PRO A 330 1.95 39.44 -7.84
CA PRO A 330 1.21 40.71 -7.90
C PRO A 330 1.84 41.75 -6.99
N ASN A 331 1.94 42.99 -7.49
CA ASN A 331 2.64 44.06 -6.76
C ASN A 331 1.72 44.67 -5.70
N ILE A 332 1.42 43.86 -4.68
CA ILE A 332 0.54 44.25 -3.59
C ILE A 332 1.42 44.65 -2.41
N THR A 333 1.02 45.71 -1.71
CA THR A 333 1.84 46.32 -0.66
C THR A 333 1.34 46.03 0.75
N ASN A 334 0.04 46.21 1.00
CA ASN A 334 -0.49 46.18 2.36
C ASN A 334 -0.21 44.85 3.03
N LEU A 335 0.26 44.92 4.27
CA LEU A 335 0.44 43.71 5.08
C LEU A 335 -0.90 43.17 5.55
N CYS A 336 -0.98 41.85 5.67
CA CYS A 336 -2.23 41.21 6.08
C CYS A 336 -2.49 41.49 7.56
N PRO A 337 -3.75 41.72 7.94
CA PRO A 337 -4.08 42.11 9.32
C PRO A 337 -4.20 40.91 10.26
N PHE A 338 -3.13 40.12 10.34
CA PHE A 338 -3.10 39.01 11.29
C PHE A 338 -3.13 39.50 12.73
N GLY A 339 -2.62 40.71 12.98
CA GLY A 339 -2.61 41.22 14.34
C GLY A 339 -4.00 41.34 14.94
N GLU A 340 -4.94 41.89 14.17
CA GLU A 340 -6.31 42.04 14.64
C GLU A 340 -7.00 40.69 14.85
N VAL A 341 -6.45 39.61 14.30
CA VAL A 341 -7.06 38.29 14.43
C VAL A 341 -6.52 37.58 15.66
N PHE A 342 -5.20 37.42 15.73
CA PHE A 342 -4.59 36.66 16.81
C PHE A 342 -4.71 37.37 18.16
N ASN A 343 -4.43 38.68 18.18
CA ASN A 343 -4.56 39.44 19.43
C ASN A 343 -6.01 39.48 19.92
N ALA A 344 -6.92 40.03 19.11
CA ALA A 344 -8.20 40.62 19.53
C ALA A 344 -8.77 40.12 20.85
N THR A 345 -9.22 41.06 21.68
CA THR A 345 -9.57 40.76 23.06
C THR A 345 -10.63 39.67 23.17
N ARG A 346 -11.63 39.68 22.30
CA ARG A 346 -12.69 38.69 22.37
C ARG A 346 -12.65 37.75 21.16
N PHE A 347 -12.85 36.47 21.44
CA PHE A 347 -12.97 35.43 20.43
C PHE A 347 -14.38 34.85 20.45
N ALA A 348 -14.81 34.32 19.31
CA ALA A 348 -16.14 33.76 19.21
C ALA A 348 -16.17 32.36 19.84
N SER A 349 -17.37 31.94 20.23
CA SER A 349 -17.55 30.60 20.75
C SER A 349 -17.30 29.56 19.64
N VAL A 350 -16.84 28.38 20.05
CA VAL A 350 -16.51 27.34 19.08
C VAL A 350 -17.72 26.96 18.24
N TYR A 351 -18.89 26.86 18.86
CA TYR A 351 -20.10 26.55 18.10
C TYR A 351 -20.48 27.67 17.13
N ALA A 352 -20.03 28.89 17.41
CA ALA A 352 -20.30 30.03 16.53
C ALA A 352 -18.99 30.66 16.08
N TRP A 353 -18.04 29.81 15.68
CA TRP A 353 -16.69 30.25 15.34
C TRP A 353 -16.74 31.33 14.25
N ASN A 354 -15.92 32.36 14.43
CA ASN A 354 -15.92 33.47 13.49
C ASN A 354 -15.02 33.15 12.30
N ARG A 355 -15.42 33.59 11.12
CA ARG A 355 -14.62 33.42 9.91
C ARG A 355 -14.26 34.79 9.35
N LYS A 356 -12.96 35.02 9.16
CA LYS A 356 -12.44 36.27 8.62
C LYS A 356 -11.78 35.98 7.27
N ARG A 357 -12.11 36.80 6.28
CA ARG A 357 -11.54 36.67 4.94
C ARG A 357 -10.29 37.52 4.82
N ILE A 358 -9.22 36.92 4.34
CA ILE A 358 -7.95 37.62 4.12
C ILE A 358 -7.71 37.69 2.62
N SER A 359 -7.46 38.89 2.11
CA SER A 359 -7.26 39.07 0.68
C SER A 359 -6.54 40.38 0.41
N ASN A 360 -5.94 40.47 -0.77
CA ASN A 360 -5.25 41.66 -1.27
C ASN A 360 -4.28 42.21 -0.22
N CYS A 361 -3.37 41.35 0.23
CA CYS A 361 -2.39 41.74 1.22
C CYS A 361 -1.20 40.80 1.16
N VAL A 362 -0.10 41.23 1.76
CA VAL A 362 1.12 40.43 1.86
C VAL A 362 1.14 39.77 3.24
N ALA A 363 1.26 38.45 3.24
CA ALA A 363 1.21 37.65 4.47
C ALA A 363 2.60 37.12 4.76
N ASP A 364 3.28 37.74 5.74
CA ASP A 364 4.60 37.29 6.18
C ASP A 364 4.38 36.28 7.31
N TYR A 365 4.18 35.02 6.91
CA TYR A 365 3.91 33.96 7.88
C TYR A 365 5.08 33.67 8.81
N SER A 366 6.29 34.11 8.45
CA SER A 366 7.43 33.89 9.33
C SER A 366 7.15 34.45 10.71
N VAL A 367 6.75 35.73 10.77
CA VAL A 367 6.38 36.40 12.02
C VAL A 367 5.44 35.52 12.84
N LEU A 368 4.65 34.69 12.17
CA LEU A 368 3.72 33.82 12.87
C LEU A 368 4.44 32.57 13.37
N TYR A 369 5.12 31.83 12.48
CA TYR A 369 5.67 30.56 12.91
C TYR A 369 7.02 30.72 13.60
N ASN A 370 7.59 31.92 13.60
CA ASN A 370 8.84 32.14 14.34
C ASN A 370 8.55 32.40 15.81
N SER A 371 7.57 33.25 16.10
CA SER A 371 7.19 33.55 17.47
C SER A 371 6.85 32.26 18.22
N ALA A 372 7.39 32.13 19.43
CA ALA A 372 7.18 30.94 20.24
C ALA A 372 5.85 30.94 20.98
N SER A 373 5.18 32.10 21.06
CA SER A 373 3.90 32.20 21.76
C SER A 373 2.95 31.05 21.43
N PHE A 374 2.79 30.75 20.15
CA PHE A 374 1.90 29.67 19.73
C PHE A 374 2.42 28.33 20.25
N SER A 375 1.57 27.62 21.02
CA SER A 375 1.96 26.32 21.52
C SER A 375 1.71 25.20 20.51
N THR A 376 0.74 25.38 19.62
CA THR A 376 0.46 24.40 18.57
C THR A 376 0.44 25.11 17.21
N PHE A 377 1.24 24.60 16.27
CA PHE A 377 1.27 25.12 14.90
C PHE A 377 1.44 23.92 13.98
N LYS A 378 0.36 23.51 13.31
CA LYS A 378 0.38 22.28 12.52
C LYS A 378 -0.31 22.54 11.18
N CYS A 379 0.43 22.42 10.10
CA CYS A 379 -0.08 22.67 8.77
C CYS A 379 -0.26 21.35 8.03
N TYR A 380 -1.46 21.11 7.52
CA TYR A 380 -1.78 19.92 6.75
C TYR A 380 -1.82 20.30 5.28
N GLY A 381 -1.06 19.57 4.48
CA GLY A 381 -0.97 19.86 3.06
C GLY A 381 -0.01 20.97 2.70
N VAL A 382 0.67 21.56 3.68
CA VAL A 382 1.59 22.68 3.47
C VAL A 382 2.72 22.56 4.48
N SER A 383 3.87 23.14 4.13
CA SER A 383 4.99 23.29 5.05
C SER A 383 5.17 24.74 5.41
N PRO A 384 5.26 25.10 6.69
CA PRO A 384 5.24 26.52 7.06
C PRO A 384 6.35 27.33 6.42
N THR A 385 7.52 26.72 6.21
CA THR A 385 8.63 27.43 5.57
C THR A 385 8.21 27.91 4.19
N LYS A 386 7.51 27.06 3.43
CA LYS A 386 7.09 27.41 2.09
C LYS A 386 6.02 28.48 2.06
N LEU A 387 5.39 28.80 3.21
CA LEU A 387 4.33 29.79 3.23
C LEU A 387 4.81 31.13 2.67
N ASN A 388 6.05 31.50 2.96
CA ASN A 388 6.58 32.77 2.45
C ASN A 388 6.72 32.76 0.93
N ASP A 389 6.83 31.59 0.30
CA ASP A 389 7.04 31.49 -1.14
C ASP A 389 5.78 31.09 -1.89
N LEU A 390 4.61 31.20 -1.27
CA LEU A 390 3.37 30.73 -1.87
C LEU A 390 2.31 31.81 -1.83
N CYS A 391 1.36 31.70 -2.76
CA CYS A 391 0.23 32.61 -2.88
C CYS A 391 -1.06 31.80 -2.82
N PHE A 392 -2.05 32.33 -2.13
CA PHE A 392 -3.33 31.65 -1.96
C PHE A 392 -4.46 32.54 -2.44
N THR A 393 -5.58 31.91 -2.76
CA THR A 393 -6.73 32.62 -3.31
C THR A 393 -7.71 33.06 -2.21
N ASN A 394 -8.27 32.08 -1.50
CA ASN A 394 -9.29 32.33 -0.47
C ASN A 394 -8.73 31.94 0.89
N VAL A 395 -8.11 32.90 1.57
CA VAL A 395 -7.55 32.68 2.90
C VAL A 395 -8.65 32.97 3.92
N TYR A 396 -8.89 32.02 4.82
CA TYR A 396 -10.04 32.10 5.72
C TYR A 396 -9.59 31.70 7.11
N ALA A 397 -9.44 32.70 7.99
CA ALA A 397 -9.09 32.47 9.39
C ALA A 397 -10.36 32.18 10.20
N ASP A 398 -10.46 30.97 10.72
CA ASP A 398 -11.59 30.57 11.57
C ASP A 398 -11.10 30.62 13.00
N SER A 399 -11.65 31.54 13.79
CA SER A 399 -11.21 31.78 15.16
C SER A 399 -12.28 31.35 16.14
N PHE A 400 -11.83 30.77 17.26
CA PHE A 400 -12.71 30.39 18.36
C PHE A 400 -11.83 30.06 19.57
N VAL A 401 -12.46 29.56 20.63
CA VAL A 401 -11.78 29.20 21.86
C VAL A 401 -12.30 27.84 22.32
N ILE A 402 -11.38 26.98 22.76
CA ILE A 402 -11.76 25.68 23.31
C ILE A 402 -10.94 25.41 24.57
N ARG A 403 -11.07 24.21 25.12
CA ARG A 403 -10.21 23.77 26.21
C ARG A 403 -9.10 22.87 25.66
N GLY A 404 -8.01 22.80 26.42
CA GLY A 404 -6.80 22.17 25.90
C GLY A 404 -7.02 20.74 25.45
N ASP A 405 -7.74 19.95 26.25
CA ASP A 405 -7.96 18.55 25.92
C ASP A 405 -8.65 18.39 24.56
N GLU A 406 -9.39 19.41 24.12
CA GLU A 406 -10.12 19.34 22.87
C GLU A 406 -9.31 19.86 21.68
N VAL A 407 -8.09 20.35 21.93
CA VAL A 407 -7.25 20.85 20.84
C VAL A 407 -6.97 19.73 19.83
N ARG A 408 -6.83 18.50 20.32
CA ARG A 408 -6.62 17.36 19.43
C ARG A 408 -7.76 17.22 18.43
N GLN A 409 -8.98 17.62 18.79
CA GLN A 409 -10.11 17.44 17.90
C GLN A 409 -10.07 18.36 16.69
N ILE A 410 -9.25 19.41 16.74
CA ILE A 410 -9.14 20.35 15.62
C ILE A 410 -8.08 19.78 14.68
N ALA A 411 -8.51 18.84 13.84
CA ALA A 411 -7.64 18.14 12.90
C ALA A 411 -8.50 17.30 11.96
N PRO A 412 -8.06 17.06 10.73
CA PRO A 412 -8.88 16.26 9.81
C PRO A 412 -9.10 14.85 10.34
N GLY A 413 -10.32 14.35 10.12
CA GLY A 413 -10.62 12.97 10.49
C GLY A 413 -10.73 12.71 11.97
N GLN A 414 -11.05 13.73 12.77
CA GLN A 414 -11.16 13.58 14.20
C GLN A 414 -12.62 13.49 14.63
N THR A 415 -12.82 12.89 15.80
CA THR A 415 -14.15 12.71 16.38
C THR A 415 -14.16 13.28 17.80
N GLY A 416 -15.35 13.34 18.37
CA GLY A 416 -15.57 13.90 19.69
C GLY A 416 -16.60 15.02 19.66
N LYS A 417 -16.86 15.55 20.86
CA LYS A 417 -17.86 16.60 21.03
C LYS A 417 -17.64 17.75 20.03
N ILE A 418 -16.46 18.38 20.09
CA ILE A 418 -16.20 19.55 19.26
C ILE A 418 -16.26 19.18 17.78
N ALA A 419 -15.58 18.10 17.40
CA ALA A 419 -15.53 17.71 16.00
C ALA A 419 -16.91 17.34 15.47
N ASP A 420 -17.69 16.62 16.27
CA ASP A 420 -18.98 16.13 15.79
C ASP A 420 -20.04 17.23 15.76
N TYR A 421 -20.04 18.12 16.76
CA TYR A 421 -21.16 19.03 16.97
C TYR A 421 -20.79 20.50 16.89
N ASN A 422 -19.51 20.86 16.94
CA ASN A 422 -19.13 22.27 16.98
C ASN A 422 -18.34 22.71 15.76
N TYR A 423 -17.24 22.02 15.45
CA TYR A 423 -16.42 22.43 14.30
C TYR A 423 -15.78 21.19 13.68
N LYS A 424 -16.07 20.94 12.41
CA LYS A 424 -15.60 19.74 11.71
C LYS A 424 -14.79 20.16 10.49
N LEU A 425 -13.51 19.74 10.45
CA LEU A 425 -12.69 19.93 9.26
C LEU A 425 -12.92 18.81 8.26
N PRO A 426 -12.70 19.07 6.97
CA PRO A 426 -12.79 18.01 5.97
C PRO A 426 -11.61 17.06 6.05
N ASP A 427 -11.82 15.84 5.55
CA ASP A 427 -10.76 14.84 5.56
C ASP A 427 -9.59 15.27 4.69
N ASP A 428 -9.85 16.02 3.63
CA ASP A 428 -8.80 16.53 2.74
C ASP A 428 -8.46 17.99 3.03
N PHE A 429 -8.56 18.40 4.30
CA PHE A 429 -8.31 19.79 4.66
C PHE A 429 -6.89 20.21 4.26
N THR A 430 -6.78 21.41 3.69
CA THR A 430 -5.51 21.99 3.28
C THR A 430 -5.38 23.35 3.94
N GLY A 431 -4.42 23.49 4.84
CA GLY A 431 -4.22 24.72 5.56
C GLY A 431 -3.63 24.44 6.93
N CYS A 432 -3.57 25.48 7.75
CA CYS A 432 -2.84 25.41 9.01
C CYS A 432 -3.78 25.59 10.20
N VAL A 433 -3.42 24.97 11.31
CA VAL A 433 -4.12 25.12 12.58
C VAL A 433 -3.14 25.67 13.61
N ILE A 434 -3.56 26.73 14.30
CA ILE A 434 -2.74 27.43 15.27
C ILE A 434 -3.53 27.52 16.56
N ALA A 435 -2.90 27.16 17.68
CA ALA A 435 -3.58 27.18 18.96
C ALA A 435 -2.60 27.65 20.04
N TRP A 436 -3.08 28.50 20.93
CA TRP A 436 -2.21 28.98 22.01
C TRP A 436 -3.02 29.17 23.28
N ASN A 437 -2.38 28.87 24.41
CA ASN A 437 -3.03 29.03 25.71
C ASN A 437 -3.36 30.49 25.96
N SER A 438 -4.55 30.73 26.51
CA SER A 438 -5.02 32.06 26.85
C SER A 438 -5.59 32.08 28.26
N ASN A 439 -4.96 31.33 29.17
CA ASN A 439 -5.44 31.27 30.54
C ASN A 439 -5.41 32.65 31.21
N ASN A 440 -4.36 33.42 30.97
CA ASN A 440 -4.26 34.75 31.58
C ASN A 440 -5.36 35.67 31.07
N LEU A 441 -5.87 35.44 29.87
CA LEU A 441 -6.81 36.36 29.23
C LEU A 441 -8.26 35.91 29.31
N ASP A 442 -8.53 34.62 29.16
CA ASP A 442 -9.90 34.12 29.07
C ASP A 442 -10.41 33.49 30.36
N SER A 443 -9.61 33.45 31.42
CA SER A 443 -10.01 32.86 32.68
C SER A 443 -10.39 33.94 33.69
N LYS A 444 -11.33 33.61 34.55
CA LYS A 444 -11.79 34.50 35.61
C LYS A 444 -11.84 33.73 36.92
N VAL A 445 -11.58 34.46 38.01
CA VAL A 445 -11.56 33.84 39.34
C VAL A 445 -12.90 33.18 39.65
N GLY A 446 -14.00 33.85 39.30
CA GLY A 446 -15.31 33.27 39.48
C GLY A 446 -15.74 32.34 38.37
N GLY A 447 -14.90 32.15 37.36
CA GLY A 447 -15.23 31.29 36.24
C GLY A 447 -15.83 32.06 35.08
N ASN A 448 -15.17 32.02 33.93
CA ASN A 448 -15.65 32.71 32.74
C ASN A 448 -16.53 31.76 31.94
N TYR A 449 -17.81 32.11 31.78
CA TYR A 449 -18.77 31.29 31.06
C TYR A 449 -19.25 31.95 29.77
N ASN A 450 -18.56 33.00 29.29
CA ASN A 450 -18.98 33.67 28.08
C ASN A 450 -18.74 32.84 26.83
N TYR A 451 -17.86 31.86 26.92
CA TYR A 451 -17.54 30.98 25.79
C TYR A 451 -18.39 29.73 25.88
N LEU A 452 -19.10 29.41 24.80
CA LEU A 452 -20.03 28.29 24.79
C LEU A 452 -19.60 27.24 23.78
N TYR A 453 -20.15 26.04 23.93
CA TYR A 453 -19.96 24.95 22.98
C TYR A 453 -21.24 24.14 22.91
N ARG A 454 -21.56 23.65 21.70
CA ARG A 454 -22.74 22.83 21.55
C ARG A 454 -22.50 21.44 22.14
N LEU A 455 -23.44 20.98 22.97
CA LEU A 455 -23.30 19.72 23.68
C LEU A 455 -24.12 18.59 23.08
N PHE A 456 -25.20 18.90 22.37
CA PHE A 456 -26.05 17.89 21.75
C PHE A 456 -26.39 18.27 20.32
N ARG A 457 -26.64 17.26 19.50
CA ARG A 457 -27.08 17.44 18.12
C ARG A 457 -27.54 16.10 17.58
N LYS A 458 -28.57 16.14 16.73
CA LYS A 458 -29.14 14.90 16.18
C LYS A 458 -28.21 14.20 15.22
N SER A 459 -27.20 14.90 14.68
CA SER A 459 -26.25 14.29 13.76
C SER A 459 -24.97 15.10 13.76
N ASN A 460 -23.90 14.48 13.27
CA ASN A 460 -22.61 15.16 13.21
C ASN A 460 -22.59 16.22 12.11
N LEU A 461 -21.83 17.28 12.35
CA LEU A 461 -21.70 18.36 11.39
C LEU A 461 -20.91 17.91 10.17
N LYS A 462 -21.34 18.38 9.00
CA LYS A 462 -20.56 18.23 7.78
C LYS A 462 -19.38 19.20 7.81
N PRO A 463 -18.36 18.96 6.97
CA PRO A 463 -17.17 19.82 7.02
C PRO A 463 -17.51 21.29 6.85
N PHE A 464 -16.90 22.12 7.69
CA PHE A 464 -17.09 23.57 7.73
C PHE A 464 -18.55 23.98 7.96
N GLU A 465 -19.40 23.06 8.39
CA GLU A 465 -20.77 23.42 8.74
C GLU A 465 -20.80 24.12 10.10
N ARG A 466 -21.64 25.15 10.21
CA ARG A 466 -21.81 25.89 11.45
C ARG A 466 -23.27 25.82 11.86
N ASP A 467 -23.51 25.43 13.11
CA ASP A 467 -24.87 25.32 13.66
C ASP A 467 -24.95 26.20 14.90
N ILE A 468 -25.78 27.23 14.83
CA ILE A 468 -25.99 28.15 15.94
C ILE A 468 -27.41 28.07 16.49
N SER A 469 -28.19 27.08 16.07
CA SER A 469 -29.56 26.93 16.54
C SER A 469 -29.58 26.64 18.04
N THR A 470 -30.58 27.18 18.73
CA THR A 470 -30.75 26.95 20.16
C THR A 470 -31.97 26.08 20.47
N GLU A 471 -32.45 25.32 19.49
CA GLU A 471 -33.59 24.44 19.70
C GLU A 471 -33.29 23.44 20.82
N ILE A 472 -34.28 23.18 21.66
CA ILE A 472 -34.10 22.26 22.78
C ILE A 472 -33.92 20.85 22.26
N TYR A 473 -32.84 20.20 22.68
CA TYR A 473 -32.54 18.85 22.23
C TYR A 473 -33.39 17.84 23.01
N GLN A 474 -34.13 17.01 22.29
CA GLN A 474 -34.97 15.98 22.90
C GLN A 474 -34.14 14.71 23.04
N ALA A 475 -33.60 14.49 24.24
CA ALA A 475 -32.78 13.31 24.49
C ALA A 475 -33.60 12.04 24.71
N GLY A 476 -34.91 12.16 24.88
CA GLY A 476 -35.75 11.00 25.09
C GLY A 476 -36.85 10.85 24.05
N SER A 477 -37.87 10.06 24.37
CA SER A 477 -38.99 9.86 23.46
C SER A 477 -40.11 10.89 23.65
N THR A 478 -40.01 11.72 24.68
CA THR A 478 -41.05 12.71 24.96
C THR A 478 -40.76 14.00 24.20
N PRO A 479 -41.65 14.46 23.33
CA PRO A 479 -41.42 15.75 22.66
C PRO A 479 -41.30 16.88 23.66
N CYS A 480 -40.38 17.80 23.38
CA CYS A 480 -40.13 18.93 24.27
C CYS A 480 -41.02 20.14 23.98
N ASN A 481 -41.37 20.36 22.72
CA ASN A 481 -42.21 21.49 22.32
C ASN A 481 -41.62 22.81 22.80
N GLY A 482 -40.29 22.91 22.72
CA GLY A 482 -39.60 24.11 23.15
C GLY A 482 -39.54 24.31 24.65
N VAL A 483 -39.86 23.29 25.44
CA VAL A 483 -39.87 23.38 26.90
C VAL A 483 -38.77 22.50 27.44
N GLU A 484 -37.86 23.08 28.21
CA GLU A 484 -36.78 22.33 28.81
C GLU A 484 -37.30 21.48 29.97
N GLY A 485 -36.58 20.41 30.26
CA GLY A 485 -36.97 19.51 31.33
C GLY A 485 -36.24 18.18 31.19
N PHE A 486 -36.84 17.15 31.78
CA PHE A 486 -36.26 15.82 31.71
C PHE A 486 -36.14 15.36 30.27
N ASN A 487 -34.94 14.95 29.88
CA ASN A 487 -34.59 14.55 28.51
C ASN A 487 -34.80 15.69 27.51
N CYS A 488 -34.90 16.92 28.00
CA CYS A 488 -35.05 18.10 27.15
C CYS A 488 -34.00 19.11 27.58
N TYR A 489 -32.90 19.19 26.84
CA TYR A 489 -31.72 19.91 27.27
C TYR A 489 -31.44 21.07 26.32
N PHE A 490 -30.82 22.11 26.87
CA PHE A 490 -30.30 23.20 26.05
C PHE A 490 -29.03 22.73 25.35
N PRO A 491 -28.98 22.77 24.02
CA PRO A 491 -27.84 22.14 23.31
C PRO A 491 -26.51 22.79 23.63
N LEU A 492 -26.49 24.03 24.10
CA LEU A 492 -25.26 24.75 24.38
C LEU A 492 -24.90 24.60 25.85
N GLN A 493 -23.59 24.66 26.13
CA GLN A 493 -23.08 24.60 27.48
C GLN A 493 -21.88 25.52 27.59
N SER A 494 -21.76 26.19 28.74
CA SER A 494 -20.71 27.19 28.93
C SER A 494 -19.41 26.51 29.32
N TYR A 495 -18.30 27.06 28.83
CA TYR A 495 -17.00 26.63 29.31
C TYR A 495 -16.76 27.12 30.73
N GLY A 496 -16.12 26.28 31.54
CA GLY A 496 -15.66 26.71 32.85
C GLY A 496 -14.20 27.10 32.84
N PHE A 497 -13.89 28.38 32.74
CA PHE A 497 -12.51 28.84 32.65
C PHE A 497 -12.15 29.58 33.94
N GLN A 498 -11.40 28.92 34.80
CA GLN A 498 -10.84 29.51 36.01
C GLN A 498 -9.32 29.38 35.99
N PRO A 499 -8.59 30.34 36.57
CA PRO A 499 -7.12 30.25 36.53
C PRO A 499 -6.56 29.03 37.23
N THR A 500 -7.29 28.44 38.17
CA THR A 500 -6.85 27.24 38.88
C THR A 500 -7.18 25.95 38.14
N ASN A 501 -7.86 26.03 37.00
CA ASN A 501 -8.20 24.84 36.24
C ASN A 501 -6.95 24.15 35.71
N GLY A 502 -7.05 22.83 35.57
CA GLY A 502 -5.96 22.06 35.00
C GLY A 502 -5.66 22.50 33.57
N VAL A 503 -4.41 22.29 33.17
CA VAL A 503 -3.96 22.76 31.86
C VAL A 503 -4.84 22.21 30.74
N GLY A 504 -5.29 20.96 30.88
CA GLY A 504 -6.20 20.40 29.89
C GLY A 504 -7.51 21.16 29.79
N TYR A 505 -7.94 21.79 30.89
CA TYR A 505 -9.15 22.59 30.92
C TYR A 505 -8.89 24.08 30.77
N GLN A 506 -7.65 24.49 30.58
CA GLN A 506 -7.37 25.90 30.44
C GLN A 506 -7.81 26.39 29.05
N PRO A 507 -8.23 27.64 28.94
CA PRO A 507 -8.70 28.13 27.64
C PRO A 507 -7.57 28.22 26.63
N TYR A 508 -7.89 27.90 25.39
CA TYR A 508 -6.96 27.97 24.27
C TYR A 508 -7.65 28.67 23.11
N ARG A 509 -6.98 29.66 22.53
CA ARG A 509 -7.48 30.36 21.36
C ARG A 509 -6.96 29.64 20.13
N VAL A 510 -7.86 29.37 19.19
CA VAL A 510 -7.57 28.56 18.01
C VAL A 510 -7.97 29.33 16.76
N VAL A 511 -7.05 29.37 15.80
CA VAL A 511 -7.28 29.97 14.49
C VAL A 511 -6.89 28.93 13.43
N VAL A 512 -7.80 28.65 12.52
CA VAL A 512 -7.59 27.67 11.46
C VAL A 512 -7.59 28.44 10.14
N LEU A 513 -6.44 28.52 9.50
CA LEU A 513 -6.30 29.17 8.21
C LEU A 513 -6.56 28.15 7.11
N SER A 514 -7.57 28.42 6.29
CA SER A 514 -7.93 27.57 5.15
C SER A 514 -7.60 28.33 3.88
N PHE A 515 -6.84 27.71 2.99
CA PHE A 515 -6.43 28.37 1.75
C PHE A 515 -6.14 27.36 0.65
N GLU A 516 -6.86 27.49 -0.46
CA GLU A 516 -6.56 26.70 -1.65
C GLU A 516 -5.28 27.23 -2.30
N LEU A 517 -4.38 26.34 -2.66
CA LEU A 517 -3.08 26.73 -3.21
C LEU A 517 -2.99 26.44 -4.71
N LEU A 518 -2.36 27.36 -5.42
CA LEU A 518 -2.01 27.24 -6.84
C LEU A 518 -3.12 26.59 -7.65
N HIS A 519 -4.26 27.28 -7.70
CA HIS A 519 -5.41 26.77 -8.44
C HIS A 519 -6.03 27.85 -9.30
N ALA A 520 -6.22 29.03 -8.73
CA ALA A 520 -6.85 30.15 -9.42
C ALA A 520 -6.00 31.40 -9.20
N PRO A 521 -6.39 32.57 -9.71
CA PRO A 521 -5.65 33.79 -9.38
C PRO A 521 -5.62 33.99 -7.87
N ALA A 522 -4.44 34.32 -7.35
CA ALA A 522 -4.21 34.46 -5.92
C ALA A 522 -4.00 35.92 -5.55
N THR A 523 -4.55 36.30 -4.39
CA THR A 523 -4.43 37.66 -3.86
C THR A 523 -3.49 37.74 -2.67
N VAL A 524 -3.66 36.87 -1.67
CA VAL A 524 -2.74 36.83 -0.56
C VAL A 524 -1.44 36.19 -1.02
N CYS A 525 -0.31 36.75 -0.58
CA CYS A 525 1.00 36.25 -0.95
C CYS A 525 1.99 36.51 0.19
N GLY A 526 3.14 35.85 0.10
CA GLY A 526 4.18 35.99 1.08
C GLY A 526 5.20 37.04 0.68
N PRO A 527 6.28 37.16 1.44
CA PRO A 527 7.30 38.18 1.16
C PRO A 527 8.23 37.73 0.03
N LYS A 528 8.11 38.38 -1.13
CA LYS A 528 8.96 38.10 -2.26
C LYS A 528 8.92 39.29 -3.21
N LYS A 529 9.93 39.37 -4.08
CA LYS A 529 10.07 40.46 -5.02
C LYS A 529 9.85 39.94 -6.44
N SER A 530 8.94 40.60 -7.16
CA SER A 530 8.65 40.22 -8.54
C SER A 530 9.76 40.74 -9.45
N THR A 531 10.43 39.83 -10.15
CA THR A 531 11.50 40.20 -11.06
C THR A 531 10.96 40.46 -12.46
N ASN A 532 11.85 40.81 -13.38
CA ASN A 532 11.48 41.04 -14.77
C ASN A 532 11.17 39.71 -15.47
N LEU A 533 10.54 39.81 -16.63
CA LEU A 533 10.11 38.65 -17.39
C LEU A 533 10.93 38.56 -18.67
N VAL A 534 11.47 37.36 -18.93
CA VAL A 534 12.30 37.08 -20.09
C VAL A 534 11.63 35.98 -20.90
N LYS A 535 11.45 36.22 -22.20
CA LYS A 535 10.83 35.24 -23.08
C LYS A 535 11.89 34.53 -23.92
N ASN A 536 11.49 33.39 -24.48
CA ASN A 536 12.28 32.59 -25.41
C ASN A 536 13.62 32.13 -24.82
N LYS A 537 13.80 32.22 -23.50
CA LYS A 537 15.00 31.76 -22.84
C LYS A 537 14.63 30.84 -21.68
N CYS A 538 15.40 29.76 -21.53
CA CYS A 538 15.13 28.79 -20.47
C CYS A 538 15.40 29.41 -19.11
N VAL A 539 14.36 29.52 -18.29
CA VAL A 539 14.45 30.18 -17.00
C VAL A 539 13.78 29.32 -15.94
N ASN A 540 14.19 29.55 -14.70
CA ASN A 540 13.58 28.94 -13.52
C ASN A 540 12.59 29.96 -13.00
N PHE A 541 11.31 29.74 -13.31
CA PHE A 541 10.27 30.72 -13.03
C PHE A 541 9.49 30.33 -11.78
N ASN A 542 8.82 31.34 -11.21
CA ASN A 542 7.98 31.16 -10.03
C ASN A 542 6.85 32.18 -10.15
N PHE A 543 5.71 31.73 -10.67
CA PHE A 543 4.52 32.55 -10.84
C PHE A 543 3.53 32.26 -9.72
N ASN A 544 3.36 33.22 -8.81
CA ASN A 544 2.35 33.14 -7.74
C ASN A 544 2.50 31.88 -6.91
N GLY A 545 3.72 31.35 -6.80
CA GLY A 545 4.01 30.17 -6.01
C GLY A 545 4.26 28.93 -6.85
N LEU A 546 3.80 28.92 -8.10
CA LEU A 546 4.04 27.79 -9.00
C LEU A 546 5.45 27.91 -9.56
N THR A 547 6.31 26.98 -9.19
CA THR A 547 7.70 26.96 -9.62
C THR A 547 7.89 25.98 -10.77
N GLY A 548 8.83 26.31 -11.65
CA GLY A 548 9.09 25.46 -12.80
C GLY A 548 10.31 25.91 -13.54
N THR A 549 10.66 25.14 -14.58
CA THR A 549 11.79 25.45 -15.44
C THR A 549 11.37 25.30 -16.90
N GLY A 550 11.64 26.32 -17.70
CA GLY A 550 11.29 26.25 -19.10
C GLY A 550 11.36 27.61 -19.76
N VAL A 551 11.06 27.60 -21.06
CA VAL A 551 10.98 28.83 -21.86
C VAL A 551 9.55 29.37 -21.80
N LEU A 552 9.43 30.69 -21.70
CA LEU A 552 8.15 31.38 -21.75
C LEU A 552 8.03 32.05 -23.10
N THR A 553 6.92 31.79 -23.80
CA THR A 553 6.76 32.32 -25.15
C THR A 553 5.45 33.08 -25.27
N GLU A 554 5.54 34.31 -25.78
CA GLU A 554 4.37 35.13 -26.07
C GLU A 554 3.43 34.41 -27.03
N SER A 555 2.23 34.09 -26.58
CA SER A 555 1.25 33.37 -27.39
C SER A 555 -0.05 34.16 -27.44
N ASN A 556 -1.11 33.49 -27.90
CA ASN A 556 -2.43 34.12 -28.02
C ASN A 556 -3.49 33.04 -27.79
N LYS A 557 -4.01 32.98 -26.57
CA LYS A 557 -5.01 32.00 -26.18
C LYS A 557 -6.18 32.71 -25.53
N LYS A 558 -7.38 32.16 -25.76
CA LYS A 558 -8.61 32.76 -25.24
C LYS A 558 -8.77 32.31 -23.79
N PHE A 559 -8.19 33.08 -22.88
CA PHE A 559 -8.28 32.83 -21.45
C PHE A 559 -9.43 33.65 -20.87
N LEU A 560 -10.46 32.96 -20.38
CA LEU A 560 -11.56 33.64 -19.74
C LEU A 560 -11.11 34.24 -18.41
N PRO A 561 -11.68 35.38 -18.00
CA PRO A 561 -11.19 36.06 -16.80
C PRO A 561 -11.52 35.33 -15.51
N PHE A 562 -11.08 34.09 -15.43
CA PHE A 562 -11.18 33.30 -14.20
C PHE A 562 -10.09 32.25 -14.09
N GLN A 563 -9.19 32.14 -15.06
CA GLN A 563 -8.09 31.19 -15.04
C GLN A 563 -6.79 31.90 -14.66
N GLN A 564 -5.74 31.10 -14.47
CA GLN A 564 -4.44 31.64 -14.08
C GLN A 564 -3.34 30.97 -14.90
N PHE A 565 -3.44 29.65 -15.06
CA PHE A 565 -2.45 28.89 -15.82
C PHE A 565 -3.17 27.77 -16.56
N GLY A 566 -2.53 27.27 -17.61
CA GLY A 566 -3.05 26.17 -18.39
C GLY A 566 -2.53 24.82 -17.90
N ARG A 567 -2.82 23.80 -18.70
CA ARG A 567 -2.45 22.42 -18.35
C ARG A 567 -2.36 21.60 -19.62
N ASP A 568 -1.25 20.90 -19.80
CA ASP A 568 -1.09 19.99 -20.92
C ASP A 568 -1.86 18.69 -20.66
N ILE A 569 -2.06 17.92 -21.73
CA ILE A 569 -2.78 16.66 -21.63
C ILE A 569 -2.16 15.72 -20.61
N ALA A 570 -0.88 15.89 -20.31
CA ALA A 570 -0.19 15.12 -19.29
C ALA A 570 -0.36 15.72 -17.90
N ASP A 571 -1.28 16.66 -17.74
CA ASP A 571 -1.53 17.34 -16.47
C ASP A 571 -0.30 18.13 -16.02
N THR A 572 0.32 18.84 -16.97
CA THR A 572 1.48 19.66 -16.71
C THR A 572 1.18 21.06 -17.24
N THR A 573 1.67 22.08 -16.54
CA THR A 573 1.37 23.45 -16.94
C THR A 573 1.87 23.71 -18.35
N ASP A 574 1.06 24.39 -19.14
CA ASP A 574 1.40 24.70 -20.53
C ASP A 574 1.47 26.20 -20.79
N ALA A 575 0.49 26.97 -20.32
CA ALA A 575 0.50 28.41 -20.48
C ALA A 575 0.01 29.07 -19.21
N VAL A 576 0.57 30.24 -18.91
CA VAL A 576 0.24 30.99 -17.71
C VAL A 576 -0.03 32.44 -18.09
N ARG A 577 -0.93 33.07 -17.35
CA ARG A 577 -1.20 34.50 -17.50
C ARG A 577 -0.38 35.26 -16.47
N ASP A 578 0.40 36.22 -16.93
CA ASP A 578 1.31 36.95 -16.06
C ASP A 578 0.52 37.68 -14.98
N PRO A 579 0.78 37.40 -13.68
CA PRO A 579 0.05 38.09 -12.60
C PRO A 579 0.00 39.61 -12.68
N GLN A 580 0.92 40.24 -13.42
CA GLN A 580 0.94 41.70 -13.50
C GLN A 580 0.65 42.17 -14.91
N THR A 581 1.53 41.90 -15.88
CA THR A 581 1.29 42.25 -17.28
C THR A 581 0.48 41.11 -17.90
N LEU A 582 -0.81 41.08 -17.56
CA LEU A 582 -1.71 40.00 -17.97
C LEU A 582 -1.51 39.63 -19.44
N GLU A 583 -0.78 38.53 -19.67
CA GLU A 583 -0.54 38.03 -21.01
C GLU A 583 -0.48 36.50 -20.93
N ILE A 584 -1.20 35.84 -21.82
CA ILE A 584 -1.24 34.37 -21.80
C ILE A 584 -0.02 33.90 -22.59
N LEU A 585 1.04 33.53 -21.87
CA LEU A 585 2.28 33.07 -22.49
C LEU A 585 2.44 31.57 -22.21
N ASP A 586 2.77 30.81 -23.24
CA ASP A 586 2.98 29.39 -23.08
C ASP A 586 4.30 29.09 -22.36
N ILE A 587 4.33 27.93 -21.72
CA ILE A 587 5.47 27.46 -20.95
C ILE A 587 5.96 26.18 -21.61
N THR A 588 6.95 26.30 -22.47
CA THR A 588 7.43 25.10 -23.13
C THR A 588 8.65 24.55 -22.40
N PRO A 589 8.72 23.23 -22.22
CA PRO A 589 9.88 22.63 -21.55
C PRO A 589 11.18 23.02 -22.23
N CYS A 590 12.27 22.98 -21.45
CA CYS A 590 13.56 23.38 -21.98
C CYS A 590 14.01 22.44 -23.10
N SER A 591 14.83 23.00 -23.99
CA SER A 591 15.35 22.26 -25.13
C SER A 591 16.07 21.00 -24.69
N PHE A 592 15.45 19.85 -24.96
CA PHE A 592 16.00 18.55 -24.61
C PHE A 592 16.39 17.83 -25.88
N GLY A 593 17.23 16.82 -25.72
CA GLY A 593 17.61 16.01 -26.87
C GLY A 593 18.36 14.76 -26.47
N GLY A 594 17.93 13.62 -27.00
CA GLY A 594 18.64 12.39 -26.71
C GLY A 594 20.05 12.44 -27.24
N VAL A 595 20.97 11.80 -26.52
CA VAL A 595 22.37 11.84 -26.86
C VAL A 595 22.88 10.40 -26.84
N SER A 596 23.23 9.89 -28.01
CA SER A 596 23.84 8.58 -28.16
C SER A 596 25.30 8.76 -28.50
N VAL A 597 26.13 7.81 -28.07
CA VAL A 597 27.57 7.91 -28.22
C VAL A 597 28.02 6.76 -29.10
N ILE A 598 28.38 7.07 -30.34
CA ILE A 598 28.90 6.08 -31.26
C ILE A 598 30.38 5.89 -30.99
N THR A 599 30.79 4.64 -30.78
CA THR A 599 32.18 4.40 -30.45
C THR A 599 32.66 3.05 -30.98
N PRO A 600 33.85 2.99 -31.56
CA PRO A 600 34.53 1.71 -31.73
C PRO A 600 34.98 1.17 -30.38
N GLY A 601 35.38 -0.10 -30.37
CA GLY A 601 35.82 -0.75 -29.16
C GLY A 601 36.81 0.06 -28.34
N THR A 602 36.52 0.22 -27.05
CA THR A 602 37.38 0.99 -26.15
C THR A 602 38.85 0.60 -26.31
N ASN A 603 39.13 -0.70 -26.28
CA ASN A 603 40.49 -1.19 -26.50
C ASN A 603 41.11 -0.57 -27.75
N THR A 604 40.38 -0.61 -28.87
CA THR A 604 40.88 -0.04 -30.13
C THR A 604 41.20 1.44 -29.97
N SER A 605 40.24 2.24 -29.52
CA SER A 605 40.43 3.66 -29.37
C SER A 605 39.38 4.23 -28.43
N ASN A 606 39.60 5.47 -28.01
CA ASN A 606 38.68 6.19 -27.14
C ASN A 606 38.18 7.46 -27.82
N GLN A 607 38.10 7.44 -29.15
CA GLN A 607 37.51 8.53 -29.93
C GLN A 607 36.08 8.17 -30.28
N VAL A 608 35.15 9.10 -30.02
CA VAL A 608 33.73 8.83 -30.14
C VAL A 608 33.06 9.96 -30.92
N ALA A 609 31.90 9.64 -31.48
CA ALA A 609 31.00 10.61 -32.09
C ALA A 609 29.72 10.68 -31.25
N VAL A 610 28.99 11.78 -31.42
CA VAL A 610 27.80 12.02 -30.62
C VAL A 610 26.63 12.32 -31.55
N LEU A 611 25.53 11.59 -31.36
CA LEU A 611 24.31 11.80 -32.12
C LEU A 611 23.28 12.45 -31.19
N TYR A 612 22.92 13.69 -31.50
CA TYR A 612 21.79 14.35 -30.87
C TYR A 612 20.53 14.03 -31.68
N GLN A 613 19.59 13.35 -31.04
CA GLN A 613 18.48 12.73 -31.75
C GLN A 613 17.41 13.75 -32.08
N ASP A 614 17.04 13.83 -33.36
CA ASP A 614 15.91 14.63 -33.84
C ASP A 614 16.04 16.10 -33.43
N VAL A 615 17.25 16.65 -33.50
CA VAL A 615 17.48 18.07 -33.29
C VAL A 615 18.26 18.61 -34.48
N ASN A 616 17.82 19.76 -35.00
CA ASN A 616 18.59 20.45 -36.01
C ASN A 616 19.98 20.80 -35.49
N CYS A 617 20.93 20.93 -36.41
CA CYS A 617 22.30 21.25 -36.03
C CYS A 617 22.49 22.74 -35.81
N THR A 618 21.61 23.36 -35.02
CA THR A 618 21.76 24.76 -34.65
C THR A 618 21.80 24.96 -33.14
N GLU A 619 20.89 24.34 -32.39
CA GLU A 619 20.78 24.61 -30.96
C GLU A 619 22.04 24.16 -30.21
N VAL A 620 22.57 23.00 -30.54
CA VAL A 620 23.73 22.46 -29.87
C VAL A 620 24.96 23.34 -30.08
N ARG A 634 31.74 20.08 -24.04
CA ARG A 634 31.54 21.17 -24.99
C ARG A 634 32.28 20.90 -26.30
N VAL A 635 33.32 20.07 -26.22
CA VAL A 635 34.10 19.72 -27.41
C VAL A 635 33.21 19.11 -28.48
N TYR A 636 32.17 18.38 -28.08
CA TYR A 636 31.25 17.73 -29.00
C TYR A 636 29.96 18.53 -29.20
N SER A 637 30.01 19.84 -28.97
CA SER A 637 28.86 20.71 -29.15
C SER A 637 28.82 21.39 -30.51
N THR A 638 29.99 21.74 -31.06
CA THR A 638 30.09 22.40 -32.37
C THR A 638 31.41 21.95 -33.01
N GLY A 639 31.88 22.72 -33.98
CA GLY A 639 33.11 22.43 -34.68
C GLY A 639 32.88 22.32 -36.18
N SER A 640 33.94 21.91 -36.88
CA SER A 640 33.88 21.72 -38.32
C SER A 640 33.68 20.26 -38.72
N ASN A 641 33.04 19.47 -37.86
CA ASN A 641 32.78 18.06 -38.11
C ASN A 641 31.35 17.73 -37.70
N VAL A 642 30.40 18.49 -38.24
CA VAL A 642 28.99 18.36 -37.90
C VAL A 642 28.21 18.02 -39.17
N PHE A 643 27.33 17.03 -39.06
CA PHE A 643 26.51 16.56 -40.18
C PHE A 643 25.05 16.58 -39.74
N GLN A 644 24.17 17.10 -40.58
CA GLN A 644 22.74 17.05 -40.35
C GLN A 644 22.15 15.88 -41.13
N THR A 645 21.34 15.07 -40.46
CA THR A 645 20.70 13.91 -41.06
C THR A 645 19.27 13.83 -40.54
N ARG A 646 18.44 13.07 -41.25
CA ARG A 646 17.06 12.88 -40.82
C ARG A 646 16.97 12.26 -39.43
N ALA A 647 18.04 11.60 -38.97
CA ALA A 647 18.06 11.05 -37.62
C ALA A 647 18.41 12.08 -36.57
N GLY A 648 19.08 13.17 -36.94
CA GLY A 648 19.43 14.21 -35.98
C GLY A 648 20.70 14.92 -36.40
N CYS A 649 21.49 15.30 -35.40
CA CYS A 649 22.77 15.97 -35.61
C CYS A 649 23.91 15.07 -35.16
N LEU A 650 24.81 14.73 -36.09
CA LEU A 650 25.94 13.88 -35.80
C LEU A 650 27.22 14.72 -35.74
N ILE A 651 27.88 14.71 -34.60
CA ILE A 651 29.08 15.51 -34.37
C ILE A 651 30.25 14.58 -34.11
N GLY A 652 31.41 14.91 -34.69
CA GLY A 652 32.61 14.11 -34.54
C GLY A 652 32.85 13.09 -35.65
N ALA A 653 31.89 12.88 -36.53
CA ALA A 653 32.06 11.96 -37.66
C ALA A 653 32.26 12.73 -38.96
N GLU A 654 33.06 12.16 -39.86
CA GLU A 654 33.39 12.78 -41.13
C GLU A 654 32.48 12.21 -42.21
N HIS A 655 31.74 13.09 -42.88
CA HIS A 655 30.82 12.66 -43.92
C HIS A 655 31.60 12.26 -45.17
N VAL A 656 31.32 11.07 -45.68
CA VAL A 656 32.00 10.54 -46.84
C VAL A 656 30.95 10.27 -47.92
N ASN A 657 31.37 10.35 -49.18
CA ASN A 657 30.46 10.08 -50.29
C ASN A 657 30.49 8.62 -50.73
N ASN A 658 31.63 7.95 -50.57
CA ASN A 658 31.70 6.53 -50.87
C ASN A 658 30.87 5.73 -49.89
N SER A 659 30.12 4.76 -50.39
CA SER A 659 29.25 3.93 -49.58
C SER A 659 29.92 2.58 -49.35
N TYR A 660 29.70 2.03 -48.15
CA TYR A 660 30.28 0.75 -47.77
C TYR A 660 29.22 -0.09 -47.08
N GLU A 661 29.57 -1.31 -46.73
CA GLU A 661 28.69 -2.13 -45.92
C GLU A 661 28.55 -1.52 -44.53
N CYS A 662 27.35 -1.60 -43.97
CA CYS A 662 27.09 -0.99 -42.68
C CYS A 662 27.89 -1.71 -41.59
N ASP A 663 28.55 -0.93 -40.74
CA ASP A 663 29.38 -1.46 -39.67
C ASP A 663 28.82 -1.13 -38.29
N ILE A 664 28.56 0.15 -38.03
CA ILE A 664 27.96 0.58 -36.78
C ILE A 664 26.71 1.37 -37.13
N PRO A 665 25.53 0.74 -37.14
CA PRO A 665 24.33 1.40 -37.64
C PRO A 665 23.97 2.61 -36.79
N ILE A 666 23.82 3.76 -37.46
CA ILE A 666 23.37 4.98 -36.79
C ILE A 666 21.88 5.10 -36.97
N GLY A 667 21.43 5.16 -38.21
CA GLY A 667 20.02 5.19 -38.52
C GLY A 667 19.76 6.04 -39.74
N ALA A 668 18.54 5.91 -40.26
CA ALA A 668 18.10 6.64 -41.46
C ALA A 668 19.05 6.38 -42.64
N GLY A 669 19.55 5.15 -42.72
CA GLY A 669 20.46 4.77 -43.78
C GLY A 669 21.90 5.20 -43.57
N ILE A 670 22.20 5.84 -42.45
CA ILE A 670 23.55 6.30 -42.14
C ILE A 670 24.20 5.33 -41.18
N CYS A 671 25.41 4.88 -41.51
CA CYS A 671 26.21 4.02 -40.64
C CYS A 671 27.59 4.63 -40.48
N ALA A 672 28.22 4.36 -39.35
CA ALA A 672 29.53 4.91 -39.03
C ALA A 672 30.55 3.80 -38.88
N SER A 673 31.82 4.17 -39.07
CA SER A 673 32.92 3.22 -38.95
C SER A 673 34.19 4.00 -38.67
N TYR A 674 35.17 3.31 -38.06
CA TYR A 674 36.44 3.91 -37.74
C TYR A 674 37.43 3.58 -38.85
N GLN A 675 37.94 4.61 -39.52
CA GLN A 675 38.80 4.43 -40.68
C GLN A 675 39.79 5.59 -40.77
N THR A 676 40.81 5.41 -41.60
CA THR A 676 41.83 6.42 -41.79
C THR A 676 41.36 7.49 -42.76
N GLN A 690 43.75 8.54 -38.12
CA GLN A 690 42.46 7.86 -38.22
C GLN A 690 41.37 8.67 -37.52
N SER A 691 40.12 8.34 -37.82
CA SER A 691 38.96 9.07 -37.29
C SER A 691 37.73 8.21 -37.53
N ILE A 692 36.56 8.78 -37.25
CA ILE A 692 35.27 8.12 -37.44
C ILE A 692 34.57 8.79 -38.62
N ILE A 693 34.01 7.98 -39.51
CA ILE A 693 33.34 8.46 -40.70
C ILE A 693 31.90 7.96 -40.69
N ALA A 694 31.02 8.77 -41.27
CA ALA A 694 29.61 8.45 -41.41
C ALA A 694 29.24 8.47 -42.89
N TYR A 695 28.52 7.44 -43.33
CA TYR A 695 28.23 7.28 -44.75
C TYR A 695 26.84 6.69 -44.91
N THR A 696 26.24 6.95 -46.06
CA THR A 696 25.00 6.28 -46.42
C THR A 696 25.31 4.84 -46.82
N MET A 697 24.80 3.89 -46.04
CA MET A 697 25.14 2.49 -46.24
C MET A 697 24.67 2.00 -47.60
N SER A 698 25.44 1.10 -48.19
CA SER A 698 25.11 0.50 -49.47
C SER A 698 24.30 -0.77 -49.26
N LEU A 699 23.32 -1.00 -50.14
CA LEU A 699 22.49 -2.19 -50.04
C LEU A 699 23.14 -3.40 -50.72
N GLY A 700 24.21 -3.20 -51.47
CA GLY A 700 24.87 -4.28 -52.19
C GLY A 700 25.37 -3.83 -53.55
N ALA A 701 26.18 -4.66 -54.20
CA ALA A 701 26.74 -4.31 -55.48
C ALA A 701 25.64 -4.23 -56.53
N GLU A 702 25.61 -3.14 -57.29
CA GLU A 702 24.65 -3.02 -58.37
C GLU A 702 25.03 -3.95 -59.51
N ASN A 703 24.03 -4.64 -60.07
CA ASN A 703 24.28 -5.57 -61.17
C ASN A 703 22.99 -5.80 -61.93
N SER A 704 22.88 -5.24 -63.14
CA SER A 704 21.76 -5.55 -64.00
C SER A 704 21.91 -6.97 -64.57
N VAL A 705 20.80 -7.51 -65.05
CA VAL A 705 20.78 -8.84 -65.66
C VAL A 705 20.44 -8.69 -67.14
N ALA A 706 21.29 -9.28 -68.00
CA ALA A 706 21.14 -9.16 -69.46
C ALA A 706 20.01 -10.09 -69.90
N TYR A 707 18.79 -9.69 -69.53
CA TYR A 707 17.60 -10.47 -69.82
C TYR A 707 17.18 -10.33 -71.28
N SER A 708 16.70 -11.42 -71.85
CA SER A 708 16.14 -11.43 -73.19
C SER A 708 15.29 -12.68 -73.34
N ASN A 709 14.31 -12.62 -74.24
CA ASN A 709 13.27 -13.64 -74.31
C ASN A 709 13.73 -14.97 -74.89
N ASN A 710 14.95 -15.06 -75.41
CA ASN A 710 15.44 -16.33 -75.95
C ASN A 710 16.89 -16.58 -75.54
N SER A 711 17.18 -16.35 -74.25
CA SER A 711 18.52 -16.57 -73.71
C SER A 711 18.37 -17.10 -72.29
N ILE A 712 19.12 -18.15 -71.96
CA ILE A 712 19.10 -18.73 -70.62
C ILE A 712 20.53 -18.95 -70.16
N ALA A 713 20.78 -18.68 -68.89
CA ALA A 713 22.10 -18.90 -68.29
C ALA A 713 22.02 -20.17 -67.46
N ILE A 714 22.74 -21.20 -67.90
CA ILE A 714 22.67 -22.49 -67.22
C ILE A 714 24.02 -22.78 -66.58
N PRO A 715 24.06 -23.30 -65.35
CA PRO A 715 25.34 -23.63 -64.73
C PRO A 715 26.02 -24.78 -65.45
N THR A 716 27.35 -24.77 -65.41
CA THR A 716 28.18 -25.83 -65.97
C THR A 716 29.08 -26.44 -64.91
N ASN A 717 28.95 -26.01 -63.66
CA ASN A 717 29.78 -26.49 -62.56
C ASN A 717 29.07 -26.10 -61.28
N PHE A 718 29.52 -26.69 -60.18
CA PHE A 718 28.87 -26.47 -58.89
C PHE A 718 29.92 -26.38 -57.80
N THR A 719 29.45 -26.10 -56.58
CA THR A 719 30.28 -26.07 -55.40
C THR A 719 29.46 -26.59 -54.22
N ILE A 720 30.11 -27.41 -53.40
CA ILE A 720 29.49 -27.95 -52.19
C ILE A 720 29.86 -27.02 -51.06
N SER A 721 28.87 -26.35 -50.49
CA SER A 721 29.09 -25.35 -49.45
C SER A 721 28.51 -25.85 -48.14
N VAL A 722 29.32 -25.79 -47.08
CA VAL A 722 28.89 -26.16 -45.74
C VAL A 722 28.74 -24.88 -44.94
N THR A 723 27.51 -24.48 -44.70
CA THR A 723 27.21 -23.31 -43.89
C THR A 723 26.87 -23.73 -42.47
N THR A 724 26.85 -22.76 -41.56
CA THR A 724 26.65 -23.04 -40.14
C THR A 724 25.43 -22.28 -39.66
N GLU A 725 24.64 -22.92 -38.80
CA GLU A 725 23.44 -22.31 -38.24
C GLU A 725 23.37 -22.64 -36.76
N ILE A 726 23.36 -21.62 -35.92
CA ILE A 726 23.39 -21.82 -34.47
C ILE A 726 22.01 -21.54 -33.91
N LEU A 727 21.56 -22.41 -33.00
CA LEU A 727 20.24 -22.22 -32.40
C LEU A 727 20.26 -22.54 -30.92
N PRO A 728 19.85 -21.60 -30.06
CA PRO A 728 19.70 -21.93 -28.63
C PRO A 728 18.58 -22.94 -28.42
N VAL A 729 18.77 -23.80 -27.43
CA VAL A 729 17.82 -24.87 -27.13
C VAL A 729 17.25 -24.73 -25.72
N SER A 730 18.09 -24.38 -24.74
CA SER A 730 17.66 -24.33 -23.35
C SER A 730 18.36 -23.18 -22.66
N MET A 731 17.70 -22.65 -21.62
CA MET A 731 18.30 -21.64 -20.77
C MET A 731 19.03 -22.30 -19.61
N THR A 732 19.45 -21.50 -18.63
CA THR A 732 20.01 -22.02 -17.39
C THR A 732 18.88 -22.29 -16.40
N LYS A 733 18.85 -23.49 -15.84
CA LYS A 733 17.79 -23.89 -14.91
C LYS A 733 18.01 -23.19 -13.57
N THR A 734 17.62 -21.91 -13.53
CA THR A 734 17.78 -21.14 -12.32
C THR A 734 16.70 -21.51 -11.31
N SER A 735 16.97 -21.20 -10.04
CA SER A 735 15.99 -21.44 -9.00
C SER A 735 16.23 -20.47 -7.85
N VAL A 736 15.20 -19.74 -7.46
CA VAL A 736 15.31 -18.68 -6.46
C VAL A 736 14.51 -19.11 -5.23
N ASP A 737 15.11 -18.93 -4.05
CA ASP A 737 14.41 -19.17 -2.78
C ASP A 737 13.75 -17.86 -2.37
N CYS A 738 12.43 -17.80 -2.55
CA CYS A 738 11.70 -16.56 -2.31
C CYS A 738 11.88 -16.08 -0.88
N THR A 739 11.66 -16.96 0.09
CA THR A 739 11.75 -16.56 1.49
C THR A 739 13.17 -16.16 1.85
N MET A 740 14.16 -16.94 1.41
CA MET A 740 15.54 -16.62 1.76
C MET A 740 16.04 -15.38 1.05
N TYR A 741 15.55 -15.12 -0.16
CA TYR A 741 15.95 -13.90 -0.85
C TYR A 741 15.34 -12.68 -0.16
N ILE A 742 14.02 -12.71 0.07
CA ILE A 742 13.36 -11.55 0.66
C ILE A 742 13.72 -11.41 2.13
N CYS A 743 13.73 -12.51 2.87
CA CYS A 743 13.81 -12.48 4.33
C CYS A 743 14.88 -13.44 4.85
N GLY A 744 16.09 -13.36 4.29
CA GLY A 744 17.13 -14.31 4.62
C GLY A 744 17.38 -14.51 6.10
N ASP A 745 17.01 -15.68 6.62
CA ASP A 745 17.25 -16.08 8.00
C ASP A 745 16.71 -15.04 8.98
N SER A 746 15.38 -14.89 8.96
CA SER A 746 14.72 -13.93 9.85
C SER A 746 13.27 -14.37 10.03
N THR A 747 12.92 -14.80 11.25
CA THR A 747 11.56 -15.26 11.50
C THR A 747 10.56 -14.10 11.40
N GLU A 748 10.90 -12.94 11.95
CA GLU A 748 9.99 -11.80 11.93
C GLU A 748 9.70 -11.35 10.50
N CYS A 749 10.74 -11.26 9.68
CA CYS A 749 10.55 -10.87 8.29
C CYS A 749 9.69 -11.90 7.55
N SER A 750 9.89 -13.19 7.85
CA SER A 750 9.09 -14.22 7.20
C SER A 750 7.62 -14.11 7.61
N ASN A 751 7.37 -13.83 8.89
CA ASN A 751 6.00 -13.66 9.36
C ASN A 751 5.34 -12.44 8.72
N LEU A 752 6.08 -11.35 8.56
CA LEU A 752 5.55 -10.19 7.86
C LEU A 752 5.30 -10.50 6.39
N LEU A 753 6.20 -11.26 5.77
CA LEU A 753 6.09 -11.59 4.36
C LEU A 753 4.87 -12.46 4.07
N LEU A 754 4.60 -13.43 4.95
CA LEU A 754 3.48 -14.34 4.72
C LEU A 754 2.12 -13.66 4.81
N GLN A 755 2.08 -12.35 5.10
CA GLN A 755 0.83 -11.61 4.99
C GLN A 755 0.44 -11.38 3.53
N TYR A 756 1.41 -11.41 2.61
CA TYR A 756 1.13 -11.20 1.20
C TYR A 756 0.57 -12.44 0.51
N GLY A 757 0.51 -13.57 1.20
CA GLY A 757 -0.14 -14.75 0.65
C GLY A 757 0.79 -15.57 -0.21
N SER A 758 0.32 -15.94 -1.40
CA SER A 758 1.02 -16.87 -2.28
C SER A 758 1.94 -16.18 -3.29
N PHE A 759 2.42 -14.97 -2.99
CA PHE A 759 3.36 -14.30 -3.87
C PHE A 759 4.74 -14.95 -3.91
N CYS A 760 5.00 -15.93 -3.04
CA CYS A 760 6.28 -16.63 -3.05
C CYS A 760 6.20 -18.01 -3.71
N THR A 761 5.19 -18.81 -3.33
CA THR A 761 5.07 -20.16 -3.88
C THR A 761 4.86 -20.15 -5.39
N GLN A 762 4.12 -19.17 -5.90
CA GLN A 762 3.81 -19.16 -7.33
C GLN A 762 5.02 -18.78 -8.17
N LEU A 763 5.93 -17.96 -7.61
CA LEU A 763 7.19 -17.70 -8.32
C LEU A 763 8.00 -18.98 -8.47
N ASN A 764 8.10 -19.76 -7.40
CA ASN A 764 8.79 -21.05 -7.47
C ASN A 764 8.11 -21.98 -8.47
N ARG A 765 6.77 -22.00 -8.46
CA ARG A 765 6.04 -22.83 -9.42
C ARG A 765 6.35 -22.41 -10.86
N ALA A 766 6.36 -21.10 -11.12
CA ALA A 766 6.68 -20.62 -12.46
C ALA A 766 8.09 -20.99 -12.87
N LEU A 767 9.06 -20.84 -11.96
CA LEU A 767 10.44 -21.15 -12.30
C LEU A 767 10.62 -22.65 -12.55
N THR A 768 9.95 -23.49 -11.75
CA THR A 768 10.01 -24.92 -12.00
C THR A 768 9.37 -25.27 -13.33
N GLY A 769 8.26 -24.61 -13.67
CA GLY A 769 7.69 -24.77 -14.99
C GLY A 769 8.66 -24.40 -16.09
N ILE A 770 9.41 -23.31 -15.90
CA ILE A 770 10.42 -22.89 -16.88
C ILE A 770 11.47 -23.99 -17.05
N ALA A 771 11.96 -24.53 -15.92
CA ALA A 771 13.00 -25.55 -15.99
C ALA A 771 12.49 -26.81 -16.69
N VAL A 772 11.30 -27.26 -16.33
CA VAL A 772 10.69 -28.42 -17.00
C VAL A 772 10.52 -28.13 -18.48
N GLU A 773 10.15 -26.90 -18.83
CA GLU A 773 10.01 -26.52 -20.24
C GLU A 773 11.34 -26.62 -20.96
N GLN A 774 12.43 -26.20 -20.31
CA GLN A 774 13.74 -26.30 -20.94
C GLN A 774 14.13 -27.76 -21.17
N ASP A 775 13.91 -28.60 -20.15
CA ASP A 775 14.23 -30.02 -20.31
C ASP A 775 13.39 -30.67 -21.40
N LYS A 776 12.10 -30.33 -21.46
CA LYS A 776 11.24 -30.86 -22.51
C LYS A 776 11.69 -30.39 -23.88
N ASN A 777 12.11 -29.12 -23.98
CA ASN A 777 12.66 -28.60 -25.23
C ASN A 777 13.86 -29.43 -25.68
N THR A 778 14.81 -29.65 -24.77
CA THR A 778 16.00 -30.40 -25.13
C THR A 778 15.64 -31.83 -25.55
N GLN A 779 14.71 -32.47 -24.82
CA GLN A 779 14.30 -33.82 -25.18
C GLN A 779 13.62 -33.85 -26.54
N GLU A 780 12.81 -32.82 -26.82
CA GLU A 780 12.15 -32.72 -28.12
C GLU A 780 13.16 -32.59 -29.24
N VAL A 781 14.16 -31.72 -29.06
CA VAL A 781 15.13 -31.47 -30.12
C VAL A 781 15.99 -32.71 -30.36
N PHE A 782 16.56 -33.28 -29.30
CA PHE A 782 17.60 -34.28 -29.46
C PHE A 782 17.07 -35.71 -29.43
N ALA A 783 16.21 -36.04 -28.47
CA ALA A 783 15.75 -37.41 -28.28
C ALA A 783 14.62 -37.76 -29.25
N GLN A 784 14.95 -37.69 -30.54
CA GLN A 784 14.02 -38.11 -31.60
C GLN A 784 14.43 -39.43 -32.24
N VAL A 785 15.42 -40.13 -31.70
CA VAL A 785 15.88 -41.39 -32.28
C VAL A 785 15.61 -42.51 -31.28
N LYS A 786 14.91 -43.54 -31.75
CA LYS A 786 14.51 -44.63 -30.85
C LYS A 786 15.71 -45.43 -30.35
N GLN A 787 16.70 -45.66 -31.21
CA GLN A 787 17.84 -46.49 -30.88
C GLN A 787 19.13 -45.68 -30.92
N ILE A 788 20.22 -46.30 -30.48
CA ILE A 788 21.54 -45.68 -30.43
C ILE A 788 22.40 -46.37 -31.47
N TYR A 789 22.61 -45.71 -32.61
CA TYR A 789 23.41 -46.26 -33.68
C TYR A 789 24.88 -45.89 -33.51
N LYS A 790 25.74 -46.66 -34.18
CA LYS A 790 27.18 -46.46 -34.15
C LYS A 790 27.77 -46.66 -35.54
N THR A 791 28.74 -45.83 -35.89
CA THR A 791 29.43 -45.99 -37.16
C THR A 791 30.31 -47.23 -37.14
N PRO A 792 30.56 -47.84 -38.30
CA PRO A 792 31.46 -48.99 -38.35
C PRO A 792 32.90 -48.57 -38.09
N PRO A 793 33.76 -49.49 -37.66
CA PRO A 793 35.17 -49.12 -37.41
C PRO A 793 35.90 -48.60 -38.63
N ILE A 794 35.50 -49.02 -39.83
CA ILE A 794 36.17 -48.63 -41.07
C ILE A 794 35.36 -47.53 -41.75
N LYS A 795 36.02 -46.42 -42.05
CA LYS A 795 35.35 -45.26 -42.66
C LYS A 795 35.57 -45.27 -44.17
N ASP A 796 34.93 -46.25 -44.81
CA ASP A 796 35.00 -46.39 -46.26
C ASP A 796 33.79 -45.70 -46.89
N PHE A 797 33.79 -44.37 -46.78
CA PHE A 797 32.67 -43.54 -47.21
C PHE A 797 32.89 -42.92 -48.58
N GLY A 798 33.66 -43.59 -49.45
CA GLY A 798 33.81 -43.11 -50.80
C GLY A 798 34.66 -41.86 -50.96
N GLY A 799 35.55 -41.59 -50.00
CA GLY A 799 36.40 -40.43 -50.07
C GLY A 799 35.99 -39.29 -49.16
N PHE A 800 34.72 -39.22 -48.78
CA PHE A 800 34.27 -38.21 -47.83
C PHE A 800 34.88 -38.49 -46.46
N ASN A 801 35.27 -37.43 -45.77
CA ASN A 801 36.02 -37.51 -44.52
C ASN A 801 35.20 -36.86 -43.42
N PHE A 802 34.62 -37.68 -42.55
CA PHE A 802 33.82 -37.21 -41.44
C PHE A 802 34.57 -37.25 -40.11
N SER A 803 35.90 -37.43 -40.15
CA SER A 803 36.67 -37.56 -38.94
C SER A 803 36.58 -36.31 -38.06
N GLN A 804 36.25 -35.17 -38.64
CA GLN A 804 36.16 -33.93 -37.89
C GLN A 804 34.79 -33.73 -37.26
N ILE A 805 33.81 -34.54 -37.60
CA ILE A 805 32.49 -34.46 -37.00
C ILE A 805 32.08 -35.75 -36.30
N LEU A 806 32.64 -36.89 -36.67
CA LEU A 806 32.41 -38.11 -35.91
C LEU A 806 33.14 -38.06 -34.57
N PRO A 807 32.59 -38.69 -33.53
CA PRO A 807 33.23 -38.63 -32.21
C PRO A 807 34.62 -39.24 -32.26
N ASP A 808 35.54 -38.65 -31.51
CA ASP A 808 36.89 -39.19 -31.39
C ASP A 808 36.89 -40.33 -30.38
N PRO A 809 37.27 -41.55 -30.76
CA PRO A 809 37.20 -42.67 -29.81
C PRO A 809 38.07 -42.48 -28.58
N SER A 810 39.22 -41.81 -28.73
CA SER A 810 40.16 -41.64 -27.64
C SER A 810 39.85 -40.44 -26.76
N LYS A 811 39.03 -39.49 -27.25
CA LYS A 811 38.69 -38.28 -26.52
C LYS A 811 38.11 -38.61 -25.15
N PRO A 812 38.22 -37.70 -24.16
CA PRO A 812 37.72 -38.02 -22.81
C PRO A 812 36.22 -38.02 -22.70
N SER A 813 35.49 -37.51 -23.70
CA SER A 813 34.04 -37.39 -23.59
C SER A 813 33.32 -37.84 -24.85
N LYS A 814 33.99 -38.53 -25.78
CA LYS A 814 33.41 -38.97 -27.03
C LYS A 814 32.83 -37.80 -27.83
N ARG A 815 33.49 -36.66 -27.74
CA ARG A 815 33.11 -35.46 -28.48
C ARG A 815 34.06 -35.26 -29.65
N SER A 816 33.50 -34.88 -30.80
CA SER A 816 34.31 -34.67 -32.00
C SER A 816 35.18 -33.43 -31.84
N PHE A 817 36.13 -33.30 -32.78
CA PHE A 817 37.02 -32.15 -32.81
C PHE A 817 36.22 -30.84 -32.80
N ILE A 818 35.21 -30.76 -33.67
CA ILE A 818 34.40 -29.55 -33.76
C ILE A 818 33.61 -29.33 -32.47
N GLU A 819 33.14 -30.42 -31.85
CA GLU A 819 32.50 -30.27 -30.54
C GLU A 819 33.47 -29.70 -29.52
N ASP A 820 34.71 -30.17 -29.52
CA ASP A 820 35.71 -29.63 -28.61
C ASP A 820 35.94 -28.14 -28.86
N LEU A 821 36.05 -27.75 -30.15
CA LEU A 821 36.19 -26.33 -30.47
C LEU A 821 35.01 -25.53 -29.96
N LEU A 822 33.80 -26.04 -30.16
CA LEU A 822 32.61 -25.31 -29.70
C LEU A 822 32.64 -25.15 -28.19
N PHE A 823 33.02 -26.21 -27.47
CA PHE A 823 33.02 -26.14 -26.03
C PHE A 823 34.12 -25.21 -25.53
N ASN A 824 35.20 -25.08 -26.29
CA ASN A 824 36.30 -24.20 -25.92
C ASN A 824 36.10 -22.76 -26.40
N LYS A 825 35.07 -22.49 -27.19
CA LYS A 825 34.81 -21.13 -27.67
C LYS A 825 33.69 -20.44 -26.90
N VAL A 826 33.10 -21.10 -25.90
CA VAL A 826 32.03 -20.53 -25.10
C VAL A 826 32.46 -20.56 -23.64
N THR A 827 32.31 -19.43 -22.95
CA THR A 827 32.70 -19.32 -21.55
C THR A 827 31.49 -19.37 -20.63
N LEU A 849 31.54 -14.48 -8.73
CA LEU A 849 30.18 -13.97 -8.89
C LEU A 849 29.15 -15.06 -8.63
N ILE A 850 29.54 -16.32 -8.86
CA ILE A 850 28.63 -17.43 -8.64
C ILE A 850 28.42 -17.68 -7.15
N CYS A 851 29.43 -17.36 -6.32
CA CYS A 851 29.29 -17.55 -4.88
C CYS A 851 28.20 -16.64 -4.31
N ALA A 852 28.18 -15.38 -4.74
CA ALA A 852 27.14 -14.46 -4.28
C ALA A 852 25.76 -14.99 -4.61
N GLN A 853 25.53 -15.34 -5.88
CA GLN A 853 24.27 -15.96 -6.28
C GLN A 853 23.94 -17.16 -5.41
N LYS A 854 24.92 -18.03 -5.17
CA LYS A 854 24.73 -19.24 -4.40
C LYS A 854 24.81 -19.01 -2.89
N PHE A 855 24.73 -17.77 -2.45
CA PHE A 855 24.59 -17.45 -1.04
C PHE A 855 23.29 -16.73 -0.69
N ASN A 856 22.63 -16.10 -1.65
CA ASN A 856 21.37 -15.39 -1.42
C ASN A 856 20.16 -16.19 -1.90
N GLY A 857 20.22 -17.51 -1.82
CA GLY A 857 19.09 -18.35 -2.20
C GLY A 857 18.99 -18.69 -3.66
N LEU A 858 19.84 -18.11 -4.52
CA LEU A 858 19.82 -18.40 -5.94
C LEU A 858 20.71 -19.59 -6.23
N THR A 859 20.24 -20.48 -7.10
CA THR A 859 21.02 -21.67 -7.42
C THR A 859 20.79 -22.04 -8.88
N VAL A 860 21.69 -22.87 -9.39
CA VAL A 860 21.69 -23.30 -10.78
C VAL A 860 21.56 -24.81 -10.80
N LEU A 861 20.43 -25.30 -11.29
CA LEU A 861 20.20 -26.73 -11.42
C LEU A 861 20.98 -27.29 -12.61
N PRO A 862 21.41 -28.55 -12.52
CA PRO A 862 22.10 -29.15 -13.66
C PRO A 862 21.10 -29.68 -14.67
N PRO A 863 21.39 -29.58 -15.96
CA PRO A 863 20.45 -30.12 -16.95
C PRO A 863 20.32 -31.62 -16.83
N LEU A 864 19.13 -32.12 -17.16
CA LEU A 864 18.87 -33.55 -17.06
C LEU A 864 19.84 -34.35 -17.92
N LEU A 865 20.01 -33.92 -19.16
CA LEU A 865 20.89 -34.61 -20.10
C LEU A 865 22.26 -33.96 -20.01
N THR A 866 23.25 -34.70 -19.52
CA THR A 866 24.61 -34.18 -19.52
C THR A 866 25.09 -33.92 -20.95
N ASP A 867 26.19 -33.18 -21.04
CA ASP A 867 26.69 -32.79 -22.35
C ASP A 867 27.21 -33.98 -23.15
N GLU A 868 27.78 -34.97 -22.46
CA GLU A 868 28.23 -36.17 -23.16
C GLU A 868 27.06 -36.95 -23.72
N MET A 869 25.92 -36.96 -23.02
CA MET A 869 24.74 -37.63 -23.55
C MET A 869 24.19 -36.92 -24.77
N ILE A 870 24.21 -35.58 -24.77
CA ILE A 870 23.82 -34.84 -25.97
C ILE A 870 24.76 -35.13 -27.13
N ALA A 871 26.06 -35.21 -26.84
CA ALA A 871 27.03 -35.56 -27.87
C ALA A 871 26.76 -36.97 -28.41
N GLN A 872 26.45 -37.91 -27.53
CA GLN A 872 26.11 -39.27 -27.96
C GLN A 872 24.86 -39.27 -28.83
N TYR A 873 23.84 -38.50 -28.45
CA TYR A 873 22.63 -38.40 -29.27
C TYR A 873 22.96 -37.86 -30.67
N THR A 874 23.75 -36.80 -30.72
CA THR A 874 24.10 -36.23 -32.03
C THR A 874 24.97 -37.19 -32.82
N SER A 875 25.84 -37.95 -32.15
CA SER A 875 26.65 -38.95 -32.85
C SER A 875 25.77 -40.06 -33.41
N ALA A 876 24.77 -40.49 -32.64
CA ALA A 876 23.84 -41.51 -33.14
C ALA A 876 23.08 -41.00 -34.35
N LEU A 877 22.59 -39.76 -34.30
CA LEU A 877 21.88 -39.20 -35.44
C LEU A 877 22.80 -39.12 -36.65
N LEU A 878 24.05 -38.70 -36.44
CA LEU A 878 25.01 -38.58 -37.52
C LEU A 878 25.30 -39.94 -38.15
N ALA A 879 25.51 -40.95 -37.29
CA ALA A 879 25.79 -42.30 -37.79
C ALA A 879 24.60 -42.85 -38.55
N GLY A 880 23.39 -42.63 -38.04
CA GLY A 880 22.20 -43.08 -38.75
C GLY A 880 22.09 -42.44 -40.13
N THR A 881 22.29 -41.12 -40.19
CA THR A 881 22.22 -40.45 -41.48
C THR A 881 23.28 -40.96 -42.44
N ILE A 882 24.51 -41.12 -41.96
CA ILE A 882 25.60 -41.52 -42.85
C ILE A 882 25.42 -42.95 -43.34
N THR A 883 25.04 -43.86 -42.45
CA THR A 883 25.03 -45.28 -42.78
C THR A 883 23.69 -45.79 -43.28
N SER A 884 22.61 -45.02 -43.15
CA SER A 884 21.30 -45.50 -43.56
C SER A 884 20.46 -44.47 -44.31
N GLY A 885 20.95 -43.25 -44.51
CA GLY A 885 20.14 -42.26 -45.20
C GLY A 885 19.01 -41.78 -44.32
N TRP A 886 17.81 -41.71 -44.89
CA TRP A 886 16.63 -41.26 -44.18
C TRP A 886 15.87 -42.40 -43.49
N THR A 887 16.27 -43.65 -43.73
CA THR A 887 15.49 -44.78 -43.22
C THR A 887 15.46 -44.82 -41.71
N PHE A 888 16.51 -44.32 -41.04
CA PHE A 888 16.56 -44.40 -39.58
C PHE A 888 15.61 -43.41 -38.91
N GLY A 889 15.04 -42.47 -39.65
CA GLY A 889 14.10 -41.54 -39.05
C GLY A 889 12.67 -42.03 -39.10
N ALA A 890 12.30 -42.68 -40.20
CA ALA A 890 10.94 -43.21 -40.33
C ALA A 890 10.74 -44.44 -39.46
N GLY A 891 11.58 -45.45 -39.67
CA GLY A 891 11.48 -46.69 -38.92
C GLY A 891 12.84 -47.17 -38.44
N ALA A 892 13.21 -48.40 -38.80
CA ALA A 892 14.51 -48.94 -38.46
C ALA A 892 15.53 -48.57 -39.52
N ALA A 893 16.75 -48.32 -39.08
CA ALA A 893 17.83 -47.95 -40.00
C ALA A 893 18.06 -49.04 -41.03
N LEU A 894 18.04 -48.66 -42.31
CA LEU A 894 18.30 -49.55 -43.43
C LEU A 894 19.58 -49.08 -44.10
N GLN A 895 20.64 -49.87 -44.01
CA GLN A 895 21.92 -49.43 -44.55
C GLN A 895 21.82 -49.20 -46.06
N ILE A 896 22.72 -48.36 -46.55
CA ILE A 896 22.82 -48.02 -47.98
C ILE A 896 24.15 -47.32 -48.19
N PRO A 897 24.89 -47.64 -49.25
CA PRO A 897 26.15 -46.93 -49.50
C PRO A 897 25.94 -45.43 -49.63
N PHE A 898 26.88 -44.67 -49.07
CA PHE A 898 26.69 -43.22 -48.93
C PHE A 898 26.54 -42.54 -50.29
N ALA A 899 27.32 -42.99 -51.27
CA ALA A 899 27.19 -42.43 -52.61
C ALA A 899 25.78 -42.59 -53.15
N MET A 900 25.16 -43.76 -52.91
CA MET A 900 23.78 -43.96 -53.35
C MET A 900 22.83 -43.00 -52.65
N GLN A 901 23.05 -42.75 -51.35
CA GLN A 901 22.23 -41.77 -50.64
C GLN A 901 22.35 -40.39 -51.26
N MET A 902 23.59 -39.97 -51.54
CA MET A 902 23.78 -38.66 -52.17
C MET A 902 23.16 -38.62 -53.56
N ALA A 903 23.17 -39.75 -54.26
CA ALA A 903 22.50 -39.83 -55.55
C ALA A 903 21.00 -39.61 -55.40
N TYR A 904 20.41 -40.22 -54.38
CA TYR A 904 18.98 -39.99 -54.13
C TYR A 904 18.71 -38.52 -53.80
N ARG A 905 19.58 -37.91 -53.00
CA ARG A 905 19.37 -36.50 -52.66
C ARG A 905 19.48 -35.62 -53.90
N PHE A 906 20.48 -35.87 -54.74
CA PHE A 906 20.64 -35.09 -55.97
C PHE A 906 19.42 -35.26 -56.88
N ASN A 907 18.94 -36.49 -57.03
CA ASN A 907 17.68 -36.70 -57.74
C ASN A 907 16.55 -35.90 -57.09
N GLY A 908 16.59 -35.80 -55.75
CA GLY A 908 15.58 -35.04 -55.03
C GLY A 908 15.64 -33.56 -55.31
N ILE A 909 16.79 -33.05 -55.75
CA ILE A 909 16.92 -31.65 -56.07
C ILE A 909 16.97 -31.42 -57.58
N GLY A 910 16.49 -32.40 -58.36
CA GLY A 910 16.39 -32.22 -59.80
C GLY A 910 17.69 -32.39 -60.57
N VAL A 911 18.71 -32.96 -59.95
CA VAL A 911 19.98 -33.26 -60.62
C VAL A 911 20.08 -34.76 -60.78
N THR A 912 20.14 -35.23 -62.04
CA THR A 912 20.26 -36.65 -62.31
C THR A 912 21.45 -37.24 -61.56
N GLN A 913 21.32 -38.51 -61.16
CA GLN A 913 22.31 -39.09 -60.25
C GLN A 913 23.63 -39.41 -60.92
N ASN A 914 23.69 -39.42 -62.26
CA ASN A 914 24.96 -39.63 -62.94
C ASN A 914 25.94 -38.50 -62.68
N VAL A 915 25.42 -37.30 -62.40
CA VAL A 915 26.29 -36.15 -62.13
C VAL A 915 27.17 -36.43 -60.92
N LEU A 916 26.55 -36.92 -59.84
CA LEU A 916 27.31 -37.24 -58.63
C LEU A 916 28.35 -38.32 -58.89
N TYR A 917 27.96 -39.38 -59.60
CA TYR A 917 28.86 -40.50 -59.81
C TYR A 917 30.04 -40.12 -60.71
N GLU A 918 29.86 -39.16 -61.61
CA GLU A 918 30.97 -38.77 -62.47
C GLU A 918 31.96 -37.83 -61.78
N ASN A 919 31.56 -37.16 -60.70
CA ASN A 919 32.44 -36.27 -59.97
C ASN A 919 32.53 -36.62 -58.49
N GLN A 920 32.40 -37.90 -58.15
CA GLN A 920 32.34 -38.30 -56.74
C GLN A 920 33.61 -37.90 -55.99
N LYS A 921 34.78 -38.19 -56.57
CA LYS A 921 36.04 -37.83 -55.90
C LYS A 921 36.17 -36.33 -55.74
N LEU A 922 35.85 -35.56 -56.79
CA LEU A 922 35.92 -34.11 -56.71
C LEU A 922 34.99 -33.57 -55.64
N ILE A 923 33.76 -34.10 -55.60
CA ILE A 923 32.78 -33.62 -54.63
C ILE A 923 33.23 -33.94 -53.20
N ALA A 924 33.77 -35.15 -52.99
CA ALA A 924 34.28 -35.51 -51.68
C ALA A 924 35.43 -34.60 -51.25
N ASN A 925 36.37 -34.33 -52.16
CA ASN A 925 37.48 -33.43 -51.83
C ASN A 925 36.98 -32.03 -51.50
N GLN A 926 36.03 -31.53 -52.30
CA GLN A 926 35.48 -30.20 -52.04
C GLN A 926 34.78 -30.15 -50.70
N PHE A 927 34.02 -31.19 -50.36
CA PHE A 927 33.33 -31.23 -49.07
C PHE A 927 34.32 -31.26 -47.92
N ASN A 928 35.39 -32.05 -48.05
CA ASN A 928 36.39 -32.10 -47.00
C ASN A 928 37.07 -30.76 -46.82
N SER A 929 37.40 -30.08 -47.93
CA SER A 929 38.00 -28.76 -47.84
C SER A 929 37.06 -27.76 -47.18
N ALA A 930 35.76 -27.84 -47.51
CA ALA A 930 34.78 -26.96 -46.91
C ALA A 930 34.68 -27.20 -45.40
N ILE A 931 34.70 -28.47 -44.98
CA ILE A 931 34.66 -28.77 -43.55
C ILE A 931 35.89 -28.24 -42.85
N GLY A 932 37.06 -28.37 -43.48
CA GLY A 932 38.27 -27.79 -42.92
C GLY A 932 38.18 -26.28 -42.78
N LYS A 933 37.65 -25.62 -43.81
CA LYS A 933 37.47 -24.17 -43.74
C LYS A 933 36.51 -23.79 -42.62
N ILE A 934 35.46 -24.60 -42.43
CA ILE A 934 34.54 -24.36 -41.32
C ILE A 934 35.27 -24.47 -39.98
N GLN A 935 36.12 -25.49 -39.85
CA GLN A 935 36.92 -25.63 -38.64
C GLN A 935 37.76 -24.40 -38.39
N ASP A 936 38.47 -23.92 -39.41
CA ASP A 936 39.31 -22.74 -39.24
C ASP A 936 38.47 -21.52 -38.86
N SER A 937 37.33 -21.33 -39.53
CA SER A 937 36.48 -20.18 -39.23
C SER A 937 36.00 -20.21 -37.79
N LEU A 938 35.56 -21.39 -37.32
CA LEU A 938 35.11 -21.50 -35.93
C LEU A 938 36.27 -21.28 -34.96
N SER A 939 37.46 -21.79 -35.30
CA SER A 939 38.61 -21.64 -34.43
C SER A 939 39.11 -20.21 -34.36
N SER A 940 38.83 -19.41 -35.39
CA SER A 940 39.34 -18.03 -35.44
C SER A 940 38.38 -17.03 -34.80
N THR A 941 37.16 -16.94 -35.32
CA THR A 941 36.22 -15.90 -34.89
C THR A 941 35.30 -16.50 -33.83
N ALA A 942 35.48 -16.06 -32.58
CA ALA A 942 34.61 -16.52 -31.50
C ALA A 942 33.21 -15.93 -31.64
N SER A 943 33.10 -14.66 -32.01
CA SER A 943 31.82 -13.96 -32.07
C SER A 943 30.80 -14.66 -32.95
N ALA A 944 31.22 -15.64 -33.75
CA ALA A 944 30.28 -16.43 -34.53
C ALA A 944 29.21 -17.04 -33.64
N LEU A 945 29.58 -17.45 -32.43
CA LEU A 945 28.63 -18.06 -31.52
C LEU A 945 27.99 -17.05 -30.58
N GLY A 946 28.13 -15.75 -30.88
CA GLY A 946 27.66 -14.66 -30.04
C GLY A 946 26.31 -14.91 -29.42
N LYS A 947 25.35 -15.28 -30.27
CA LYS A 947 23.98 -15.57 -29.87
C LYS A 947 23.95 -16.40 -28.59
N LEU A 948 24.54 -17.60 -28.62
CA LEU A 948 24.53 -18.44 -27.44
C LEU A 948 25.10 -17.70 -26.25
N GLN A 949 26.30 -17.14 -26.41
CA GLN A 949 26.91 -16.36 -25.34
C GLN A 949 25.93 -15.28 -24.87
N ASP A 950 25.34 -14.56 -25.82
CA ASP A 950 24.40 -13.51 -25.49
C ASP A 950 23.34 -14.04 -24.53
N VAL A 951 22.72 -15.17 -24.89
CA VAL A 951 21.71 -15.79 -24.03
C VAL A 951 22.24 -15.87 -22.61
N VAL A 952 23.38 -16.58 -22.46
CA VAL A 952 23.99 -16.74 -21.14
C VAL A 952 24.13 -15.38 -20.49
N ASN A 953 24.75 -14.44 -21.21
CA ASN A 953 24.99 -13.11 -20.67
C ASN A 953 23.70 -12.52 -20.15
N GLN A 954 22.65 -12.56 -20.96
CA GLN A 954 21.35 -12.04 -20.54
C GLN A 954 21.00 -12.58 -19.17
N ASN A 955 20.95 -13.92 -19.04
CA ASN A 955 20.59 -14.53 -17.77
C ASN A 955 21.47 -13.99 -16.67
N ALA A 956 22.79 -13.98 -16.92
CA ALA A 956 23.73 -13.49 -15.92
C ALA A 956 23.34 -12.09 -15.48
N GLN A 957 23.14 -11.19 -16.47
CA GLN A 957 22.77 -9.82 -16.15
C GLN A 957 21.56 -9.82 -15.24
N ALA A 958 20.53 -10.59 -15.63
CA ALA A 958 19.33 -10.72 -14.80
C ALA A 958 19.72 -10.99 -13.36
N LEU A 959 20.44 -12.10 -13.15
CA LEU A 959 20.85 -12.47 -11.80
C LEU A 959 21.64 -11.34 -11.16
N ASN A 960 22.58 -10.76 -11.90
CA ASN A 960 23.36 -9.65 -11.37
C ASN A 960 22.43 -8.54 -10.90
N THR A 961 21.47 -8.17 -11.74
CA THR A 961 20.49 -7.16 -11.33
C THR A 961 19.76 -7.63 -10.08
N LEU A 962 19.32 -8.90 -10.09
CA LEU A 962 18.57 -9.44 -8.96
C LEU A 962 19.39 -9.37 -7.68
N VAL A 963 20.71 -9.27 -7.79
CA VAL A 963 21.55 -9.14 -6.61
C VAL A 963 21.70 -7.68 -6.22
N LYS A 964 21.87 -6.79 -7.21
CA LYS A 964 22.02 -5.38 -6.88
C LYS A 964 20.74 -4.80 -6.29
N GLN A 965 19.58 -5.40 -6.59
CA GLN A 965 18.36 -4.94 -5.99
C GLN A 965 18.27 -5.28 -4.51
N LEU A 966 19.17 -6.12 -4.00
CA LEU A 966 19.24 -6.33 -2.56
C LEU A 966 19.94 -5.19 -1.85
N SER A 967 20.53 -4.25 -2.60
CA SER A 967 21.24 -3.13 -2.03
C SER A 967 20.40 -1.85 -2.02
N SER A 968 19.18 -1.90 -2.54
CA SER A 968 18.32 -0.74 -2.60
C SER A 968 17.54 -0.57 -1.30
N ASN A 969 17.35 0.70 -0.90
CA ASN A 969 16.56 1.00 0.28
C ASN A 969 15.08 0.88 0.01
N PHE A 970 14.64 1.21 -1.21
CA PHE A 970 13.22 1.29 -1.56
C PHE A 970 12.46 2.24 -0.65
N GLY A 971 13.16 3.24 -0.10
CA GLY A 971 12.57 4.18 0.81
C GLY A 971 12.84 3.91 2.27
N ALA A 972 13.30 2.71 2.61
CA ALA A 972 13.60 2.38 3.99
C ALA A 972 14.83 3.14 4.47
N ILE A 973 15.16 2.98 5.75
CA ILE A 973 16.33 3.66 6.31
C ILE A 973 17.63 2.96 5.96
N SER A 974 17.59 1.67 5.65
CA SER A 974 18.79 0.92 5.31
C SER A 974 18.40 -0.33 4.54
N SER A 975 19.22 -0.67 3.54
CA SER A 975 18.98 -1.85 2.72
C SER A 975 19.35 -3.15 3.41
N VAL A 976 19.86 -3.10 4.64
CA VAL A 976 20.25 -4.30 5.38
C VAL A 976 19.17 -4.62 6.39
N LEU A 977 18.61 -5.84 6.29
CA LEU A 977 17.54 -6.25 7.19
C LEU A 977 18.02 -6.31 8.63
N ASN A 978 19.23 -6.82 8.86
CA ASN A 978 19.72 -7.02 10.22
C ASN A 978 19.86 -5.69 10.95
N ASP A 979 20.32 -4.64 10.25
CA ASP A 979 20.43 -3.34 10.89
C ASP A 979 19.07 -2.83 11.36
N ILE A 980 18.05 -2.96 10.52
CA ILE A 980 16.71 -2.55 10.90
C ILE A 980 16.22 -3.36 12.09
N LEU A 981 16.41 -4.68 12.04
CA LEU A 981 15.92 -5.54 13.10
C LEU A 981 16.67 -5.33 14.41
N SER A 982 17.87 -4.77 14.35
CA SER A 982 18.65 -4.50 15.55
C SER A 982 18.48 -3.08 16.08
N ARG A 983 18.09 -2.13 15.22
CA ARG A 983 17.99 -0.73 15.62
C ARG A 983 16.59 -0.30 16.00
N LEU A 984 15.55 -0.95 15.50
CA LEU A 984 14.18 -0.51 15.71
C LEU A 984 13.34 -1.60 16.35
N ASP A 985 12.29 -1.17 17.04
CA ASP A 985 11.27 -1.99 17.66
C ASP A 985 10.17 -2.30 16.66
N PRO A 986 9.34 -3.31 16.92
CA PRO A 986 8.35 -3.78 15.92
C PRO A 986 7.52 -2.66 15.32
N PRO A 987 6.99 -1.69 16.12
CA PRO A 987 6.08 -0.69 15.53
C PRO A 987 6.64 0.04 14.31
N GLU A 988 7.95 0.22 14.23
CA GLU A 988 8.58 0.85 13.07
C GLU A 988 9.41 -0.13 12.25
N ALA A 989 9.99 -1.13 12.90
CA ALA A 989 10.69 -2.19 12.18
C ALA A 989 9.78 -2.85 11.16
N GLU A 990 8.51 -3.06 11.50
CA GLU A 990 7.63 -3.75 10.56
C GLU A 990 7.23 -2.85 9.40
N VAL A 991 7.21 -1.54 9.62
CA VAL A 991 6.99 -0.60 8.51
C VAL A 991 8.19 -0.64 7.56
N GLN A 992 9.40 -0.57 8.12
CA GLN A 992 10.59 -0.62 7.28
C GLN A 992 10.68 -1.94 6.52
N ILE A 993 10.34 -3.05 7.19
CA ILE A 993 10.39 -4.35 6.53
C ILE A 993 9.28 -4.47 5.50
N ASP A 994 8.13 -3.82 5.72
CA ASP A 994 7.12 -3.76 4.67
C ASP A 994 7.64 -3.05 3.44
N ARG A 995 8.35 -1.93 3.64
CA ARG A 995 8.95 -1.23 2.51
C ARG A 995 9.92 -2.13 1.76
N LEU A 996 10.80 -2.82 2.51
CA LEU A 996 11.77 -3.71 1.90
C LEU A 996 11.09 -4.86 1.15
N ILE A 997 10.05 -5.44 1.75
CA ILE A 997 9.35 -6.54 1.13
C ILE A 997 8.70 -6.09 -0.17
N THR A 998 8.06 -4.92 -0.15
CA THR A 998 7.44 -4.41 -1.38
C THR A 998 8.48 -4.22 -2.47
N GLY A 999 9.60 -3.57 -2.13
CA GLY A 999 10.63 -3.34 -3.13
C GLY A 999 11.21 -4.63 -3.69
N ARG A 1000 11.60 -5.54 -2.81
CA ARG A 1000 12.23 -6.78 -3.24
C ARG A 1000 11.25 -7.66 -4.01
N LEU A 1001 9.99 -7.67 -3.60
CA LEU A 1001 8.98 -8.44 -4.32
C LEU A 1001 8.73 -7.87 -5.71
N GLN A 1002 8.72 -6.54 -5.84
CA GLN A 1002 8.62 -5.94 -7.17
C GLN A 1002 9.82 -6.31 -8.03
N SER A 1003 11.01 -6.26 -7.47
CA SER A 1003 12.21 -6.65 -8.22
C SER A 1003 12.11 -8.11 -8.67
N LEU A 1004 11.69 -8.99 -7.76
CA LEU A 1004 11.57 -10.41 -8.08
C LEU A 1004 10.52 -10.63 -9.16
N GLN A 1005 9.39 -9.92 -9.08
CA GLN A 1005 8.36 -10.05 -10.10
C GLN A 1005 8.87 -9.61 -11.46
N THR A 1006 9.63 -8.51 -11.50
CA THR A 1006 10.22 -8.07 -12.76
C THR A 1006 11.16 -9.14 -13.31
N TYR A 1007 12.00 -9.71 -12.44
CA TYR A 1007 12.92 -10.76 -12.87
C TYR A 1007 12.15 -11.96 -13.42
N VAL A 1008 11.08 -12.36 -12.74
CA VAL A 1008 10.31 -13.52 -13.17
C VAL A 1008 9.63 -13.26 -14.50
N THR A 1009 9.10 -12.04 -14.69
CA THR A 1009 8.49 -11.71 -15.97
C THR A 1009 9.51 -11.75 -17.10
N GLN A 1010 10.71 -11.19 -16.86
CA GLN A 1010 11.76 -11.26 -17.87
C GLN A 1010 12.13 -12.71 -18.18
N GLN A 1011 12.23 -13.54 -17.14
CA GLN A 1011 12.55 -14.95 -17.34
C GLN A 1011 11.46 -15.66 -18.15
N LEU A 1012 10.20 -15.36 -17.86
CA LEU A 1012 9.09 -15.96 -18.60
C LEU A 1012 9.14 -15.57 -20.07
N ILE A 1013 9.34 -14.29 -20.35
CA ILE A 1013 9.38 -13.82 -21.74
C ILE A 1013 10.55 -14.46 -22.47
N ARG A 1014 11.72 -14.46 -21.85
CA ARG A 1014 12.90 -15.02 -22.49
C ARG A 1014 12.75 -16.51 -22.69
N ALA A 1015 12.08 -17.21 -21.76
CA ALA A 1015 11.85 -18.64 -21.93
C ALA A 1015 10.86 -18.91 -23.05
N ALA A 1016 9.86 -18.04 -23.22
CA ALA A 1016 8.97 -18.17 -24.37
C ALA A 1016 9.75 -18.02 -25.68
N GLU A 1017 10.63 -17.03 -25.74
CA GLU A 1017 11.49 -16.86 -26.92
C GLU A 1017 12.34 -18.10 -27.15
N ILE A 1018 12.99 -18.60 -26.10
CA ILE A 1018 13.88 -19.75 -26.23
C ILE A 1018 13.08 -20.99 -26.62
N ARG A 1019 11.82 -21.10 -26.19
CA ARG A 1019 11.01 -22.24 -26.58
C ARG A 1019 10.59 -22.15 -28.04
N ALA A 1020 10.30 -20.94 -28.52
CA ALA A 1020 10.06 -20.78 -29.95
C ALA A 1020 11.30 -21.18 -30.75
N SER A 1021 12.47 -20.74 -30.31
CA SER A 1021 13.70 -21.11 -31.00
C SER A 1021 13.95 -22.61 -30.96
N ALA A 1022 13.66 -23.24 -29.82
CA ALA A 1022 13.87 -24.68 -29.69
C ALA A 1022 12.88 -25.46 -30.55
N ASN A 1023 11.64 -24.99 -30.66
CA ASN A 1023 10.68 -25.63 -31.54
C ASN A 1023 11.11 -25.52 -32.99
N LEU A 1024 11.64 -24.34 -33.38
CA LEU A 1024 12.17 -24.18 -34.72
C LEU A 1024 13.34 -25.13 -34.96
N ALA A 1025 14.23 -25.26 -33.98
CA ALA A 1025 15.38 -26.14 -34.11
C ALA A 1025 14.96 -27.60 -34.21
N ALA A 1026 13.95 -28.00 -33.43
CA ALA A 1026 13.44 -29.36 -33.53
C ALA A 1026 12.82 -29.61 -34.90
N THR A 1027 12.05 -28.65 -35.41
CA THR A 1027 11.51 -28.79 -36.76
C THR A 1027 12.63 -28.95 -37.78
N LYS A 1028 13.69 -28.15 -37.64
CA LYS A 1028 14.83 -28.27 -38.55
C LYS A 1028 15.48 -29.65 -38.44
N MET A 1029 15.64 -30.16 -37.22
CA MET A 1029 16.24 -31.47 -37.05
C MET A 1029 15.36 -32.54 -37.71
N SER A 1030 14.04 -32.33 -37.67
CA SER A 1030 13.14 -33.30 -38.27
C SER A 1030 13.24 -33.28 -39.79
N GLU A 1031 13.24 -32.08 -40.39
CA GLU A 1031 13.13 -31.93 -41.84
C GLU A 1031 14.45 -31.69 -42.55
N CYS A 1032 15.56 -31.62 -41.84
CA CYS A 1032 16.86 -31.30 -42.45
C CYS A 1032 17.86 -32.43 -42.31
N VAL A 1033 18.06 -32.97 -41.10
CA VAL A 1033 18.94 -34.12 -40.93
C VAL A 1033 18.20 -35.42 -41.25
N LEU A 1034 17.07 -35.65 -40.60
CA LEU A 1034 16.32 -36.90 -40.77
C LEU A 1034 15.68 -37.03 -42.15
N GLY A 1035 15.62 -35.95 -42.93
CA GLY A 1035 15.08 -36.05 -44.27
C GLY A 1035 15.74 -35.12 -45.27
N GLN A 1036 15.11 -34.92 -46.41
CA GLN A 1036 15.57 -33.96 -47.41
C GLN A 1036 14.50 -32.90 -47.59
N SER A 1037 14.83 -31.66 -47.25
CA SER A 1037 13.86 -30.57 -47.27
C SER A 1037 13.83 -29.94 -48.65
N LYS A 1038 12.63 -29.74 -49.18
CA LYS A 1038 12.43 -29.01 -50.42
C LYS A 1038 12.16 -27.52 -50.16
N ARG A 1039 12.06 -27.11 -48.91
CA ARG A 1039 11.88 -25.71 -48.57
C ARG A 1039 13.14 -24.92 -48.87
N VAL A 1040 12.98 -23.82 -49.61
CA VAL A 1040 14.12 -23.02 -50.05
C VAL A 1040 14.67 -22.21 -48.88
N ASP A 1041 15.99 -22.21 -48.75
CA ASP A 1041 16.71 -21.39 -47.76
C ASP A 1041 16.29 -21.69 -46.33
N PHE A 1042 15.62 -22.81 -46.08
CA PHE A 1042 15.29 -23.21 -44.72
C PHE A 1042 16.45 -23.93 -44.06
N CYS A 1043 17.39 -24.42 -44.88
CA CYS A 1043 18.56 -25.19 -44.44
C CYS A 1043 19.79 -24.68 -45.16
N GLY A 1044 19.97 -23.36 -45.15
CA GLY A 1044 21.13 -22.75 -45.75
C GLY A 1044 20.84 -22.27 -47.16
N LYS A 1045 21.53 -21.20 -47.57
CA LYS A 1045 21.36 -20.66 -48.90
C LYS A 1045 21.74 -21.71 -49.95
N GLY A 1046 20.92 -21.79 -50.99
CA GLY A 1046 21.08 -22.79 -52.03
C GLY A 1046 20.17 -23.99 -51.79
N TYR A 1047 20.32 -24.97 -52.67
CA TYR A 1047 19.53 -26.19 -52.57
C TYR A 1047 20.11 -27.12 -51.51
N HIS A 1048 19.22 -27.74 -50.74
CA HIS A 1048 19.62 -28.49 -49.57
C HIS A 1048 20.04 -29.91 -49.94
N LEU A 1049 21.26 -30.28 -49.57
CA LEU A 1049 21.73 -31.65 -49.72
C LEU A 1049 21.55 -32.46 -48.44
N MET A 1050 22.02 -31.94 -47.31
CA MET A 1050 21.85 -32.61 -46.03
C MET A 1050 22.31 -31.66 -44.92
N SER A 1051 22.23 -32.15 -43.68
CA SER A 1051 22.69 -31.39 -42.54
C SER A 1051 23.22 -32.34 -41.48
N PHE A 1052 24.09 -31.81 -40.62
CA PHE A 1052 24.68 -32.58 -39.54
C PHE A 1052 24.56 -31.81 -38.24
N PRO A 1053 23.99 -32.39 -37.19
CA PRO A 1053 23.92 -31.69 -35.91
C PRO A 1053 25.23 -31.76 -35.13
N GLN A 1054 25.39 -30.79 -34.23
CA GLN A 1054 26.49 -30.77 -33.26
C GLN A 1054 25.98 -30.15 -31.97
N SER A 1055 26.34 -30.76 -30.85
CA SER A 1055 25.97 -30.20 -29.56
C SER A 1055 26.76 -28.92 -29.30
N ALA A 1056 26.23 -28.09 -28.38
CA ALA A 1056 26.94 -26.91 -27.93
C ALA A 1056 26.33 -26.47 -26.61
N PRO A 1057 27.08 -25.72 -25.79
CA PRO A 1057 26.54 -25.30 -24.49
C PRO A 1057 25.20 -24.59 -24.63
N HIS A 1058 24.15 -25.24 -24.12
CA HIS A 1058 22.79 -24.71 -24.17
C HIS A 1058 22.32 -24.45 -25.60
N GLY A 1059 22.70 -25.31 -26.53
CA GLY A 1059 22.27 -25.09 -27.89
C GLY A 1059 22.77 -26.14 -28.85
N VAL A 1060 22.36 -25.99 -30.11
CA VAL A 1060 22.75 -26.88 -31.19
C VAL A 1060 23.33 -26.06 -32.33
N VAL A 1061 24.14 -26.72 -33.15
CA VAL A 1061 24.80 -26.10 -34.29
C VAL A 1061 24.63 -27.06 -35.48
N PHE A 1062 23.96 -26.59 -36.52
CA PHE A 1062 23.74 -27.39 -37.72
C PHE A 1062 24.77 -27.01 -38.76
N LEU A 1063 25.38 -28.03 -39.37
CA LEU A 1063 26.21 -27.87 -40.56
C LEU A 1063 25.36 -28.24 -41.77
N HIS A 1064 24.95 -27.24 -42.55
CA HIS A 1064 24.11 -27.44 -43.72
C HIS A 1064 25.00 -27.62 -44.94
N VAL A 1065 25.01 -28.83 -45.50
CA VAL A 1065 25.70 -29.11 -46.75
C VAL A 1065 24.72 -28.85 -47.88
N THR A 1066 25.04 -27.88 -48.73
CA THR A 1066 24.17 -27.40 -49.80
C THR A 1066 24.93 -27.33 -51.10
N TYR A 1067 24.17 -27.35 -52.20
CA TYR A 1067 24.70 -27.37 -53.55
C TYR A 1067 24.44 -26.00 -54.18
N VAL A 1068 25.51 -25.34 -54.62
CA VAL A 1068 25.44 -23.98 -55.12
C VAL A 1068 26.01 -23.96 -56.53
N PRO A 1069 25.27 -23.53 -57.54
CA PRO A 1069 25.85 -23.41 -58.88
C PRO A 1069 27.00 -22.41 -58.90
N ALA A 1070 28.05 -22.75 -59.66
CA ALA A 1070 29.29 -21.99 -59.64
C ALA A 1070 29.59 -21.34 -60.99
N GLN A 1071 29.68 -22.12 -62.07
CA GLN A 1071 30.10 -21.64 -63.37
C GLN A 1071 28.94 -21.79 -64.34
N GLU A 1072 28.56 -20.69 -64.99
CA GLU A 1072 27.39 -20.66 -65.84
C GLU A 1072 27.76 -20.19 -67.24
N LYS A 1073 26.95 -20.60 -68.21
CA LYS A 1073 27.13 -20.22 -69.61
C LYS A 1073 25.82 -19.74 -70.20
N ASN A 1074 25.93 -18.76 -71.10
CA ASN A 1074 24.79 -18.27 -71.87
C ASN A 1074 24.49 -19.22 -73.02
N PHE A 1075 23.23 -19.63 -73.14
CA PHE A 1075 22.78 -20.43 -74.27
C PHE A 1075 21.52 -19.80 -74.85
N THR A 1076 21.27 -20.10 -76.12
CA THR A 1076 20.05 -19.66 -76.79
C THR A 1076 18.96 -20.69 -76.53
N THR A 1077 17.84 -20.24 -75.99
CA THR A 1077 16.77 -21.13 -75.54
C THR A 1077 15.52 -20.94 -76.40
N ALA A 1078 14.54 -21.81 -76.15
CA ALA A 1078 13.30 -21.79 -76.89
C ALA A 1078 12.25 -22.53 -76.09
N PRO A 1079 11.01 -22.02 -76.01
CA PRO A 1079 9.99 -22.71 -75.21
C PRO A 1079 9.67 -24.11 -75.71
N ALA A 1080 9.75 -24.33 -77.02
CA ALA A 1080 9.40 -25.62 -77.61
C ALA A 1080 10.10 -25.68 -78.97
N ILE A 1081 10.14 -26.89 -79.52
CA ILE A 1081 10.75 -27.11 -80.83
C ILE A 1081 9.73 -27.76 -81.76
N CYS A 1082 9.66 -27.23 -82.99
CA CYS A 1082 8.76 -27.72 -84.02
C CYS A 1082 9.53 -28.64 -84.95
N HIS A 1083 9.10 -29.91 -85.03
CA HIS A 1083 9.82 -30.89 -85.83
C HIS A 1083 9.09 -31.29 -87.10
N ASP A 1084 7.86 -31.79 -86.99
CA ASP A 1084 7.09 -32.24 -88.15
C ASP A 1084 5.72 -31.60 -88.18
N GLY A 1085 5.64 -30.34 -87.77
CA GLY A 1085 4.37 -29.67 -87.58
C GLY A 1085 3.78 -29.87 -86.20
N LYS A 1086 4.24 -30.87 -85.47
CA LYS A 1086 3.84 -31.11 -84.09
C LYS A 1086 4.80 -30.39 -83.14
N ALA A 1087 4.30 -30.05 -81.95
CA ALA A 1087 5.08 -29.36 -80.95
C ALA A 1087 5.65 -30.37 -79.96
N HIS A 1088 6.94 -30.27 -79.70
CA HIS A 1088 7.65 -31.17 -78.79
C HIS A 1088 8.11 -30.38 -77.56
N PHE A 1089 7.68 -30.83 -76.38
CA PHE A 1089 8.08 -30.20 -75.14
C PHE A 1089 8.99 -31.12 -74.34
N PRO A 1090 9.89 -30.57 -73.52
CA PRO A 1090 10.80 -31.43 -72.74
C PRO A 1090 10.07 -32.07 -71.58
N ARG A 1091 10.27 -33.38 -71.41
CA ARG A 1091 9.63 -34.09 -70.32
C ARG A 1091 10.09 -33.54 -68.97
N GLU A 1092 11.39 -33.31 -68.84
CA GLU A 1092 11.95 -32.71 -67.62
C GLU A 1092 13.26 -32.06 -68.01
N GLY A 1093 13.33 -30.74 -67.97
CA GLY A 1093 14.50 -30.05 -68.46
C GLY A 1093 14.21 -28.85 -69.35
N VAL A 1094 15.17 -28.52 -70.22
CA VAL A 1094 15.08 -27.32 -71.04
C VAL A 1094 15.89 -27.53 -72.32
N PHE A 1095 15.39 -26.98 -73.42
CA PHE A 1095 16.12 -26.98 -74.67
C PHE A 1095 17.11 -25.83 -74.68
N VAL A 1096 18.35 -26.12 -75.09
CA VAL A 1096 19.38 -25.11 -75.23
C VAL A 1096 20.09 -25.31 -76.56
N SER A 1097 20.81 -24.27 -76.97
CA SER A 1097 21.62 -24.32 -78.18
C SER A 1097 22.90 -23.55 -77.95
N ASN A 1098 24.03 -24.18 -78.24
CA ASN A 1098 25.33 -23.53 -78.18
C ASN A 1098 25.65 -22.74 -79.44
N GLY A 1099 24.69 -22.59 -80.34
CA GLY A 1099 24.88 -21.83 -81.55
C GLY A 1099 24.52 -22.61 -82.79
N THR A 1100 24.78 -23.91 -82.77
CA THR A 1100 24.51 -24.78 -83.92
C THR A 1100 23.51 -25.87 -83.61
N HIS A 1101 23.73 -26.66 -82.56
CA HIS A 1101 22.90 -27.82 -82.27
C HIS A 1101 22.03 -27.59 -81.04
N TRP A 1102 20.87 -28.23 -81.03
CA TRP A 1102 19.91 -28.11 -79.94
C TRP A 1102 19.97 -29.37 -79.09
N PHE A 1103 20.26 -29.20 -77.81
CA PHE A 1103 20.23 -30.29 -76.84
C PHE A 1103 19.16 -30.01 -75.79
N VAL A 1104 18.86 -31.04 -74.99
CA VAL A 1104 17.97 -30.90 -73.84
C VAL A 1104 18.74 -31.29 -72.59
N THR A 1105 18.77 -30.37 -71.61
CA THR A 1105 19.51 -30.59 -70.38
C THR A 1105 18.58 -30.45 -69.17
N GLN A 1106 19.10 -30.86 -68.01
CA GLN A 1106 18.46 -30.55 -66.75
C GLN A 1106 18.77 -29.11 -66.34
N ARG A 1107 17.87 -28.53 -65.53
CA ARG A 1107 17.94 -27.10 -65.26
C ARG A 1107 19.15 -26.71 -64.44
N ASN A 1108 19.60 -27.56 -63.52
CA ASN A 1108 20.59 -27.17 -62.53
C ASN A 1108 21.99 -27.68 -62.84
N PHE A 1109 22.20 -28.27 -64.02
CA PHE A 1109 23.52 -28.79 -64.39
C PHE A 1109 23.56 -29.01 -65.89
N TYR A 1110 24.49 -28.35 -66.57
CA TYR A 1110 24.57 -28.44 -68.03
C TYR A 1110 25.10 -29.81 -68.42
N GLU A 1111 24.19 -30.70 -68.83
CA GLU A 1111 24.54 -32.04 -69.31
C GLU A 1111 23.78 -32.25 -70.61
N PRO A 1112 24.27 -31.69 -71.71
CA PRO A 1112 23.49 -31.72 -72.95
C PRO A 1112 23.33 -33.12 -73.48
N GLN A 1113 22.19 -33.36 -74.13
CA GLN A 1113 21.87 -34.65 -74.71
C GLN A 1113 21.09 -34.44 -76.00
N ILE A 1114 21.31 -35.35 -76.96
CA ILE A 1114 20.57 -35.32 -78.21
C ILE A 1114 19.07 -35.34 -77.91
N ILE A 1115 18.30 -34.63 -78.72
CA ILE A 1115 16.85 -34.58 -78.54
C ILE A 1115 16.23 -35.79 -79.22
N THR A 1116 15.51 -36.60 -78.46
CA THR A 1116 14.86 -37.81 -78.96
C THR A 1116 13.43 -37.86 -78.44
N THR A 1117 12.67 -38.82 -78.96
CA THR A 1117 11.28 -39.02 -78.56
C THR A 1117 11.16 -39.58 -77.14
N ASP A 1118 12.26 -39.90 -76.47
CA ASP A 1118 12.21 -40.34 -75.08
C ASP A 1118 12.49 -39.24 -74.09
N ASN A 1119 13.24 -38.21 -74.49
CA ASN A 1119 13.44 -37.04 -73.64
C ASN A 1119 12.29 -36.04 -73.75
N THR A 1120 11.57 -36.05 -74.87
CA THR A 1120 10.55 -35.07 -75.16
C THR A 1120 9.23 -35.77 -75.41
N PHE A 1121 8.14 -35.06 -75.13
CA PHE A 1121 6.79 -35.56 -75.41
C PHE A 1121 6.07 -34.59 -76.33
N VAL A 1122 5.17 -35.14 -77.16
CA VAL A 1122 4.46 -34.39 -78.17
C VAL A 1122 3.10 -33.98 -77.62
N SER A 1123 2.70 -32.73 -77.88
CA SER A 1123 1.39 -32.24 -77.46
C SER A 1123 1.04 -31.05 -78.33
N GLY A 1124 0.07 -31.22 -79.23
CA GLY A 1124 -0.44 -30.14 -80.03
C GLY A 1124 0.36 -29.93 -81.31
N ASN A 1125 0.50 -28.67 -81.73
CA ASN A 1125 1.24 -28.37 -82.95
C ASN A 1125 1.97 -27.03 -82.74
N CYS A 1126 2.55 -26.52 -83.83
CA CYS A 1126 3.46 -25.39 -83.78
C CYS A 1126 2.77 -24.05 -83.93
N ASP A 1127 1.47 -24.02 -84.17
CA ASP A 1127 0.76 -22.77 -84.44
C ASP A 1127 0.31 -22.07 -83.16
N VAL A 1128 0.51 -22.67 -82.00
CA VAL A 1128 0.05 -22.13 -80.74
C VAL A 1128 1.21 -21.56 -79.91
N VAL A 1129 2.34 -22.28 -79.86
CA VAL A 1129 3.48 -21.82 -79.10
C VAL A 1129 4.09 -20.59 -79.76
N ILE A 1130 4.57 -19.65 -78.94
CA ILE A 1130 5.19 -18.41 -79.41
C ILE A 1130 6.68 -18.52 -79.16
N GLY A 1131 7.46 -18.47 -80.23
CA GLY A 1131 8.90 -18.64 -80.15
C GLY A 1131 9.40 -20.02 -80.47
N ILE A 1132 8.59 -20.88 -81.08
CA ILE A 1132 9.01 -22.24 -81.40
C ILE A 1132 10.04 -22.19 -82.53
N VAL A 1133 10.96 -23.15 -82.51
CA VAL A 1133 12.01 -23.24 -83.51
C VAL A 1133 11.93 -24.59 -84.20
N ASN A 1134 12.73 -24.75 -85.24
CA ASN A 1134 12.78 -25.97 -86.04
C ASN A 1134 14.06 -26.74 -85.77
N ASN A 1135 13.95 -28.05 -85.68
CA ASN A 1135 15.10 -28.94 -85.46
C ASN A 1135 14.65 -30.37 -85.77
N THR A 1136 15.53 -31.33 -85.51
CA THR A 1136 15.28 -32.73 -85.76
C THR A 1136 15.13 -33.47 -84.43
N VAL A 1137 14.07 -34.27 -84.32
CA VAL A 1137 13.86 -35.15 -83.18
C VAL A 1137 14.23 -36.56 -83.60
N TYR A 1138 15.27 -37.11 -82.98
CA TYR A 1138 15.81 -38.39 -83.41
C TYR A 1138 14.98 -39.54 -82.84
N ASP A 1139 14.69 -40.52 -83.70
CA ASP A 1139 13.90 -41.67 -83.30
C ASP A 1139 14.83 -42.83 -83.00
N PRO A 1140 14.81 -43.39 -81.78
CA PRO A 1140 15.65 -44.57 -81.50
C PRO A 1140 15.24 -45.77 -82.31
N LEU A 1141 14.04 -45.77 -82.90
CA LEU A 1141 13.49 -46.93 -83.57
C LEU A 1141 13.92 -47.04 -85.03
N GLN A 1142 14.10 -45.92 -85.72
CA GLN A 1142 14.41 -45.95 -87.14
C GLN A 1142 15.70 -46.71 -87.46
N PRO A 1143 16.82 -46.49 -86.77
CA PRO A 1143 18.03 -47.28 -87.10
C PRO A 1143 17.82 -48.78 -86.98
N GLU A 1144 17.04 -49.22 -86.00
CA GLU A 1144 16.80 -50.65 -85.82
C GLU A 1144 16.12 -51.25 -87.05
N LEU A 1145 15.10 -50.58 -87.57
CA LEU A 1145 14.45 -51.04 -88.79
C LEU A 1145 15.40 -50.93 -89.99
N ASP A 1146 16.21 -49.86 -90.03
CA ASP A 1146 17.15 -49.68 -91.13
C ASP A 1146 18.16 -50.81 -91.19
N SER A 1147 18.68 -51.23 -90.04
CA SER A 1147 19.64 -52.33 -89.98
C SER A 1147 18.93 -53.67 -89.81
N ALA B 27 -46.55 22.51 -15.32
CA ALA B 27 -45.96 22.45 -16.64
C ALA B 27 -44.50 22.00 -16.56
N TYR B 28 -44.13 21.05 -17.42
CA TYR B 28 -42.79 20.49 -17.45
C TYR B 28 -42.24 20.58 -18.87
N THR B 29 -40.92 20.67 -18.97
CA THR B 29 -40.25 20.79 -20.25
C THR B 29 -38.99 19.93 -20.23
N ASN B 30 -38.55 19.54 -21.43
CA ASN B 30 -37.34 18.76 -21.60
C ASN B 30 -36.08 19.60 -21.35
N SER B 31 -35.00 18.91 -20.98
CA SER B 31 -33.73 19.55 -20.63
C SER B 31 -32.62 18.99 -21.51
N PHE B 32 -32.83 19.03 -22.83
CA PHE B 32 -32.12 18.20 -23.80
C PHE B 32 -30.64 18.03 -23.50
N THR B 33 -29.88 19.14 -23.55
CA THR B 33 -28.45 19.09 -23.30
C THR B 33 -27.96 20.29 -22.48
N ARG B 34 -28.86 21.08 -21.90
CA ARG B 34 -28.51 22.25 -21.14
C ARG B 34 -27.95 21.86 -19.77
N GLY B 35 -27.30 22.83 -19.11
CA GLY B 35 -26.74 22.60 -17.80
C GLY B 35 -25.29 22.18 -17.74
N VAL B 36 -24.50 22.48 -18.77
CA VAL B 36 -23.08 22.13 -18.78
C VAL B 36 -22.28 23.36 -18.42
N TYR B 37 -21.31 23.18 -17.51
CA TYR B 37 -20.44 24.26 -17.05
C TYR B 37 -19.01 23.75 -16.99
N TYR B 38 -18.07 24.67 -16.83
CA TYR B 38 -16.67 24.30 -16.69
C TYR B 38 -16.45 23.76 -15.28
N PRO B 39 -16.06 22.50 -15.12
CA PRO B 39 -15.97 21.93 -13.76
C PRO B 39 -14.94 22.61 -12.87
N ASP B 40 -13.89 23.18 -13.45
CA ASP B 40 -12.85 23.84 -12.68
C ASP B 40 -12.45 25.12 -13.42
N LYS B 41 -11.36 25.74 -12.96
CA LYS B 41 -10.86 26.98 -13.52
C LYS B 41 -9.46 26.79 -14.07
N VAL B 42 -9.22 25.62 -14.66
CA VAL B 42 -7.96 25.29 -15.30
C VAL B 42 -8.19 25.21 -16.80
N PHE B 43 -7.26 25.76 -17.59
CA PHE B 43 -7.43 25.85 -19.03
C PHE B 43 -6.99 24.56 -19.71
N ARG B 44 -7.91 23.96 -20.46
CA ARG B 44 -7.61 22.81 -21.30
C ARG B 44 -8.10 23.09 -22.72
N SER B 45 -7.37 22.56 -23.70
CA SER B 45 -7.71 22.78 -25.10
C SER B 45 -7.49 21.50 -25.90
N SER B 46 -8.39 21.24 -26.84
CA SER B 46 -8.30 20.09 -27.75
C SER B 46 -8.05 18.80 -26.97
N VAL B 47 -8.99 18.45 -26.11
CA VAL B 47 -8.83 17.27 -25.28
C VAL B 47 -10.21 16.80 -24.82
N LEU B 48 -10.36 15.48 -24.69
CA LEU B 48 -11.55 14.89 -24.10
C LEU B 48 -11.24 14.53 -22.66
N HIS B 49 -11.90 15.21 -21.72
CA HIS B 49 -11.61 15.05 -20.31
C HIS B 49 -12.86 14.59 -19.57
N SER B 50 -12.69 13.64 -18.65
CA SER B 50 -13.81 13.07 -17.91
C SER B 50 -13.77 13.52 -16.47
N THR B 51 -14.94 13.90 -15.94
CA THR B 51 -15.04 14.36 -14.56
C THR B 51 -16.46 14.16 -14.07
N GLN B 52 -16.60 13.83 -12.79
CA GLN B 52 -17.91 13.65 -12.17
C GLN B 52 -18.12 14.73 -11.13
N ASP B 53 -19.27 15.38 -11.21
CA ASP B 53 -19.75 16.46 -10.33
C ASP B 53 -21.27 16.58 -10.52
N LEU B 54 -21.84 17.63 -9.95
CA LEU B 54 -23.27 17.92 -10.09
C LEU B 54 -23.51 18.61 -11.41
N PHE B 55 -24.14 17.90 -12.34
CA PHE B 55 -24.53 18.43 -13.63
C PHE B 55 -26.03 18.22 -13.83
N LEU B 56 -26.60 18.96 -14.76
CA LEU B 56 -28.01 18.78 -15.09
C LEU B 56 -28.19 17.60 -16.02
N PRO B 57 -28.90 16.55 -15.60
CA PRO B 57 -29.07 15.37 -16.46
C PRO B 57 -29.79 15.74 -17.76
N PHE B 58 -29.33 15.15 -18.86
CA PHE B 58 -29.91 15.44 -20.17
C PHE B 58 -31.37 15.00 -20.21
N PHE B 59 -32.18 15.80 -20.91
CA PHE B 59 -33.59 15.48 -21.13
C PHE B 59 -34.35 15.31 -19.82
N SER B 60 -34.00 16.12 -18.82
CA SER B 60 -34.72 16.09 -17.56
C SER B 60 -35.99 16.93 -17.63
N ASN B 61 -36.88 16.69 -16.67
CA ASN B 61 -38.05 17.54 -16.48
C ASN B 61 -37.66 18.82 -15.74
N VAL B 62 -38.02 19.96 -16.33
CA VAL B 62 -37.88 21.25 -15.67
C VAL B 62 -39.26 21.87 -15.56
N THR B 63 -39.66 22.25 -14.35
CA THR B 63 -40.97 22.85 -14.15
C THR B 63 -41.05 24.20 -14.85
N TRP B 64 -42.17 24.44 -15.53
CA TRP B 64 -42.44 25.71 -16.18
C TRP B 64 -43.52 26.46 -15.41
N PHE B 65 -43.18 27.64 -14.90
CA PHE B 65 -44.11 28.45 -14.14
C PHE B 65 -44.60 29.62 -14.98
N HIS B 66 -45.52 30.39 -14.41
CA HIS B 66 -46.09 31.55 -15.08
C HIS B 66 -46.40 32.68 -14.09
N ASN B 81 -45.15 33.69 -6.98
CA ASN B 81 -43.80 33.21 -6.68
C ASN B 81 -43.80 32.26 -5.49
N PRO B 82 -43.75 30.95 -5.77
CA PRO B 82 -43.74 29.96 -4.69
C PRO B 82 -42.33 29.54 -4.30
N VAL B 83 -42.24 28.99 -3.09
CA VAL B 83 -40.97 28.50 -2.57
C VAL B 83 -40.64 27.16 -3.21
N LEU B 84 -39.36 26.95 -3.50
CA LEU B 84 -38.92 25.73 -4.17
C LEU B 84 -37.75 25.13 -3.39
N PRO B 85 -37.56 23.82 -3.48
CA PRO B 85 -36.42 23.19 -2.81
C PRO B 85 -35.09 23.53 -3.49
N PHE B 86 -34.01 23.15 -2.81
CA PHE B 86 -32.65 23.33 -3.29
C PHE B 86 -31.86 22.04 -3.06
N ASN B 87 -32.44 20.93 -3.52
CA ASN B 87 -31.99 19.57 -3.17
C ASN B 87 -30.47 19.41 -3.14
N ASP B 88 -29.81 19.61 -4.28
CA ASP B 88 -28.35 19.59 -4.31
C ASP B 88 -27.81 20.78 -5.10
N GLY B 89 -28.59 21.27 -6.06
CA GLY B 89 -28.18 22.37 -6.90
C GLY B 89 -29.25 22.69 -7.91
N VAL B 90 -29.33 23.95 -8.34
CA VAL B 90 -30.43 24.41 -9.19
C VAL B 90 -29.88 24.98 -10.48
N TYR B 91 -30.38 24.48 -11.61
CA TYR B 91 -30.20 25.13 -12.90
C TYR B 91 -31.47 25.97 -13.15
N PHE B 92 -31.31 27.28 -13.12
CA PHE B 92 -32.44 28.21 -13.25
C PHE B 92 -32.27 28.97 -14.56
N ALA B 93 -33.17 28.71 -15.51
CA ALA B 93 -33.16 29.40 -16.79
C ALA B 93 -34.32 30.39 -16.85
N SER B 94 -34.13 31.48 -17.60
CA SER B 94 -35.17 32.49 -17.71
C SER B 94 -35.13 33.17 -19.07
N THR B 95 -36.27 33.19 -19.74
CA THR B 95 -36.46 33.99 -20.94
C THR B 95 -37.36 35.17 -20.59
N GLU B 96 -36.88 36.38 -20.86
CA GLU B 96 -37.59 37.59 -20.46
C GLU B 96 -37.17 38.73 -21.36
N LYS B 97 -38.01 39.77 -21.38
CA LYS B 97 -37.71 41.01 -22.08
C LYS B 97 -37.92 42.26 -21.24
N SER B 98 -38.56 42.15 -20.07
CA SER B 98 -38.83 43.30 -19.21
C SER B 98 -38.09 43.25 -17.89
N ASN B 99 -37.22 42.25 -17.66
CA ASN B 99 -36.42 42.16 -16.44
C ASN B 99 -37.31 42.10 -15.19
N ILE B 100 -38.32 41.24 -15.23
CA ILE B 100 -39.21 41.08 -14.09
C ILE B 100 -38.46 40.50 -12.89
N ILE B 101 -37.66 39.46 -13.13
CA ILE B 101 -36.87 38.87 -12.06
C ILE B 101 -35.79 39.86 -11.62
N ARG B 102 -35.60 39.96 -10.31
CA ARG B 102 -34.64 40.91 -9.76
C ARG B 102 -33.63 40.21 -8.83
N GLY B 103 -34.09 39.21 -8.10
CA GLY B 103 -33.25 38.60 -7.09
C GLY B 103 -33.65 37.17 -6.80
N TRP B 104 -32.91 36.58 -5.86
CA TRP B 104 -33.20 35.26 -5.33
C TRP B 104 -32.96 35.27 -3.82
N ILE B 105 -33.68 34.39 -3.12
CA ILE B 105 -33.49 34.18 -1.68
C ILE B 105 -33.32 32.69 -1.42
N PHE B 106 -32.28 32.33 -0.68
CA PHE B 106 -31.97 30.96 -0.38
C PHE B 106 -31.93 30.76 1.14
N GLY B 107 -32.29 29.56 1.57
CA GLY B 107 -32.24 29.23 2.98
C GLY B 107 -33.01 27.96 3.28
N THR B 108 -33.22 27.72 4.56
CA THR B 108 -33.99 26.59 5.04
C THR B 108 -35.38 26.97 5.53
N THR B 109 -35.46 27.94 6.45
CA THR B 109 -36.73 28.42 6.96
C THR B 109 -37.21 29.71 6.31
N LEU B 110 -36.31 30.47 5.68
CA LEU B 110 -36.65 31.74 5.03
C LEU B 110 -37.30 32.72 6.01
N ASP B 111 -36.88 32.66 7.28
CA ASP B 111 -37.35 33.58 8.31
C ASP B 111 -36.24 33.73 9.34
N SER B 112 -36.49 34.57 10.35
CA SER B 112 -35.50 34.85 11.38
C SER B 112 -35.13 33.61 12.19
N LYS B 113 -34.18 33.79 13.11
CA LYS B 113 -33.53 32.79 13.96
C LYS B 113 -32.46 32.03 13.20
N THR B 114 -32.27 32.29 11.91
CA THR B 114 -31.21 31.70 11.11
C THR B 114 -30.83 32.68 10.02
N GLN B 115 -29.68 32.42 9.39
CA GLN B 115 -29.23 33.24 8.28
C GLN B 115 -29.84 32.73 6.97
N SER B 116 -29.89 33.63 5.98
CA SER B 116 -30.45 33.29 4.68
C SER B 116 -29.82 34.19 3.62
N LEU B 117 -29.48 33.59 2.49
CA LEU B 117 -28.84 34.34 1.41
C LEU B 117 -29.87 35.14 0.64
N LEU B 118 -29.50 36.37 0.27
CA LEU B 118 -30.34 37.25 -0.54
C LEU B 118 -29.48 37.94 -1.59
N ILE B 119 -29.84 37.77 -2.86
CA ILE B 119 -29.18 38.44 -3.97
C ILE B 119 -30.23 39.29 -4.66
N VAL B 120 -29.92 40.58 -4.87
CA VAL B 120 -30.87 41.52 -5.46
C VAL B 120 -30.15 42.50 -6.38
N ASN B 121 -30.63 42.61 -7.63
CA ASN B 121 -30.10 43.58 -8.58
C ASN B 121 -30.95 44.85 -8.43
N ASN B 122 -30.36 45.94 -7.94
CA ASN B 122 -31.15 47.15 -7.78
C ASN B 122 -31.42 47.81 -9.12
N ALA B 123 -30.44 48.53 -9.66
CA ALA B 123 -30.58 49.12 -10.99
C ALA B 123 -29.22 49.29 -11.65
N THR B 124 -28.15 49.30 -10.84
CA THR B 124 -26.79 49.43 -11.34
C THR B 124 -25.79 48.61 -10.53
N ASN B 125 -26.24 47.84 -9.54
CA ASN B 125 -25.34 47.07 -8.70
C ASN B 125 -26.12 45.95 -8.03
N VAL B 126 -25.51 44.77 -7.99
CA VAL B 126 -26.09 43.62 -7.32
C VAL B 126 -25.57 43.58 -5.89
N VAL B 127 -26.49 43.44 -4.94
CA VAL B 127 -26.21 43.37 -3.52
C VAL B 127 -26.50 41.96 -3.04
N ILE B 128 -25.53 41.35 -2.38
CA ILE B 128 -25.64 39.99 -1.87
C ILE B 128 -25.34 40.03 -0.37
N LYS B 129 -26.26 39.48 0.41
CA LYS B 129 -26.16 39.51 1.87
C LYS B 129 -26.62 38.17 2.44
N VAL B 130 -26.21 37.90 3.67
CA VAL B 130 -26.56 36.65 4.33
C VAL B 130 -27.13 36.93 5.71
N CYS B 131 -27.76 38.10 5.86
CA CYS B 131 -28.32 38.49 7.14
C CYS B 131 -29.42 37.52 7.59
N GLU B 132 -29.78 37.61 8.87
CA GLU B 132 -30.90 36.85 9.43
C GLU B 132 -32.19 37.57 9.09
N PHE B 133 -32.64 37.39 7.85
CA PHE B 133 -33.76 38.17 7.34
C PHE B 133 -35.08 37.67 7.92
N GLN B 134 -36.01 38.60 8.11
CA GLN B 134 -37.39 38.27 8.45
C GLN B 134 -38.23 38.53 7.19
N PHE B 135 -38.34 37.52 6.33
CA PHE B 135 -39.03 37.69 5.07
C PHE B 135 -40.54 37.76 5.26
N CYS B 136 -41.21 38.42 4.31
CA CYS B 136 -42.66 38.47 4.27
C CYS B 136 -43.20 37.18 3.67
N ASN B 137 -44.52 36.98 3.81
CA ASN B 137 -45.14 35.79 3.23
C ASN B 137 -44.98 35.78 1.71
N ASP B 138 -45.19 36.92 1.07
CA ASP B 138 -45.05 37.06 -0.38
C ASP B 138 -44.19 38.30 -0.67
N PRO B 139 -42.88 38.22 -0.42
CA PRO B 139 -42.04 39.41 -0.58
C PRO B 139 -41.93 39.85 -2.03
N PHE B 140 -41.78 41.16 -2.21
CA PHE B 140 -41.61 41.77 -3.53
C PHE B 140 -41.23 43.24 -3.33
N LEU B 141 -40.94 43.90 -4.44
CA LEU B 141 -40.56 45.32 -4.43
C LEU B 141 -41.73 46.20 -4.85
N GLY B 142 -41.57 47.50 -4.59
CA GLY B 142 -42.61 48.45 -4.96
C GLY B 142 -42.20 49.40 -6.06
N VAL B 143 -41.59 48.87 -7.11
CA VAL B 143 -41.15 49.66 -8.26
C VAL B 143 -42.30 50.47 -8.84
N SER B 155 -38.48 53.18 -6.51
CA SER B 155 -38.28 51.77 -6.20
C SER B 155 -38.30 51.54 -4.69
N GLU B 156 -39.36 50.89 -4.21
CA GLU B 156 -39.51 50.61 -2.79
C GLU B 156 -38.71 49.36 -2.41
N PHE B 157 -38.67 49.08 -1.11
CA PHE B 157 -37.94 47.94 -0.55
C PHE B 157 -38.88 47.30 0.48
N ARG B 158 -39.76 46.41 0.01
CA ARG B 158 -40.69 45.69 0.86
C ARG B 158 -40.44 44.19 0.85
N VAL B 159 -39.20 43.77 0.63
CA VAL B 159 -38.90 42.34 0.60
C VAL B 159 -38.82 41.77 2.01
N TYR B 160 -37.91 42.28 2.82
CA TYR B 160 -37.75 41.80 4.19
C TYR B 160 -38.12 42.89 5.18
N SER B 161 -38.45 42.46 6.40
CA SER B 161 -38.84 43.37 7.47
C SER B 161 -37.66 43.81 8.32
N SER B 162 -36.77 42.88 8.66
CA SER B 162 -35.60 43.18 9.48
C SER B 162 -34.42 42.34 9.02
N ALA B 163 -33.28 42.99 8.82
CA ALA B 163 -32.05 42.33 8.37
C ALA B 163 -30.97 42.55 9.42
N ASN B 164 -30.63 41.51 10.16
CA ASN B 164 -29.62 41.59 11.21
C ASN B 164 -28.67 40.41 11.07
N ASN B 165 -27.69 40.37 11.99
CA ASN B 165 -26.69 39.30 12.07
C ASN B 165 -26.05 39.00 10.71
N CYS B 166 -25.80 40.05 9.93
CA CYS B 166 -25.13 39.88 8.66
C CYS B 166 -23.67 39.50 8.87
N THR B 167 -23.21 38.52 8.10
CA THR B 167 -21.82 38.10 8.14
C THR B 167 -21.06 38.37 6.84
N PHE B 168 -21.77 38.72 5.76
CA PHE B 168 -21.14 38.89 4.45
C PHE B 168 -21.99 39.85 3.62
N GLU B 169 -21.31 40.63 2.78
CA GLU B 169 -21.99 41.60 1.92
C GLU B 169 -21.11 41.86 0.71
N TYR B 170 -21.70 41.73 -0.48
CA TYR B 170 -20.96 41.86 -1.73
C TYR B 170 -21.79 42.68 -2.71
N VAL B 171 -21.22 43.80 -3.17
CA VAL B 171 -21.87 44.69 -4.13
C VAL B 171 -21.01 44.74 -5.39
N SER B 172 -21.65 44.57 -6.54
CA SER B 172 -20.88 44.57 -7.80
C SER B 172 -21.82 44.92 -8.96
N GLN B 173 -21.37 44.63 -10.18
CA GLN B 173 -22.19 44.90 -11.35
C GLN B 173 -23.41 43.99 -11.39
N PRO B 174 -24.52 44.47 -11.95
CA PRO B 174 -25.74 43.63 -12.02
C PRO B 174 -25.53 42.39 -12.87
N PHE B 175 -26.30 41.36 -12.56
CA PHE B 175 -26.23 40.10 -13.29
C PHE B 175 -26.94 40.22 -14.63
N ASN B 188 -34.02 37.01 -24.96
CA ASN B 188 -32.73 36.65 -24.38
C ASN B 188 -32.90 35.62 -23.26
N LEU B 189 -32.06 34.60 -23.27
CA LEU B 189 -32.10 33.53 -22.28
C LEU B 189 -30.93 33.69 -21.31
N ARG B 190 -31.25 33.88 -20.03
CA ARG B 190 -30.27 33.95 -18.96
C ARG B 190 -30.30 32.64 -18.18
N GLU B 191 -29.20 31.92 -18.19
CA GLU B 191 -29.08 30.66 -17.46
C GLU B 191 -28.16 30.85 -16.25
N PHE B 192 -28.53 30.23 -15.14
CA PHE B 192 -27.75 30.29 -13.92
C PHE B 192 -27.67 28.88 -13.32
N VAL B 193 -26.56 28.60 -12.64
CA VAL B 193 -26.40 27.37 -11.88
C VAL B 193 -25.94 27.73 -10.47
N PHE B 194 -26.71 27.31 -9.48
CA PHE B 194 -26.42 27.56 -8.08
C PHE B 194 -26.09 26.25 -7.40
N LYS B 195 -24.93 26.19 -6.74
CA LYS B 195 -24.52 25.01 -5.99
C LYS B 195 -23.88 25.41 -4.67
N ASN B 196 -24.07 24.59 -3.65
CA ASN B 196 -23.52 24.82 -2.32
C ASN B 196 -22.71 23.57 -1.97
N ILE B 197 -21.42 23.55 -2.35
CA ILE B 197 -20.65 22.34 -2.12
C ILE B 197 -20.17 22.27 -0.67
N ASP B 198 -18.95 22.76 -0.39
CA ASP B 198 -18.44 22.72 0.97
C ASP B 198 -19.00 23.83 1.84
N GLY B 199 -18.35 25.00 1.77
CA GLY B 199 -18.78 26.19 2.47
C GLY B 199 -19.03 27.31 1.48
N TYR B 200 -18.90 26.99 0.21
CA TYR B 200 -19.06 27.96 -0.87
C TYR B 200 -20.41 27.78 -1.54
N PHE B 201 -20.86 28.83 -2.23
CA PHE B 201 -22.11 28.80 -2.98
C PHE B 201 -21.78 29.31 -4.38
N LYS B 202 -21.28 28.39 -5.21
CA LYS B 202 -20.83 28.73 -6.54
C LYS B 202 -22.02 29.03 -7.46
N ILE B 203 -21.93 30.15 -8.17
CA ILE B 203 -22.92 30.57 -9.15
C ILE B 203 -22.20 30.65 -10.49
N TYR B 204 -22.70 29.91 -11.45
CA TYR B 204 -22.33 30.00 -12.86
C TYR B 204 -23.48 30.66 -13.62
N SER B 205 -23.16 31.23 -14.78
CA SER B 205 -24.19 31.92 -15.54
C SER B 205 -23.79 32.01 -17.00
N LYS B 206 -24.77 32.33 -17.83
CA LYS B 206 -24.58 32.44 -19.28
C LYS B 206 -25.73 33.23 -19.88
N HIS B 207 -25.41 34.17 -20.77
CA HIS B 207 -26.41 34.99 -21.44
C HIS B 207 -26.36 34.67 -22.93
N THR B 208 -27.51 34.36 -23.51
CA THR B 208 -27.59 33.92 -24.89
C THR B 208 -28.79 34.59 -25.55
N PRO B 209 -28.81 34.68 -26.87
CA PRO B 209 -30.01 35.13 -27.57
C PRO B 209 -30.91 33.97 -27.97
N ILE B 210 -32.21 34.25 -27.99
CA ILE B 210 -33.20 33.26 -28.36
C ILE B 210 -34.23 33.86 -29.31
N ASP B 215 -40.34 24.82 -26.02
CA ASP B 215 -40.02 26.17 -25.60
C ASP B 215 -38.56 26.29 -25.19
N LEU B 216 -37.98 25.18 -24.69
CA LEU B 216 -36.58 25.27 -24.35
C LEU B 216 -35.72 24.90 -25.56
N PRO B 217 -34.57 25.53 -25.72
CA PRO B 217 -33.71 25.23 -26.88
C PRO B 217 -33.08 23.85 -26.76
N GLN B 218 -32.69 23.32 -27.92
CA GLN B 218 -32.06 22.01 -28.04
C GLN B 218 -30.66 22.23 -28.60
N GLY B 219 -29.70 22.41 -27.71
CA GLY B 219 -28.32 22.62 -28.13
C GLY B 219 -27.41 22.69 -26.93
N PHE B 220 -26.11 22.77 -27.21
CA PHE B 220 -25.10 22.85 -26.18
C PHE B 220 -24.64 24.29 -25.99
N SER B 221 -24.41 24.66 -24.73
CA SER B 221 -23.93 26.01 -24.41
C SER B 221 -23.35 25.96 -23.00
N ALA B 222 -22.04 25.73 -22.91
CA ALA B 222 -21.38 25.64 -21.62
C ALA B 222 -21.54 26.96 -20.85
N LEU B 223 -22.04 26.86 -19.63
CA LEU B 223 -22.15 28.03 -18.76
C LEU B 223 -20.79 28.41 -18.20
N GLU B 224 -20.61 29.71 -17.91
CA GLU B 224 -19.32 30.13 -17.42
C GLU B 224 -19.41 30.56 -15.96
N PRO B 225 -18.43 30.17 -15.14
CA PRO B 225 -18.46 30.52 -13.71
C PRO B 225 -18.62 32.02 -13.49
N LEU B 226 -19.52 32.37 -12.57
CA LEU B 226 -19.72 33.77 -12.24
C LEU B 226 -18.96 34.14 -10.96
N VAL B 227 -19.35 33.55 -9.84
CA VAL B 227 -18.83 33.90 -8.51
C VAL B 227 -18.90 32.68 -7.61
N ASP B 228 -18.20 32.76 -6.47
CA ASP B 228 -17.88 31.60 -5.63
C ASP B 228 -18.14 31.92 -4.16
N LEU B 229 -19.24 32.61 -3.87
CA LEU B 229 -19.60 33.11 -2.54
C LEU B 229 -19.35 32.08 -1.43
N PRO B 230 -18.46 32.39 -0.49
CA PRO B 230 -18.13 31.58 0.70
C PRO B 230 -19.07 31.80 1.88
N ILE B 231 -20.29 31.29 1.80
CA ILE B 231 -21.29 31.55 2.83
C ILE B 231 -21.38 30.40 3.83
N GLY B 232 -21.26 29.16 3.36
CA GLY B 232 -21.32 28.00 4.25
C GLY B 232 -22.63 27.91 5.01
N ILE B 233 -23.74 28.21 4.34
CA ILE B 233 -25.07 28.13 4.94
C ILE B 233 -25.73 26.84 4.45
N ASN B 234 -26.36 26.11 5.38
CA ASN B 234 -27.21 25.00 4.98
C ASN B 234 -28.40 25.54 4.20
N ILE B 235 -28.57 25.06 2.98
CA ILE B 235 -29.59 25.55 2.06
C ILE B 235 -30.42 24.37 1.59
N THR B 236 -31.73 24.42 1.84
CA THR B 236 -32.64 23.38 1.39
C THR B 236 -33.80 23.92 0.55
N ARG B 237 -33.96 25.23 0.45
CA ARG B 237 -35.10 25.80 -0.26
C ARG B 237 -34.72 27.19 -0.76
N PHE B 238 -35.47 27.66 -1.75
CA PHE B 238 -35.19 28.97 -2.34
C PHE B 238 -36.45 29.48 -3.03
N GLN B 239 -36.42 30.77 -3.38
CA GLN B 239 -37.54 31.43 -4.04
C GLN B 239 -37.00 32.57 -4.89
N THR B 240 -37.53 32.70 -6.10
CA THR B 240 -37.14 33.79 -6.99
C THR B 240 -37.78 35.09 -6.52
N LEU B 241 -37.03 36.17 -6.61
CA LEU B 241 -37.56 37.51 -6.35
C LEU B 241 -37.85 38.25 -7.64
N LEU B 242 -38.91 39.05 -7.60
CA LEU B 242 -39.35 39.83 -8.75
C LEU B 242 -40.16 41.01 -8.25
N ALA B 243 -40.14 42.09 -9.02
CA ALA B 243 -40.81 43.34 -8.65
C ALA B 243 -42.09 43.46 -9.46
N LEU B 244 -43.22 43.18 -8.82
CA LEU B 244 -44.54 43.27 -9.47
C LEU B 244 -44.94 44.74 -9.50
N HIS B 245 -44.37 45.47 -10.46
CA HIS B 245 -44.66 46.89 -10.63
C HIS B 245 -46.14 47.14 -10.90
N ALA B 263 -42.64 37.11 -18.85
CA ALA B 263 -41.36 36.45 -18.56
C ALA B 263 -41.60 35.03 -18.07
N ALA B 264 -40.87 34.08 -18.66
CA ALA B 264 -40.99 32.67 -18.30
C ALA B 264 -39.66 32.15 -17.76
N TYR B 265 -39.74 31.13 -16.90
CA TYR B 265 -38.52 30.56 -16.34
C TYR B 265 -38.72 29.09 -16.07
N TYR B 266 -37.60 28.38 -16.00
CA TYR B 266 -37.55 26.93 -15.81
C TYR B 266 -36.55 26.61 -14.71
N VAL B 267 -36.86 25.56 -13.95
CA VAL B 267 -36.03 25.15 -12.81
C VAL B 267 -35.73 23.66 -12.95
N GLY B 268 -34.45 23.29 -12.79
CA GLY B 268 -34.06 21.91 -12.76
C GLY B 268 -33.07 21.66 -11.64
N TYR B 269 -32.87 20.38 -11.34
CA TYR B 269 -32.05 19.96 -10.21
C TYR B 269 -30.86 19.14 -10.71
N LEU B 270 -29.68 19.43 -10.16
CA LEU B 270 -28.46 18.77 -10.57
C LEU B 270 -28.33 17.39 -9.92
N GLN B 271 -27.63 16.49 -10.61
CA GLN B 271 -27.31 15.17 -10.12
C GLN B 271 -25.82 14.91 -10.23
N PRO B 272 -25.27 14.04 -9.38
CA PRO B 272 -23.84 13.73 -9.45
C PRO B 272 -23.51 12.75 -10.57
N ARG B 273 -23.30 13.27 -11.78
CA ARG B 273 -23.13 12.43 -12.96
C ARG B 273 -21.81 12.73 -13.64
N THR B 274 -21.12 11.68 -14.06
CA THR B 274 -19.89 11.83 -14.82
C THR B 274 -20.18 12.37 -16.22
N PHE B 275 -19.29 13.23 -16.71
CA PHE B 275 -19.40 13.83 -18.03
C PHE B 275 -18.02 13.82 -18.68
N LEU B 276 -18.01 13.58 -19.98
CA LEU B 276 -16.80 13.67 -20.80
C LEU B 276 -16.94 14.87 -21.72
N LEU B 277 -16.10 15.87 -21.52
CA LEU B 277 -16.20 17.15 -22.19
C LEU B 277 -15.09 17.31 -23.23
N LYS B 278 -15.40 18.03 -24.29
CA LYS B 278 -14.52 18.19 -25.45
C LYS B 278 -14.04 19.65 -25.48
N TYR B 279 -12.86 19.89 -24.93
CA TYR B 279 -12.27 21.22 -24.95
C TYR B 279 -11.65 21.48 -26.31
N ASN B 280 -12.20 22.45 -27.04
CA ASN B 280 -11.68 22.88 -28.33
C ASN B 280 -10.31 23.53 -28.14
N GLU B 281 -9.58 23.70 -29.25
CA GLU B 281 -8.30 24.39 -29.18
C GLU B 281 -8.44 25.81 -28.68
N ASN B 282 -9.60 26.43 -28.87
CA ASN B 282 -9.87 27.73 -28.29
C ASN B 282 -10.30 27.63 -26.83
N GLY B 283 -10.32 26.43 -26.25
CA GLY B 283 -10.74 26.25 -24.88
C GLY B 283 -12.23 26.23 -24.62
N THR B 284 -13.05 26.11 -25.66
CA THR B 284 -14.50 26.07 -25.48
C THR B 284 -15.01 24.64 -25.49
N ILE B 285 -15.93 24.34 -24.58
CA ILE B 285 -16.58 23.03 -24.51
C ILE B 285 -17.58 22.91 -25.64
N THR B 286 -17.21 22.24 -26.73
CA THR B 286 -18.09 22.12 -27.88
C THR B 286 -18.97 20.88 -27.86
N ASP B 287 -18.77 19.96 -26.93
CA ASP B 287 -19.57 18.74 -26.87
C ASP B 287 -19.28 18.03 -25.56
N ALA B 288 -20.21 17.15 -25.17
CA ALA B 288 -20.03 16.36 -23.96
C ALA B 288 -20.85 15.09 -24.08
N VAL B 289 -20.45 14.08 -23.31
CA VAL B 289 -21.13 12.79 -23.24
C VAL B 289 -21.41 12.47 -21.78
N ASP B 290 -22.69 12.22 -21.46
CA ASP B 290 -23.10 11.81 -20.12
C ASP B 290 -23.08 10.28 -20.10
N CYS B 291 -22.06 9.69 -19.46
CA CYS B 291 -21.93 8.24 -19.38
C CYS B 291 -23.25 7.52 -19.12
N ALA B 292 -23.98 7.96 -18.10
CA ALA B 292 -25.11 7.19 -17.61
C ALA B 292 -26.37 7.38 -18.45
N LEU B 293 -26.33 8.29 -19.44
CA LEU B 293 -27.48 8.49 -20.31
C LEU B 293 -27.87 7.19 -21.00
N ASP B 294 -26.98 6.66 -21.84
CA ASP B 294 -27.23 5.51 -22.69
C ASP B 294 -26.08 4.52 -22.56
N PRO B 295 -26.30 3.26 -22.93
CA PRO B 295 -25.16 2.34 -23.08
C PRO B 295 -24.14 2.84 -24.10
N LEU B 296 -24.62 3.48 -25.16
CA LEU B 296 -23.71 4.07 -26.14
C LEU B 296 -22.83 5.14 -25.51
N SER B 297 -23.40 5.97 -24.64
CA SER B 297 -22.61 6.98 -23.94
C SER B 297 -21.62 6.32 -22.98
N GLU B 298 -22.01 5.20 -22.36
CA GLU B 298 -21.09 4.47 -21.50
C GLU B 298 -19.89 3.98 -22.29
N THR B 299 -20.14 3.42 -23.47
CA THR B 299 -19.04 3.01 -24.33
C THR B 299 -18.20 4.21 -24.76
N LYS B 300 -18.87 5.33 -25.06
CA LYS B 300 -18.16 6.52 -25.52
C LYS B 300 -17.17 7.01 -24.48
N CYS B 301 -17.60 7.12 -23.22
CA CYS B 301 -16.67 7.62 -22.22
C CYS B 301 -15.65 6.56 -21.83
N THR B 302 -16.06 5.30 -21.74
CA THR B 302 -15.13 4.24 -21.35
C THR B 302 -14.00 4.09 -22.36
N LEU B 303 -14.23 4.45 -23.62
CA LEU B 303 -13.19 4.46 -24.62
C LEU B 303 -12.49 5.81 -24.74
N LYS B 304 -12.94 6.82 -23.99
CA LYS B 304 -12.37 8.17 -24.03
C LYS B 304 -12.39 8.73 -25.45
N SER B 305 -13.58 8.70 -26.07
CA SER B 305 -13.74 9.27 -27.40
C SER B 305 -15.21 9.58 -27.62
N PHE B 306 -15.45 10.56 -28.49
CA PHE B 306 -16.82 10.93 -28.87
C PHE B 306 -17.35 10.12 -30.03
N THR B 307 -16.49 9.38 -30.73
CA THR B 307 -16.89 8.56 -31.87
C THR B 307 -16.52 7.12 -31.58
N VAL B 308 -17.39 6.20 -32.01
CA VAL B 308 -17.25 4.78 -31.70
C VAL B 308 -17.28 4.00 -33.01
N GLU B 309 -16.30 3.12 -33.21
CA GLU B 309 -16.27 2.26 -34.38
C GLU B 309 -17.18 1.06 -34.20
N LYS B 310 -17.44 0.38 -35.32
CA LYS B 310 -18.22 -0.85 -35.32
C LYS B 310 -17.54 -1.91 -34.46
N GLY B 311 -18.36 -2.76 -33.85
CA GLY B 311 -17.87 -3.81 -32.98
C GLY B 311 -18.63 -3.88 -31.67
N ILE B 312 -18.32 -4.94 -30.93
CA ILE B 312 -18.92 -5.23 -29.62
C ILE B 312 -17.87 -4.91 -28.57
N TYR B 313 -18.06 -3.83 -27.84
CA TYR B 313 -17.15 -3.49 -26.76
C TYR B 313 -17.65 -4.02 -25.42
N GLN B 314 -16.73 -4.36 -24.54
CA GLN B 314 -17.05 -4.70 -23.15
C GLN B 314 -16.85 -3.46 -22.30
N THR B 315 -17.89 -3.10 -21.54
CA THR B 315 -17.90 -1.88 -20.75
C THR B 315 -17.74 -2.18 -19.26
N SER B 316 -17.78 -1.10 -18.49
CA SER B 316 -17.69 -1.12 -17.03
C SER B 316 -19.10 -1.15 -16.44
N ASN B 317 -19.24 -0.64 -15.22
CA ASN B 317 -20.56 -0.60 -14.57
C ASN B 317 -20.59 0.70 -13.76
N PHE B 318 -21.03 1.77 -14.41
CA PHE B 318 -21.17 3.09 -13.82
C PHE B 318 -22.55 3.31 -13.20
N ARG B 319 -23.58 2.62 -13.69
CA ARG B 319 -24.93 2.75 -13.16
C ARG B 319 -25.01 2.34 -11.69
N VAL B 320 -25.10 3.34 -10.81
CA VAL B 320 -25.15 3.10 -9.38
C VAL B 320 -26.63 2.86 -9.02
N GLN B 321 -26.88 2.35 -7.81
CA GLN B 321 -28.22 2.10 -7.34
C GLN B 321 -28.28 2.43 -5.85
N PRO B 322 -29.38 3.03 -5.39
CA PRO B 322 -29.47 3.35 -3.95
C PRO B 322 -29.64 2.10 -3.12
N THR B 323 -28.95 2.09 -1.97
CA THR B 323 -28.82 0.89 -1.15
C THR B 323 -29.29 1.20 0.27
N GLU B 324 -30.30 0.46 0.73
CA GLU B 324 -30.78 0.61 2.09
C GLU B 324 -29.86 -0.15 3.04
N SER B 325 -30.00 0.11 4.34
CA SER B 325 -29.17 -0.53 5.36
C SER B 325 -30.02 -1.42 6.25
N ILE B 326 -29.45 -2.57 6.64
CA ILE B 326 -30.09 -3.48 7.58
C ILE B 326 -29.06 -3.93 8.60
N VAL B 327 -29.50 -4.07 9.85
CA VAL B 327 -28.65 -4.53 10.95
C VAL B 327 -29.38 -5.67 11.65
N ARG B 328 -28.68 -6.77 11.87
CA ARG B 328 -29.27 -7.98 12.46
C ARG B 328 -28.37 -8.48 13.58
N PHE B 329 -28.96 -8.73 14.74
CA PHE B 329 -28.27 -9.28 15.89
C PHE B 329 -29.14 -10.35 16.54
N PRO B 330 -28.53 -11.27 17.29
CA PRO B 330 -29.31 -12.36 17.92
C PRO B 330 -30.32 -11.83 18.93
N ASN B 331 -31.12 -12.77 19.43
CA ASN B 331 -32.18 -12.43 20.38
C ASN B 331 -31.58 -11.92 21.68
N ILE B 332 -32.14 -10.82 22.19
CA ILE B 332 -31.62 -10.21 23.40
C ILE B 332 -31.89 -11.13 24.58
N THR B 333 -30.81 -11.63 25.18
CA THR B 333 -30.90 -12.49 26.35
C THR B 333 -29.82 -12.06 27.35
N ASN B 334 -29.74 -12.78 28.47
CA ASN B 334 -28.67 -12.60 29.45
C ASN B 334 -28.70 -11.17 30.01
N LEU B 335 -29.77 -10.88 30.72
CA LEU B 335 -29.99 -9.57 31.31
C LEU B 335 -29.49 -9.56 32.75
N CYS B 336 -28.74 -8.51 33.09
CA CYS B 336 -28.07 -8.33 34.38
C CYS B 336 -29.02 -8.36 35.56
N PRO B 337 -28.52 -8.24 36.80
CA PRO B 337 -29.42 -8.13 37.94
C PRO B 337 -29.80 -6.70 38.28
N PHE B 338 -29.70 -5.79 37.31
CA PHE B 338 -30.02 -4.39 37.55
C PHE B 338 -31.38 -4.22 38.22
N GLY B 339 -32.33 -5.11 37.94
CA GLY B 339 -33.63 -5.02 38.58
C GLY B 339 -33.53 -5.11 40.09
N GLU B 340 -32.74 -6.05 40.61
CA GLU B 340 -32.55 -6.21 42.04
C GLU B 340 -31.45 -5.30 42.59
N VAL B 341 -30.74 -4.58 41.73
CA VAL B 341 -29.70 -3.66 42.18
C VAL B 341 -30.25 -2.26 42.37
N PHE B 342 -31.09 -1.79 41.44
CA PHE B 342 -31.69 -0.48 41.56
C PHE B 342 -32.88 -0.52 42.53
N ASN B 343 -33.75 -1.50 42.38
CA ASN B 343 -34.92 -1.68 43.23
C ASN B 343 -34.64 -2.55 44.45
N ALA B 344 -33.40 -2.53 44.95
CA ALA B 344 -33.05 -3.36 46.10
C ALA B 344 -33.78 -2.89 47.35
N THR B 345 -33.99 -3.83 48.27
CA THR B 345 -34.73 -3.52 49.49
C THR B 345 -33.94 -2.57 50.39
N ARG B 346 -32.65 -2.80 50.57
CA ARG B 346 -31.84 -1.99 51.46
C ARG B 346 -30.48 -1.73 50.85
N PHE B 347 -30.03 -0.48 50.93
CA PHE B 347 -28.71 -0.07 50.47
C PHE B 347 -27.75 0.00 51.65
N ALA B 348 -26.48 0.22 51.32
CA ALA B 348 -25.41 0.31 52.30
C ALA B 348 -25.12 1.77 52.64
N SER B 349 -24.48 1.99 53.78
CA SER B 349 -24.06 3.32 54.17
C SER B 349 -23.01 3.86 53.20
N VAL B 350 -22.89 5.19 53.16
CA VAL B 350 -21.98 5.80 52.20
C VAL B 350 -20.54 5.49 52.54
N TYR B 351 -20.19 5.45 53.83
CA TYR B 351 -18.82 5.11 54.18
C TYR B 351 -18.53 3.63 53.92
N ALA B 352 -19.54 2.78 54.08
CA ALA B 352 -19.42 1.36 53.75
C ALA B 352 -20.13 1.06 52.44
N TRP B 353 -19.67 1.71 51.37
CA TRP B 353 -20.34 1.59 50.08
C TRP B 353 -20.17 0.18 49.54
N ASN B 354 -21.24 -0.36 48.97
CA ASN B 354 -21.22 -1.74 48.49
C ASN B 354 -20.82 -1.76 47.03
N ARG B 355 -20.05 -2.78 46.64
CA ARG B 355 -19.55 -2.90 45.28
C ARG B 355 -20.04 -4.21 44.68
N LYS B 356 -20.72 -4.12 43.53
CA LYS B 356 -21.17 -5.28 42.79
C LYS B 356 -20.37 -5.40 41.49
N ARG B 357 -19.95 -6.63 41.18
CA ARG B 357 -19.15 -6.90 39.99
C ARG B 357 -20.07 -7.46 38.91
N ILE B 358 -19.92 -6.93 37.69
CA ILE B 358 -20.80 -7.26 36.58
C ILE B 358 -19.96 -7.76 35.42
N SER B 359 -20.07 -9.06 35.13
CA SER B 359 -19.33 -9.74 34.07
C SER B 359 -20.30 -10.54 33.22
N ASN B 360 -20.28 -10.30 31.91
CA ASN B 360 -21.06 -11.08 30.94
C ASN B 360 -22.57 -10.99 31.21
N CYS B 361 -23.13 -9.82 30.90
CA CYS B 361 -24.58 -9.67 30.93
C CYS B 361 -24.99 -8.45 30.12
N VAL B 362 -25.97 -8.63 29.26
CA VAL B 362 -26.51 -7.54 28.46
C VAL B 362 -27.39 -6.65 29.32
N ALA B 363 -27.30 -5.35 29.12
CA ALA B 363 -28.10 -4.39 29.89
C ALA B 363 -28.61 -3.31 28.97
N ASP B 364 -29.74 -2.71 29.35
CA ASP B 364 -30.46 -1.73 28.54
C ASP B 364 -30.51 -0.42 29.33
N TYR B 365 -29.48 0.42 29.17
CA TYR B 365 -29.48 1.71 29.86
C TYR B 365 -30.47 2.71 29.27
N SER B 366 -31.33 2.32 28.33
CA SER B 366 -32.32 3.25 27.79
C SER B 366 -33.59 3.31 28.63
N VAL B 367 -33.96 2.20 29.28
CA VAL B 367 -35.14 2.21 30.14
C VAL B 367 -34.85 2.88 31.47
N LEU B 368 -33.58 3.07 31.82
CA LEU B 368 -33.20 3.79 33.02
C LEU B 368 -32.99 5.27 32.75
N TYR B 369 -32.39 5.60 31.61
CA TYR B 369 -32.20 6.99 31.23
C TYR B 369 -33.53 7.69 30.95
N ASN B 370 -34.52 6.95 30.45
CA ASN B 370 -35.83 7.50 30.14
C ASN B 370 -36.74 7.57 31.36
N SER B 371 -36.24 7.27 32.56
CA SER B 371 -37.07 7.17 33.75
C SER B 371 -36.95 8.46 34.55
N ALA B 372 -38.09 9.10 34.82
CA ALA B 372 -38.13 10.28 35.67
C ALA B 372 -37.97 9.95 37.14
N SER B 373 -38.03 8.67 37.53
CA SER B 373 -37.83 8.30 38.91
C SER B 373 -36.46 8.71 39.42
N PHE B 374 -35.45 8.66 38.55
CA PHE B 374 -34.07 8.97 38.95
C PHE B 374 -33.89 10.48 38.94
N SER B 375 -33.69 11.06 40.14
CA SER B 375 -33.52 12.50 40.25
C SER B 375 -32.22 12.99 39.63
N THR B 376 -31.21 12.12 39.49
CA THR B 376 -29.92 12.53 38.96
C THR B 376 -29.40 11.44 38.05
N PHE B 377 -29.02 11.80 36.83
CA PHE B 377 -28.40 10.89 35.86
C PHE B 377 -27.32 11.66 35.12
N LYS B 378 -26.08 11.57 35.61
CA LYS B 378 -24.98 12.34 35.04
C LYS B 378 -23.81 11.42 34.73
N CYS B 379 -23.28 11.52 33.51
CA CYS B 379 -22.19 10.65 33.09
C CYS B 379 -20.96 11.48 32.79
N TYR B 380 -19.79 10.88 33.03
CA TYR B 380 -18.50 11.53 32.87
C TYR B 380 -17.59 10.62 32.07
N GLY B 381 -16.90 11.19 31.07
CA GLY B 381 -16.07 10.43 30.17
C GLY B 381 -16.80 9.67 29.10
N VAL B 382 -18.12 9.53 29.21
CA VAL B 382 -18.93 8.84 28.21
C VAL B 382 -20.28 9.52 28.15
N SER B 383 -20.80 9.73 26.94
CA SER B 383 -22.06 10.45 26.78
C SER B 383 -23.20 9.63 27.38
N PRO B 384 -24.14 10.27 28.08
CA PRO B 384 -25.26 9.52 28.66
C PRO B 384 -26.21 8.99 27.62
N THR B 385 -26.35 9.67 26.48
CA THR B 385 -27.20 9.19 25.40
C THR B 385 -26.57 7.95 24.77
N LYS B 386 -25.41 8.11 24.16
CA LYS B 386 -24.69 6.99 23.58
C LYS B 386 -24.07 6.14 24.67
N LEU B 387 -24.84 5.19 25.20
CA LEU B 387 -24.37 4.29 26.25
C LEU B 387 -24.52 2.82 25.89
N ASN B 388 -25.52 2.47 25.07
CA ASN B 388 -25.78 1.07 24.78
C ASN B 388 -24.74 0.47 23.84
N ASP B 389 -24.12 1.31 23.01
CA ASP B 389 -23.16 0.80 22.03
C ASP B 389 -21.84 0.40 22.68
N LEU B 390 -21.43 1.14 23.72
CA LEU B 390 -20.13 0.89 24.37
C LEU B 390 -20.02 -0.54 24.86
N CYS B 391 -18.79 -1.05 24.84
CA CYS B 391 -18.50 -2.40 25.32
C CYS B 391 -17.25 -2.37 26.18
N PHE B 392 -17.35 -2.89 27.39
CA PHE B 392 -16.23 -3.00 28.31
C PHE B 392 -16.22 -4.39 28.93
N THR B 393 -15.04 -4.81 29.40
CA THR B 393 -14.91 -6.18 29.88
C THR B 393 -15.57 -6.37 31.25
N ASN B 394 -15.54 -5.37 32.12
CA ASN B 394 -16.12 -5.51 33.45
C ASN B 394 -16.87 -4.23 33.83
N VAL B 395 -17.80 -4.36 34.77
CA VAL B 395 -18.56 -3.22 35.26
C VAL B 395 -18.59 -3.28 36.79
N TYR B 396 -18.29 -2.16 37.44
CA TYR B 396 -18.42 -2.04 38.88
C TYR B 396 -19.62 -1.16 39.21
N ALA B 397 -20.40 -1.59 40.19
CA ALA B 397 -21.60 -0.87 40.63
C ALA B 397 -21.46 -0.55 42.11
N ASP B 398 -21.08 0.68 42.43
CA ASP B 398 -20.99 1.12 43.82
C ASP B 398 -22.34 1.70 44.24
N SER B 399 -22.84 1.27 45.39
CA SER B 399 -24.14 1.70 45.86
C SER B 399 -24.04 2.19 47.30
N PHE B 400 -24.80 3.23 47.61
CA PHE B 400 -24.84 3.79 48.96
C PHE B 400 -26.01 4.76 49.07
N VAL B 401 -26.15 5.36 50.24
CA VAL B 401 -27.22 6.30 50.55
C VAL B 401 -26.59 7.57 51.14
N ILE B 402 -27.03 8.72 50.65
CA ILE B 402 -26.59 10.01 51.20
C ILE B 402 -27.80 10.91 51.39
N ARG B 403 -27.56 12.17 51.72
CA ARG B 403 -28.61 13.18 51.79
C ARG B 403 -28.52 14.10 50.59
N GLY B 404 -29.61 14.81 50.31
CA GLY B 404 -29.73 15.54 49.05
C GLY B 404 -28.62 16.56 48.85
N ASP B 405 -28.25 17.29 49.91
CA ASP B 405 -27.22 18.31 49.79
C ASP B 405 -25.88 17.71 49.41
N GLU B 406 -25.70 16.41 49.58
CA GLU B 406 -24.46 15.74 49.24
C GLU B 406 -24.49 15.10 47.86
N VAL B 407 -25.65 15.11 47.18
CA VAL B 407 -25.72 14.49 45.85
C VAL B 407 -24.84 15.24 44.87
N ARG B 408 -24.65 16.55 45.08
CA ARG B 408 -23.74 17.32 44.23
C ARG B 408 -22.28 16.94 44.46
N GLN B 409 -21.98 16.28 45.57
CA GLN B 409 -20.61 15.88 45.88
C GLN B 409 -20.18 14.61 45.17
N ILE B 410 -21.14 13.82 44.66
CA ILE B 410 -20.82 12.59 43.95
C ILE B 410 -20.52 12.90 42.50
N ALA B 411 -19.31 13.39 42.23
CA ALA B 411 -18.87 13.76 40.89
C ALA B 411 -17.36 13.84 40.90
N PRO B 412 -16.70 13.60 39.76
CA PRO B 412 -15.24 13.69 39.74
C PRO B 412 -14.76 15.10 40.05
N GLY B 413 -13.68 15.19 40.80
CA GLY B 413 -13.10 16.48 41.13
C GLY B 413 -13.89 17.29 42.14
N GLN B 414 -14.59 16.63 43.06
CA GLN B 414 -15.39 17.29 44.07
C GLN B 414 -14.75 17.13 45.44
N THR B 415 -15.12 18.01 46.37
CA THR B 415 -14.61 18.00 47.72
C THR B 415 -15.76 18.12 48.71
N GLY B 416 -15.54 17.63 49.91
CA GLY B 416 -16.54 17.65 50.95
C GLY B 416 -16.38 16.45 51.86
N LYS B 417 -17.29 16.35 52.84
CA LYS B 417 -17.24 15.25 53.78
C LYS B 417 -17.30 13.91 53.06
N ILE B 418 -18.23 13.77 52.11
CA ILE B 418 -18.40 12.49 51.41
C ILE B 418 -17.24 12.23 50.47
N ALA B 419 -16.86 13.23 49.69
CA ALA B 419 -15.80 13.05 48.70
C ALA B 419 -14.46 12.76 49.36
N ASP B 420 -14.18 13.42 50.49
CA ASP B 420 -12.89 13.28 51.14
C ASP B 420 -12.83 12.10 52.10
N TYR B 421 -13.89 11.84 52.86
CA TYR B 421 -13.83 10.88 53.94
C TYR B 421 -14.71 9.65 53.74
N ASN B 422 -15.54 9.63 52.70
CA ASN B 422 -16.50 8.53 52.53
C ASN B 422 -16.36 7.84 51.17
N TYR B 423 -16.31 8.59 50.09
CA TYR B 423 -16.30 8.01 48.75
C TYR B 423 -15.69 9.01 47.79
N LYS B 424 -14.52 8.70 47.25
CA LYS B 424 -13.80 9.59 46.35
C LYS B 424 -13.78 8.99 44.94
N LEU B 425 -14.20 9.78 43.95
CA LEU B 425 -14.18 9.45 42.54
C LEU B 425 -12.94 10.03 41.88
N PRO B 426 -12.25 9.26 41.05
CA PRO B 426 -11.05 9.78 40.38
C PRO B 426 -11.40 10.83 39.34
N ASP B 427 -10.40 11.65 39.00
CA ASP B 427 -10.60 12.70 38.00
C ASP B 427 -10.90 12.11 36.63
N ASP B 428 -10.25 11.00 36.28
CA ASP B 428 -10.44 10.33 35.01
C ASP B 428 -11.54 9.27 35.07
N PHE B 429 -12.53 9.44 35.94
CA PHE B 429 -13.62 8.48 36.04
C PHE B 429 -14.41 8.42 34.74
N THR B 430 -14.63 7.20 34.23
CA THR B 430 -15.38 6.96 33.00
C THR B 430 -16.59 6.11 33.36
N GLY B 431 -17.75 6.74 33.50
CA GLY B 431 -18.94 6.02 33.88
C GLY B 431 -20.09 6.98 34.10
N CYS B 432 -21.06 6.53 34.89
CA CYS B 432 -22.26 7.31 35.17
C CYS B 432 -22.57 7.25 36.66
N VAL B 433 -23.28 8.28 37.12
CA VAL B 433 -23.76 8.39 38.49
C VAL B 433 -25.26 8.61 38.44
N ILE B 434 -26.01 7.76 39.11
CA ILE B 434 -27.46 7.80 39.15
C ILE B 434 -27.89 7.93 40.61
N ALA B 435 -28.89 8.77 40.85
CA ALA B 435 -29.36 8.98 42.21
C ALA B 435 -30.86 9.21 42.17
N TRP B 436 -31.54 8.74 43.22
CA TRP B 436 -32.98 8.97 43.29
C TRP B 436 -33.40 9.14 44.75
N ASN B 437 -34.48 9.89 44.93
CA ASN B 437 -34.99 10.18 46.27
C ASN B 437 -35.62 8.92 46.86
N SER B 438 -35.11 8.51 48.03
CA SER B 438 -35.59 7.34 48.73
C SER B 438 -36.17 7.73 50.09
N ASN B 439 -36.95 8.82 50.11
CA ASN B 439 -37.53 9.28 51.37
C ASN B 439 -38.54 8.29 51.91
N ASN B 440 -39.37 7.72 51.04
CA ASN B 440 -40.40 6.78 51.49
C ASN B 440 -39.83 5.48 52.03
N LEU B 441 -38.57 5.16 51.72
CA LEU B 441 -37.95 3.91 52.15
C LEU B 441 -36.96 4.08 53.28
N ASP B 442 -36.02 5.03 53.16
CA ASP B 442 -34.88 5.11 54.07
C ASP B 442 -35.02 6.21 55.12
N SER B 443 -36.17 6.86 55.22
CA SER B 443 -36.40 7.89 56.22
C SER B 443 -37.34 7.35 57.30
N LYS B 444 -37.02 7.66 58.55
CA LYS B 444 -37.80 7.21 59.69
C LYS B 444 -38.12 8.40 60.58
N VAL B 445 -39.34 8.42 61.12
CA VAL B 445 -39.73 9.49 62.04
C VAL B 445 -38.88 9.41 63.31
N GLY B 446 -38.28 10.54 63.66
CA GLY B 446 -37.31 10.58 64.74
C GLY B 446 -35.87 10.45 64.30
N GLY B 447 -35.63 10.05 63.06
CA GLY B 447 -34.27 9.93 62.54
C GLY B 447 -33.86 8.50 62.35
N ASN B 448 -33.29 8.18 61.18
CA ASN B 448 -32.81 6.83 60.92
C ASN B 448 -31.38 6.67 61.41
N TYR B 449 -31.11 5.51 62.00
CA TYR B 449 -29.81 5.22 62.59
C TYR B 449 -29.02 4.16 61.82
N ASN B 450 -29.49 3.77 60.64
CA ASN B 450 -28.88 2.66 59.92
C ASN B 450 -27.84 3.13 58.91
N TYR B 451 -27.96 4.36 58.42
CA TYR B 451 -27.03 4.90 57.43
C TYR B 451 -26.09 5.86 58.13
N LEU B 452 -24.79 5.62 58.01
CA LEU B 452 -23.76 6.42 58.65
C LEU B 452 -22.85 7.05 57.59
N TYR B 453 -22.07 8.03 58.03
CA TYR B 453 -21.07 8.65 57.17
C TYR B 453 -19.87 9.06 58.01
N ARG B 454 -18.68 8.93 57.44
CA ARG B 454 -17.47 9.31 58.15
C ARG B 454 -17.37 10.83 58.28
N LEU B 455 -17.18 11.30 59.50
CA LEU B 455 -17.14 12.73 59.77
C LEU B 455 -15.72 13.27 59.89
N PHE B 456 -14.79 12.46 60.41
CA PHE B 456 -13.40 12.88 60.58
C PHE B 456 -12.47 11.83 60.01
N ARG B 457 -11.35 12.31 59.46
CA ARG B 457 -10.28 11.44 58.96
C ARG B 457 -9.04 12.29 58.75
N LYS B 458 -7.88 11.73 59.09
CA LYS B 458 -6.63 12.48 59.03
C LYS B 458 -6.16 12.70 57.60
N SER B 459 -6.52 11.81 56.68
CA SER B 459 -6.11 11.94 55.29
C SER B 459 -7.30 11.66 54.39
N ASN B 460 -7.21 12.16 53.16
CA ASN B 460 -8.28 11.98 52.19
C ASN B 460 -8.24 10.57 51.62
N LEU B 461 -9.40 10.09 51.18
CA LEU B 461 -9.51 8.77 50.58
C LEU B 461 -8.97 8.77 49.15
N LYS B 462 -8.29 7.70 48.79
CA LYS B 462 -7.92 7.47 47.40
C LYS B 462 -9.15 7.13 46.57
N PRO B 463 -9.09 7.31 45.25
CA PRO B 463 -10.24 6.97 44.40
C PRO B 463 -10.68 5.52 44.61
N PHE B 464 -11.98 5.35 44.82
CA PHE B 464 -12.59 4.03 45.02
C PHE B 464 -12.05 3.33 46.28
N GLU B 465 -11.67 4.10 47.28
CA GLU B 465 -11.24 3.55 48.56
C GLU B 465 -12.43 3.43 49.51
N ARG B 466 -12.40 2.40 50.35
CA ARG B 466 -13.48 2.08 51.25
C ARG B 466 -12.94 2.03 52.67
N ASP B 467 -13.35 2.97 53.52
CA ASP B 467 -12.87 3.08 54.89
C ASP B 467 -14.05 2.89 55.84
N ILE B 468 -13.95 1.88 56.70
CA ILE B 468 -15.01 1.57 57.65
C ILE B 468 -14.43 1.49 59.05
N SER B 469 -13.23 2.02 59.24
CA SER B 469 -12.60 2.00 60.55
C SER B 469 -13.33 2.95 61.50
N THR B 470 -13.44 2.54 62.76
CA THR B 470 -14.11 3.33 63.79
C THR B 470 -13.14 3.86 64.84
N GLU B 471 -11.89 4.10 64.44
CA GLU B 471 -10.91 4.63 65.38
C GLU B 471 -11.27 6.05 65.79
N ILE B 472 -11.06 6.35 67.07
CA ILE B 472 -11.38 7.69 67.59
C ILE B 472 -10.43 8.71 66.98
N TYR B 473 -11.00 9.73 66.35
CA TYR B 473 -10.21 10.74 65.66
C TYR B 473 -9.54 11.66 66.68
N GLN B 474 -8.21 11.75 66.62
CA GLN B 474 -7.46 12.64 67.49
C GLN B 474 -7.33 14.00 66.80
N ALA B 475 -8.11 14.98 67.26
CA ALA B 475 -8.06 16.32 66.70
C ALA B 475 -7.03 17.21 67.36
N GLY B 476 -6.58 16.87 68.58
CA GLY B 476 -5.59 17.63 69.28
C GLY B 476 -4.23 16.95 69.31
N SER B 477 -3.36 17.48 70.18
CA SER B 477 -2.04 16.87 70.37
C SER B 477 -2.08 15.73 71.37
N THR B 478 -3.00 15.77 72.32
CA THR B 478 -3.10 14.70 73.32
C THR B 478 -3.64 13.44 72.65
N PRO B 479 -3.02 12.28 72.88
CA PRO B 479 -3.46 11.05 72.20
C PRO B 479 -4.70 10.47 72.86
N CYS B 480 -5.71 10.17 72.05
CA CYS B 480 -6.86 9.44 72.53
C CYS B 480 -6.50 7.98 72.78
N ASN B 481 -7.02 7.43 73.88
CA ASN B 481 -6.74 6.05 74.24
C ASN B 481 -8.01 5.20 74.13
N GLY B 482 -8.73 5.36 73.02
CA GLY B 482 -9.97 4.64 72.79
C GLY B 482 -11.20 5.28 73.41
N VAL B 483 -11.04 6.36 74.17
CA VAL B 483 -12.14 7.03 74.85
C VAL B 483 -12.40 8.35 74.15
N GLU B 484 -13.67 8.64 73.88
CA GLU B 484 -14.03 9.90 73.26
C GLU B 484 -13.97 11.04 74.28
N GLY B 485 -13.84 12.26 73.77
CA GLY B 485 -13.79 13.43 74.63
C GLY B 485 -13.39 14.67 73.87
N PHE B 486 -12.76 15.60 74.58
CA PHE B 486 -12.27 16.82 73.95
C PHE B 486 -11.19 16.48 72.94
N ASN B 487 -11.38 16.93 71.70
CA ASN B 487 -10.49 16.65 70.58
C ASN B 487 -10.34 15.15 70.31
N CYS B 488 -11.31 14.36 70.76
CA CYS B 488 -11.33 12.91 70.52
C CYS B 488 -12.77 12.53 70.20
N TYR B 489 -13.09 12.47 68.91
CA TYR B 489 -14.46 12.27 68.46
C TYR B 489 -14.58 10.98 67.66
N PHE B 490 -15.77 10.39 67.68
CA PHE B 490 -16.04 9.21 66.87
C PHE B 490 -16.10 9.59 65.40
N PRO B 491 -15.48 8.80 64.52
CA PRO B 491 -15.38 9.21 63.10
C PRO B 491 -16.69 9.10 62.33
N LEU B 492 -17.63 8.28 62.76
CA LEU B 492 -18.88 8.08 62.05
C LEU B 492 -20.01 8.84 62.73
N GLN B 493 -20.94 9.35 61.91
CA GLN B 493 -22.12 10.04 62.38
C GLN B 493 -23.33 9.54 61.61
N SER B 494 -24.48 9.55 62.28
CA SER B 494 -25.73 9.09 61.69
C SER B 494 -26.41 10.21 60.94
N TYR B 495 -27.04 9.88 59.82
CA TYR B 495 -27.75 10.88 59.03
C TYR B 495 -29.03 11.33 59.73
N GLY B 496 -29.72 10.41 60.41
CA GLY B 496 -30.98 10.72 61.02
C GLY B 496 -32.05 11.12 60.03
N PHE B 497 -32.23 10.31 58.99
CA PHE B 497 -33.18 10.63 57.94
C PHE B 497 -34.61 10.60 58.46
N GLN B 498 -35.37 11.65 58.17
CA GLN B 498 -36.76 11.74 58.55
C GLN B 498 -37.62 12.07 57.34
N PRO B 499 -38.86 11.59 57.30
CA PRO B 499 -39.72 11.93 56.15
C PRO B 499 -40.07 13.41 56.09
N THR B 500 -40.05 14.10 57.22
CA THR B 500 -40.37 15.52 57.27
C THR B 500 -39.17 16.41 56.98
N ASN B 501 -37.98 15.83 56.83
CA ASN B 501 -36.78 16.61 56.53
C ASN B 501 -36.91 17.33 55.20
N GLY B 502 -36.12 18.39 55.05
CA GLY B 502 -36.01 19.05 53.76
C GLY B 502 -35.45 18.12 52.71
N VAL B 503 -35.86 18.36 51.46
CA VAL B 503 -35.44 17.50 50.35
C VAL B 503 -33.92 17.50 50.22
N GLY B 504 -33.26 18.56 50.67
CA GLY B 504 -31.80 18.55 50.74
C GLY B 504 -31.25 17.62 51.80
N TYR B 505 -32.05 17.30 52.81
CA TYR B 505 -31.63 16.40 53.87
C TYR B 505 -32.33 15.05 53.83
N GLN B 506 -33.20 14.82 52.84
CA GLN B 506 -33.89 13.55 52.72
C GLN B 506 -32.95 12.50 52.15
N PRO B 507 -33.22 11.22 52.41
CA PRO B 507 -32.34 10.17 51.91
C PRO B 507 -32.43 10.02 50.39
N TYR B 508 -31.27 9.78 49.78
CA TYR B 508 -31.15 9.55 48.35
C TYR B 508 -30.26 8.33 48.14
N ARG B 509 -30.74 7.39 47.33
CA ARG B 509 -29.95 6.22 46.98
C ARG B 509 -29.15 6.52 45.72
N VAL B 510 -27.83 6.32 45.81
CA VAL B 510 -26.89 6.64 44.74
C VAL B 510 -26.21 5.35 44.30
N VAL B 511 -26.16 5.16 42.98
CA VAL B 511 -25.45 4.05 42.35
C VAL B 511 -24.52 4.64 41.30
N VAL B 512 -23.24 4.32 41.41
CA VAL B 512 -22.20 4.80 40.50
C VAL B 512 -21.74 3.60 39.69
N LEU B 513 -22.01 3.64 38.39
CA LEU B 513 -21.58 2.59 37.47
C LEU B 513 -20.28 3.01 36.80
N SER B 514 -19.26 2.17 36.91
CA SER B 514 -17.98 2.37 36.25
C SER B 514 -17.74 1.20 35.31
N PHE B 515 -17.12 1.49 34.17
CA PHE B 515 -16.89 0.47 33.15
C PHE B 515 -15.39 0.32 32.97
N GLU B 516 -14.86 -0.84 33.34
CA GLU B 516 -13.43 -1.09 33.36
C GLU B 516 -13.08 -2.01 32.19
N LEU B 517 -12.14 -1.57 31.37
CA LEU B 517 -11.59 -2.35 30.26
C LEU B 517 -10.15 -2.70 30.59
N LEU B 518 -9.83 -3.98 30.54
CA LEU B 518 -8.49 -4.48 30.82
C LEU B 518 -7.90 -5.16 29.59
N HIS B 519 -6.70 -5.71 29.76
CA HIS B 519 -6.04 -6.48 28.71
C HIS B 519 -6.61 -7.90 28.65
N ALA B 520 -7.92 -7.95 28.40
CA ALA B 520 -8.68 -9.19 28.37
C ALA B 520 -9.87 -8.97 27.46
N PRO B 521 -10.50 -10.04 26.96
CA PRO B 521 -11.66 -9.88 26.07
C PRO B 521 -12.77 -9.10 26.75
N ALA B 522 -13.48 -8.29 25.97
CA ALA B 522 -14.60 -7.51 26.47
C ALA B 522 -15.83 -8.41 26.53
N THR B 523 -16.34 -8.65 27.74
CA THR B 523 -17.38 -9.64 27.95
C THR B 523 -18.74 -9.04 28.30
N VAL B 524 -18.80 -7.76 28.65
CA VAL B 524 -20.05 -7.07 28.93
C VAL B 524 -20.41 -6.26 27.69
N CYS B 525 -21.57 -6.53 27.12
CA CYS B 525 -21.98 -5.91 25.87
C CYS B 525 -23.36 -5.28 26.01
N GLY B 526 -23.63 -4.33 25.12
CA GLY B 526 -24.90 -3.64 25.10
C GLY B 526 -25.97 -4.44 24.40
N PRO B 527 -27.17 -3.86 24.33
CA PRO B 527 -28.28 -4.58 23.66
C PRO B 527 -27.98 -4.89 22.22
N LYS B 528 -27.56 -3.89 21.43
CA LYS B 528 -27.27 -4.07 20.01
C LYS B 528 -28.50 -4.56 19.27
N LYS B 529 -29.52 -3.70 19.26
CA LYS B 529 -30.78 -4.05 18.62
C LYS B 529 -30.59 -4.28 17.12
N SER B 530 -31.64 -4.79 16.48
CA SER B 530 -31.58 -5.09 15.06
C SER B 530 -32.71 -4.40 14.31
N THR B 531 -32.83 -4.68 13.02
CA THR B 531 -33.90 -4.11 12.21
C THR B 531 -34.54 -5.19 11.34
N ASN B 532 -35.46 -4.80 10.46
CA ASN B 532 -36.06 -5.73 9.53
C ASN B 532 -35.11 -6.01 8.37
N LEU B 533 -35.34 -7.13 7.70
CA LEU B 533 -34.53 -7.53 6.56
C LEU B 533 -35.40 -7.53 5.31
N VAL B 534 -34.82 -7.11 4.19
CA VAL B 534 -35.50 -7.05 2.90
C VAL B 534 -34.73 -7.88 1.89
N LYS B 535 -35.46 -8.61 1.05
CA LYS B 535 -34.89 -9.50 0.06
C LYS B 535 -35.08 -8.93 -1.34
N ASN B 536 -34.31 -9.46 -2.29
CA ASN B 536 -34.38 -9.10 -3.70
C ASN B 536 -34.11 -7.61 -3.93
N LYS B 537 -33.39 -6.98 -3.02
CA LYS B 537 -33.00 -5.58 -3.15
C LYS B 537 -31.58 -5.40 -2.65
N CYS B 538 -30.80 -4.59 -3.37
CA CYS B 538 -29.42 -4.31 -2.96
C CYS B 538 -29.42 -3.64 -1.59
N VAL B 539 -28.81 -4.29 -0.60
CA VAL B 539 -28.77 -3.78 0.77
C VAL B 539 -27.35 -3.91 1.31
N ASN B 540 -26.99 -2.97 2.19
CA ASN B 540 -25.80 -3.10 3.02
C ASN B 540 -26.23 -3.67 4.37
N PHE B 541 -25.72 -4.86 4.68
CA PHE B 541 -26.18 -5.67 5.79
C PHE B 541 -25.11 -5.79 6.86
N ASN B 542 -25.57 -6.01 8.10
CA ASN B 542 -24.68 -6.22 9.25
C ASN B 542 -25.25 -7.39 10.06
N PHE B 543 -24.76 -8.59 9.78
CA PHE B 543 -25.10 -9.79 10.53
C PHE B 543 -24.14 -9.94 11.72
N ASN B 544 -24.33 -11.05 12.46
CA ASN B 544 -23.84 -11.20 13.84
C ASN B 544 -22.49 -10.55 14.08
N GLY B 545 -21.50 -10.87 13.27
CA GLY B 545 -20.17 -10.30 13.41
C GLY B 545 -19.62 -9.78 12.12
N LEU B 546 -20.32 -10.04 11.02
CA LEU B 546 -19.87 -9.68 9.68
C LEU B 546 -20.75 -8.58 9.10
N THR B 547 -20.16 -7.82 8.19
CA THR B 547 -20.87 -6.75 7.48
C THR B 547 -20.51 -6.84 6.00
N GLY B 548 -21.42 -6.37 5.16
CA GLY B 548 -21.17 -6.44 3.73
C GLY B 548 -22.25 -5.75 2.95
N THR B 549 -22.19 -5.91 1.63
CA THR B 549 -23.19 -5.36 0.72
C THR B 549 -23.58 -6.43 -0.29
N GLY B 550 -24.89 -6.56 -0.53
CA GLY B 550 -25.39 -7.54 -1.45
C GLY B 550 -26.90 -7.66 -1.35
N VAL B 551 -27.42 -8.61 -2.12
CA VAL B 551 -28.85 -8.92 -2.17
C VAL B 551 -29.07 -10.23 -1.43
N LEU B 552 -30.03 -10.24 -0.52
CA LEU B 552 -30.36 -11.43 0.25
C LEU B 552 -31.49 -12.19 -0.43
N THR B 553 -31.27 -13.48 -0.69
CA THR B 553 -32.24 -14.32 -1.36
C THR B 553 -32.43 -15.60 -0.57
N GLU B 554 -33.63 -16.18 -0.69
CA GLU B 554 -33.88 -17.49 -0.10
C GLU B 554 -32.91 -18.52 -0.65
N SER B 555 -32.30 -19.28 0.25
CA SER B 555 -31.22 -20.19 -0.10
C SER B 555 -31.73 -21.61 -0.26
N ASN B 556 -30.82 -22.51 -0.63
CA ASN B 556 -31.12 -23.92 -0.81
C ASN B 556 -30.20 -24.80 0.04
N LYS B 557 -29.28 -24.21 0.80
CA LYS B 557 -28.27 -24.98 1.51
C LYS B 557 -28.79 -25.49 2.85
N LYS B 558 -28.05 -26.42 3.43
CA LYS B 558 -28.36 -27.03 4.72
C LYS B 558 -27.18 -26.80 5.67
N PHE B 559 -27.18 -25.67 6.37
CA PHE B 559 -26.15 -25.40 7.35
C PHE B 559 -26.23 -26.39 8.51
N LEU B 560 -25.06 -26.69 9.09
CA LEU B 560 -25.00 -27.53 10.28
C LEU B 560 -25.53 -26.77 11.49
N PRO B 561 -25.96 -27.49 12.54
CA PRO B 561 -26.57 -26.80 13.69
C PRO B 561 -25.65 -25.83 14.40
N PHE B 562 -24.33 -25.95 14.26
CA PHE B 562 -23.41 -25.07 14.98
C PHE B 562 -22.72 -24.08 14.07
N GLN B 563 -22.97 -24.13 12.77
CA GLN B 563 -22.38 -23.20 11.82
C GLN B 563 -23.31 -22.01 11.61
N GLN B 564 -22.73 -20.82 11.49
CA GLN B 564 -23.47 -19.58 11.36
C GLN B 564 -23.31 -18.96 9.99
N PHE B 565 -22.08 -18.74 9.55
CA PHE B 565 -21.78 -18.02 8.31
C PHE B 565 -21.21 -19.00 7.30
N GLY B 566 -21.76 -19.00 6.09
CA GLY B 566 -21.18 -19.77 5.02
C GLY B 566 -19.88 -19.16 4.56
N ARG B 567 -19.18 -19.89 3.70
CA ARG B 567 -17.88 -19.41 3.26
C ARG B 567 -17.46 -20.15 2.01
N ASP B 568 -16.85 -19.41 1.08
CA ASP B 568 -16.29 -19.99 -0.13
C ASP B 568 -14.83 -20.37 0.12
N ILE B 569 -14.15 -20.82 -0.94
CA ILE B 569 -12.76 -21.24 -0.82
C ILE B 569 -11.80 -20.07 -0.60
N ALA B 570 -12.26 -18.83 -0.82
CA ALA B 570 -11.43 -17.66 -0.62
C ALA B 570 -11.76 -16.91 0.67
N ASP B 571 -12.28 -17.61 1.67
CA ASP B 571 -12.67 -17.01 2.95
C ASP B 571 -13.55 -15.78 2.70
N THR B 572 -14.63 -16.00 1.96
CA THR B 572 -15.58 -14.96 1.61
C THR B 572 -16.99 -15.46 1.87
N THR B 573 -17.79 -14.63 2.56
CA THR B 573 -19.16 -14.98 2.88
C THR B 573 -19.98 -15.32 1.65
N ASP B 574 -20.69 -16.44 1.70
CA ASP B 574 -21.51 -16.96 0.62
C ASP B 574 -22.98 -17.07 1.01
N ALA B 575 -23.24 -17.52 2.23
CA ALA B 575 -24.58 -17.58 2.80
C ALA B 575 -24.47 -17.27 4.28
N VAL B 576 -25.58 -16.83 4.87
CA VAL B 576 -25.60 -16.48 6.28
C VAL B 576 -26.85 -17.04 6.95
N ARG B 577 -26.76 -17.21 8.27
CA ARG B 577 -27.91 -17.58 9.09
C ARG B 577 -28.40 -16.34 9.81
N ASP B 578 -29.65 -15.98 9.59
CA ASP B 578 -30.21 -14.79 10.21
C ASP B 578 -30.20 -14.97 11.72
N PRO B 579 -29.65 -14.01 12.48
CA PRO B 579 -29.48 -14.22 13.93
C PRO B 579 -30.78 -14.50 14.65
N GLN B 580 -31.90 -13.93 14.20
CA GLN B 580 -33.18 -14.13 14.86
C GLN B 580 -33.93 -15.32 14.28
N THR B 581 -34.20 -15.29 12.97
CA THR B 581 -34.87 -16.39 12.29
C THR B 581 -33.84 -17.40 11.81
N LEU B 582 -34.05 -18.67 12.14
CA LEU B 582 -33.13 -19.74 11.75
C LEU B 582 -33.36 -20.12 10.28
N GLU B 583 -33.09 -19.15 9.41
CA GLU B 583 -33.22 -19.32 7.97
C GLU B 583 -31.90 -18.90 7.30
N ILE B 584 -31.54 -19.61 6.24
CA ILE B 584 -30.27 -19.37 5.55
C ILE B 584 -30.54 -18.51 4.31
N LEU B 585 -29.83 -17.40 4.21
CA LEU B 585 -29.97 -16.44 3.12
C LEU B 585 -28.69 -16.40 2.30
N ASP B 586 -28.82 -16.60 0.99
CA ASP B 586 -27.71 -16.44 0.07
C ASP B 586 -27.50 -14.96 -0.24
N ILE B 587 -26.24 -14.54 -0.25
CA ILE B 587 -25.85 -13.16 -0.48
C ILE B 587 -25.28 -13.06 -1.88
N THR B 588 -26.08 -12.54 -2.83
CA THR B 588 -25.61 -12.33 -4.19
C THR B 588 -25.26 -10.87 -4.38
N PRO B 589 -24.00 -10.51 -4.66
CA PRO B 589 -23.65 -9.10 -4.80
C PRO B 589 -24.49 -8.38 -5.84
N CYS B 590 -24.81 -7.12 -5.55
CA CYS B 590 -25.64 -6.29 -6.43
C CYS B 590 -24.73 -5.38 -7.26
N SER B 591 -24.23 -5.94 -8.36
CA SER B 591 -23.44 -5.21 -9.34
C SER B 591 -23.31 -6.09 -10.57
N PHE B 592 -23.44 -5.49 -11.74
CA PHE B 592 -23.33 -6.21 -13.02
C PHE B 592 -22.30 -5.51 -13.90
N GLY B 593 -21.21 -6.22 -14.17
CA GLY B 593 -20.16 -5.69 -15.02
C GLY B 593 -20.05 -6.50 -16.30
N GLY B 594 -20.84 -7.57 -16.37
CA GLY B 594 -20.94 -8.39 -17.56
C GLY B 594 -21.95 -7.84 -18.54
N VAL B 595 -21.69 -6.63 -19.04
CA VAL B 595 -22.55 -5.96 -20.00
C VAL B 595 -21.69 -5.55 -21.19
N SER B 596 -22.07 -6.01 -22.38
CA SER B 596 -21.39 -5.66 -23.62
C SER B 596 -22.30 -4.80 -24.48
N VAL B 597 -21.71 -3.84 -25.19
CA VAL B 597 -22.45 -2.91 -26.02
C VAL B 597 -22.01 -3.13 -27.46
N ILE B 598 -22.91 -3.70 -28.25
CA ILE B 598 -22.71 -3.89 -29.69
C ILE B 598 -23.12 -2.60 -30.41
N THR B 599 -22.22 -2.05 -31.23
CA THR B 599 -22.53 -0.81 -31.93
C THR B 599 -21.97 -0.89 -33.35
N PRO B 600 -22.76 -0.53 -34.35
CA PRO B 600 -22.17 -0.10 -35.62
C PRO B 600 -21.48 1.24 -35.46
N GLY B 601 -20.55 1.53 -36.37
CA GLY B 601 -19.79 2.76 -36.30
C GLY B 601 -20.69 3.99 -36.23
N THR B 602 -20.37 4.90 -35.31
CA THR B 602 -21.16 6.11 -35.15
C THR B 602 -21.33 6.89 -36.45
N ASN B 603 -20.40 6.72 -37.40
CA ASN B 603 -20.59 7.28 -38.74
C ASN B 603 -21.88 6.75 -39.37
N THR B 604 -22.15 5.45 -39.22
CA THR B 604 -23.30 4.86 -39.90
C THR B 604 -24.59 5.07 -39.13
N SER B 605 -24.57 4.86 -37.82
CA SER B 605 -25.78 5.00 -37.01
C SER B 605 -25.39 5.12 -35.55
N ASN B 606 -26.39 5.47 -34.73
CA ASN B 606 -26.23 5.57 -33.28
C ASN B 606 -27.07 4.55 -32.53
N GLN B 607 -27.68 3.59 -33.23
CA GLN B 607 -28.43 2.53 -32.58
C GLN B 607 -27.50 1.42 -32.10
N VAL B 608 -27.75 0.93 -30.88
CA VAL B 608 -26.87 -0.03 -30.24
C VAL B 608 -27.71 -1.16 -29.66
N ALA B 609 -27.02 -2.27 -29.36
CA ALA B 609 -27.62 -3.38 -28.63
C ALA B 609 -26.80 -3.67 -27.38
N VAL B 610 -27.45 -4.29 -26.39
CA VAL B 610 -26.83 -4.59 -25.11
C VAL B 610 -26.96 -6.09 -24.85
N LEU B 611 -25.84 -6.71 -24.44
CA LEU B 611 -25.82 -8.12 -24.09
C LEU B 611 -25.43 -8.28 -22.63
N TYR B 612 -26.31 -8.88 -21.84
CA TYR B 612 -26.06 -9.21 -20.45
C TYR B 612 -25.63 -10.66 -20.39
N GLN B 613 -24.55 -10.94 -19.65
CA GLN B 613 -23.95 -12.26 -19.67
C GLN B 613 -24.66 -13.23 -18.72
N ASP B 614 -25.01 -14.39 -19.26
CA ASP B 614 -25.59 -15.52 -18.52
C ASP B 614 -26.71 -15.09 -17.56
N VAL B 615 -27.79 -14.59 -18.15
CA VAL B 615 -29.01 -14.28 -17.40
C VAL B 615 -30.21 -14.65 -18.25
N ASN B 616 -31.33 -14.90 -17.56
CA ASN B 616 -32.62 -15.02 -18.22
C ASN B 616 -33.22 -13.64 -18.47
N CYS B 617 -34.19 -13.59 -19.38
CA CYS B 617 -34.79 -12.33 -19.79
C CYS B 617 -35.81 -11.80 -18.80
N THR B 618 -36.20 -12.60 -17.80
CA THR B 618 -37.01 -12.12 -16.69
C THR B 618 -36.16 -11.61 -15.53
N GLU B 619 -34.92 -12.07 -15.41
CA GLU B 619 -34.04 -11.66 -14.33
C GLU B 619 -33.23 -10.40 -14.67
N VAL B 620 -33.45 -9.81 -15.84
CA VAL B 620 -32.64 -8.68 -16.28
C VAL B 620 -33.03 -7.41 -15.52
N PRO B 621 -34.31 -7.06 -15.40
CA PRO B 621 -34.67 -5.85 -14.64
C PRO B 621 -34.45 -5.98 -13.14
N VAL B 622 -34.05 -7.15 -12.65
CA VAL B 622 -33.64 -7.29 -11.25
C VAL B 622 -32.13 -7.47 -11.09
N ALA B 623 -31.42 -7.96 -12.11
CA ALA B 623 -29.98 -8.10 -11.98
C ALA B 623 -29.29 -6.74 -12.07
N ILE B 624 -29.75 -5.88 -12.96
CA ILE B 624 -29.17 -4.55 -13.14
C ILE B 624 -30.00 -3.47 -12.48
N HIS B 625 -31.01 -3.86 -11.69
CA HIS B 625 -31.91 -2.94 -11.00
C HIS B 625 -32.46 -1.88 -11.96
N ALA B 626 -33.24 -2.35 -12.93
CA ALA B 626 -33.82 -1.46 -13.92
C ALA B 626 -34.80 -0.47 -13.30
N ASP B 627 -35.39 -0.82 -12.16
CA ASP B 627 -36.34 0.07 -11.50
C ASP B 627 -35.69 1.31 -10.92
N GLN B 628 -34.38 1.28 -10.69
CA GLN B 628 -33.64 2.41 -10.14
C GLN B 628 -32.69 3.02 -11.17
N LEU B 629 -33.04 2.91 -12.45
CA LEU B 629 -32.23 3.43 -13.53
C LEU B 629 -32.97 4.55 -14.25
N THR B 630 -32.25 5.24 -15.13
CA THR B 630 -32.86 6.24 -16.00
C THR B 630 -33.89 5.58 -16.91
N PRO B 631 -35.00 6.25 -17.21
CA PRO B 631 -36.00 5.64 -18.10
C PRO B 631 -35.47 5.32 -19.49
N THR B 632 -34.40 5.99 -19.93
CA THR B 632 -33.81 5.66 -21.24
C THR B 632 -32.96 4.41 -21.17
N TRP B 633 -32.54 4.00 -19.97
CA TRP B 633 -31.93 2.69 -19.78
C TRP B 633 -32.97 1.58 -19.64
N ARG B 634 -34.20 1.92 -19.25
CA ARG B 634 -35.25 0.91 -19.16
C ARG B 634 -35.78 0.50 -20.52
N VAL B 635 -35.43 1.23 -21.58
CA VAL B 635 -35.67 0.75 -22.93
C VAL B 635 -34.88 -0.53 -23.17
N TYR B 636 -33.63 -0.56 -22.68
CA TYR B 636 -32.72 -1.67 -22.93
C TYR B 636 -32.70 -2.67 -21.77
N SER B 637 -33.84 -2.83 -21.11
CA SER B 637 -34.02 -3.84 -20.08
C SER B 637 -35.27 -4.68 -20.28
N THR B 638 -36.25 -4.20 -21.04
CA THR B 638 -37.46 -4.93 -21.39
C THR B 638 -37.73 -4.67 -22.86
N GLY B 639 -38.91 -5.05 -23.33
CA GLY B 639 -39.31 -4.68 -24.68
C GLY B 639 -39.65 -5.86 -25.56
N SER B 640 -39.60 -5.65 -26.89
CA SER B 640 -39.91 -6.70 -27.85
C SER B 640 -38.68 -7.34 -28.46
N ASN B 641 -37.62 -6.58 -28.70
CA ASN B 641 -36.37 -7.15 -29.19
C ASN B 641 -35.57 -7.65 -27.98
N VAL B 642 -35.96 -8.82 -27.49
CA VAL B 642 -35.29 -9.42 -26.34
C VAL B 642 -35.06 -10.90 -26.62
N PHE B 643 -33.89 -11.23 -27.16
CA PHE B 643 -33.50 -12.60 -27.41
C PHE B 643 -32.79 -13.19 -26.19
N GLN B 644 -32.78 -14.52 -26.13
CA GLN B 644 -32.20 -15.25 -25.00
C GLN B 644 -31.20 -16.26 -25.56
N THR B 645 -29.96 -15.81 -25.71
CA THR B 645 -28.88 -16.66 -26.18
C THR B 645 -28.34 -17.48 -25.01
N ARG B 646 -27.60 -18.55 -25.35
CA ARG B 646 -26.96 -19.33 -24.31
C ARG B 646 -25.88 -18.54 -23.59
N ALA B 647 -25.56 -17.34 -24.07
CA ALA B 647 -24.61 -16.44 -23.42
C ALA B 647 -25.31 -15.44 -22.52
N GLY B 648 -26.62 -15.29 -22.62
CA GLY B 648 -27.30 -14.31 -21.79
C GLY B 648 -28.48 -13.69 -22.52
N CYS B 649 -28.79 -12.46 -22.12
CA CYS B 649 -29.93 -11.72 -22.66
C CYS B 649 -29.43 -10.66 -23.64
N LEU B 650 -29.97 -10.70 -24.86
CA LEU B 650 -29.65 -9.73 -25.90
C LEU B 650 -30.83 -8.80 -26.12
N ILE B 651 -30.60 -7.49 -26.01
CA ILE B 651 -31.67 -6.50 -26.12
C ILE B 651 -31.29 -5.47 -27.16
N GLY B 652 -32.28 -5.06 -27.96
CA GLY B 652 -32.08 -4.14 -29.06
C GLY B 652 -31.72 -4.76 -30.39
N ALA B 653 -31.63 -6.08 -30.48
CA ALA B 653 -31.32 -6.78 -31.71
C ALA B 653 -32.53 -7.57 -32.18
N GLU B 654 -32.90 -7.40 -33.45
CA GLU B 654 -34.04 -8.11 -34.02
C GLU B 654 -33.60 -9.52 -34.40
N HIS B 655 -34.18 -10.53 -33.76
CA HIS B 655 -33.77 -11.91 -34.01
C HIS B 655 -34.39 -12.41 -35.31
N VAL B 656 -33.53 -12.77 -36.26
CA VAL B 656 -33.98 -13.30 -37.55
C VAL B 656 -33.63 -14.78 -37.61
N ASN B 657 -34.28 -15.48 -38.54
CA ASN B 657 -34.02 -16.90 -38.71
C ASN B 657 -32.96 -17.20 -39.76
N ASN B 658 -32.86 -16.35 -40.80
CA ASN B 658 -31.88 -16.56 -41.85
C ASN B 658 -30.47 -16.41 -41.29
N SER B 659 -29.57 -17.27 -41.76
CA SER B 659 -28.16 -17.22 -41.36
C SER B 659 -27.33 -16.47 -42.38
N TYR B 660 -26.29 -15.80 -41.90
CA TYR B 660 -25.40 -15.01 -42.74
C TYR B 660 -23.99 -15.13 -42.18
N GLU B 661 -23.02 -14.67 -42.96
CA GLU B 661 -21.64 -14.62 -42.48
C GLU B 661 -21.55 -13.68 -41.30
N CYS B 662 -20.78 -14.07 -40.29
CA CYS B 662 -20.68 -13.28 -39.07
C CYS B 662 -20.03 -11.93 -39.35
N ASP B 663 -20.63 -10.87 -38.79
CA ASP B 663 -20.13 -9.51 -38.94
C ASP B 663 -19.64 -8.97 -37.60
N ILE B 664 -20.51 -8.92 -36.60
CA ILE B 664 -20.13 -8.55 -35.25
C ILE B 664 -20.38 -9.75 -34.35
N PRO B 665 -19.35 -10.46 -33.92
CA PRO B 665 -19.58 -11.67 -33.11
C PRO B 665 -20.14 -11.33 -31.74
N ILE B 666 -21.18 -12.05 -31.34
CA ILE B 666 -21.78 -11.91 -30.02
C ILE B 666 -21.40 -13.07 -29.12
N GLY B 667 -21.67 -14.29 -29.55
CA GLY B 667 -21.24 -15.47 -28.83
C GLY B 667 -22.25 -16.59 -28.99
N ALA B 668 -21.81 -17.80 -28.66
CA ALA B 668 -22.63 -19.00 -28.74
C ALA B 668 -23.28 -19.13 -30.11
N GLY B 669 -22.51 -18.84 -31.16
CA GLY B 669 -22.99 -18.95 -32.52
C GLY B 669 -23.85 -17.81 -32.99
N ILE B 670 -24.04 -16.78 -32.17
CA ILE B 670 -24.90 -15.64 -32.50
C ILE B 670 -24.01 -14.46 -32.87
N CYS B 671 -24.31 -13.85 -34.01
CA CYS B 671 -23.65 -12.65 -34.48
C CYS B 671 -24.70 -11.61 -34.87
N ALA B 672 -24.37 -10.34 -34.68
CA ALA B 672 -25.28 -9.25 -34.98
C ALA B 672 -24.71 -8.36 -36.08
N SER B 673 -25.60 -7.63 -36.74
CA SER B 673 -25.20 -6.73 -37.81
C SER B 673 -26.33 -5.73 -38.06
N TYR B 674 -25.98 -4.63 -38.70
CA TYR B 674 -26.93 -3.56 -39.02
C TYR B 674 -27.40 -3.76 -40.45
N GLN B 675 -28.69 -4.07 -40.63
CA GLN B 675 -29.21 -4.41 -41.95
C GLN B 675 -30.66 -3.94 -42.04
N THR B 676 -31.13 -3.84 -43.29
CA THR B 676 -32.52 -3.44 -43.56
C THR B 676 -33.49 -4.55 -43.16
N SER B 689 -35.94 1.99 -41.64
CA SER B 689 -35.98 0.81 -42.48
C SER B 689 -34.85 -0.17 -42.13
N GLN B 690 -33.78 0.37 -41.54
CA GLN B 690 -32.63 -0.42 -41.13
C GLN B 690 -32.60 -0.52 -39.61
N SER B 691 -32.08 -1.65 -39.12
CA SER B 691 -32.10 -1.95 -37.70
C SER B 691 -31.01 -2.99 -37.43
N ILE B 692 -30.80 -3.26 -36.13
CA ILE B 692 -29.82 -4.24 -35.71
C ILE B 692 -30.49 -5.61 -35.64
N ILE B 693 -29.84 -6.61 -36.21
CA ILE B 693 -30.36 -7.97 -36.26
C ILE B 693 -29.35 -8.91 -35.65
N ALA B 694 -29.87 -9.98 -35.03
CA ALA B 694 -29.07 -11.04 -34.43
C ALA B 694 -29.45 -12.36 -35.07
N TYR B 695 -28.45 -13.15 -35.43
CA TYR B 695 -28.69 -14.38 -36.18
C TYR B 695 -27.65 -15.42 -35.80
N THR B 696 -28.01 -16.69 -35.99
CA THR B 696 -27.04 -17.77 -35.87
C THR B 696 -26.13 -17.74 -37.08
N MET B 697 -24.86 -17.43 -36.86
CA MET B 697 -23.95 -17.22 -37.98
C MET B 697 -23.82 -18.50 -38.80
N SER B 698 -23.65 -18.33 -40.11
CA SER B 698 -23.54 -19.44 -41.03
C SER B 698 -22.08 -19.86 -41.15
N LEU B 699 -21.87 -21.18 -41.27
CA LEU B 699 -20.53 -21.72 -41.44
C LEU B 699 -20.15 -21.86 -42.91
N GLY B 700 -21.01 -21.40 -43.81
CA GLY B 700 -20.80 -21.52 -45.24
C GLY B 700 -21.94 -22.28 -45.90
N ALA B 701 -22.13 -22.07 -47.20
CA ALA B 701 -23.19 -22.75 -47.91
C ALA B 701 -22.92 -24.25 -47.94
N GLU B 702 -23.93 -25.04 -47.58
CA GLU B 702 -23.74 -26.48 -47.57
C GLU B 702 -23.63 -27.01 -49.00
N ASN B 703 -23.07 -28.22 -49.11
CA ASN B 703 -22.83 -28.82 -50.41
C ASN B 703 -22.75 -30.32 -50.25
N SER B 704 -23.04 -31.03 -51.34
CA SER B 704 -22.94 -32.48 -51.38
C SER B 704 -22.06 -32.86 -52.55
N VAL B 705 -21.09 -33.74 -52.30
CA VAL B 705 -20.21 -34.25 -53.34
C VAL B 705 -20.82 -35.51 -53.93
N ALA B 706 -21.03 -35.52 -55.25
CA ALA B 706 -21.64 -36.67 -55.90
C ALA B 706 -20.62 -37.80 -55.98
N TYR B 707 -20.23 -38.34 -54.82
CA TYR B 707 -19.17 -39.33 -54.76
C TYR B 707 -19.69 -40.71 -55.17
N SER B 708 -18.91 -41.37 -56.03
CA SER B 708 -19.14 -42.78 -56.35
C SER B 708 -17.80 -43.39 -56.74
N ASN B 709 -17.73 -44.71 -56.60
CA ASN B 709 -16.46 -45.43 -56.73
C ASN B 709 -15.88 -45.41 -58.14
N ASN B 710 -16.65 -44.98 -59.14
CA ASN B 710 -16.14 -44.94 -60.52
C ASN B 710 -16.54 -43.63 -61.21
N SER B 711 -16.37 -42.52 -60.50
CA SER B 711 -16.68 -41.20 -61.04
C SER B 711 -15.68 -40.20 -60.48
N ILE B 712 -15.07 -39.41 -61.36
CA ILE B 712 -14.09 -38.41 -60.97
C ILE B 712 -14.42 -37.09 -61.63
N ALA B 713 -14.27 -36.00 -60.89
CA ALA B 713 -14.50 -34.66 -61.40
C ALA B 713 -13.16 -34.02 -61.70
N ILE B 714 -12.96 -33.62 -62.95
CA ILE B 714 -11.69 -33.06 -63.40
C ILE B 714 -11.96 -31.66 -63.93
N PRO B 715 -11.15 -30.66 -63.58
CA PRO B 715 -11.37 -29.31 -64.10
C PRO B 715 -10.98 -29.21 -65.57
N THR B 716 -11.65 -28.29 -66.27
CA THR B 716 -11.39 -28.03 -67.68
C THR B 716 -10.89 -26.63 -67.94
N ASN B 717 -11.10 -25.69 -67.02
CA ASN B 717 -10.57 -24.34 -67.13
C ASN B 717 -9.90 -23.98 -65.83
N PHE B 718 -9.46 -22.73 -65.68
CA PHE B 718 -8.78 -22.32 -64.47
C PHE B 718 -8.76 -20.80 -64.39
N THR B 719 -8.35 -20.30 -63.23
CA THR B 719 -8.21 -18.87 -62.97
C THR B 719 -6.90 -18.63 -62.22
N ILE B 720 -6.22 -17.57 -62.60
CA ILE B 720 -5.01 -17.13 -61.92
C ILE B 720 -5.44 -16.08 -60.89
N SER B 721 -5.38 -16.45 -59.62
CA SER B 721 -5.89 -15.61 -58.54
C SER B 721 -4.72 -14.99 -57.78
N VAL B 722 -4.78 -13.68 -57.60
CA VAL B 722 -3.80 -12.94 -56.81
C VAL B 722 -4.46 -12.58 -55.49
N THR B 723 -4.03 -13.20 -54.41
CA THR B 723 -4.51 -12.87 -53.07
C THR B 723 -3.48 -12.01 -52.36
N THR B 724 -3.91 -11.41 -51.25
CA THR B 724 -3.07 -10.45 -50.51
C THR B 724 -2.94 -10.90 -49.06
N GLU B 725 -1.71 -11.07 -48.61
CA GLU B 725 -1.41 -11.44 -47.23
C GLU B 725 -0.56 -10.36 -46.60
N ILE B 726 -1.03 -9.77 -45.51
CA ILE B 726 -0.35 -8.64 -44.88
C ILE B 726 0.25 -9.13 -43.56
N LEU B 727 1.53 -8.82 -43.35
CA LEU B 727 2.24 -9.28 -42.16
C LEU B 727 3.04 -8.13 -41.56
N PRO B 728 2.82 -7.80 -40.28
CA PRO B 728 3.66 -6.79 -39.64
C PRO B 728 5.08 -7.29 -39.45
N VAL B 729 6.04 -6.37 -39.58
CA VAL B 729 7.46 -6.72 -39.56
C VAL B 729 8.19 -6.04 -38.41
N SER B 730 7.87 -4.78 -38.12
CA SER B 730 8.59 -4.04 -37.11
C SER B 730 7.63 -3.12 -36.35
N MET B 731 8.02 -2.78 -35.13
CA MET B 731 7.30 -1.84 -34.29
C MET B 731 7.95 -0.46 -34.39
N THR B 732 7.53 0.45 -33.52
CA THR B 732 8.19 1.75 -33.38
C THR B 732 9.24 1.67 -32.27
N LYS B 733 10.47 2.06 -32.60
CA LYS B 733 11.61 1.96 -31.68
C LYS B 733 11.45 3.02 -30.59
N THR B 734 10.62 2.72 -29.60
CA THR B 734 10.41 3.66 -28.51
C THR B 734 11.63 3.69 -27.57
N SER B 735 11.86 4.85 -26.98
CA SER B 735 12.91 5.03 -25.99
C SER B 735 12.39 5.94 -24.89
N VAL B 736 12.63 5.55 -23.65
CA VAL B 736 12.09 6.27 -22.49
C VAL B 736 13.25 6.76 -21.65
N ASP B 737 13.24 8.04 -21.31
CA ASP B 737 14.21 8.61 -20.37
C ASP B 737 13.62 8.38 -18.98
N CYS B 738 14.14 7.36 -18.30
CA CYS B 738 13.54 6.93 -17.03
C CYS B 738 13.60 8.04 -15.99
N THR B 739 14.78 8.65 -15.80
CA THR B 739 14.90 9.68 -14.77
C THR B 739 14.12 10.93 -15.12
N MET B 740 14.03 11.28 -16.40
CA MET B 740 13.25 12.46 -16.79
C MET B 740 11.76 12.20 -16.70
N TYR B 741 11.33 10.98 -17.03
CA TYR B 741 9.92 10.65 -16.91
C TYR B 741 9.48 10.62 -15.46
N ILE B 742 10.21 9.90 -14.61
CA ILE B 742 9.80 9.76 -13.21
C ILE B 742 10.04 11.05 -12.45
N CYS B 743 11.20 11.67 -12.64
CA CYS B 743 11.67 12.75 -11.77
C CYS B 743 12.09 13.97 -12.59
N GLY B 744 11.23 14.42 -13.50
CA GLY B 744 11.58 15.46 -14.46
C GLY B 744 12.16 16.71 -13.85
N ASP B 745 13.46 16.93 -14.07
CA ASP B 745 14.16 18.14 -13.65
C ASP B 745 13.94 18.43 -12.16
N SER B 746 14.21 17.43 -11.32
CA SER B 746 14.12 17.59 -9.87
C SER B 746 15.28 16.81 -9.24
N THR B 747 16.24 17.55 -8.67
CA THR B 747 17.40 16.90 -8.05
C THR B 747 16.98 16.05 -6.84
N GLU B 748 16.08 16.58 -6.01
CA GLU B 748 15.62 15.82 -4.84
C GLU B 748 14.92 14.54 -5.27
N CYS B 749 14.09 14.62 -6.31
CA CYS B 749 13.39 13.43 -6.78
C CYS B 749 14.38 12.40 -7.32
N SER B 750 15.41 12.86 -8.04
CA SER B 750 16.41 11.94 -8.55
C SER B 750 17.18 11.27 -7.42
N ASN B 751 17.53 12.04 -6.39
CA ASN B 751 18.21 11.47 -5.23
C ASN B 751 17.34 10.42 -4.54
N LEU B 752 16.04 10.72 -4.38
CA LEU B 752 15.13 9.73 -3.81
C LEU B 752 15.02 8.49 -4.70
N LEU B 753 14.94 8.70 -6.02
CA LEU B 753 14.82 7.58 -6.95
C LEU B 753 16.05 6.69 -6.94
N LEU B 754 17.21 7.28 -6.64
CA LEU B 754 18.44 6.49 -6.56
C LEU B 754 18.33 5.38 -5.51
N GLN B 755 17.43 5.52 -4.54
CA GLN B 755 17.20 4.47 -3.56
C GLN B 755 16.63 3.21 -4.18
N TYR B 756 16.05 3.31 -5.38
CA TYR B 756 15.41 2.17 -6.03
C TYR B 756 16.36 1.38 -6.92
N GLY B 757 17.64 1.73 -6.94
CA GLY B 757 18.62 0.91 -7.63
C GLY B 757 18.57 0.99 -9.15
N SER B 758 18.54 -0.18 -9.78
CA SER B 758 18.82 -0.34 -11.20
C SER B 758 17.55 -0.44 -12.06
N PHE B 759 16.39 -0.06 -11.52
CA PHE B 759 15.15 -0.21 -12.28
C PHE B 759 15.21 0.57 -13.59
N CYS B 760 15.73 1.79 -13.54
CA CYS B 760 15.84 2.61 -14.75
C CYS B 760 16.71 1.91 -15.79
N THR B 761 17.83 1.32 -15.34
CA THR B 761 18.71 0.61 -16.25
C THR B 761 18.01 -0.60 -16.85
N GLN B 762 17.26 -1.34 -16.03
CA GLN B 762 16.50 -2.47 -16.54
C GLN B 762 15.54 -2.04 -17.66
N LEU B 763 14.75 -1.00 -17.40
CA LEU B 763 13.78 -0.55 -18.41
C LEU B 763 14.47 -0.09 -19.68
N ASN B 764 15.55 0.70 -19.54
CA ASN B 764 16.26 1.19 -20.71
C ASN B 764 16.87 0.04 -21.51
N ARG B 765 17.44 -0.95 -20.81
CA ARG B 765 18.02 -2.10 -21.48
C ARG B 765 16.97 -2.91 -22.22
N ALA B 766 15.81 -3.11 -21.59
CA ALA B 766 14.74 -3.85 -22.24
C ALA B 766 14.27 -3.12 -23.50
N LEU B 767 14.07 -1.81 -23.42
CA LEU B 767 13.62 -1.07 -24.59
C LEU B 767 14.67 -1.09 -25.70
N THR B 768 15.95 -0.97 -25.34
CA THR B 768 17.01 -1.04 -26.33
C THR B 768 17.04 -2.42 -26.99
N GLY B 769 16.86 -3.47 -26.20
CA GLY B 769 16.77 -4.80 -26.77
C GLY B 769 15.61 -4.93 -27.73
N ILE B 770 14.46 -4.36 -27.38
CA ILE B 770 13.30 -4.41 -28.28
C ILE B 770 13.64 -3.73 -29.60
N ALA B 771 14.24 -2.54 -29.54
CA ALA B 771 14.56 -1.82 -30.76
C ALA B 771 15.56 -2.58 -31.62
N VAL B 772 16.60 -3.14 -31.00
CA VAL B 772 17.59 -3.91 -31.74
C VAL B 772 16.95 -5.15 -32.35
N GLU B 773 16.03 -5.78 -31.61
CA GLU B 773 15.32 -6.94 -32.12
C GLU B 773 14.49 -6.58 -33.35
N GLN B 774 13.85 -5.41 -33.33
CA GLN B 774 13.06 -4.98 -34.49
C GLN B 774 13.96 -4.73 -35.69
N ASP B 775 15.10 -4.07 -35.47
CA ASP B 775 16.03 -3.83 -36.58
C ASP B 775 16.56 -5.15 -37.14
N LYS B 776 16.86 -6.11 -36.26
CA LYS B 776 17.30 -7.43 -36.72
C LYS B 776 16.21 -8.13 -37.51
N ASN B 777 14.95 -8.02 -37.06
CA ASN B 777 13.84 -8.59 -37.79
C ASN B 777 13.76 -8.04 -39.20
N THR B 778 13.79 -6.71 -39.33
CA THR B 778 13.72 -6.11 -40.66
C THR B 778 14.90 -6.54 -41.51
N GLN B 779 16.11 -6.55 -40.93
CA GLN B 779 17.30 -6.94 -41.69
C GLN B 779 17.18 -8.37 -42.20
N GLU B 780 16.73 -9.28 -41.34
CA GLU B 780 16.67 -10.69 -41.73
C GLU B 780 15.53 -10.97 -42.69
N VAL B 781 14.42 -10.21 -42.59
CA VAL B 781 13.31 -10.43 -43.51
C VAL B 781 13.63 -9.90 -44.90
N PHE B 782 14.13 -8.66 -44.98
CA PHE B 782 14.27 -8.01 -46.28
C PHE B 782 15.67 -8.13 -46.88
N ALA B 783 16.71 -7.80 -46.12
CA ALA B 783 18.08 -7.80 -46.64
C ALA B 783 18.61 -9.24 -46.73
N GLN B 784 18.01 -9.98 -47.67
CA GLN B 784 18.44 -11.34 -47.96
C GLN B 784 19.05 -11.50 -49.34
N VAL B 785 19.05 -10.45 -50.17
CA VAL B 785 19.60 -10.51 -51.52
C VAL B 785 20.95 -9.82 -51.55
N LYS B 786 21.95 -10.51 -52.11
CA LYS B 786 23.30 -9.97 -52.12
C LYS B 786 23.38 -8.68 -52.93
N GLN B 787 22.86 -8.69 -54.16
CA GLN B 787 22.99 -7.57 -55.07
C GLN B 787 21.64 -6.87 -55.24
N ILE B 788 21.66 -5.77 -56.00
CA ILE B 788 20.46 -4.98 -56.27
C ILE B 788 20.14 -5.07 -57.76
N TYR B 789 19.30 -6.03 -58.14
CA TYR B 789 18.96 -6.20 -59.53
C TYR B 789 17.95 -5.14 -59.99
N LYS B 790 17.91 -4.93 -61.31
CA LYS B 790 16.99 -4.00 -61.94
C LYS B 790 16.44 -4.62 -63.20
N THR B 791 15.13 -4.49 -63.41
CA THR B 791 14.53 -4.95 -64.64
C THR B 791 15.01 -4.07 -65.80
N PRO B 792 15.14 -4.64 -67.00
CA PRO B 792 15.58 -3.84 -68.15
C PRO B 792 14.48 -2.91 -68.61
N PRO B 793 14.82 -1.87 -69.38
CA PRO B 793 13.76 -1.00 -69.93
C PRO B 793 12.78 -1.74 -70.82
N ILE B 794 13.23 -2.77 -71.54
CA ILE B 794 12.33 -3.58 -72.34
C ILE B 794 11.47 -4.43 -71.41
N LYS B 795 10.17 -4.47 -71.68
CA LYS B 795 9.22 -5.21 -70.86
C LYS B 795 8.58 -6.34 -71.65
N ASP B 796 9.38 -7.07 -72.42
CA ASP B 796 8.89 -8.20 -73.22
C ASP B 796 8.85 -9.44 -72.32
N PHE B 797 7.90 -9.43 -71.38
CA PHE B 797 7.70 -10.50 -70.43
C PHE B 797 6.59 -11.47 -70.85
N GLY B 798 6.40 -11.65 -72.15
CA GLY B 798 5.39 -12.59 -72.62
C GLY B 798 3.95 -12.16 -72.40
N GLY B 799 3.71 -10.87 -72.16
CA GLY B 799 2.38 -10.36 -71.91
C GLY B 799 2.09 -10.02 -70.47
N PHE B 800 2.84 -10.58 -69.52
CA PHE B 800 2.67 -10.24 -68.12
C PHE B 800 3.06 -8.78 -67.90
N ASN B 801 2.24 -8.06 -67.15
CA ASN B 801 2.40 -6.62 -66.96
C ASN B 801 2.75 -6.37 -65.50
N PHE B 802 4.02 -6.07 -65.25
CA PHE B 802 4.52 -5.81 -63.90
C PHE B 802 4.64 -4.33 -63.58
N SER B 803 4.14 -3.46 -64.47
CA SER B 803 4.35 -2.02 -64.32
C SER B 803 3.75 -1.48 -63.03
N GLN B 804 2.77 -2.18 -62.46
CA GLN B 804 2.11 -1.71 -61.25
C GLN B 804 2.86 -2.09 -59.99
N ILE B 805 3.78 -3.05 -60.05
CA ILE B 805 4.54 -3.47 -58.89
C ILE B 805 6.01 -3.09 -58.99
N LEU B 806 6.54 -2.83 -60.18
CA LEU B 806 7.90 -2.40 -60.33
C LEU B 806 8.05 -0.92 -59.99
N PRO B 807 9.26 -0.47 -59.64
CA PRO B 807 9.44 0.94 -59.28
C PRO B 807 9.04 1.88 -60.40
N ASP B 808 8.44 3.01 -60.01
CA ASP B 808 8.08 4.05 -60.96
C ASP B 808 9.11 5.16 -60.87
N PRO B 809 9.86 5.43 -61.95
CA PRO B 809 10.90 6.47 -61.87
C PRO B 809 10.35 7.86 -61.56
N SER B 810 9.06 8.10 -61.82
CA SER B 810 8.42 9.38 -61.53
C SER B 810 7.65 9.33 -60.20
N LYS B 811 8.21 8.64 -59.21
CA LYS B 811 7.58 8.40 -57.92
C LYS B 811 8.61 8.73 -56.85
N PRO B 812 8.31 8.61 -55.53
CA PRO B 812 9.32 8.99 -54.53
C PRO B 812 10.52 8.05 -54.51
N SER B 813 11.19 7.94 -55.67
CA SER B 813 12.55 7.45 -55.83
C SER B 813 12.73 5.96 -55.58
N LYS B 814 11.74 5.28 -55.00
CA LYS B 814 11.80 3.83 -54.98
C LYS B 814 10.45 3.12 -54.98
N ARG B 815 9.33 3.82 -54.97
CA ARG B 815 8.05 3.22 -54.58
C ARG B 815 7.19 2.97 -55.80
N SER B 816 6.65 1.75 -55.90
CA SER B 816 5.73 1.40 -56.98
C SER B 816 4.37 2.05 -56.76
N PHE B 817 3.47 1.83 -57.73
CA PHE B 817 2.12 2.34 -57.61
C PHE B 817 1.38 1.69 -56.45
N ILE B 818 1.50 0.36 -56.33
CA ILE B 818 0.80 -0.36 -55.27
C ILE B 818 1.39 -0.01 -53.92
N GLU B 819 2.73 0.11 -53.84
CA GLU B 819 3.33 0.56 -52.60
C GLU B 819 2.88 1.98 -52.25
N ASP B 820 2.70 2.84 -53.25
CA ASP B 820 2.17 4.18 -53.00
C ASP B 820 0.77 4.11 -52.41
N LEU B 821 -0.08 3.25 -52.99
CA LEU B 821 -1.42 3.05 -52.45
C LEU B 821 -1.35 2.57 -51.01
N LEU B 822 -0.44 1.64 -50.71
CA LEU B 822 -0.33 1.12 -49.36
C LEU B 822 0.11 2.21 -48.40
N PHE B 823 1.09 3.02 -48.82
CA PHE B 823 1.60 4.10 -47.99
C PHE B 823 0.59 5.23 -47.83
N ASN B 824 -0.45 5.27 -48.67
CA ASN B 824 -1.48 6.29 -48.53
C ASN B 824 -2.73 5.76 -47.84
N LYS B 825 -2.73 4.50 -47.44
CA LYS B 825 -3.84 3.89 -46.69
C LYS B 825 -3.49 3.65 -45.24
N VAL B 826 -2.34 4.12 -44.78
CA VAL B 826 -1.90 3.97 -43.40
C VAL B 826 -1.47 5.33 -42.87
N THR B 827 -2.01 5.71 -41.71
CA THR B 827 -1.69 6.99 -41.10
C THR B 827 -0.46 6.88 -40.21
N ASP B 848 -1.23 18.97 -31.19
CA ASP B 848 -0.54 17.72 -31.48
C ASP B 848 -0.16 17.01 -30.18
N LEU B 849 -0.37 15.69 -30.15
CA LEU B 849 -0.08 14.89 -28.98
C LEU B 849 1.19 14.06 -29.14
N ILE B 850 1.95 14.27 -30.22
CA ILE B 850 3.26 13.64 -30.34
C ILE B 850 4.33 14.47 -29.64
N CYS B 851 4.05 15.72 -29.33
CA CYS B 851 4.98 16.58 -28.61
C CYS B 851 4.77 16.50 -27.10
N ALA B 852 3.58 16.11 -26.65
CA ALA B 852 3.35 15.95 -25.23
C ALA B 852 4.05 14.71 -24.69
N GLN B 853 4.28 13.71 -25.54
CA GLN B 853 5.09 12.57 -25.16
C GLN B 853 6.57 12.85 -25.34
N LYS B 854 6.90 13.85 -26.16
CA LYS B 854 8.29 14.18 -26.43
C LYS B 854 8.88 15.02 -25.30
N PHE B 855 8.04 15.79 -24.60
CA PHE B 855 8.50 16.63 -23.52
C PHE B 855 8.69 15.88 -22.21
N ASN B 856 8.33 14.59 -22.15
CA ASN B 856 8.46 13.81 -20.94
C ASN B 856 9.46 12.67 -21.08
N GLY B 857 10.43 12.81 -21.99
CA GLY B 857 11.46 11.82 -22.17
C GLY B 857 11.11 10.66 -23.08
N LEU B 858 9.90 10.62 -23.61
CA LEU B 858 9.47 9.53 -24.51
C LEU B 858 9.78 9.96 -25.93
N THR B 859 10.74 9.29 -26.56
CA THR B 859 11.14 9.60 -27.93
C THR B 859 10.99 8.36 -28.80
N VAL B 860 10.93 8.61 -30.12
CA VAL B 860 10.79 7.55 -31.10
C VAL B 860 12.03 7.59 -31.99
N LEU B 861 12.91 6.61 -31.81
CA LEU B 861 14.09 6.51 -32.65
C LEU B 861 13.69 6.18 -34.08
N PRO B 862 14.42 6.67 -35.07
CA PRO B 862 14.08 6.35 -36.46
C PRO B 862 14.60 4.97 -36.80
N PRO B 863 13.90 4.24 -37.67
CA PRO B 863 14.37 2.91 -38.05
C PRO B 863 15.65 2.99 -38.85
N LEU B 864 16.46 1.93 -38.75
CA LEU B 864 17.75 1.91 -39.42
C LEU B 864 17.58 1.95 -40.93
N LEU B 865 16.61 1.21 -41.45
CA LEU B 865 16.36 1.13 -42.88
C LEU B 865 15.21 2.06 -43.23
N THR B 866 15.50 3.09 -44.01
CA THR B 866 14.47 4.01 -44.45
C THR B 866 13.50 3.31 -45.41
N ASP B 867 12.31 3.90 -45.54
CA ASP B 867 11.29 3.33 -46.41
C ASP B 867 11.79 3.20 -47.85
N GLU B 868 12.62 4.15 -48.28
CA GLU B 868 13.20 4.08 -49.62
C GLU B 868 14.12 2.89 -49.76
N MET B 869 14.91 2.59 -48.73
CA MET B 869 15.81 1.44 -48.78
C MET B 869 15.04 0.12 -48.75
N ILE B 870 13.97 0.05 -47.96
CA ILE B 870 13.13 -1.15 -47.96
C ILE B 870 12.49 -1.35 -49.32
N ALA B 871 12.01 -0.26 -49.93
CA ALA B 871 11.45 -0.36 -51.27
C ALA B 871 12.51 -0.79 -52.28
N GLN B 872 13.73 -0.28 -52.16
CA GLN B 872 14.82 -0.70 -53.03
C GLN B 872 15.10 -2.20 -52.86
N TYR B 873 15.13 -2.68 -51.62
CA TYR B 873 15.36 -4.11 -51.39
C TYR B 873 14.26 -4.95 -52.01
N THR B 874 13.01 -4.55 -51.84
CA THR B 874 11.91 -5.30 -52.43
C THR B 874 11.97 -5.24 -53.94
N SER B 875 12.39 -4.10 -54.50
CA SER B 875 12.57 -3.99 -55.94
C SER B 875 13.65 -4.93 -56.44
N ALA B 876 14.76 -5.02 -55.71
CA ALA B 876 15.83 -5.94 -56.11
C ALA B 876 15.35 -7.37 -56.07
N LEU B 877 14.63 -7.75 -55.01
CA LEU B 877 14.09 -9.10 -54.92
C LEU B 877 13.13 -9.38 -56.07
N LEU B 878 12.25 -8.42 -56.37
CA LEU B 878 11.26 -8.62 -57.41
C LEU B 878 11.91 -8.72 -58.79
N ALA B 879 12.91 -7.89 -59.05
CA ALA B 879 13.61 -7.96 -60.33
C ALA B 879 14.37 -9.26 -60.47
N GLY B 880 15.03 -9.71 -59.40
CA GLY B 880 15.70 -11.00 -59.46
C GLY B 880 14.73 -12.13 -59.73
N THR B 881 13.59 -12.14 -59.03
CA THR B 881 12.59 -13.17 -59.27
C THR B 881 12.09 -13.14 -60.72
N ILE B 882 11.77 -11.94 -61.22
CA ILE B 882 11.19 -11.84 -62.56
C ILE B 882 12.20 -12.26 -63.62
N THR B 883 13.45 -11.83 -63.49
CA THR B 883 14.41 -12.03 -64.57
C THR B 883 15.23 -13.30 -64.44
N SER B 884 15.21 -13.96 -63.27
CA SER B 884 16.02 -15.14 -63.06
C SER B 884 15.31 -16.26 -62.31
N GLY B 885 14.07 -16.04 -61.89
CA GLY B 885 13.33 -17.07 -61.17
C GLY B 885 13.79 -17.23 -59.74
N TRP B 886 14.18 -18.45 -59.38
CA TRP B 886 14.67 -18.75 -58.03
C TRP B 886 16.19 -18.84 -57.94
N THR B 887 16.90 -18.77 -59.07
CA THR B 887 18.34 -18.95 -59.05
C THR B 887 19.04 -17.85 -58.25
N PHE B 888 18.53 -16.62 -58.34
CA PHE B 888 19.20 -15.49 -57.69
C PHE B 888 19.23 -15.61 -56.17
N GLY B 889 18.36 -16.43 -55.60
CA GLY B 889 18.38 -16.65 -54.16
C GLY B 889 19.35 -17.73 -53.75
N ALA B 890 19.37 -18.83 -54.50
CA ALA B 890 20.29 -19.92 -54.20
C ALA B 890 21.74 -19.52 -54.44
N GLY B 891 21.98 -18.61 -55.38
CA GLY B 891 23.33 -18.19 -55.71
C GLY B 891 23.34 -17.02 -56.67
N ALA B 892 24.19 -17.08 -57.69
CA ALA B 892 24.21 -16.05 -58.71
C ALA B 892 22.93 -16.09 -59.54
N ALA B 893 22.50 -14.92 -59.99
CA ALA B 893 21.28 -14.83 -60.78
C ALA B 893 21.50 -15.34 -62.19
N LEU B 894 20.65 -16.27 -62.61
CA LEU B 894 20.73 -16.91 -63.93
C LEU B 894 19.45 -16.55 -64.68
N GLN B 895 19.56 -15.68 -65.68
CA GLN B 895 18.37 -15.21 -66.36
C GLN B 895 17.65 -16.35 -67.07
N ILE B 896 16.36 -16.12 -67.32
CA ILE B 896 15.49 -17.09 -67.99
C ILE B 896 14.20 -16.38 -68.40
N PRO B 897 13.71 -16.58 -69.62
CA PRO B 897 12.46 -15.94 -70.03
C PRO B 897 11.31 -16.29 -69.09
N PHE B 898 10.50 -15.28 -68.78
CA PHE B 898 9.47 -15.42 -67.76
C PHE B 898 8.45 -16.50 -68.12
N ALA B 899 8.09 -16.59 -69.42
CA ALA B 899 7.19 -17.64 -69.87
C ALA B 899 7.70 -19.02 -69.48
N MET B 900 9.00 -19.27 -69.67
CA MET B 900 9.54 -20.58 -69.33
C MET B 900 9.62 -20.77 -67.82
N GLN B 901 9.82 -19.68 -67.07
CA GLN B 901 9.77 -19.77 -65.62
C GLN B 901 8.39 -20.22 -65.16
N MET B 902 7.33 -19.62 -65.72
CA MET B 902 5.98 -20.03 -65.36
C MET B 902 5.68 -21.45 -65.84
N ALA B 903 6.28 -21.86 -66.96
CA ALA B 903 6.12 -23.24 -67.40
C ALA B 903 6.72 -24.20 -66.38
N TYR B 904 7.90 -23.86 -65.85
CA TYR B 904 8.51 -24.68 -64.81
C TYR B 904 7.65 -24.68 -63.55
N ARG B 905 7.10 -23.53 -63.18
CA ARG B 905 6.27 -23.46 -62.00
C ARG B 905 5.04 -24.36 -62.15
N PHE B 906 4.41 -24.32 -63.33
CA PHE B 906 3.32 -25.23 -63.62
C PHE B 906 3.78 -26.68 -63.52
N ASN B 907 4.95 -26.98 -64.08
CA ASN B 907 5.51 -28.33 -63.99
C ASN B 907 5.78 -28.72 -62.54
N GLY B 908 5.87 -27.76 -61.63
CA GLY B 908 6.08 -28.06 -60.25
C GLY B 908 4.82 -28.33 -59.47
N ILE B 909 3.66 -28.04 -60.06
CA ILE B 909 2.38 -28.37 -59.46
C ILE B 909 1.65 -29.44 -60.26
N GLY B 910 2.38 -30.17 -61.11
CA GLY B 910 1.77 -31.25 -61.86
C GLY B 910 1.03 -30.86 -63.13
N VAL B 911 1.24 -29.65 -63.64
CA VAL B 911 0.59 -29.21 -64.87
C VAL B 911 1.66 -29.00 -65.93
N THR B 912 1.52 -29.70 -67.05
CA THR B 912 2.53 -29.66 -68.11
C THR B 912 2.66 -28.25 -68.70
N GLN B 913 3.77 -28.04 -69.40
CA GLN B 913 4.08 -26.74 -69.99
C GLN B 913 3.12 -26.40 -71.14
N ASN B 914 2.78 -27.39 -71.96
CA ASN B 914 1.96 -27.11 -73.14
C ASN B 914 0.63 -26.46 -72.77
N VAL B 915 0.12 -26.72 -71.58
CA VAL B 915 -1.11 -26.04 -71.14
C VAL B 915 -0.86 -24.54 -71.09
N LEU B 916 0.27 -24.15 -70.52
CA LEU B 916 0.63 -22.74 -70.48
C LEU B 916 0.77 -22.21 -71.89
N TYR B 917 1.68 -22.79 -72.67
CA TYR B 917 1.95 -22.23 -73.99
C TYR B 917 0.68 -22.12 -74.84
N GLU B 918 -0.20 -23.13 -74.77
CA GLU B 918 -1.48 -23.06 -75.48
C GLU B 918 -2.46 -22.06 -74.88
N ASN B 919 -2.25 -21.57 -73.66
CA ASN B 919 -3.16 -20.55 -73.14
C ASN B 919 -2.38 -19.39 -72.52
N GLN B 920 -1.28 -19.00 -73.16
CA GLN B 920 -0.41 -17.97 -72.61
C GLN B 920 -1.08 -16.60 -72.62
N LYS B 921 -1.71 -16.23 -73.74
CA LYS B 921 -2.37 -14.93 -73.80
C LYS B 921 -3.52 -14.85 -72.81
N LEU B 922 -4.30 -15.93 -72.70
CA LEU B 922 -5.41 -15.95 -71.75
C LEU B 922 -4.89 -15.80 -70.32
N ILE B 923 -3.85 -16.56 -69.97
CA ILE B 923 -3.30 -16.49 -68.61
C ILE B 923 -2.74 -15.11 -68.33
N ALA B 924 -2.03 -14.52 -69.30
CA ALA B 924 -1.51 -13.18 -69.10
C ALA B 924 -2.63 -12.17 -68.88
N ASN B 925 -3.70 -12.25 -69.67
CA ASN B 925 -4.80 -11.31 -69.50
C ASN B 925 -5.47 -11.50 -68.14
N GLN B 926 -5.66 -12.77 -67.72
CA GLN B 926 -6.24 -13.03 -66.41
C GLN B 926 -5.37 -12.47 -65.29
N PHE B 927 -4.04 -12.66 -65.40
CA PHE B 927 -3.14 -12.13 -64.37
C PHE B 927 -3.18 -10.61 -64.32
N ASN B 928 -3.17 -9.96 -65.48
CA ASN B 928 -3.24 -8.50 -65.50
C ASN B 928 -4.55 -8.00 -64.91
N SER B 929 -5.66 -8.64 -65.27
CA SER B 929 -6.95 -8.24 -64.71
C SER B 929 -6.99 -8.46 -63.20
N ALA B 930 -6.38 -9.54 -62.72
CA ALA B 930 -6.34 -9.79 -61.28
C ALA B 930 -5.51 -8.73 -60.57
N ILE B 931 -4.39 -8.33 -61.16
CA ILE B 931 -3.58 -7.26 -60.56
C ILE B 931 -4.36 -5.96 -60.53
N GLY B 932 -5.09 -5.65 -61.61
CA GLY B 932 -5.96 -4.47 -61.59
C GLY B 932 -7.02 -4.54 -60.51
N LYS B 933 -7.62 -5.72 -60.34
CA LYS B 933 -8.60 -5.90 -59.27
C LYS B 933 -7.98 -5.69 -57.90
N ILE B 934 -6.75 -6.16 -57.71
CA ILE B 934 -6.05 -5.93 -56.45
C ILE B 934 -5.85 -4.45 -56.21
N GLN B 935 -5.42 -3.73 -57.24
CA GLN B 935 -5.28 -2.27 -57.12
C GLN B 935 -6.60 -1.63 -56.74
N ASP B 936 -7.68 -2.00 -57.43
CA ASP B 936 -8.98 -1.42 -57.14
C ASP B 936 -9.40 -1.68 -55.70
N SER B 937 -9.22 -2.92 -55.24
CA SER B 937 -9.58 -3.26 -53.86
C SER B 937 -8.77 -2.45 -52.87
N LEU B 938 -7.46 -2.30 -53.11
CA LEU B 938 -6.63 -1.54 -52.18
C LEU B 938 -6.97 -0.05 -52.22
N SER B 939 -7.36 0.46 -53.38
CA SER B 939 -7.68 1.88 -53.54
C SER B 939 -9.03 2.24 -52.94
N SER B 940 -9.99 1.31 -52.97
CA SER B 940 -11.33 1.61 -52.50
C SER B 940 -11.44 1.43 -50.98
N THR B 941 -10.91 0.34 -50.45
CA THR B 941 -11.04 0.03 -49.04
C THR B 941 -9.71 0.27 -48.34
N ALA B 942 -9.75 1.02 -47.23
CA ALA B 942 -8.56 1.30 -46.44
C ALA B 942 -8.40 0.37 -45.24
N SER B 943 -9.46 -0.31 -44.83
CA SER B 943 -9.38 -1.23 -43.68
C SER B 943 -8.57 -2.48 -43.98
N ALA B 944 -8.21 -2.73 -45.25
CA ALA B 944 -7.50 -3.96 -45.60
C ALA B 944 -6.23 -4.13 -44.77
N LEU B 945 -5.49 -3.05 -44.54
CA LEU B 945 -4.25 -3.13 -43.77
C LEU B 945 -4.48 -2.85 -42.29
N GLY B 946 -5.69 -3.12 -41.79
CA GLY B 946 -6.00 -2.85 -40.40
C GLY B 946 -4.99 -3.46 -39.44
N LYS B 947 -4.58 -4.70 -39.73
CA LYS B 947 -3.62 -5.40 -38.88
C LYS B 947 -2.38 -4.56 -38.61
N LEU B 948 -1.88 -3.87 -39.64
CA LEU B 948 -0.75 -2.98 -39.41
C LEU B 948 -1.16 -1.77 -38.58
N GLN B 949 -2.24 -1.11 -38.98
CA GLN B 949 -2.70 0.09 -38.27
C GLN B 949 -2.93 -0.22 -36.80
N ASP B 950 -3.67 -1.29 -36.51
CA ASP B 950 -3.87 -1.78 -35.16
C ASP B 950 -2.57 -1.72 -34.38
N VAL B 951 -1.54 -2.41 -34.88
CA VAL B 951 -0.24 -2.43 -34.21
C VAL B 951 0.17 -1.01 -33.87
N VAL B 952 0.30 -0.17 -34.91
CA VAL B 952 0.65 1.23 -34.70
C VAL B 952 -0.25 1.82 -33.63
N ASN B 953 -1.57 1.72 -33.85
CA ASN B 953 -2.53 2.28 -32.92
C ASN B 953 -2.22 1.81 -31.50
N GLN B 954 -2.04 0.49 -31.34
CA GLN B 954 -1.78 -0.06 -30.01
C GLN B 954 -0.63 0.68 -29.37
N ASN B 955 0.50 0.77 -30.08
CA ASN B 955 1.66 1.45 -29.53
C ASN B 955 1.27 2.85 -29.10
N ALA B 956 0.61 3.59 -29.99
CA ALA B 956 0.19 4.94 -29.66
C ALA B 956 -0.61 4.93 -28.38
N GLN B 957 -1.62 4.06 -28.31
CA GLN B 957 -2.46 3.98 -27.12
C GLN B 957 -1.58 3.80 -25.89
N ALA B 958 -0.67 2.82 -25.96
CA ALA B 958 0.25 2.59 -24.86
C ALA B 958 0.88 3.91 -24.42
N LEU B 959 1.58 4.57 -25.36
CA LEU B 959 2.25 5.82 -25.03
C LEU B 959 1.24 6.79 -24.44
N ASN B 960 0.09 6.91 -25.09
CA ASN B 960 -0.93 7.84 -24.62
C ASN B 960 -1.28 7.53 -23.17
N THR B 961 -1.56 6.25 -22.87
CA THR B 961 -1.90 5.89 -21.51
C THR B 961 -0.77 6.29 -20.56
N LEU B 962 0.47 6.01 -20.96
CA LEU B 962 1.62 6.39 -20.16
C LEU B 962 1.55 7.87 -19.82
N VAL B 963 1.29 8.70 -20.84
CA VAL B 963 1.20 10.14 -20.63
C VAL B 963 0.10 10.44 -19.63
N LYS B 964 -1.07 9.81 -19.79
CA LYS B 964 -2.15 10.07 -18.87
C LYS B 964 -1.83 9.55 -17.48
N GLN B 965 -0.94 8.57 -17.39
CA GLN B 965 -0.54 8.08 -16.08
C GLN B 965 0.22 9.11 -15.28
N LEU B 966 0.70 10.19 -15.92
CA LEU B 966 1.32 11.26 -15.17
C LEU B 966 0.30 12.10 -14.41
N SER B 967 -1.00 11.89 -14.63
CA SER B 967 -2.04 12.67 -14.00
C SER B 967 -2.59 12.00 -12.74
N SER B 968 -1.97 10.91 -12.29
CA SER B 968 -2.48 10.14 -11.18
C SER B 968 -1.72 10.43 -9.90
N ASN B 969 -2.45 10.46 -8.78
CA ASN B 969 -1.83 10.72 -7.49
C ASN B 969 -1.23 9.47 -6.89
N PHE B 970 -1.80 8.30 -7.21
CA PHE B 970 -1.38 7.02 -6.65
C PHE B 970 -1.43 7.02 -5.12
N GLY B 971 -2.27 7.89 -4.56
CA GLY B 971 -2.37 8.05 -3.12
C GLY B 971 -1.69 9.28 -2.57
N ALA B 972 -0.83 9.92 -3.36
CA ALA B 972 -0.19 11.16 -2.93
C ALA B 972 -1.22 12.28 -2.85
N ILE B 973 -0.75 13.46 -2.41
CA ILE B 973 -1.63 14.62 -2.27
C ILE B 973 -1.73 15.43 -3.55
N SER B 974 -0.96 15.11 -4.59
CA SER B 974 -1.01 15.80 -5.87
C SER B 974 -0.18 15.01 -6.87
N SER B 975 -0.65 14.97 -8.12
CA SER B 975 0.07 14.27 -9.17
C SER B 975 1.17 15.11 -9.81
N VAL B 976 1.39 16.33 -9.34
CA VAL B 976 2.39 17.23 -9.91
C VAL B 976 3.56 17.32 -8.94
N LEU B 977 4.74 16.92 -9.42
CA LEU B 977 5.94 16.97 -8.58
C LEU B 977 6.30 18.39 -8.17
N ASN B 978 6.16 19.34 -9.09
CA ASN B 978 6.51 20.72 -8.79
C ASN B 978 5.64 21.29 -7.67
N ASP B 979 4.34 20.98 -7.69
CA ASP B 979 3.46 21.47 -6.62
C ASP B 979 3.87 20.89 -5.27
N ILE B 980 4.18 19.60 -5.22
CA ILE B 980 4.60 18.97 -3.97
C ILE B 980 5.89 19.60 -3.48
N LEU B 981 6.84 19.84 -4.38
CA LEU B 981 8.10 20.46 -3.97
C LEU B 981 7.90 21.89 -3.50
N SER B 982 6.94 22.60 -4.08
CA SER B 982 6.69 23.99 -3.70
C SER B 982 5.83 24.10 -2.45
N ARG B 983 5.14 23.03 -2.06
CA ARG B 983 4.19 23.09 -0.96
C ARG B 983 4.63 22.35 0.29
N LEU B 984 5.59 21.42 0.20
CA LEU B 984 5.95 20.59 1.33
C LEU B 984 7.46 20.57 1.53
N ASP B 985 7.86 20.44 2.80
CA ASP B 985 9.25 20.26 3.19
C ASP B 985 9.67 18.81 3.01
N PRO B 986 10.97 18.52 3.03
CA PRO B 986 11.46 17.15 2.76
C PRO B 986 10.81 16.10 3.65
N PRO B 987 10.59 16.36 4.95
CA PRO B 987 9.99 15.30 5.80
C PRO B 987 8.74 14.64 5.21
N GLU B 988 7.85 15.40 4.57
CA GLU B 988 6.67 14.82 3.95
C GLU B 988 6.71 14.82 2.43
N ALA B 989 7.48 15.74 1.83
CA ALA B 989 7.77 15.63 0.41
C ALA B 989 8.39 14.28 0.07
N GLU B 990 9.18 13.71 0.98
CA GLU B 990 9.75 12.39 0.73
C GLU B 990 8.67 11.34 0.60
N VAL B 991 7.67 11.39 1.49
CA VAL B 991 6.57 10.42 1.42
C VAL B 991 5.78 10.61 0.13
N GLN B 992 5.45 11.86 -0.21
CA GLN B 992 4.66 12.11 -1.41
C GLN B 992 5.41 11.68 -2.66
N ILE B 993 6.70 12.03 -2.76
CA ILE B 993 7.50 11.64 -3.91
C ILE B 993 7.70 10.13 -3.95
N ASP B 994 7.76 9.46 -2.80
CA ASP B 994 7.84 8.01 -2.81
C ASP B 994 6.58 7.39 -3.39
N ARG B 995 5.41 7.92 -2.99
CA ARG B 995 4.15 7.45 -3.59
C ARG B 995 4.16 7.66 -5.10
N LEU B 996 4.55 8.86 -5.54
CA LEU B 996 4.57 9.15 -6.98
C LEU B 996 5.54 8.23 -7.70
N ILE B 997 6.72 8.02 -7.12
CA ILE B 997 7.74 7.18 -7.75
C ILE B 997 7.24 5.76 -7.87
N THR B 998 6.63 5.22 -6.81
CA THR B 998 6.09 3.87 -6.86
C THR B 998 5.03 3.75 -7.95
N GLY B 999 4.10 4.70 -8.00
CA GLY B 999 3.06 4.63 -9.01
C GLY B 999 3.60 4.72 -10.43
N ARG B 1000 4.49 5.68 -10.68
CA ARG B 1000 5.02 5.86 -12.02
C ARG B 1000 5.92 4.70 -12.42
N LEU B 1001 6.68 4.16 -11.47
CA LEU B 1001 7.51 2.99 -11.75
C LEU B 1001 6.64 1.78 -12.08
N GLN B 1002 5.52 1.61 -11.38
CA GLN B 1002 4.61 0.53 -11.72
C GLN B 1002 4.04 0.72 -13.13
N SER B 1003 3.67 1.96 -13.47
CA SER B 1003 3.18 2.24 -14.80
C SER B 1003 4.24 1.93 -15.86
N LEU B 1004 5.48 2.33 -15.59
CA LEU B 1004 6.56 2.07 -16.53
C LEU B 1004 6.80 0.57 -16.69
N GLN B 1005 6.79 -0.18 -15.58
CA GLN B 1005 6.99 -1.62 -15.66
C GLN B 1005 5.88 -2.29 -16.45
N THR B 1006 4.64 -1.88 -16.21
CA THR B 1006 3.52 -2.43 -16.98
C THR B 1006 3.69 -2.13 -18.47
N TYR B 1007 4.04 -0.89 -18.80
CA TYR B 1007 4.23 -0.53 -20.21
C TYR B 1007 5.35 -1.34 -20.83
N VAL B 1008 6.46 -1.51 -20.11
CA VAL B 1008 7.60 -2.25 -20.64
C VAL B 1008 7.24 -3.71 -20.86
N THR B 1009 6.51 -4.31 -19.91
CA THR B 1009 6.11 -5.70 -20.08
C THR B 1009 5.17 -5.87 -21.27
N GLN B 1010 4.20 -4.97 -21.43
CA GLN B 1010 3.34 -5.01 -22.60
C GLN B 1010 4.16 -4.89 -23.89
N GLN B 1011 5.12 -3.96 -23.90
CA GLN B 1011 5.97 -3.79 -25.08
C GLN B 1011 6.77 -5.05 -25.36
N LEU B 1012 7.31 -5.69 -24.32
CA LEU B 1012 8.09 -6.91 -24.50
C LEU B 1012 7.24 -8.03 -25.07
N ILE B 1013 6.04 -8.22 -24.55
CA ILE B 1013 5.18 -9.30 -25.04
C ILE B 1013 4.75 -9.03 -26.48
N ARG B 1014 4.36 -7.79 -26.78
CA ARG B 1014 3.96 -7.46 -28.14
C ARG B 1014 5.14 -7.57 -29.10
N ALA B 1015 6.34 -7.24 -28.64
CA ALA B 1015 7.53 -7.38 -29.48
C ALA B 1015 7.86 -8.84 -29.72
N ALA B 1016 7.65 -9.71 -28.73
CA ALA B 1016 7.81 -11.14 -28.96
C ALA B 1016 6.81 -11.64 -30.01
N GLU B 1017 5.55 -11.21 -29.90
CA GLU B 1017 4.56 -11.55 -30.91
C GLU B 1017 5.01 -11.09 -32.30
N ILE B 1018 5.43 -9.83 -32.41
CA ILE B 1018 5.81 -9.28 -33.70
C ILE B 1018 7.06 -9.96 -34.23
N ARG B 1019 7.99 -10.36 -33.34
CA ARG B 1019 9.15 -11.12 -33.78
C ARG B 1019 8.75 -12.48 -34.34
N ALA B 1020 7.80 -13.15 -33.68
CA ALA B 1020 7.30 -14.41 -34.23
C ALA B 1020 6.68 -14.20 -35.60
N SER B 1021 5.89 -13.14 -35.75
CA SER B 1021 5.27 -12.86 -37.04
C SER B 1021 6.33 -12.52 -38.09
N ALA B 1022 7.40 -11.85 -37.67
CA ALA B 1022 8.47 -11.50 -38.61
C ALA B 1022 9.24 -12.73 -39.03
N ASN B 1023 9.46 -13.67 -38.11
CA ASN B 1023 10.07 -14.94 -38.49
C ASN B 1023 9.20 -15.68 -39.48
N LEU B 1024 7.87 -15.66 -39.26
CA LEU B 1024 6.96 -16.27 -40.22
C LEU B 1024 7.07 -15.59 -41.58
N ALA B 1025 7.15 -14.26 -41.59
CA ALA B 1025 7.27 -13.52 -42.84
C ALA B 1025 8.58 -13.83 -43.55
N ALA B 1026 9.67 -13.96 -42.80
CA ALA B 1026 10.95 -14.32 -43.40
C ALA B 1026 10.88 -15.71 -44.03
N THR B 1027 10.26 -16.66 -43.33
CA THR B 1027 10.07 -17.99 -43.90
C THR B 1027 9.20 -17.92 -45.15
N LYS B 1028 8.20 -17.04 -45.13
CA LYS B 1028 7.31 -16.89 -46.27
C LYS B 1028 8.07 -16.33 -47.48
N MET B 1029 8.97 -15.39 -47.24
CA MET B 1029 9.79 -14.84 -48.32
C MET B 1029 10.77 -15.87 -48.85
N SER B 1030 11.33 -16.70 -47.94
CA SER B 1030 12.27 -17.73 -48.38
C SER B 1030 11.59 -18.77 -49.25
N GLU B 1031 10.45 -19.29 -48.80
CA GLU B 1031 9.79 -20.42 -49.45
C GLU B 1031 8.70 -20.01 -50.43
N CYS B 1032 8.48 -18.72 -50.63
CA CYS B 1032 7.35 -18.25 -51.41
C CYS B 1032 7.73 -17.39 -52.60
N VAL B 1033 8.69 -16.48 -52.43
CA VAL B 1033 9.21 -15.69 -53.55
C VAL B 1033 10.43 -16.34 -54.17
N LEU B 1034 11.42 -16.67 -53.34
CA LEU B 1034 12.67 -17.27 -53.77
C LEU B 1034 12.56 -18.74 -54.17
N GLY B 1035 11.38 -19.32 -54.19
CA GLY B 1035 11.24 -20.71 -54.59
C GLY B 1035 9.83 -21.02 -55.03
N GLN B 1036 9.41 -22.27 -54.76
CA GLN B 1036 8.06 -22.70 -55.10
C GLN B 1036 7.63 -23.74 -54.07
N SER B 1037 6.77 -23.33 -53.14
CA SER B 1037 6.37 -24.19 -52.04
C SER B 1037 5.26 -25.13 -52.48
N LYS B 1038 5.39 -26.40 -52.14
CA LYS B 1038 4.29 -27.35 -52.27
C LYS B 1038 3.46 -27.43 -51.00
N ARG B 1039 3.78 -26.62 -49.99
CA ARG B 1039 2.98 -26.55 -48.78
C ARG B 1039 1.63 -25.91 -49.07
N VAL B 1040 0.55 -26.63 -48.74
CA VAL B 1040 -0.80 -26.20 -49.10
C VAL B 1040 -1.18 -25.02 -48.22
N ASP B 1041 -1.75 -23.98 -48.82
CA ASP B 1041 -2.33 -22.84 -48.14
C ASP B 1041 -1.29 -22.02 -47.39
N PHE B 1042 -0.01 -22.35 -47.52
CA PHE B 1042 1.03 -21.59 -46.84
C PHE B 1042 1.36 -20.32 -47.61
N CYS B 1043 0.97 -20.24 -48.88
CA CYS B 1043 1.24 -19.10 -49.74
C CYS B 1043 -0.01 -18.73 -50.52
N GLY B 1044 -1.13 -18.62 -49.81
CA GLY B 1044 -2.39 -18.26 -50.43
C GLY B 1044 -3.22 -19.47 -50.75
N LYS B 1045 -4.55 -19.28 -50.78
CA LYS B 1045 -5.45 -20.38 -51.08
C LYS B 1045 -5.24 -20.88 -52.50
N GLY B 1046 -5.30 -22.19 -52.65
CA GLY B 1046 -5.03 -22.83 -53.93
C GLY B 1046 -3.60 -23.31 -54.03
N TYR B 1047 -3.24 -23.75 -55.23
CA TYR B 1047 -1.89 -24.21 -55.50
C TYR B 1047 -0.99 -23.02 -55.78
N HIS B 1048 0.16 -22.99 -55.11
CA HIS B 1048 1.04 -21.83 -55.18
C HIS B 1048 1.80 -21.80 -56.51
N LEU B 1049 1.74 -20.66 -57.19
CA LEU B 1049 2.54 -20.40 -58.37
C LEU B 1049 3.76 -19.55 -58.07
N MET B 1050 3.54 -18.38 -57.46
CA MET B 1050 4.64 -17.52 -57.06
C MET B 1050 4.10 -16.46 -56.09
N SER B 1051 4.99 -15.56 -55.67
CA SER B 1051 4.60 -14.48 -54.78
C SER B 1051 5.46 -13.26 -55.09
N PHE B 1052 4.91 -12.08 -54.82
CA PHE B 1052 5.63 -10.83 -55.01
C PHE B 1052 5.55 -10.01 -53.74
N PRO B 1053 6.67 -9.60 -53.15
CA PRO B 1053 6.61 -8.79 -51.93
C PRO B 1053 6.54 -7.30 -52.23
N GLN B 1054 5.90 -6.58 -51.31
CA GLN B 1054 5.83 -5.13 -51.36
C GLN B 1054 5.99 -4.58 -49.96
N SER B 1055 6.81 -3.55 -49.81
CA SER B 1055 6.99 -2.93 -48.52
C SER B 1055 5.72 -2.21 -48.09
N ALA B 1056 5.66 -1.83 -46.82
CA ALA B 1056 4.56 -1.04 -46.28
C ALA B 1056 4.98 -0.52 -44.92
N PRO B 1057 4.41 0.59 -44.44
CA PRO B 1057 4.85 1.14 -43.15
C PRO B 1057 4.74 0.10 -42.04
N HIS B 1058 5.90 -0.30 -41.52
CA HIS B 1058 5.99 -1.30 -40.45
C HIS B 1058 5.39 -2.64 -40.86
N GLY B 1059 5.63 -3.06 -42.10
CA GLY B 1059 5.10 -4.35 -42.52
C GLY B 1059 5.39 -4.66 -43.97
N VAL B 1060 4.99 -5.86 -44.35
CA VAL B 1060 5.16 -6.37 -45.70
C VAL B 1060 3.82 -6.89 -46.21
N VAL B 1061 3.67 -6.90 -47.53
CA VAL B 1061 2.46 -7.36 -48.19
C VAL B 1061 2.86 -8.33 -49.29
N PHE B 1062 2.40 -9.57 -49.19
CA PHE B 1062 2.69 -10.60 -50.19
C PHE B 1062 1.49 -10.68 -51.14
N LEU B 1063 1.76 -10.51 -52.43
CA LEU B 1063 0.80 -10.81 -53.49
C LEU B 1063 1.04 -12.23 -53.93
N HIS B 1064 0.16 -13.14 -53.52
CA HIS B 1064 0.29 -14.56 -53.82
C HIS B 1064 -0.43 -14.85 -55.12
N VAL B 1065 0.32 -15.20 -56.15
CA VAL B 1065 -0.25 -15.62 -57.43
C VAL B 1065 -0.38 -17.13 -57.39
N THR B 1066 -1.62 -17.61 -57.47
CA THR B 1066 -1.93 -19.03 -57.35
C THR B 1066 -2.85 -19.45 -58.49
N TYR B 1067 -2.86 -20.76 -58.74
CA TYR B 1067 -3.64 -21.37 -59.80
C TYR B 1067 -4.83 -22.08 -59.17
N VAL B 1068 -6.05 -21.78 -59.65
CA VAL B 1068 -7.27 -22.28 -59.05
C VAL B 1068 -8.14 -22.89 -60.15
N PRO B 1069 -8.44 -24.18 -60.11
CA PRO B 1069 -9.36 -24.76 -61.10
C PRO B 1069 -10.74 -24.11 -61.01
N ALA B 1070 -11.32 -23.85 -62.18
CA ALA B 1070 -12.55 -23.07 -62.28
C ALA B 1070 -13.72 -23.88 -62.83
N GLN B 1071 -13.58 -24.45 -64.02
CA GLN B 1071 -14.65 -25.16 -64.71
C GLN B 1071 -14.33 -26.65 -64.68
N GLU B 1072 -15.31 -27.46 -64.28
CA GLU B 1072 -15.09 -28.87 -64.01
C GLU B 1072 -16.13 -29.72 -64.72
N LYS B 1073 -15.73 -30.96 -65.04
CA LYS B 1073 -16.58 -31.92 -65.73
C LYS B 1073 -16.52 -33.27 -65.03
N ASN B 1074 -17.65 -33.97 -65.02
CA ASN B 1074 -17.71 -35.34 -64.55
C ASN B 1074 -17.11 -36.28 -65.59
N PHE B 1075 -16.50 -37.37 -65.11
CA PHE B 1075 -16.01 -38.41 -65.99
C PHE B 1075 -16.12 -39.75 -65.29
N THR B 1076 -16.28 -40.80 -66.07
CA THR B 1076 -16.15 -42.16 -65.56
C THR B 1076 -14.68 -42.54 -65.50
N THR B 1077 -14.27 -43.17 -64.41
CA THR B 1077 -12.87 -43.46 -64.17
C THR B 1077 -12.69 -44.91 -63.75
N ALA B 1078 -11.47 -45.40 -63.94
CA ALA B 1078 -11.07 -46.75 -63.57
C ALA B 1078 -9.68 -46.69 -62.96
N PRO B 1079 -9.40 -47.54 -61.96
CA PRO B 1079 -8.07 -47.51 -61.34
C PRO B 1079 -6.97 -48.07 -62.23
N ALA B 1080 -7.32 -48.84 -63.26
CA ALA B 1080 -6.36 -49.48 -64.15
C ALA B 1080 -7.14 -50.14 -65.28
N ILE B 1081 -6.42 -50.61 -66.29
CA ILE B 1081 -7.02 -51.23 -67.47
C ILE B 1081 -6.25 -52.50 -67.82
N CYS B 1082 -6.98 -53.59 -68.07
CA CYS B 1082 -6.38 -54.78 -68.69
C CYS B 1082 -6.15 -54.51 -70.17
N HIS B 1083 -5.06 -55.07 -70.71
CA HIS B 1083 -4.88 -55.10 -72.15
C HIS B 1083 -4.73 -56.52 -72.69
N ASP B 1084 -3.85 -57.33 -72.10
CA ASP B 1084 -3.63 -58.71 -72.54
C ASP B 1084 -3.62 -59.65 -71.34
N GLY B 1085 -4.50 -59.39 -70.38
CA GLY B 1085 -4.51 -60.13 -69.12
C GLY B 1085 -3.67 -59.40 -68.09
N LYS B 1086 -2.57 -58.81 -68.54
CA LYS B 1086 -1.70 -58.03 -67.66
C LYS B 1086 -2.36 -56.70 -67.33
N ALA B 1087 -2.06 -56.20 -66.14
CA ALA B 1087 -2.63 -54.94 -65.69
C ALA B 1087 -1.68 -53.79 -65.98
N HIS B 1088 -2.25 -52.68 -66.45
CA HIS B 1088 -1.50 -51.49 -66.80
C HIS B 1088 -1.93 -50.35 -65.88
N PHE B 1089 -0.96 -49.66 -65.29
CA PHE B 1089 -1.24 -48.51 -64.46
C PHE B 1089 -0.65 -47.26 -65.09
N PRO B 1090 -1.31 -46.11 -64.93
CA PRO B 1090 -0.82 -44.88 -65.57
C PRO B 1090 0.41 -44.33 -64.86
N ARG B 1091 1.42 -43.95 -65.65
CA ARG B 1091 2.66 -43.41 -65.09
C ARG B 1091 2.38 -42.15 -64.29
N GLU B 1092 1.89 -41.11 -64.95
CA GLU B 1092 1.50 -39.86 -64.31
C GLU B 1092 0.14 -39.46 -64.84
N GLY B 1093 -0.86 -39.40 -63.97
CA GLY B 1093 -2.23 -39.12 -64.37
C GLY B 1093 -3.14 -40.30 -64.10
N VAL B 1094 -4.41 -40.10 -64.46
CA VAL B 1094 -5.44 -41.10 -64.26
C VAL B 1094 -6.14 -41.41 -65.57
N PHE B 1095 -6.68 -42.62 -65.64
CA PHE B 1095 -7.53 -43.01 -66.76
C PHE B 1095 -8.92 -42.42 -66.60
N VAL B 1096 -9.47 -41.91 -67.70
CA VAL B 1096 -10.82 -41.37 -67.73
C VAL B 1096 -11.50 -41.82 -69.02
N SER B 1097 -12.83 -41.72 -69.03
CA SER B 1097 -13.59 -42.05 -70.24
C SER B 1097 -14.70 -41.02 -70.45
N ASN B 1098 -14.75 -40.45 -71.65
CA ASN B 1098 -15.81 -39.54 -72.04
C ASN B 1098 -17.09 -40.26 -72.47
N GLY B 1099 -17.21 -41.55 -72.17
CA GLY B 1099 -18.38 -42.31 -72.53
C GLY B 1099 -18.09 -43.52 -73.41
N THR B 1100 -17.18 -43.36 -74.37
CA THR B 1100 -16.88 -44.43 -75.31
C THR B 1100 -15.41 -44.83 -75.30
N HIS B 1101 -14.50 -43.86 -75.29
CA HIS B 1101 -13.07 -44.11 -75.35
C HIS B 1101 -12.42 -43.81 -74.01
N TRP B 1102 -11.20 -44.30 -73.84
CA TRP B 1102 -10.44 -44.11 -72.61
C TRP B 1102 -9.17 -43.33 -72.91
N PHE B 1103 -8.94 -42.28 -72.13
CA PHE B 1103 -7.74 -41.47 -72.21
C PHE B 1103 -7.02 -41.49 -70.88
N VAL B 1104 -5.77 -41.02 -70.89
CA VAL B 1104 -4.98 -40.81 -69.68
C VAL B 1104 -4.68 -39.32 -69.57
N THR B 1105 -5.08 -38.71 -68.46
CA THR B 1105 -4.93 -37.28 -68.28
C THR B 1105 -4.28 -36.97 -66.94
N GLN B 1106 -3.39 -35.97 -66.95
CA GLN B 1106 -2.89 -35.41 -65.70
C GLN B 1106 -4.06 -34.94 -64.84
N ARG B 1107 -3.84 -34.94 -63.52
CA ARG B 1107 -4.94 -34.83 -62.57
C ARG B 1107 -5.32 -33.39 -62.23
N ASN B 1108 -4.58 -32.41 -62.72
CA ASN B 1108 -4.89 -31.01 -62.43
C ASN B 1108 -5.37 -30.23 -63.64
N PHE B 1109 -5.45 -30.86 -64.80
CA PHE B 1109 -5.91 -30.17 -66.01
C PHE B 1109 -6.33 -31.20 -67.04
N TYR B 1110 -7.58 -31.11 -67.51
CA TYR B 1110 -8.13 -32.09 -68.43
C TYR B 1110 -7.41 -31.98 -69.77
N GLU B 1111 -6.49 -32.90 -70.02
CA GLU B 1111 -5.71 -32.95 -71.26
C GLU B 1111 -5.70 -34.38 -71.75
N PRO B 1112 -6.81 -34.86 -72.29
CA PRO B 1112 -6.92 -36.28 -72.62
C PRO B 1112 -5.93 -36.70 -73.70
N GLN B 1113 -5.22 -37.80 -73.44
CA GLN B 1113 -4.25 -38.36 -74.36
C GLN B 1113 -4.56 -39.82 -74.59
N ILE B 1114 -4.27 -40.30 -75.81
CA ILE B 1114 -4.45 -41.70 -76.13
C ILE B 1114 -3.61 -42.54 -75.17
N ILE B 1115 -4.17 -43.68 -74.75
CA ILE B 1115 -3.49 -44.58 -73.83
C ILE B 1115 -2.52 -45.46 -74.61
N THR B 1116 -1.25 -45.43 -74.24
CA THR B 1116 -0.20 -46.16 -74.93
C THR B 1116 0.74 -46.77 -73.91
N THR B 1117 1.76 -47.47 -74.42
CA THR B 1117 2.73 -48.14 -73.57
C THR B 1117 3.83 -47.19 -73.07
N ASP B 1118 3.78 -45.93 -73.46
CA ASP B 1118 4.66 -44.90 -72.92
C ASP B 1118 3.93 -44.02 -71.92
N ASN B 1119 2.60 -44.18 -71.81
CA ASN B 1119 1.83 -43.54 -70.76
C ASN B 1119 1.57 -44.47 -69.57
N THR B 1120 1.64 -45.79 -69.78
CA THR B 1120 1.28 -46.76 -68.76
C THR B 1120 2.41 -47.77 -68.62
N PHE B 1121 2.55 -48.30 -67.41
CA PHE B 1121 3.50 -49.36 -67.11
C PHE B 1121 2.77 -50.61 -66.63
N VAL B 1122 3.34 -51.77 -66.92
CA VAL B 1122 2.72 -53.05 -66.59
C VAL B 1122 3.18 -53.48 -65.20
N SER B 1123 2.33 -54.25 -64.52
CA SER B 1123 2.69 -54.82 -63.23
C SER B 1123 1.73 -55.97 -62.95
N GLY B 1124 2.26 -57.18 -62.89
CA GLY B 1124 1.43 -58.31 -62.48
C GLY B 1124 0.32 -58.57 -63.48
N ASN B 1125 -0.84 -58.99 -62.96
CA ASN B 1125 -1.99 -59.29 -63.77
C ASN B 1125 -3.22 -58.67 -63.14
N CYS B 1126 -4.29 -58.54 -63.93
CA CYS B 1126 -5.44 -57.73 -63.55
C CYS B 1126 -6.57 -58.59 -62.97
N ASP B 1127 -6.22 -59.65 -62.24
CA ASP B 1127 -7.18 -60.38 -61.41
C ASP B 1127 -7.22 -59.87 -59.98
N VAL B 1128 -6.42 -58.86 -59.64
CA VAL B 1128 -6.28 -58.39 -58.28
C VAL B 1128 -6.92 -57.02 -58.10
N VAL B 1129 -6.72 -56.10 -59.06
CA VAL B 1129 -7.29 -54.76 -58.94
C VAL B 1129 -8.80 -54.84 -58.94
N ILE B 1130 -9.43 -54.04 -58.07
CA ILE B 1130 -10.87 -54.00 -57.93
C ILE B 1130 -11.41 -52.81 -58.72
N GLY B 1131 -12.30 -53.09 -59.67
CA GLY B 1131 -12.87 -52.06 -60.51
C GLY B 1131 -12.19 -51.84 -61.83
N ILE B 1132 -11.15 -52.62 -62.15
CA ILE B 1132 -10.47 -52.48 -63.42
C ILE B 1132 -11.45 -52.76 -64.57
N VAL B 1133 -11.19 -52.14 -65.72
CA VAL B 1133 -12.06 -52.28 -66.89
C VAL B 1133 -11.23 -52.63 -68.11
N ASN B 1134 -11.86 -53.31 -69.05
CA ASN B 1134 -11.20 -53.76 -70.28
C ASN B 1134 -11.09 -52.62 -71.27
N ASN B 1135 -10.01 -52.64 -72.05
CA ASN B 1135 -9.74 -51.65 -73.09
C ASN B 1135 -8.47 -52.07 -73.81
N THR B 1136 -8.15 -51.36 -74.89
CA THR B 1136 -6.96 -51.61 -75.69
C THR B 1136 -5.93 -50.54 -75.42
N VAL B 1137 -4.67 -50.95 -75.33
CA VAL B 1137 -3.53 -50.06 -75.15
C VAL B 1137 -2.80 -49.98 -76.47
N TYR B 1138 -3.00 -48.90 -77.21
CA TYR B 1138 -2.35 -48.76 -78.52
C TYR B 1138 -0.84 -48.80 -78.36
N ASP B 1139 -0.19 -49.54 -79.24
CA ASP B 1139 1.25 -49.70 -79.20
C ASP B 1139 1.90 -48.94 -80.35
N PRO B 1140 2.72 -47.93 -80.08
CA PRO B 1140 3.33 -47.18 -81.18
C PRO B 1140 4.20 -48.03 -82.08
N LEU B 1141 4.77 -49.12 -81.54
CA LEU B 1141 5.72 -49.94 -82.28
C LEU B 1141 5.05 -50.80 -83.33
N GLN B 1142 3.78 -51.16 -83.14
CA GLN B 1142 3.10 -52.04 -84.09
C GLN B 1142 2.97 -51.44 -85.48
N PRO B 1143 2.47 -50.20 -85.66
CA PRO B 1143 2.43 -49.65 -87.02
C PRO B 1143 3.79 -49.57 -87.70
N GLU B 1144 4.82 -49.19 -86.95
CA GLU B 1144 6.17 -49.13 -87.52
C GLU B 1144 6.66 -50.51 -87.93
N LEU B 1145 6.39 -51.53 -87.12
CA LEU B 1145 6.79 -52.88 -87.47
C LEU B 1145 6.04 -53.35 -88.72
N ASP B 1146 4.76 -53.05 -88.81
CA ASP B 1146 3.98 -53.44 -89.99
C ASP B 1146 4.48 -52.74 -91.24
N SER B 1147 4.80 -51.45 -91.13
CA SER B 1147 5.29 -50.68 -92.26
C SER B 1147 6.75 -51.02 -92.56
N ALA C 27 4.98 -43.48 32.53
CA ALA C 27 4.79 -44.26 31.30
C ALA C 27 4.74 -43.34 30.08
N TYR C 28 4.86 -43.95 28.90
CA TYR C 28 4.85 -43.20 27.65
C TYR C 28 4.11 -44.02 26.60
N THR C 29 3.58 -43.32 25.60
CA THR C 29 2.83 -43.97 24.53
C THR C 29 2.96 -43.14 23.26
N ASN C 30 2.66 -43.78 22.14
CA ASN C 30 2.72 -43.15 20.83
C ASN C 30 1.39 -42.48 20.50
N SER C 31 1.45 -41.23 20.05
CA SER C 31 0.26 -40.50 19.61
C SER C 31 0.20 -40.60 18.09
N PHE C 32 -0.28 -41.75 17.62
CA PHE C 32 -0.23 -42.15 16.21
C PHE C 32 -0.80 -41.09 15.26
N THR C 33 -2.12 -40.86 15.32
CA THR C 33 -2.76 -39.89 14.44
C THR C 33 -3.88 -39.13 15.15
N ARG C 34 -3.80 -39.01 16.48
CA ARG C 34 -4.87 -38.40 17.25
C ARG C 34 -4.53 -36.96 17.61
N GLY C 35 -5.57 -36.18 17.87
CA GLY C 35 -5.42 -34.77 18.20
C GLY C 35 -5.92 -33.78 17.17
N VAL C 36 -6.70 -34.22 16.19
CA VAL C 36 -7.19 -33.32 15.14
C VAL C 36 -8.52 -32.73 15.57
N TYR C 37 -8.61 -31.39 15.55
CA TYR C 37 -9.79 -30.66 15.97
C TYR C 37 -10.13 -29.61 14.93
N TYR C 38 -11.43 -29.37 14.75
CA TYR C 38 -11.90 -28.32 13.83
C TYR C 38 -11.29 -26.99 14.25
N PRO C 39 -10.37 -26.43 13.45
CA PRO C 39 -9.66 -25.21 13.86
C PRO C 39 -10.54 -23.96 13.88
N ASP C 40 -11.78 -24.03 13.44
CA ASP C 40 -12.66 -22.86 13.41
C ASP C 40 -14.09 -23.33 13.21
N LYS C 41 -15.00 -22.37 13.03
CA LYS C 41 -16.42 -22.63 12.83
C LYS C 41 -16.83 -22.27 11.40
N VAL C 42 -15.99 -22.62 10.43
CA VAL C 42 -16.17 -22.27 9.04
C VAL C 42 -16.53 -23.52 8.27
N PHE C 43 -17.56 -23.44 7.43
CA PHE C 43 -18.02 -24.57 6.63
C PHE C 43 -17.26 -24.65 5.33
N ARG C 44 -16.82 -25.86 4.98
CA ARG C 44 -16.14 -26.13 3.72
C ARG C 44 -16.48 -27.55 3.31
N SER C 45 -16.72 -27.74 2.02
CA SER C 45 -17.15 -29.03 1.49
C SER C 45 -16.16 -29.52 0.44
N SER C 46 -15.70 -30.76 0.59
CA SER C 46 -14.85 -31.43 -0.40
C SER C 46 -13.63 -30.57 -0.75
N VAL C 47 -12.92 -30.12 0.29
CA VAL C 47 -11.80 -29.20 0.11
C VAL C 47 -10.64 -29.66 0.97
N LEU C 48 -9.42 -29.58 0.42
CA LEU C 48 -8.20 -29.86 1.16
C LEU C 48 -7.62 -28.51 1.59
N HIS C 49 -7.69 -28.23 2.88
CA HIS C 49 -7.30 -26.93 3.41
C HIS C 49 -6.05 -27.07 4.27
N SER C 50 -5.07 -26.20 4.05
CA SER C 50 -3.84 -26.20 4.84
C SER C 50 -3.93 -25.09 5.88
N THR C 51 -3.75 -25.45 7.14
CA THR C 51 -3.86 -24.49 8.23
C THR C 51 -2.80 -24.79 9.29
N GLN C 52 -2.20 -23.74 9.82
CA GLN C 52 -1.20 -23.87 10.87
C GLN C 52 -1.78 -23.41 12.20
N ASP C 53 -1.62 -24.23 13.23
CA ASP C 53 -2.14 -23.95 14.57
C ASP C 53 -1.50 -24.95 15.53
N LEU C 54 -1.95 -24.94 16.77
CA LEU C 54 -1.44 -25.85 17.79
C LEU C 54 -2.13 -27.21 17.64
N PHE C 55 -1.36 -28.22 17.25
CA PHE C 55 -1.86 -29.58 17.12
C PHE C 55 -0.92 -30.54 17.82
N LEU C 56 -1.42 -31.74 18.06
CA LEU C 56 -0.59 -32.81 18.60
C LEU C 56 0.18 -33.48 17.47
N PRO C 57 1.51 -33.40 17.43
CA PRO C 57 2.27 -34.04 16.36
C PRO C 57 2.03 -35.55 16.32
N PHE C 58 1.92 -36.09 15.11
CA PHE C 58 1.67 -37.52 14.95
C PHE C 58 2.86 -38.32 15.46
N PHE C 59 2.55 -39.48 16.05
CA PHE C 59 3.56 -40.42 16.54
C PHE C 59 4.52 -39.75 17.52
N SER C 60 3.99 -38.83 18.32
CA SER C 60 4.78 -38.18 19.36
C SER C 60 4.66 -38.95 20.67
N ASN C 61 5.37 -38.48 21.69
CA ASN C 61 5.33 -39.09 23.01
C ASN C 61 4.22 -38.45 23.83
N VAL C 62 3.36 -39.29 24.42
CA VAL C 62 2.33 -38.83 25.34
C VAL C 62 2.53 -39.55 26.67
N THR C 63 2.48 -38.79 27.75
CA THR C 63 2.65 -39.37 29.08
C THR C 63 1.39 -40.12 29.49
N TRP C 64 1.57 -41.33 30.01
CA TRP C 64 0.48 -42.21 30.40
C TRP C 64 0.51 -42.40 31.90
N PHE C 65 -0.64 -42.19 32.56
CA PHE C 65 -0.75 -42.30 34.00
C PHE C 65 -1.85 -43.28 34.38
N HIS C 66 -1.66 -43.91 35.53
CA HIS C 66 -2.63 -44.88 36.04
C HIS C 66 -3.40 -44.32 37.23
N ASN C 81 -3.46 -37.27 41.40
CA ASN C 81 -3.78 -35.98 40.80
C ASN C 81 -2.55 -35.08 40.67
N PRO C 82 -1.58 -35.49 39.86
CA PRO C 82 -0.37 -34.68 39.71
C PRO C 82 -0.65 -33.37 39.00
N VAL C 83 0.19 -32.38 39.26
CA VAL C 83 0.09 -31.07 38.65
C VAL C 83 1.03 -31.03 37.45
N LEU C 84 0.53 -30.56 36.31
CA LEU C 84 1.25 -30.59 35.06
C LEU C 84 1.27 -29.20 34.43
N PRO C 85 2.29 -28.89 33.64
CA PRO C 85 2.30 -27.60 32.93
C PRO C 85 1.29 -27.56 31.81
N PHE C 86 1.02 -26.34 31.34
CA PHE C 86 0.07 -26.07 30.26
C PHE C 86 0.70 -25.10 29.27
N ASN C 87 1.92 -25.44 28.83
CA ASN C 87 2.74 -24.53 28.04
C ASN C 87 1.94 -23.86 26.91
N ASP C 88 1.47 -24.66 25.95
CA ASP C 88 0.74 -24.12 24.81
C ASP C 88 -0.43 -25.02 24.44
N GLY C 89 -1.15 -25.51 25.43
CA GLY C 89 -2.27 -26.37 25.15
C GLY C 89 -1.96 -27.83 25.42
N VAL C 90 -2.99 -28.59 25.77
CA VAL C 90 -2.84 -29.99 26.16
C VAL C 90 -3.92 -30.81 25.48
N TYR C 91 -3.52 -31.92 24.86
CA TYR C 91 -4.45 -32.94 24.42
C TYR C 91 -4.55 -33.99 25.52
N PHE C 92 -5.76 -34.32 25.91
CA PHE C 92 -6.01 -35.21 27.04
C PHE C 92 -6.92 -36.33 26.56
N ALA C 93 -6.65 -37.56 27.00
CA ALA C 93 -7.48 -38.68 26.60
C ALA C 93 -7.70 -39.60 27.79
N SER C 94 -8.87 -40.22 27.82
CA SER C 94 -9.29 -41.07 28.93
C SER C 94 -10.10 -42.25 28.42
N THR C 95 -9.80 -43.44 28.94
CA THR C 95 -10.62 -44.62 28.76
C THR C 95 -11.34 -44.93 30.05
N GLU C 96 -12.67 -45.06 29.97
CA GLU C 96 -13.52 -45.12 31.15
C GLU C 96 -14.46 -46.31 31.07
N LYS C 97 -14.65 -46.98 32.21
CA LYS C 97 -15.69 -47.99 32.36
C LYS C 97 -16.55 -47.77 33.60
N SER C 98 -16.15 -46.87 34.51
CA SER C 98 -16.93 -46.59 35.70
C SER C 98 -16.97 -45.10 36.05
N ASN C 99 -16.53 -44.22 35.12
CA ASN C 99 -16.53 -42.78 35.33
C ASN C 99 -15.69 -42.40 36.54
N ILE C 100 -14.42 -42.84 36.51
CA ILE C 100 -13.50 -42.51 37.59
C ILE C 100 -13.08 -41.05 37.52
N ILE C 101 -12.57 -40.63 36.37
CA ILE C 101 -12.15 -39.23 36.19
C ILE C 101 -13.39 -38.34 36.24
N ARG C 102 -13.30 -37.25 37.00
CA ARG C 102 -14.45 -36.39 37.23
C ARG C 102 -14.25 -34.97 36.71
N GLY C 103 -13.13 -34.33 37.01
CA GLY C 103 -13.00 -32.93 36.64
C GLY C 103 -11.57 -32.49 36.53
N TRP C 104 -11.39 -31.18 36.38
CA TRP C 104 -10.07 -30.59 36.24
C TRP C 104 -9.99 -29.28 37.00
N ILE C 105 -8.77 -28.95 37.42
CA ILE C 105 -8.43 -27.65 37.99
C ILE C 105 -7.33 -27.03 37.15
N PHE C 106 -7.47 -25.76 36.81
CA PHE C 106 -6.47 -25.01 36.07
C PHE C 106 -6.08 -23.78 36.86
N GLY C 107 -4.84 -23.34 36.73
CA GLY C 107 -4.44 -22.11 37.39
C GLY C 107 -2.94 -21.92 37.38
N THR C 108 -2.46 -21.16 38.35
CA THR C 108 -1.02 -20.96 38.54
C THR C 108 -0.54 -21.44 39.91
N THR C 109 -1.23 -21.07 40.98
CA THR C 109 -0.90 -21.52 42.33
C THR C 109 -1.96 -22.43 42.94
N LEU C 110 -3.24 -22.16 42.67
CA LEU C 110 -4.35 -22.99 43.15
C LEU C 110 -4.31 -23.13 44.67
N ASP C 111 -3.97 -22.04 45.36
CA ASP C 111 -3.89 -22.03 46.82
C ASP C 111 -4.58 -20.80 47.39
N SER C 112 -5.72 -20.43 46.81
CA SER C 112 -6.52 -19.29 47.24
C SER C 112 -5.77 -17.97 47.16
N LYS C 113 -4.73 -17.90 46.32
CA LYS C 113 -4.00 -16.65 46.13
C LYS C 113 -4.39 -15.94 44.84
N THR C 114 -4.88 -16.66 43.84
CA THR C 114 -5.34 -16.07 42.60
C THR C 114 -6.47 -16.95 42.07
N GLN C 115 -7.32 -16.36 41.22
CA GLN C 115 -8.42 -17.09 40.62
C GLN C 115 -7.91 -18.31 39.88
N SER C 116 -8.76 -19.34 39.78
CA SER C 116 -8.36 -20.62 39.22
C SER C 116 -9.58 -21.33 38.68
N LEU C 117 -9.47 -21.85 37.46
CA LEU C 117 -10.59 -22.54 36.82
C LEU C 117 -10.85 -23.87 37.51
N LEU C 118 -12.12 -24.14 37.80
CA LEU C 118 -12.56 -25.43 38.32
C LEU C 118 -13.69 -25.93 37.43
N ILE C 119 -13.50 -27.11 36.84
CA ILE C 119 -14.50 -27.72 35.97
C ILE C 119 -14.84 -29.07 36.56
N VAL C 120 -16.13 -29.29 36.86
CA VAL C 120 -16.58 -30.52 37.52
C VAL C 120 -17.83 -31.02 36.82
N ASN C 121 -17.84 -32.31 36.49
CA ASN C 121 -19.03 -32.97 35.95
C ASN C 121 -19.62 -33.84 37.05
N ASN C 122 -20.54 -33.26 37.82
CA ASN C 122 -21.24 -34.00 38.87
C ASN C 122 -22.38 -34.80 38.24
N ALA C 123 -21.98 -35.86 37.52
CA ALA C 123 -22.76 -37.06 37.26
C ALA C 123 -24.02 -36.79 36.45
N THR C 124 -24.45 -35.53 36.43
CA THR C 124 -25.40 -35.02 35.45
C THR C 124 -25.11 -33.58 35.04
N ASN C 125 -24.31 -32.83 35.79
CA ASN C 125 -24.21 -31.39 35.60
C ASN C 125 -22.76 -31.00 35.38
N VAL C 126 -22.49 -30.32 34.27
CA VAL C 126 -21.19 -29.73 34.01
C VAL C 126 -21.19 -28.32 34.59
N VAL C 127 -20.20 -28.03 35.44
CA VAL C 127 -20.10 -26.73 36.09
C VAL C 127 -18.68 -26.20 35.93
N ILE C 128 -18.58 -24.94 35.52
CA ILE C 128 -17.30 -24.25 35.35
C ILE C 128 -17.33 -22.99 36.21
N LYS C 129 -16.32 -22.82 37.05
CA LYS C 129 -16.20 -21.66 37.92
C LYS C 129 -14.77 -21.16 37.86
N VAL C 130 -14.59 -19.87 38.19
CA VAL C 130 -13.25 -19.27 38.20
C VAL C 130 -13.00 -18.55 39.51
N CYS C 131 -13.66 -19.00 40.58
CA CYS C 131 -13.46 -18.38 41.88
C CYS C 131 -12.08 -18.70 42.44
N GLU C 132 -11.63 -17.85 43.37
CA GLU C 132 -10.37 -18.05 44.08
C GLU C 132 -10.58 -19.07 45.20
N PHE C 133 -10.81 -20.31 44.79
CA PHE C 133 -11.11 -21.37 45.74
C PHE C 133 -9.89 -21.66 46.62
N GLN C 134 -10.16 -22.07 47.86
CA GLN C 134 -9.12 -22.54 48.77
C GLN C 134 -9.10 -24.07 48.70
N PHE C 135 -8.07 -24.62 48.07
CA PHE C 135 -8.00 -26.05 47.81
C PHE C 135 -7.25 -26.77 48.93
N CYS C 136 -7.57 -28.05 49.08
CA CYS C 136 -6.85 -28.92 49.99
C CYS C 136 -5.52 -29.34 49.37
N ASN C 137 -4.65 -29.92 50.20
CA ASN C 137 -3.40 -30.44 49.68
C ASN C 137 -3.63 -31.56 48.67
N ASP C 138 -4.56 -32.46 48.97
CA ASP C 138 -4.96 -33.54 48.06
C ASP C 138 -6.47 -33.54 47.95
N PRO C 139 -7.04 -32.67 47.11
CA PRO C 139 -8.51 -32.57 47.03
C PRO C 139 -9.14 -33.78 46.34
N PHE C 140 -9.31 -34.88 47.06
CA PHE C 140 -9.95 -36.07 46.51
C PHE C 140 -11.39 -36.16 47.01
N LEU C 141 -12.20 -36.89 46.24
CA LEU C 141 -13.60 -37.12 46.59
C LEU C 141 -13.77 -38.53 47.13
N GLY C 142 -14.75 -38.68 48.03
CA GLY C 142 -15.02 -39.95 48.65
C GLY C 142 -15.33 -41.07 47.68
N VAL C 143 -14.66 -42.21 47.85
CA VAL C 143 -14.86 -43.35 46.97
C VAL C 143 -16.23 -43.97 47.22
N ASN C 165 -14.01 -14.48 45.26
CA ASN C 165 -13.83 -13.69 44.04
C ASN C 165 -14.14 -14.52 42.79
N CYS C 166 -15.37 -14.46 42.32
CA CYS C 166 -15.80 -15.20 41.14
C CYS C 166 -16.08 -14.21 40.02
N THR C 167 -15.50 -14.45 38.85
CA THR C 167 -15.71 -13.59 37.69
C THR C 167 -16.47 -14.28 36.58
N PHE C 168 -16.84 -15.55 36.74
CA PHE C 168 -17.59 -16.29 35.75
C PHE C 168 -18.11 -17.57 36.39
N GLU C 169 -19.27 -18.03 35.91
CA GLU C 169 -19.88 -19.26 36.41
C GLU C 169 -20.85 -19.77 35.37
N TYR C 170 -20.64 -21.00 34.90
CA TYR C 170 -21.51 -21.60 33.89
C TYR C 170 -21.94 -22.98 34.34
N VAL C 171 -23.18 -23.34 34.01
CA VAL C 171 -23.75 -24.65 34.31
C VAL C 171 -24.46 -25.16 33.07
N SER C 172 -24.25 -26.43 32.75
CA SER C 172 -24.88 -27.06 31.60
C SER C 172 -26.06 -27.94 32.04
N ASN C 188 -15.17 -46.98 27.13
CA ASN C 188 -15.43 -45.78 26.34
C ASN C 188 -14.21 -44.87 26.33
N LEU C 189 -14.05 -44.10 25.25
CA LEU C 189 -12.91 -43.24 25.04
C LEU C 189 -13.37 -41.80 24.87
N ARG C 190 -12.69 -40.88 25.55
CA ARG C 190 -12.99 -39.45 25.45
C ARG C 190 -11.70 -38.68 25.24
N GLU C 191 -11.70 -37.82 24.23
CA GLU C 191 -10.55 -36.98 23.90
C GLU C 191 -10.95 -35.51 24.03
N PHE C 192 -10.05 -34.72 24.59
CA PHE C 192 -10.25 -33.29 24.77
C PHE C 192 -9.00 -32.53 24.35
N VAL C 193 -9.20 -31.30 23.89
CA VAL C 193 -8.10 -30.39 23.55
C VAL C 193 -8.36 -29.08 24.27
N PHE C 194 -7.45 -28.70 25.17
CA PHE C 194 -7.51 -27.44 25.90
C PHE C 194 -6.45 -26.50 25.38
N LYS C 195 -6.83 -25.29 24.99
CA LYS C 195 -5.85 -24.29 24.60
C LYS C 195 -6.34 -22.91 24.97
N ASN C 196 -5.41 -21.96 25.05
CA ASN C 196 -5.70 -20.58 25.41
C ASN C 196 -5.03 -19.66 24.40
N ILE C 197 -5.82 -19.01 23.54
CA ILE C 197 -5.31 -18.15 22.49
C ILE C 197 -6.02 -16.81 22.56
N ASP C 198 -5.24 -15.73 22.65
CA ASP C 198 -5.76 -14.36 22.61
C ASP C 198 -6.86 -14.15 23.64
N GLY C 199 -6.66 -14.67 24.84
CA GLY C 199 -7.61 -14.51 25.92
C GLY C 199 -8.84 -15.39 25.84
N TYR C 200 -8.95 -16.24 24.82
CA TYR C 200 -10.07 -17.15 24.69
C TYR C 200 -9.59 -18.56 25.01
N PHE C 201 -10.33 -19.26 25.87
CA PHE C 201 -9.96 -20.60 26.28
C PHE C 201 -10.81 -21.60 25.52
N LYS C 202 -10.24 -22.19 24.48
CA LYS C 202 -10.93 -23.16 23.64
C LYS C 202 -10.83 -24.55 24.26
N ILE C 203 -11.97 -25.22 24.37
CA ILE C 203 -12.07 -26.61 24.84
C ILE C 203 -12.84 -27.38 23.79
N TYR C 204 -12.14 -28.27 23.08
CA TYR C 204 -12.73 -29.18 22.11
C TYR C 204 -12.83 -30.56 22.72
N SER C 205 -13.80 -31.35 22.25
CA SER C 205 -14.02 -32.67 22.83
C SER C 205 -14.58 -33.62 21.78
N LYS C 206 -14.49 -34.91 22.09
CA LYS C 206 -15.04 -35.96 21.23
C LYS C 206 -15.12 -37.25 22.02
N HIS C 207 -16.19 -38.01 21.79
CA HIS C 207 -16.40 -39.30 22.44
C HIS C 207 -16.47 -40.37 21.37
N THR C 208 -15.98 -41.57 21.71
CA THR C 208 -16.01 -42.69 20.78
C THR C 208 -15.88 -43.98 21.57
N PRO C 209 -16.45 -45.08 21.09
CA PRO C 209 -16.19 -46.37 21.72
C PRO C 209 -14.79 -46.87 21.40
N ILE C 210 -14.32 -47.81 22.22
CA ILE C 210 -12.98 -48.33 22.07
C ILE C 210 -12.93 -49.71 22.71
N ASN C 211 -12.09 -50.59 22.16
CA ASN C 211 -11.78 -51.89 22.76
C ASN C 211 -10.25 -52.02 22.78
N LEU C 212 -9.63 -51.43 23.80
CA LEU C 212 -8.17 -51.44 23.96
C LEU C 212 -7.85 -50.85 25.32
N VAL C 213 -6.81 -51.39 25.96
CA VAL C 213 -6.44 -51.04 27.33
C VAL C 213 -5.02 -50.49 27.41
N ARG C 214 -4.07 -51.17 26.77
CA ARG C 214 -2.65 -50.97 27.05
C ARG C 214 -2.02 -49.82 26.27
N ASP C 215 -2.75 -49.20 25.34
CA ASP C 215 -2.16 -48.14 24.52
C ASP C 215 -3.29 -47.36 23.87
N LEU C 216 -2.92 -46.24 23.24
CA LEU C 216 -3.88 -45.45 22.51
C LEU C 216 -4.34 -46.20 21.26
N PRO C 217 -5.58 -45.99 20.83
CA PRO C 217 -6.06 -46.62 19.59
C PRO C 217 -5.53 -45.89 18.36
N GLN C 218 -5.21 -46.66 17.33
CA GLN C 218 -4.77 -46.11 16.06
C GLN C 218 -5.99 -45.88 15.17
N GLY C 219 -6.07 -44.69 14.61
CA GLY C 219 -7.23 -44.31 13.82
C GLY C 219 -7.40 -42.80 13.82
N PHE C 220 -8.42 -42.36 13.09
CA PHE C 220 -8.70 -40.94 12.91
C PHE C 220 -10.09 -40.59 13.41
N SER C 221 -10.18 -39.44 14.08
CA SER C 221 -11.45 -38.90 14.54
C SER C 221 -11.24 -37.44 14.89
N ALA C 222 -12.22 -36.61 14.57
CA ALA C 222 -12.12 -35.18 14.78
C ALA C 222 -12.81 -34.78 16.09
N LEU C 223 -12.34 -33.68 16.67
CA LEU C 223 -12.85 -33.18 17.95
C LEU C 223 -13.60 -31.87 17.69
N GLU C 224 -14.87 -31.83 18.07
CA GLU C 224 -15.68 -30.64 17.86
C GLU C 224 -15.46 -29.65 19.01
N PRO C 225 -15.68 -28.36 18.75
CA PRO C 225 -15.57 -27.37 19.83
C PRO C 225 -16.75 -27.45 20.80
N LEU C 226 -16.43 -27.36 22.09
CA LEU C 226 -17.44 -27.36 23.14
C LEU C 226 -17.51 -26.05 23.91
N VAL C 227 -16.38 -25.50 24.34
CA VAL C 227 -16.38 -24.32 25.19
C VAL C 227 -15.40 -23.29 24.65
N ASP C 228 -15.76 -22.01 24.77
CA ASP C 228 -14.90 -20.88 24.42
C ASP C 228 -14.99 -19.87 25.57
N LEU C 229 -14.15 -20.04 26.58
CA LEU C 229 -14.23 -19.20 27.77
C LEU C 229 -13.67 -17.81 27.50
N PRO C 230 -14.46 -16.72 27.72
CA PRO C 230 -14.01 -15.33 27.56
C PRO C 230 -13.24 -14.78 28.76
N ILE C 231 -12.27 -15.55 29.25
CA ILE C 231 -11.58 -15.17 30.48
C ILE C 231 -10.24 -14.52 30.18
N GLY C 232 -9.43 -14.30 31.21
CA GLY C 232 -8.15 -13.64 31.02
C GLY C 232 -7.14 -14.01 32.08
N ILE C 233 -7.19 -15.25 32.56
CA ILE C 233 -6.32 -15.73 33.63
C ILE C 233 -5.16 -16.46 32.97
N ASN C 234 -3.99 -15.82 32.96
CA ASN C 234 -2.80 -16.43 32.39
C ASN C 234 -2.47 -17.73 33.11
N ILE C 235 -2.80 -18.85 32.49
CA ILE C 235 -2.62 -20.16 33.11
C ILE C 235 -1.14 -20.56 33.09
N THR C 236 -0.76 -21.40 34.05
CA THR C 236 0.59 -21.95 34.05
C THR C 236 0.55 -23.47 34.18
N ARG C 237 -0.27 -23.98 35.11
CA ARG C 237 -0.37 -25.41 35.36
C ARG C 237 -1.84 -25.82 35.48
N PHE C 238 -2.03 -27.11 35.73
CA PHE C 238 -3.35 -27.69 35.92
C PHE C 238 -3.20 -29.06 36.58
N GLN C 239 -4.33 -29.71 36.81
CA GLN C 239 -4.36 -31.03 37.45
C GLN C 239 -5.73 -31.67 37.23
N THR C 240 -5.75 -32.99 37.24
CA THR C 240 -6.96 -33.77 37.06
C THR C 240 -7.58 -34.15 38.40
N LEU C 241 -8.83 -34.59 38.35
CA LEU C 241 -9.58 -34.98 39.55
C LEU C 241 -10.37 -36.24 39.21
N LEU C 242 -9.93 -37.37 39.74
CA LEU C 242 -10.62 -38.64 39.52
C LEU C 242 -11.13 -39.22 40.83
N TYR C 265 -4.97 -42.49 31.98
CA TYR C 265 -5.16 -41.43 30.99
C TYR C 265 -3.86 -41.08 30.28
N TYR C 266 -3.97 -40.21 29.27
CA TYR C 266 -2.84 -39.82 28.45
C TYR C 266 -2.84 -38.32 28.23
N VAL C 267 -1.66 -37.72 28.32
CA VAL C 267 -1.47 -36.27 28.19
C VAL C 267 -0.40 -36.00 27.14
N GLY C 268 -0.72 -35.12 26.19
CA GLY C 268 0.27 -34.65 25.24
C GLY C 268 0.21 -33.14 25.13
N TYR C 269 1.29 -32.57 24.57
CA TYR C 269 1.46 -31.13 24.47
C TYR C 269 1.42 -30.71 23.01
N LEU C 270 0.57 -29.73 22.71
CA LEU C 270 0.42 -29.23 21.34
C LEU C 270 1.63 -28.41 20.93
N GLN C 271 1.85 -28.33 19.61
CA GLN C 271 2.90 -27.53 19.02
C GLN C 271 2.34 -26.81 17.81
N PRO C 272 2.93 -25.66 17.44
CA PRO C 272 2.41 -24.89 16.28
C PRO C 272 2.85 -25.46 14.94
N ARG C 273 2.09 -26.45 14.47
CA ARG C 273 2.38 -27.15 13.24
C ARG C 273 1.31 -26.87 12.19
N THR C 274 1.63 -27.20 10.95
CA THR C 274 0.72 -27.06 9.81
C THR C 274 0.13 -28.42 9.45
N PHE C 275 -1.19 -28.46 9.26
CA PHE C 275 -1.91 -29.68 8.92
C PHE C 275 -2.76 -29.44 7.68
N LEU C 276 -2.99 -30.51 6.92
CA LEU C 276 -3.87 -30.51 5.77
C LEU C 276 -5.13 -31.30 6.12
N LEU C 277 -6.28 -30.64 6.08
CA LEU C 277 -7.54 -31.21 6.50
C LEU C 277 -8.44 -31.44 5.29
N LYS C 278 -9.11 -32.60 5.26
CA LYS C 278 -9.98 -32.97 4.15
C LYS C 278 -11.43 -32.79 4.58
N TYR C 279 -12.13 -31.86 3.94
CA TYR C 279 -13.55 -31.64 4.16
C TYR C 279 -14.35 -32.41 3.12
N ASN C 280 -15.22 -33.30 3.58
CA ASN C 280 -16.06 -34.09 2.68
C ASN C 280 -17.26 -33.24 2.24
N GLU C 281 -18.22 -33.88 1.56
CA GLU C 281 -19.40 -33.16 1.10
C GLU C 281 -20.27 -32.64 2.24
N ASN C 282 -20.10 -33.18 3.45
CA ASN C 282 -20.97 -32.85 4.58
C ASN C 282 -20.38 -31.79 5.49
N GLY C 283 -19.28 -31.15 5.08
CA GLY C 283 -18.68 -30.09 5.87
C GLY C 283 -17.81 -30.54 7.01
N THR C 284 -17.65 -31.84 7.21
CA THR C 284 -16.89 -32.36 8.35
C THR C 284 -15.52 -32.85 7.88
N ILE C 285 -14.53 -32.75 8.76
CA ILE C 285 -13.21 -33.24 8.46
C ILE C 285 -13.20 -34.76 8.53
N THR C 286 -12.72 -35.40 7.45
CA THR C 286 -12.72 -36.85 7.37
C THR C 286 -11.33 -37.47 7.45
N ASP C 287 -10.27 -36.69 7.20
CA ASP C 287 -8.88 -37.11 7.27
C ASP C 287 -7.99 -35.88 7.41
N ALA C 288 -6.77 -36.11 7.91
CA ALA C 288 -5.80 -35.05 8.15
C ALA C 288 -4.41 -35.58 7.86
N VAL C 289 -3.52 -34.66 7.52
CA VAL C 289 -2.12 -34.97 7.20
C VAL C 289 -1.24 -33.98 7.95
N ASP C 290 -0.32 -34.51 8.76
CA ASP C 290 0.66 -33.67 9.45
C ASP C 290 1.71 -33.25 8.42
N CYS C 291 1.85 -31.94 8.21
CA CYS C 291 2.67 -31.44 7.12
C CYS C 291 4.16 -31.40 7.45
N ALA C 292 4.57 -31.83 8.64
CA ALA C 292 5.97 -31.79 9.02
C ALA C 292 6.43 -33.13 9.59
N LEU C 293 5.66 -34.20 9.37
CA LEU C 293 6.02 -35.50 9.91
C LEU C 293 7.18 -36.11 9.13
N ASP C 294 7.11 -36.09 7.81
CA ASP C 294 8.05 -36.79 6.96
C ASP C 294 8.06 -36.13 5.59
N PRO C 295 9.08 -36.38 4.77
CA PRO C 295 9.14 -35.74 3.44
C PRO C 295 7.91 -36.00 2.57
N LEU C 296 7.34 -37.20 2.60
CA LEU C 296 6.15 -37.47 1.80
C LEU C 296 4.99 -36.57 2.21
N SER C 297 4.82 -36.35 3.50
CA SER C 297 3.76 -35.46 3.96
C SER C 297 4.04 -34.02 3.55
N GLU C 298 5.31 -33.62 3.58
CA GLU C 298 5.71 -32.31 3.07
C GLU C 298 5.32 -32.16 1.61
N THR C 299 5.58 -33.19 0.80
CA THR C 299 5.18 -33.17 -0.59
C THR C 299 3.67 -33.04 -0.73
N LYS C 300 2.93 -33.80 0.07
CA LYS C 300 1.47 -33.76 0.01
C LYS C 300 0.95 -32.36 0.32
N CYS C 301 1.52 -31.72 1.34
CA CYS C 301 1.05 -30.39 1.73
C CYS C 301 1.59 -29.29 0.83
N THR C 302 2.68 -29.53 0.10
CA THR C 302 3.15 -28.55 -0.86
C THR C 302 2.43 -28.67 -2.21
N LEU C 303 1.86 -29.85 -2.50
CA LEU C 303 1.03 -30.02 -3.68
C LEU C 303 -0.45 -29.82 -3.38
N LYS C 304 -0.84 -29.89 -2.10
CA LYS C 304 -2.22 -29.76 -1.66
C LYS C 304 -3.10 -30.85 -2.27
N SER C 305 -2.68 -32.10 -2.06
CA SER C 305 -3.46 -33.26 -2.48
C SER C 305 -3.05 -34.45 -1.63
N PHE C 306 -4.04 -35.20 -1.16
CA PHE C 306 -3.74 -36.35 -0.31
C PHE C 306 -3.08 -37.49 -1.08
N THR C 307 -3.18 -37.49 -2.41
CA THR C 307 -2.51 -38.46 -3.27
C THR C 307 -1.72 -37.70 -4.32
N VAL C 308 -0.44 -38.07 -4.47
CA VAL C 308 0.45 -37.44 -5.43
C VAL C 308 0.94 -38.50 -6.41
N GLU C 309 0.83 -38.19 -7.70
CA GLU C 309 1.27 -39.11 -8.74
C GLU C 309 2.78 -39.05 -8.88
N LYS C 310 3.33 -40.08 -9.54
CA LYS C 310 4.77 -40.25 -9.65
C LYS C 310 5.42 -39.00 -10.25
N GLY C 311 6.70 -38.83 -9.95
CA GLY C 311 7.46 -37.69 -10.40
C GLY C 311 8.41 -37.23 -9.33
N ILE C 312 9.09 -36.12 -9.60
CA ILE C 312 10.01 -35.50 -8.65
C ILE C 312 9.54 -34.06 -8.42
N TYR C 313 9.23 -33.74 -7.18
CA TYR C 313 8.69 -32.44 -6.82
C TYR C 313 9.60 -31.74 -5.83
N GLN C 314 9.75 -30.43 -6.01
CA GLN C 314 10.53 -29.61 -5.09
C GLN C 314 9.59 -29.07 -4.01
N THR C 315 9.88 -29.40 -2.75
CA THR C 315 8.97 -29.08 -1.65
C THR C 315 9.45 -27.93 -0.79
N SER C 316 10.68 -27.99 -0.29
CA SER C 316 11.16 -27.00 0.66
C SER C 316 12.67 -26.84 0.48
N ASN C 317 13.30 -26.13 1.41
CA ASN C 317 14.72 -25.88 1.38
C ASN C 317 15.35 -26.33 2.69
N PHE C 318 16.45 -27.07 2.59
CA PHE C 318 17.22 -27.52 3.74
C PHE C 318 18.36 -26.54 3.97
N ARG C 319 18.46 -26.04 5.20
CA ARG C 319 19.52 -25.13 5.60
C ARG C 319 20.02 -25.54 6.98
N VAL C 320 21.34 -25.53 7.16
CA VAL C 320 21.91 -25.86 8.45
C VAL C 320 21.49 -24.79 9.45
N GLN C 321 21.42 -25.18 10.72
CA GLN C 321 21.08 -24.24 11.78
C GLN C 321 22.31 -23.93 12.62
N PRO C 322 22.40 -22.73 13.18
CA PRO C 322 23.55 -22.40 14.04
C PRO C 322 23.60 -23.31 15.26
N THR C 323 24.82 -23.63 15.67
CA THR C 323 25.04 -24.52 16.81
C THR C 323 25.45 -23.77 18.07
N GLU C 324 26.16 -22.66 17.93
CA GLU C 324 26.56 -21.83 19.06
C GLU C 324 26.31 -20.37 18.71
N SER C 325 26.15 -19.57 19.75
CA SER C 325 25.93 -18.13 19.60
C SER C 325 27.19 -17.40 20.05
N ILE C 326 27.77 -16.61 19.14
CA ILE C 326 29.01 -15.89 19.41
C ILE C 326 28.66 -14.42 19.60
N VAL C 327 29.11 -13.84 20.70
CA VAL C 327 28.95 -12.43 20.99
C VAL C 327 30.34 -11.86 21.24
N ARG C 328 30.72 -10.83 20.48
CA ARG C 328 32.04 -10.25 20.57
C ARG C 328 31.94 -8.74 20.78
N PHE C 329 32.79 -8.22 21.65
CA PHE C 329 32.84 -6.81 21.97
C PHE C 329 34.25 -6.48 22.44
N PRO C 330 34.68 -5.23 22.33
CA PRO C 330 35.98 -4.87 22.89
C PRO C 330 35.91 -4.89 24.42
N ASN C 331 37.05 -5.16 25.04
CA ASN C 331 37.12 -5.22 26.50
C ASN C 331 37.46 -3.84 27.06
N ILE C 332 36.42 -3.10 27.46
CA ILE C 332 36.53 -1.81 28.11
C ILE C 332 35.70 -1.84 29.38
N THR C 333 36.22 -1.26 30.45
CA THR C 333 35.57 -1.31 31.75
C THR C 333 34.95 0.02 32.18
N ASN C 334 35.65 1.13 31.99
CA ASN C 334 35.19 2.41 32.50
C ASN C 334 33.82 2.78 31.94
N LEU C 335 32.92 3.18 32.84
CA LEU C 335 31.59 3.61 32.44
C LEU C 335 31.65 4.98 31.77
N CYS C 336 30.74 5.20 30.82
CA CYS C 336 30.65 6.50 30.16
C CYS C 336 30.16 7.55 31.16
N PRO C 337 30.79 8.72 31.22
CA PRO C 337 30.44 9.74 32.23
C PRO C 337 29.15 10.48 31.89
N PHE C 338 28.05 9.74 31.80
CA PHE C 338 26.75 10.38 31.58
C PHE C 338 26.38 11.28 32.74
N GLY C 339 26.80 10.92 33.96
CA GLY C 339 26.44 11.72 35.12
C GLY C 339 26.90 13.17 35.01
N GLU C 340 28.12 13.37 34.52
CA GLU C 340 28.64 14.73 34.37
C GLU C 340 27.86 15.52 33.33
N VAL C 341 27.07 14.85 32.50
CA VAL C 341 26.29 15.53 31.46
C VAL C 341 24.89 15.85 31.96
N PHE C 342 24.17 14.85 32.48
CA PHE C 342 22.81 15.08 32.95
C PHE C 342 22.78 15.81 34.29
N ASN C 343 23.73 15.51 35.17
CA ASN C 343 23.80 16.13 36.49
C ASN C 343 24.78 17.29 36.55
N ALA C 344 25.16 17.83 35.39
CA ALA C 344 26.04 18.99 35.37
C ALA C 344 25.38 20.16 36.11
N THR C 345 26.17 20.83 36.95
CA THR C 345 25.64 21.93 37.75
C THR C 345 25.15 23.06 36.87
N ARG C 346 25.92 23.41 35.84
CA ARG C 346 25.56 24.49 34.93
C ARG C 346 25.44 23.95 33.51
N PHE C 347 24.46 24.47 32.77
CA PHE C 347 24.26 24.15 31.37
C PHE C 347 24.49 25.38 30.50
N ALA C 348 24.94 25.14 29.28
CA ALA C 348 25.21 26.22 28.34
C ALA C 348 23.91 26.71 27.72
N SER C 349 23.84 28.02 27.46
CA SER C 349 22.69 28.59 26.77
C SER C 349 22.46 27.90 25.43
N VAL C 350 21.21 27.90 24.99
CA VAL C 350 20.85 27.17 23.77
C VAL C 350 21.64 27.69 22.57
N TYR C 351 21.81 29.02 22.48
CA TYR C 351 22.56 29.59 21.37
C TYR C 351 24.01 29.15 21.37
N ALA C 352 24.54 28.76 22.53
CA ALA C 352 25.92 28.28 22.66
C ALA C 352 25.94 26.86 23.23
N TRP C 353 25.04 26.01 22.75
CA TRP C 353 24.91 24.65 23.24
C TRP C 353 26.25 23.94 23.30
N ASN C 354 26.53 23.29 24.42
CA ASN C 354 27.80 22.61 24.61
C ASN C 354 27.78 21.24 23.95
N ARG C 355 28.92 20.84 23.38
CA ARG C 355 29.06 19.52 22.80
C ARG C 355 30.19 18.77 23.50
N LYS C 356 29.89 17.58 24.00
CA LYS C 356 30.84 16.73 24.69
C LYS C 356 31.03 15.44 23.90
N ARG C 357 32.29 15.00 23.79
CA ARG C 357 32.61 13.79 23.05
C ARG C 357 32.68 12.61 24.01
N ILE C 358 31.87 11.58 23.73
CA ILE C 358 31.84 10.34 24.50
C ILE C 358 32.47 9.24 23.65
N SER C 359 33.50 8.61 24.20
CA SER C 359 34.28 7.61 23.47
C SER C 359 35.02 6.74 24.47
N ASN C 360 35.36 5.53 24.03
CA ASN C 360 36.19 4.59 24.79
C ASN C 360 35.60 4.34 26.19
N CYS C 361 34.34 3.96 26.22
CA CYS C 361 33.65 3.70 27.49
C CYS C 361 32.43 2.84 27.23
N VAL C 362 31.93 2.24 28.31
CA VAL C 362 30.70 1.44 28.27
C VAL C 362 29.53 2.35 28.64
N ALA C 363 28.50 2.36 27.78
CA ALA C 363 27.35 3.25 27.94
C ALA C 363 26.13 2.41 28.32
N ASP C 364 25.79 2.42 29.60
CA ASP C 364 24.60 1.73 30.11
C ASP C 364 23.42 2.69 29.97
N TYR C 365 22.79 2.66 28.80
CA TYR C 365 21.68 3.58 28.52
C TYR C 365 20.44 3.25 29.35
N SER C 366 20.35 2.06 29.93
CA SER C 366 19.20 1.71 30.75
C SER C 366 18.97 2.73 31.86
N VAL C 367 20.04 3.04 32.61
CA VAL C 367 19.99 4.04 33.68
C VAL C 367 19.31 5.32 33.20
N LEU C 368 19.43 5.62 31.92
CA LEU C 368 18.80 6.82 31.38
C LEU C 368 17.32 6.59 31.07
N TYR C 369 17.00 5.54 30.33
CA TYR C 369 15.62 5.37 29.89
C TYR C 369 14.76 4.61 30.90
N ASN C 370 15.36 4.09 31.97
CA ASN C 370 14.58 3.54 33.08
C ASN C 370 14.36 4.56 34.20
N SER C 371 15.00 5.71 34.12
CA SER C 371 14.80 6.75 35.12
C SER C 371 13.51 7.51 34.85
N ALA C 372 12.85 7.92 35.94
CA ALA C 372 11.65 8.75 35.86
C ALA C 372 11.97 10.24 35.89
N SER C 373 13.24 10.61 35.86
CA SER C 373 13.64 12.01 35.98
C SER C 373 13.53 12.78 34.67
N PHE C 374 13.20 12.12 33.57
CA PHE C 374 13.15 12.75 32.25
C PHE C 374 11.71 12.78 31.75
N SER C 375 11.25 13.96 31.37
CA SER C 375 9.90 14.13 30.85
C SER C 375 9.78 13.84 29.36
N THR C 376 10.87 14.00 28.60
CA THR C 376 10.87 13.70 27.17
C THR C 376 12.04 12.80 26.83
N PHE C 377 11.76 11.69 26.15
CA PHE C 377 12.78 10.75 25.70
C PHE C 377 12.35 10.24 24.34
N LYS C 378 13.02 10.69 23.27
CA LYS C 378 12.61 10.35 21.92
C LYS C 378 13.84 10.02 21.09
N CYS C 379 13.94 8.77 20.64
CA CYS C 379 15.06 8.31 19.82
C CYS C 379 14.60 8.20 18.37
N TYR C 380 15.24 8.97 17.49
CA TYR C 380 14.94 8.95 16.07
C TYR C 380 15.95 8.06 15.36
N GLY C 381 15.44 7.09 14.59
CA GLY C 381 16.26 6.18 13.85
C GLY C 381 16.80 5.01 14.64
N VAL C 382 16.52 4.95 15.95
CA VAL C 382 16.98 3.88 16.83
C VAL C 382 15.91 3.71 17.90
N SER C 383 15.88 2.52 18.51
CA SER C 383 15.01 2.30 19.65
C SER C 383 15.83 2.30 20.93
N PRO C 384 15.44 3.09 21.94
CA PRO C 384 16.29 3.22 23.13
C PRO C 384 16.61 1.91 23.81
N THR C 385 15.67 0.96 23.82
CA THR C 385 15.93 -0.35 24.41
C THR C 385 17.10 -1.03 23.73
N LYS C 386 17.18 -0.91 22.40
CA LYS C 386 18.26 -1.53 21.64
C LYS C 386 19.60 -0.87 21.91
N LEU C 387 19.64 0.31 22.53
CA LEU C 387 20.90 1.00 22.76
C LEU C 387 21.89 0.19 23.59
N ASN C 388 21.41 -0.76 24.40
CA ASN C 388 22.30 -1.59 25.19
C ASN C 388 22.96 -2.70 24.37
N ASP C 389 22.55 -2.89 23.11
CA ASP C 389 23.09 -3.95 22.28
C ASP C 389 23.71 -3.39 21.00
N LEU C 390 24.19 -2.14 21.06
CA LEU C 390 24.79 -1.49 19.91
C LEU C 390 26.13 -0.88 20.29
N CYS C 391 27.04 -0.81 19.32
CA CYS C 391 28.29 -0.09 19.46
C CYS C 391 28.33 1.05 18.45
N PHE C 392 28.69 2.24 18.92
CA PHE C 392 28.68 3.44 18.10
C PHE C 392 30.11 3.86 17.80
N THR C 393 30.25 4.61 16.70
CA THR C 393 31.57 5.10 16.31
C THR C 393 32.11 6.08 17.36
N ASN C 394 31.40 7.19 17.55
CA ASN C 394 31.83 8.22 18.49
C ASN C 394 30.60 9.04 18.85
N VAL C 395 30.25 9.05 20.13
CA VAL C 395 28.99 9.63 20.55
C VAL C 395 29.21 11.10 20.88
N TYR C 396 28.22 11.94 20.62
CA TYR C 396 28.31 13.34 20.98
C TYR C 396 27.07 13.75 21.73
N ALA C 397 27.26 14.46 22.84
CA ALA C 397 26.17 14.92 23.69
C ALA C 397 26.09 16.44 23.60
N ASP C 398 25.00 16.94 23.04
CA ASP C 398 24.76 18.38 22.93
C ASP C 398 23.80 18.77 24.05
N SER C 399 24.27 19.61 24.96
CA SER C 399 23.52 19.99 26.15
C SER C 399 23.22 21.48 26.10
N PHE C 400 22.02 21.83 26.52
CA PHE C 400 21.59 23.23 26.60
C PHE C 400 20.31 23.31 27.42
N VAL C 401 19.72 24.49 27.47
CA VAL C 401 18.52 24.77 28.26
C VAL C 401 17.57 25.60 27.41
N ILE C 402 16.28 25.24 27.45
CA ILE C 402 15.25 25.98 26.72
C ILE C 402 14.05 26.16 27.62
N ARG C 403 12.96 26.70 27.08
CA ARG C 403 11.69 26.74 27.80
C ARG C 403 10.76 25.68 27.23
N GLY C 404 9.76 25.31 28.04
CA GLY C 404 8.92 24.17 27.71
C GLY C 404 8.26 24.29 26.33
N ASP C 405 7.76 25.48 26.01
CA ASP C 405 7.08 25.69 24.74
C ASP C 405 7.99 25.38 23.56
N GLU C 406 9.30 25.48 23.74
CA GLU C 406 10.24 25.24 22.66
C GLU C 406 10.75 23.80 22.62
N VAL C 407 10.30 22.95 23.56
CA VAL C 407 10.73 21.56 23.55
C VAL C 407 10.31 20.87 22.25
N ARG C 408 9.13 21.22 21.74
CA ARG C 408 8.68 20.68 20.46
C ARG C 408 9.66 21.01 19.34
N GLN C 409 10.34 22.15 19.43
CA GLN C 409 11.24 22.56 18.36
C GLN C 409 12.48 21.68 18.27
N ILE C 410 12.78 20.91 19.31
CA ILE C 410 13.98 20.05 19.32
C ILE C 410 13.56 18.72 18.70
N ALA C 411 13.57 18.67 17.38
CA ALA C 411 13.20 17.49 16.60
C ALA C 411 13.49 17.74 15.12
N PRO C 412 13.77 16.71 14.34
CA PRO C 412 14.04 16.91 12.91
C PRO C 412 12.85 17.51 12.20
N GLY C 413 13.13 18.40 11.25
CA GLY C 413 12.08 18.97 10.42
C GLY C 413 11.15 19.92 11.15
N GLN C 414 11.59 20.49 12.26
CA GLN C 414 10.81 21.45 13.02
C GLN C 414 11.27 22.87 12.72
N THR C 415 10.36 23.82 12.97
CA THR C 415 10.61 25.24 12.74
C THR C 415 10.38 26.01 14.03
N GLY C 416 10.73 27.30 14.00
CA GLY C 416 10.63 28.15 15.15
C GLY C 416 11.94 28.86 15.43
N LYS C 417 11.93 29.64 16.50
CA LYS C 417 13.11 30.43 16.87
C LYS C 417 14.32 29.54 17.09
N ILE C 418 14.17 28.50 17.91
CA ILE C 418 15.31 27.65 18.28
C ILE C 418 15.84 26.93 17.04
N ALA C 419 14.94 26.32 16.27
CA ALA C 419 15.37 25.55 15.11
C ALA C 419 16.05 26.43 14.07
N ASP C 420 15.51 27.63 13.84
CA ASP C 420 16.04 28.48 12.80
C ASP C 420 17.34 29.17 13.21
N TYR C 421 17.42 29.65 14.45
CA TYR C 421 18.50 30.52 14.86
C TYR C 421 19.42 29.93 15.93
N ASN C 422 19.02 28.84 16.59
CA ASN C 422 19.75 28.36 17.76
C ASN C 422 20.28 26.95 17.58
N TYR C 423 19.44 26.00 17.14
CA TYR C 423 19.87 24.61 17.06
C TYR C 423 18.98 23.87 16.08
N LYS C 424 19.57 23.32 15.02
CA LYS C 424 18.85 22.68 13.93
C LYS C 424 19.32 21.24 13.79
N LEU C 425 18.37 20.28 13.93
CA LEU C 425 18.68 18.88 13.67
C LEU C 425 18.55 18.55 12.19
N PRO C 426 19.36 17.61 11.69
CA PRO C 426 19.22 17.19 10.29
C PRO C 426 17.95 16.36 10.08
N ASP C 427 17.47 16.38 8.83
CA ASP C 427 16.26 15.63 8.50
C ASP C 427 16.47 14.14 8.69
N ASP C 428 17.67 13.64 8.41
CA ASP C 428 18.02 12.24 8.59
C ASP C 428 18.73 11.98 9.92
N PHE C 429 18.40 12.77 10.95
CA PHE C 429 19.08 12.65 12.24
C PHE C 429 18.92 11.25 12.81
N THR C 430 20.01 10.70 13.31
CA THR C 430 20.01 9.43 14.03
C THR C 430 20.53 9.67 15.44
N GLY C 431 19.76 9.24 16.43
CA GLY C 431 20.15 9.46 17.82
C GLY C 431 18.99 9.82 18.71
N CYS C 432 19.25 10.13 19.98
CA CYS C 432 18.19 10.31 20.96
C CYS C 432 18.20 11.73 21.50
N VAL C 433 17.01 12.20 21.88
CA VAL C 433 16.81 13.50 22.51
C VAL C 433 16.20 13.26 23.87
N ILE C 434 16.78 13.87 24.91
CA ILE C 434 16.36 13.70 26.29
C ILE C 434 16.16 15.08 26.88
N ALA C 435 15.02 15.30 27.52
CA ALA C 435 14.70 16.61 28.08
C ALA C 435 13.98 16.42 29.41
N TRP C 436 14.32 17.27 30.37
CA TRP C 436 13.66 17.19 31.67
C TRP C 436 13.57 18.57 32.30
N ASN C 437 12.52 18.76 33.10
CA ASN C 437 12.29 20.04 33.75
C ASN C 437 13.42 20.37 34.73
N SER C 438 13.77 21.65 34.79
CA SER C 438 14.81 22.13 35.68
C SER C 438 14.39 23.41 36.38
N ASN C 439 13.09 23.56 36.65
CA ASN C 439 12.58 24.78 37.26
C ASN C 439 13.18 25.01 38.64
N ASN C 440 13.30 23.94 39.44
CA ASN C 440 13.87 24.06 40.78
C ASN C 440 15.33 24.47 40.75
N LEU C 441 16.02 24.28 39.63
CA LEU C 441 17.46 24.51 39.55
C LEU C 441 17.84 25.76 38.79
N ASP C 442 17.15 26.08 37.68
CA ASP C 442 17.54 27.17 36.80
C ASP C 442 16.72 28.42 36.98
N SER C 443 15.71 28.41 37.84
CA SER C 443 14.85 29.56 38.06
C SER C 443 15.27 30.32 39.31
N LYS C 444 15.05 31.63 39.29
CA LYS C 444 15.36 32.50 40.41
C LYS C 444 14.17 33.41 40.68
N VAL C 445 14.00 33.75 41.96
CA VAL C 445 12.88 34.59 42.37
C VAL C 445 12.91 35.93 41.63
N GLY C 446 14.09 36.51 41.47
CA GLY C 446 14.24 37.73 40.70
C GLY C 446 14.33 37.54 39.22
N GLY C 447 14.27 36.30 38.74
CA GLY C 447 14.37 36.01 37.33
C GLY C 447 15.79 35.69 36.92
N ASN C 448 16.02 34.49 36.41
CA ASN C 448 17.35 34.06 35.97
C ASN C 448 17.51 34.38 34.50
N TYR C 449 18.44 35.27 34.17
CA TYR C 449 18.69 35.70 32.80
C TYR C 449 20.03 35.19 32.27
N ASN C 450 20.65 34.21 32.93
CA ASN C 450 21.94 33.72 32.48
C ASN C 450 21.83 32.89 31.20
N TYR C 451 20.64 32.34 30.92
CA TYR C 451 20.41 31.54 29.73
C TYR C 451 19.94 32.44 28.61
N LEU C 452 20.56 32.31 27.44
CA LEU C 452 20.31 33.19 26.31
C LEU C 452 19.83 32.39 25.12
N TYR C 453 19.24 33.10 24.15
CA TYR C 453 18.87 32.52 22.87
C TYR C 453 19.06 33.56 21.78
N ARG C 454 19.45 33.09 20.60
CA ARG C 454 19.62 33.98 19.46
C ARG C 454 18.26 34.32 18.87
N LEU C 455 17.98 35.62 18.76
CA LEU C 455 16.68 36.08 18.30
C LEU C 455 16.68 36.50 16.83
N PHE C 456 17.83 36.91 16.29
CA PHE C 456 17.92 37.34 14.90
C PHE C 456 19.08 36.65 14.21
N ARG C 457 18.91 36.39 12.91
CA ARG C 457 19.96 35.82 12.08
C ARG C 457 19.56 35.95 10.62
N LYS C 458 20.54 36.23 9.76
CA LYS C 458 20.28 36.44 8.35
C LYS C 458 19.76 35.18 7.66
N SER C 459 20.04 34.00 8.20
CA SER C 459 19.61 32.76 7.58
C SER C 459 19.53 31.66 8.64
N ASN C 460 18.84 30.58 8.29
CA ASN C 460 18.68 29.47 9.20
C ASN C 460 19.97 28.65 9.31
N LEU C 461 20.12 27.97 10.44
CA LEU C 461 21.30 27.15 10.69
C LEU C 461 21.21 25.82 9.98
N LYS C 462 22.36 25.35 9.48
CA LYS C 462 22.50 24.00 8.97
C LYS C 462 22.64 23.02 10.13
N PRO C 463 22.39 21.72 9.88
CA PRO C 463 22.38 20.75 10.99
C PRO C 463 23.68 20.77 11.78
N PHE C 464 23.55 20.76 13.10
CA PHE C 464 24.63 20.75 14.07
C PHE C 464 25.54 21.96 13.96
N GLU C 465 25.14 23.00 13.23
CA GLU C 465 25.93 24.23 13.18
C GLU C 465 25.82 24.97 14.51
N ARG C 466 26.90 25.63 14.88
CA ARG C 466 26.97 26.37 16.14
C ARG C 466 27.39 27.80 15.86
N ASP C 467 26.55 28.76 16.23
CA ASP C 467 26.79 30.17 16.00
C ASP C 467 26.76 30.89 17.35
N ILE C 468 27.91 31.40 17.77
CA ILE C 468 28.02 32.13 19.02
C ILE C 468 28.37 33.60 18.79
N SER C 469 28.21 34.08 17.55
CA SER C 469 28.54 35.46 17.23
C SER C 469 27.57 36.42 17.93
N THR C 470 28.07 37.64 18.21
CA THR C 470 27.26 38.67 18.84
C THR C 470 27.16 39.91 17.97
N GLU C 471 27.35 39.77 16.65
CA GLU C 471 27.25 40.90 15.76
C GLU C 471 25.85 41.50 15.78
N ILE C 472 25.78 42.83 15.78
CA ILE C 472 24.50 43.51 15.82
C ILE C 472 23.74 43.24 14.53
N TYR C 473 22.47 42.85 14.65
CA TYR C 473 21.63 42.51 13.51
C TYR C 473 20.92 43.76 13.00
N GLN C 474 21.10 44.04 11.71
CA GLN C 474 20.49 45.20 11.08
C GLN C 474 19.14 44.79 10.51
N ALA C 475 18.07 45.09 11.24
CA ALA C 475 16.72 44.75 10.80
C ALA C 475 16.16 45.73 9.79
N GLY C 476 16.82 46.88 9.58
CA GLY C 476 16.34 47.87 8.65
C GLY C 476 17.35 48.20 7.57
N SER C 477 17.16 49.33 6.89
CA SER C 477 18.07 49.75 5.84
C SER C 477 19.25 50.58 6.37
N THR C 478 19.19 51.01 7.63
CA THR C 478 20.26 51.84 8.18
C THR C 478 21.40 50.96 8.68
N PRO C 479 22.62 51.15 8.19
CA PRO C 479 23.76 50.39 8.72
C PRO C 479 23.94 50.65 10.21
N CYS C 480 24.28 49.59 10.94
CA CYS C 480 24.44 49.69 12.38
C CYS C 480 25.87 50.02 12.81
N ASN C 481 26.86 49.52 12.07
CA ASN C 481 28.27 49.77 12.37
C ASN C 481 28.60 49.36 13.80
N GLY C 482 27.99 48.27 14.26
CA GLY C 482 28.22 47.78 15.61
C GLY C 482 27.52 48.57 16.70
N VAL C 483 26.62 49.47 16.35
CA VAL C 483 25.91 50.31 17.31
C VAL C 483 24.46 49.86 17.37
N GLU C 484 23.99 49.51 18.56
CA GLU C 484 22.61 49.09 18.75
C GLU C 484 21.67 50.30 18.71
N GLY C 485 20.43 50.02 18.32
CA GLY C 485 19.44 51.07 18.24
C GLY C 485 18.23 50.60 17.45
N PHE C 486 17.47 51.56 16.93
CA PHE C 486 16.30 51.23 16.13
C PHE C 486 16.73 50.42 14.91
N ASN C 487 16.11 49.25 14.74
CA ASN C 487 16.44 48.28 13.71
C ASN C 487 17.87 47.75 13.83
N CYS C 488 18.52 47.98 14.97
CA CYS C 488 19.86 47.48 15.23
C CYS C 488 19.84 46.76 16.58
N TYR C 489 19.72 45.44 16.54
CA TYR C 489 19.41 44.65 17.73
C TYR C 489 20.58 43.75 18.08
N PHE C 490 20.78 43.55 19.38
CA PHE C 490 21.69 42.51 19.85
C PHE C 490 21.06 41.14 19.58
N PRO C 491 21.73 40.25 18.85
CA PRO C 491 21.07 39.02 18.41
C PRO C 491 20.60 38.13 19.54
N LEU C 492 21.15 38.27 20.74
CA LEU C 492 20.80 37.42 21.86
C LEU C 492 19.76 38.09 22.75
N GLN C 493 18.95 37.26 23.40
CA GLN C 493 17.97 37.71 24.37
C GLN C 493 17.89 36.70 25.50
N SER C 494 17.71 37.18 26.72
CA SER C 494 17.74 36.33 27.90
C SER C 494 16.38 35.70 28.15
N TYR C 495 16.40 34.45 28.60
CA TYR C 495 15.18 33.83 29.11
C TYR C 495 14.80 34.41 30.47
N GLY C 496 13.51 34.53 30.71
CA GLY C 496 13.03 34.89 32.03
C GLY C 496 12.59 33.67 32.82
N PHE C 497 13.45 33.16 33.69
CA PHE C 497 13.19 31.94 34.44
C PHE C 497 12.91 32.30 35.89
N GLN C 498 11.63 32.31 36.26
CA GLN C 498 11.19 32.46 37.64
C GLN C 498 10.42 31.22 38.08
N PRO C 499 10.51 30.84 39.36
CA PRO C 499 9.82 29.62 39.80
C PRO C 499 8.31 29.68 39.64
N THR C 500 7.72 30.87 39.59
CA THR C 500 6.28 31.02 39.43
C THR C 500 5.84 31.00 37.98
N ASN C 501 6.78 30.92 37.05
CA ASN C 501 6.44 30.93 35.63
C ASN C 501 5.66 29.67 35.24
N GLY C 502 4.82 29.81 34.22
CA GLY C 502 4.07 28.67 33.73
C GLY C 502 5.00 27.60 33.18
N VAL C 503 4.50 26.36 33.17
CA VAL C 503 5.32 25.21 32.77
C VAL C 503 5.87 25.41 31.36
N GLY C 504 5.11 26.09 30.49
CA GLY C 504 5.63 26.39 29.16
C GLY C 504 6.85 27.29 29.20
N TYR C 505 6.93 28.19 30.17
CA TYR C 505 8.06 29.08 30.34
C TYR C 505 9.07 28.59 31.35
N GLN C 506 8.87 27.39 31.92
CA GLN C 506 9.83 26.89 32.89
C GLN C 506 11.07 26.35 32.17
N PRO C 507 12.23 26.37 32.84
CA PRO C 507 13.45 25.92 32.17
C PRO C 507 13.53 24.40 32.09
N TYR C 508 13.92 23.92 30.92
CA TYR C 508 14.13 22.51 30.66
C TYR C 508 15.56 22.29 30.20
N ARG C 509 16.19 21.27 30.76
CA ARG C 509 17.53 20.86 30.34
C ARG C 509 17.40 19.79 29.27
N VAL C 510 18.17 19.95 28.19
CA VAL C 510 18.07 19.09 27.02
C VAL C 510 19.46 18.58 26.68
N VAL C 511 19.55 17.27 26.42
CA VAL C 511 20.77 16.60 26.00
C VAL C 511 20.42 15.74 24.79
N VAL C 512 21.17 15.90 23.71
CA VAL C 512 20.95 15.19 22.47
C VAL C 512 22.17 14.31 22.21
N LEU C 513 21.96 13.00 22.21
CA LEU C 513 23.01 12.04 21.89
C LEU C 513 22.95 11.75 20.39
N SER C 514 24.06 12.01 19.71
CA SER C 514 24.19 11.77 18.27
C SER C 514 25.28 10.74 18.04
N PHE C 515 24.94 9.68 17.33
CA PHE C 515 25.88 8.62 16.99
C PHE C 515 25.58 8.09 15.59
N GLU C 516 26.62 7.80 14.84
CA GLU C 516 26.51 7.22 13.51
C GLU C 516 26.66 5.71 13.59
N LEU C 517 25.81 4.99 12.86
CA LEU C 517 25.70 3.54 13.02
C LEU C 517 26.86 2.85 12.32
N LEU C 518 26.79 1.52 12.22
CA LEU C 518 27.92 0.68 11.84
C LEU C 518 28.44 0.95 10.44
N HIS C 519 29.59 1.62 10.33
CA HIS C 519 30.38 1.62 9.12
C HIS C 519 31.88 1.55 9.38
N ALA C 520 32.31 1.55 10.64
CA ALA C 520 33.72 1.68 10.98
C ALA C 520 33.90 1.16 12.40
N PRO C 521 35.16 1.02 12.88
CA PRO C 521 35.37 0.59 14.27
C PRO C 521 34.64 1.46 15.28
N ALA C 522 34.35 0.89 16.45
CA ALA C 522 33.53 1.55 17.46
C ALA C 522 34.26 1.58 18.79
N THR C 523 33.90 2.57 19.63
CA THR C 523 34.49 2.72 20.95
C THR C 523 33.45 2.89 22.06
N VAL C 524 32.20 3.16 21.73
CA VAL C 524 31.12 3.27 22.71
C VAL C 524 30.17 2.11 22.50
N CYS C 525 30.07 1.23 23.50
CA CYS C 525 29.23 0.05 23.43
C CYS C 525 28.34 0.00 24.66
N GLY C 526 27.34 -0.89 24.61
CA GLY C 526 26.45 -1.08 25.73
C GLY C 526 27.03 -2.05 26.74
N PRO C 527 26.24 -2.40 27.75
CA PRO C 527 26.71 -3.31 28.81
C PRO C 527 26.79 -4.77 28.41
N LYS C 528 26.54 -5.09 27.13
CA LYS C 528 26.49 -6.48 26.70
C LYS C 528 27.84 -7.15 26.91
N LYS C 529 27.82 -8.39 27.37
CA LYS C 529 29.03 -9.16 27.60
C LYS C 529 29.54 -9.72 26.27
N SER C 530 30.52 -10.62 26.34
CA SER C 530 31.14 -11.21 25.15
C SER C 530 31.11 -12.73 25.27
N THR C 531 31.59 -13.40 24.22
CA THR C 531 31.59 -14.85 24.17
C THR C 531 32.80 -15.28 23.34
N ASN C 532 33.23 -16.52 23.55
CA ASN C 532 34.34 -17.06 22.78
C ASN C 532 33.98 -17.17 21.30
N LEU C 533 35.00 -17.48 20.49
CA LEU C 533 34.86 -17.56 19.05
C LEU C 533 35.18 -18.97 18.56
N VAL C 534 34.35 -19.46 17.65
CA VAL C 534 34.54 -20.78 17.03
C VAL C 534 34.43 -20.62 15.52
N LYS C 535 35.30 -21.29 14.78
CA LYS C 535 35.37 -21.17 13.34
C LYS C 535 34.95 -22.46 12.66
N ASN C 536 34.67 -22.34 11.35
CA ASN C 536 34.37 -23.48 10.48
C ASN C 536 33.09 -24.21 10.89
N LYS C 537 32.17 -23.49 11.51
CA LYS C 537 30.87 -24.04 11.89
C LYS C 537 29.84 -22.93 11.86
N CYS C 538 28.66 -23.24 11.35
CA CYS C 538 27.60 -22.24 11.23
C CYS C 538 27.18 -21.80 12.62
N VAL C 539 27.33 -20.51 12.91
CA VAL C 539 27.07 -19.96 14.24
C VAL C 539 26.37 -18.62 14.12
N ASN C 540 25.79 -18.19 15.23
CA ASN C 540 25.21 -16.86 15.36
C ASN C 540 26.27 -15.91 15.92
N PHE C 541 26.79 -15.03 15.09
CA PHE C 541 27.83 -14.09 15.49
C PHE C 541 27.22 -12.73 15.80
N ASN C 542 27.86 -12.03 16.75
CA ASN C 542 27.46 -10.66 17.14
C ASN C 542 28.76 -9.89 17.39
N PHE C 543 29.25 -9.22 16.35
CA PHE C 543 30.47 -8.43 16.43
C PHE C 543 30.10 -6.96 16.63
N ASN C 544 30.29 -6.48 17.85
CA ASN C 544 30.08 -5.06 18.18
C ASN C 544 28.68 -4.59 17.80
N GLY C 545 27.69 -5.44 18.05
CA GLY C 545 26.31 -5.12 17.73
C GLY C 545 25.88 -5.49 16.33
N LEU C 546 26.82 -5.84 15.45
CA LEU C 546 26.49 -6.34 14.12
C LEU C 546 26.21 -7.84 14.24
N THR C 547 24.95 -8.22 14.08
CA THR C 547 24.51 -9.59 14.31
C THR C 547 24.25 -10.31 13.00
N GLY C 548 24.40 -11.62 13.03
CA GLY C 548 24.13 -12.41 11.85
C GLY C 548 24.40 -13.87 12.12
N THR C 549 24.29 -14.67 11.05
CA THR C 549 24.52 -16.10 11.13
C THR C 549 25.37 -16.54 9.95
N GLY C 550 26.34 -17.41 10.21
CA GLY C 550 27.15 -17.95 9.15
C GLY C 550 28.42 -18.59 9.70
N VAL C 551 29.34 -18.88 8.78
CA VAL C 551 30.61 -19.53 9.09
C VAL C 551 31.72 -18.49 9.03
N LEU C 552 32.53 -18.44 10.09
CA LEU C 552 33.66 -17.52 10.17
C LEU C 552 34.94 -18.30 9.90
N THR C 553 35.76 -17.80 8.98
CA THR C 553 36.99 -18.46 8.60
C THR C 553 38.13 -17.44 8.57
N GLU C 554 39.36 -17.94 8.66
CA GLU C 554 40.52 -17.07 8.51
C GLU C 554 40.55 -16.48 7.11
N SER C 555 40.78 -15.18 7.02
CA SER C 555 40.77 -14.46 5.76
C SER C 555 42.19 -14.08 5.35
N ASN C 556 42.35 -13.75 4.07
CA ASN C 556 43.60 -13.21 3.55
C ASN C 556 43.44 -11.77 3.08
N LYS C 557 42.36 -11.11 3.46
CA LYS C 557 42.16 -9.71 3.10
C LYS C 557 43.02 -8.80 3.96
N LYS C 558 43.44 -7.69 3.37
CA LYS C 558 44.31 -6.73 4.04
C LYS C 558 43.47 -5.48 4.34
N PHE C 559 42.78 -5.51 5.47
CA PHE C 559 41.99 -4.37 5.90
C PHE C 559 42.88 -3.19 6.26
N LEU C 560 42.39 -1.99 5.97
CA LEU C 560 43.04 -0.77 6.40
C LEU C 560 42.66 -0.44 7.85
N PRO C 561 43.48 0.34 8.55
CA PRO C 561 43.25 0.57 9.98
C PRO C 561 41.91 1.23 10.29
N PHE C 562 41.28 1.89 9.33
CA PHE C 562 40.03 2.59 9.56
C PHE C 562 38.81 1.80 9.12
N GLN C 563 39.00 0.55 8.70
CA GLN C 563 37.90 -0.29 8.21
C GLN C 563 37.61 -1.38 9.24
N GLN C 564 36.34 -1.49 9.64
CA GLN C 564 35.94 -2.50 10.61
C GLN C 564 35.54 -3.80 9.91
N PHE C 565 34.57 -3.73 9.00
CA PHE C 565 34.03 -4.91 8.36
C PHE C 565 33.85 -4.65 6.88
N GLY C 566 33.98 -5.72 6.09
CA GLY C 566 33.77 -5.65 4.66
C GLY C 566 32.32 -5.89 4.27
N ARG C 567 32.10 -6.00 2.97
CA ARG C 567 30.76 -6.24 2.42
C ARG C 567 30.90 -6.98 1.11
N ASP C 568 29.82 -7.69 0.75
CA ASP C 568 29.70 -8.42 -0.50
C ASP C 568 28.97 -7.57 -1.53
N ILE C 569 29.00 -8.01 -2.79
CA ILE C 569 28.28 -7.34 -3.87
C ILE C 569 26.81 -7.16 -3.53
N ALA C 570 26.26 -8.05 -2.71
CA ALA C 570 24.86 -7.96 -2.29
C ALA C 570 24.67 -7.06 -1.09
N ASP C 571 25.69 -6.25 -0.76
CA ASP C 571 25.70 -5.32 0.36
C ASP C 571 25.59 -6.04 1.71
N THR C 572 25.76 -7.36 1.71
CA THR C 572 25.85 -8.13 2.95
C THR C 572 27.30 -8.22 3.40
N THR C 573 27.50 -8.17 4.72
CA THR C 573 28.86 -8.19 5.26
C THR C 573 29.58 -9.48 4.86
N ASP C 574 30.83 -9.33 4.43
CA ASP C 574 31.64 -10.47 4.01
C ASP C 574 32.76 -10.79 4.99
N ALA C 575 33.35 -9.78 5.62
CA ALA C 575 34.42 -10.00 6.59
C ALA C 575 34.34 -8.89 7.63
N VAL C 576 34.88 -9.19 8.82
CA VAL C 576 34.83 -8.29 9.97
C VAL C 576 36.19 -8.31 10.65
N ARG C 577 36.45 -7.28 11.45
CA ARG C 577 37.63 -7.20 12.31
C ARG C 577 37.22 -7.52 13.74
N ASP C 578 37.82 -8.55 14.31
CA ASP C 578 37.55 -8.97 15.68
C ASP C 578 37.90 -7.83 16.63
N PRO C 579 36.97 -7.34 17.45
CA PRO C 579 37.26 -6.16 18.29
C PRO C 579 38.40 -6.37 19.28
N GLN C 580 38.68 -7.60 19.69
CA GLN C 580 39.73 -7.85 20.68
C GLN C 580 41.04 -8.30 20.07
N THR C 581 41.00 -9.05 18.98
CA THR C 581 42.19 -9.48 18.26
C THR C 581 42.17 -8.85 16.88
N LEU C 582 43.25 -8.16 16.52
CA LEU C 582 43.31 -7.49 15.22
C LEU C 582 43.49 -8.49 14.10
N GLU C 583 42.45 -9.28 13.81
CA GLU C 583 42.46 -10.25 12.74
C GLU C 583 41.17 -10.13 11.95
N ILE C 584 41.24 -10.42 10.66
CA ILE C 584 40.10 -10.29 9.76
C ILE C 584 39.48 -11.66 9.55
N LEU C 585 38.21 -11.78 9.89
CA LEU C 585 37.46 -13.02 9.74
C LEU C 585 36.51 -12.88 8.55
N ASP C 586 36.58 -13.84 7.62
CA ASP C 586 35.70 -13.87 6.48
C ASP C 586 34.41 -14.62 6.83
N ILE C 587 33.27 -14.03 6.46
CA ILE C 587 31.96 -14.58 6.77
C ILE C 587 31.38 -15.18 5.50
N THR C 588 31.05 -16.46 5.56
CA THR C 588 30.40 -17.17 4.44
C THR C 588 29.11 -17.79 4.93
N PRO C 589 27.96 -17.49 4.33
CA PRO C 589 26.72 -18.13 4.76
C PRO C 589 26.82 -19.64 4.65
N CYS C 590 26.28 -20.33 5.65
CA CYS C 590 26.44 -21.77 5.70
C CYS C 590 25.41 -22.47 4.81
N SER C 591 25.72 -23.74 4.51
CA SER C 591 25.14 -24.44 3.37
C SER C 591 23.62 -24.44 3.40
N PHE C 592 23.04 -24.47 2.21
CA PHE C 592 21.58 -24.51 2.03
C PHE C 592 21.31 -25.05 0.64
N GLY C 593 20.05 -25.38 0.38
CA GLY C 593 19.66 -25.79 -0.95
C GLY C 593 18.31 -26.47 -0.95
N GLY C 594 17.78 -26.64 -2.17
CA GLY C 594 16.47 -27.22 -2.32
C GLY C 594 16.43 -28.69 -1.94
N VAL C 595 15.21 -29.16 -1.65
CA VAL C 595 14.95 -30.56 -1.33
C VAL C 595 13.85 -31.06 -2.25
N SER C 596 14.12 -32.15 -2.95
CA SER C 596 13.14 -32.76 -3.85
C SER C 596 12.81 -34.15 -3.34
N VAL C 597 11.59 -34.59 -3.63
CA VAL C 597 11.06 -35.85 -3.11
C VAL C 597 10.73 -36.74 -4.29
N ILE C 598 11.66 -37.63 -4.64
CA ILE C 598 11.39 -38.62 -5.68
C ILE C 598 10.41 -39.64 -5.16
N THR C 599 9.23 -39.71 -5.78
CA THR C 599 8.18 -40.60 -5.33
C THR C 599 7.64 -41.41 -6.51
N PRO C 600 7.46 -42.72 -6.35
CA PRO C 600 6.79 -43.51 -7.39
C PRO C 600 5.30 -43.22 -7.52
N GLY C 601 4.75 -42.34 -6.69
CA GLY C 601 3.32 -42.10 -6.67
C GLY C 601 2.61 -42.87 -5.57
N THR C 602 1.80 -42.17 -4.78
CA THR C 602 1.10 -42.80 -3.66
C THR C 602 0.16 -43.90 -4.12
N ASN C 603 -0.26 -43.88 -5.39
CA ASN C 603 -1.13 -44.93 -5.92
C ASN C 603 -0.49 -46.29 -5.77
N THR C 604 0.81 -46.40 -6.00
CA THR C 604 1.49 -47.70 -5.99
C THR C 604 2.27 -47.96 -4.71
N SER C 605 2.76 -46.91 -4.03
CA SER C 605 3.54 -47.10 -2.82
C SER C 605 3.71 -45.76 -2.12
N ASN C 606 3.95 -45.81 -0.81
CA ASN C 606 4.19 -44.63 -0.01
C ASN C 606 5.66 -44.41 0.32
N GLN C 607 6.56 -45.19 -0.27
CA GLN C 607 7.99 -45.04 -0.03
C GLN C 607 8.55 -43.98 -0.97
N VAL C 608 9.38 -43.09 -0.43
CA VAL C 608 9.93 -41.97 -1.18
C VAL C 608 11.41 -41.85 -0.88
N ALA C 609 12.12 -41.18 -1.79
CA ALA C 609 13.52 -40.85 -1.61
C ALA C 609 13.68 -39.34 -1.61
N VAL C 610 14.74 -38.84 -0.97
CA VAL C 610 14.94 -37.41 -0.80
C VAL C 610 16.26 -37.02 -1.45
N LEU C 611 16.22 -35.99 -2.28
CA LEU C 611 17.40 -35.43 -2.93
C LEU C 611 17.65 -34.04 -2.39
N TYR C 612 18.77 -33.86 -1.70
CA TYR C 612 19.24 -32.53 -1.32
C TYR C 612 20.08 -32.00 -2.47
N GLN C 613 19.65 -30.88 -3.06
CA GLN C 613 20.21 -30.42 -4.32
C GLN C 613 21.52 -29.67 -4.08
N ASP C 614 22.55 -30.05 -4.84
CA ASP C 614 23.82 -29.31 -4.91
C ASP C 614 24.45 -29.16 -3.52
N VAL C 615 24.39 -30.23 -2.72
CA VAL C 615 25.07 -30.27 -1.43
C VAL C 615 25.85 -31.56 -1.34
N ASN C 616 26.81 -31.58 -0.43
CA ASN C 616 27.64 -32.75 -0.18
C ASN C 616 27.02 -33.58 0.93
N CYS C 617 27.06 -34.91 0.75
CA CYS C 617 26.44 -35.80 1.74
C CYS C 617 27.08 -35.62 3.12
N THR C 618 28.35 -35.19 3.16
CA THR C 618 29.03 -34.92 4.41
C THR C 618 28.45 -33.70 5.13
N GLU C 619 27.59 -32.92 4.47
CA GLU C 619 27.08 -31.68 5.01
C GLU C 619 25.68 -31.81 5.61
N VAL C 620 24.90 -32.79 5.18
CA VAL C 620 23.54 -32.97 5.68
C VAL C 620 23.56 -33.39 7.14
N ASN C 641 21.89 -46.04 3.27
CA ASN C 641 21.54 -45.99 1.86
C ASN C 641 21.62 -44.55 1.35
N VAL C 642 22.85 -44.08 1.13
CA VAL C 642 23.10 -42.70 0.71
C VAL C 642 24.02 -42.71 -0.49
N PHE C 643 23.75 -41.82 -1.45
CA PHE C 643 24.52 -41.73 -2.67
C PHE C 643 24.88 -40.27 -2.97
N GLN C 644 26.14 -40.03 -3.30
CA GLN C 644 26.60 -38.69 -3.67
C GLN C 644 26.66 -38.61 -5.20
N THR C 645 26.00 -37.59 -5.76
CA THR C 645 26.01 -37.35 -7.19
C THR C 645 26.19 -35.86 -7.43
N ARG C 646 26.49 -35.51 -8.68
CA ARG C 646 26.68 -34.10 -9.03
C ARG C 646 25.43 -33.28 -8.72
N ALA C 647 24.24 -33.89 -8.82
CA ALA C 647 23.03 -33.18 -8.47
C ALA C 647 22.97 -32.86 -6.98
N GLY C 648 23.51 -33.74 -6.13
CA GLY C 648 23.49 -33.53 -4.71
C GLY C 648 23.65 -34.80 -3.90
N CYS C 649 22.88 -34.92 -2.81
CA CYS C 649 22.90 -36.11 -1.98
C CYS C 649 21.53 -36.78 -2.03
N LEU C 650 21.51 -38.06 -2.40
CA LEU C 650 20.28 -38.83 -2.53
C LEU C 650 20.19 -39.85 -1.41
N ILE C 651 19.08 -39.84 -0.67
CA ILE C 651 18.88 -40.71 0.48
C ILE C 651 17.59 -41.49 0.28
N GLY C 652 17.67 -42.80 0.44
CA GLY C 652 16.53 -43.68 0.28
C GLY C 652 16.39 -44.35 -1.06
N ALA C 653 17.38 -44.23 -1.94
CA ALA C 653 17.36 -44.85 -3.25
C ALA C 653 18.64 -45.64 -3.47
N GLU C 654 18.51 -46.82 -4.07
CA GLU C 654 19.66 -47.68 -4.31
C GLU C 654 20.28 -47.36 -5.66
N HIS C 655 21.61 -47.37 -5.71
CA HIS C 655 22.34 -47.09 -6.94
C HIS C 655 22.56 -48.40 -7.70
N VAL C 656 22.09 -48.44 -8.95
CA VAL C 656 22.14 -49.64 -9.77
C VAL C 656 23.03 -49.36 -10.97
N ASN C 657 23.98 -50.27 -11.23
CA ASN C 657 24.88 -50.11 -12.36
C ASN C 657 24.15 -50.29 -13.70
N ASN C 658 23.12 -51.13 -13.73
CA ASN C 658 22.32 -51.29 -14.94
C ASN C 658 21.72 -49.96 -15.38
N SER C 659 21.35 -49.89 -16.65
CA SER C 659 20.76 -48.69 -17.24
C SER C 659 19.44 -49.04 -17.90
N TYR C 660 18.45 -48.16 -17.71
CA TYR C 660 17.12 -48.35 -18.25
C TYR C 660 16.66 -47.04 -18.84
N GLU C 661 15.48 -47.06 -19.48
CA GLU C 661 14.88 -45.83 -19.94
C GLU C 661 14.48 -44.96 -18.76
N CYS C 662 14.62 -43.65 -18.92
CA CYS C 662 14.32 -42.73 -17.84
C CYS C 662 12.83 -42.71 -17.54
N ASP C 663 12.49 -42.83 -16.26
CA ASP C 663 11.10 -42.81 -15.81
C ASP C 663 10.80 -41.58 -14.98
N ILE C 664 11.57 -41.34 -13.92
CA ILE C 664 11.48 -40.12 -13.14
C ILE C 664 12.84 -39.43 -13.20
N PRO C 665 12.95 -38.28 -13.87
CA PRO C 665 14.25 -37.64 -14.05
C PRO C 665 14.74 -36.97 -12.78
N ILE C 666 15.96 -37.32 -12.36
CA ILE C 666 16.60 -36.62 -11.25
C ILE C 666 17.50 -35.51 -11.75
N GLY C 667 18.36 -35.81 -12.71
CA GLY C 667 19.20 -34.81 -13.34
C GLY C 667 20.59 -35.34 -13.59
N ALA C 668 21.32 -34.63 -14.46
CA ALA C 668 22.69 -34.99 -14.84
C ALA C 668 22.76 -36.44 -15.32
N GLY C 669 21.76 -36.84 -16.11
CA GLY C 669 21.73 -38.19 -16.64
C GLY C 669 21.32 -39.25 -15.66
N ILE C 670 20.85 -38.87 -14.47
CA ILE C 670 20.43 -39.82 -13.44
C ILE C 670 18.92 -39.77 -13.33
N CYS C 671 18.28 -40.94 -13.41
CA CYS C 671 16.84 -41.08 -13.24
C CYS C 671 16.55 -42.16 -12.21
N ALA C 672 15.41 -42.02 -11.54
CA ALA C 672 15.00 -42.94 -10.49
C ALA C 672 13.71 -43.65 -10.88
N SER C 673 13.59 -44.91 -10.45
CA SER C 673 12.42 -45.73 -10.71
C SER C 673 12.11 -46.53 -9.46
N TYR C 674 11.01 -47.29 -9.51
CA TYR C 674 10.61 -48.18 -8.43
C TYR C 674 10.55 -49.60 -8.96
N GLN C 675 11.45 -50.45 -8.48
CA GLN C 675 11.59 -51.80 -9.01
C GLN C 675 11.83 -52.77 -7.87
N THR C 676 11.67 -54.06 -8.19
CA THR C 676 11.89 -55.12 -7.21
C THR C 676 13.38 -55.42 -7.06
N GLN C 690 10.44 -54.79 -2.94
CA GLN C 690 10.64 -53.70 -3.88
C GLN C 690 11.31 -52.51 -3.21
N SER C 691 11.77 -51.55 -4.01
CA SER C 691 12.46 -50.38 -3.51
C SER C 691 12.68 -49.41 -4.65
N ILE C 692 13.16 -48.23 -4.31
CA ILE C 692 13.43 -47.16 -5.26
C ILE C 692 14.90 -47.21 -5.65
N ILE C 693 15.18 -47.16 -6.94
CA ILE C 693 16.53 -47.29 -7.46
C ILE C 693 16.87 -46.05 -8.26
N ALA C 694 18.16 -45.70 -8.25
CA ALA C 694 18.71 -44.59 -9.02
C ALA C 694 19.74 -45.12 -9.99
N TYR C 695 19.63 -44.72 -11.26
CA TYR C 695 20.47 -45.25 -12.31
C TYR C 695 20.85 -44.13 -13.26
N THR C 696 21.83 -44.40 -14.11
CA THR C 696 22.20 -43.50 -15.20
C THR C 696 21.32 -43.85 -16.39
N MET C 697 20.44 -42.92 -16.76
CA MET C 697 19.42 -43.22 -17.77
C MET C 697 20.06 -43.63 -19.09
N SER C 698 19.41 -44.59 -19.76
CA SER C 698 19.86 -45.09 -21.04
C SER C 698 19.20 -44.28 -22.16
N LEU C 699 20.02 -43.81 -23.10
CA LEU C 699 19.50 -43.01 -24.20
C LEU C 699 18.58 -43.84 -25.08
N GLY C 700 18.95 -45.08 -25.34
CA GLY C 700 18.14 -45.97 -26.15
C GLY C 700 18.85 -47.29 -26.32
N ALA C 701 18.21 -48.17 -27.08
CA ALA C 701 18.79 -49.50 -27.33
C ALA C 701 19.92 -49.38 -28.34
N GLU C 702 21.08 -49.94 -27.99
CA GLU C 702 22.20 -49.96 -28.92
C GLU C 702 21.86 -50.81 -30.14
N ASN C 703 22.20 -50.30 -31.32
CA ASN C 703 21.88 -50.98 -32.56
C ASN C 703 22.90 -50.53 -33.61
N SER C 704 23.87 -51.40 -33.89
CA SER C 704 24.83 -51.12 -34.95
C SER C 704 24.24 -51.50 -36.30
N VAL C 705 24.44 -50.63 -37.29
CA VAL C 705 23.94 -50.86 -38.63
C VAL C 705 25.02 -51.58 -39.43
N ALA C 706 24.63 -52.65 -40.12
CA ALA C 706 25.57 -53.46 -40.90
C ALA C 706 25.84 -52.76 -42.23
N TYR C 707 26.51 -51.61 -42.12
CA TYR C 707 26.82 -50.81 -43.29
C TYR C 707 27.92 -51.47 -44.12
N SER C 708 27.79 -51.34 -45.43
CA SER C 708 28.77 -51.87 -46.38
C SER C 708 28.59 -51.14 -47.69
N ASN C 709 29.69 -50.97 -48.42
CA ASN C 709 29.65 -50.15 -49.63
C ASN C 709 28.92 -50.83 -50.78
N ASN C 710 28.55 -52.11 -50.64
CA ASN C 710 27.81 -52.81 -51.67
C ASN C 710 26.74 -53.70 -51.05
N SER C 711 26.04 -53.18 -50.04
CA SER C 711 24.96 -53.90 -49.37
C SER C 711 23.87 -52.90 -49.01
N ILE C 712 22.65 -53.17 -49.44
CA ILE C 712 21.52 -52.29 -49.17
C ILE C 712 20.45 -53.09 -48.44
N ALA C 713 19.63 -52.39 -47.65
CA ALA C 713 18.53 -53.00 -46.91
C ALA C 713 17.24 -52.38 -47.42
N ILE C 714 16.38 -53.19 -48.02
CA ILE C 714 15.15 -52.73 -48.63
C ILE C 714 13.98 -53.38 -47.93
N PRO C 715 12.96 -52.62 -47.51
CA PRO C 715 11.78 -53.25 -46.91
C PRO C 715 11.02 -54.10 -47.90
N THR C 716 10.43 -55.19 -47.40
CA THR C 716 9.60 -56.09 -48.17
C THR C 716 8.14 -56.02 -47.77
N ASN C 717 7.81 -55.28 -46.72
CA ASN C 717 6.46 -55.17 -46.20
C ASN C 717 6.35 -53.86 -45.45
N PHE C 718 5.12 -53.50 -45.10
CA PHE C 718 4.87 -52.21 -44.48
C PHE C 718 3.74 -52.33 -43.46
N THR C 719 3.49 -51.23 -42.76
CA THR C 719 2.39 -51.09 -41.83
C THR C 719 1.76 -49.72 -42.01
N ILE C 720 0.45 -49.66 -41.80
CA ILE C 720 -0.30 -48.41 -41.86
C ILE C 720 -0.52 -48.01 -40.41
N SER C 721 0.26 -47.05 -39.93
CA SER C 721 0.26 -46.66 -38.53
C SER C 721 -0.52 -45.37 -38.35
N VAL C 722 -1.42 -45.36 -37.37
CA VAL C 722 -2.17 -44.17 -37.01
C VAL C 722 -1.65 -43.69 -35.65
N THR C 723 -1.07 -42.51 -35.64
CA THR C 723 -0.58 -41.89 -34.42
C THR C 723 -1.50 -40.73 -34.03
N THR C 724 -1.34 -40.25 -32.81
CA THR C 724 -2.16 -39.19 -32.27
C THR C 724 -1.29 -37.99 -31.92
N GLU C 725 -1.71 -36.80 -32.35
CA GLU C 725 -1.02 -35.56 -32.05
C GLU C 725 -2.02 -34.60 -31.46
N ILE C 726 -1.76 -34.12 -30.25
CA ILE C 726 -2.70 -33.28 -29.52
C ILE C 726 -2.17 -31.86 -29.51
N LEU C 727 -3.02 -30.89 -29.85
CA LEU C 727 -2.62 -29.50 -29.89
C LEU C 727 -3.66 -28.64 -29.20
N PRO C 728 -3.26 -27.73 -28.32
CA PRO C 728 -4.21 -26.75 -27.78
C PRO C 728 -4.52 -25.67 -28.81
N VAL C 729 -5.76 -25.20 -28.77
CA VAL C 729 -6.23 -24.23 -29.76
C VAL C 729 -6.80 -22.97 -29.13
N SER C 730 -7.28 -23.00 -27.90
CA SER C 730 -7.86 -21.83 -27.27
C SER C 730 -7.82 -22.01 -25.77
N MET C 731 -7.96 -20.90 -25.06
CA MET C 731 -8.05 -20.89 -23.61
C MET C 731 -9.51 -20.64 -23.22
N THR C 732 -9.76 -20.49 -21.93
CA THR C 732 -11.07 -20.04 -21.46
C THR C 732 -11.09 -18.52 -21.47
N LYS C 733 -12.11 -17.95 -22.11
CA LYS C 733 -12.19 -16.50 -22.25
C LYS C 733 -12.57 -15.91 -20.90
N THR C 734 -11.56 -15.74 -20.06
CA THR C 734 -11.80 -15.20 -18.73
C THR C 734 -11.93 -13.68 -18.81
N SER C 735 -12.81 -13.12 -17.98
CA SER C 735 -12.98 -11.69 -17.89
C SER C 735 -13.16 -11.31 -16.44
N VAL C 736 -12.50 -10.25 -16.01
CA VAL C 736 -12.52 -9.81 -14.63
C VAL C 736 -13.13 -8.41 -14.60
N ASP C 737 -14.08 -8.19 -13.70
CA ASP C 737 -14.62 -6.87 -13.49
C ASP C 737 -13.71 -6.22 -12.46
N CYS C 738 -12.77 -5.41 -12.95
CA CYS C 738 -11.72 -4.88 -12.11
C CYS C 738 -12.27 -3.95 -11.02
N THR C 739 -13.22 -3.09 -11.37
CA THR C 739 -13.79 -2.20 -10.36
C THR C 739 -14.50 -3.00 -9.27
N MET C 740 -15.25 -4.03 -9.66
CA MET C 740 -15.95 -4.84 -8.69
C MET C 740 -15.01 -5.77 -7.95
N TYR C 741 -13.92 -6.20 -8.59
CA TYR C 741 -12.95 -7.06 -7.91
C TYR C 741 -12.20 -6.30 -6.83
N ILE C 742 -11.66 -5.13 -7.18
CA ILE C 742 -10.87 -4.37 -6.21
C ILE C 742 -11.77 -3.74 -5.15
N CYS C 743 -12.88 -3.13 -5.58
CA CYS C 743 -13.70 -2.29 -4.72
C CYS C 743 -15.16 -2.68 -4.79
N GLY C 744 -15.45 -3.96 -4.60
CA GLY C 744 -16.81 -4.45 -4.73
C GLY C 744 -17.83 -3.71 -3.90
N ASP C 745 -18.70 -2.96 -4.58
CA ASP C 745 -19.80 -2.22 -3.95
C ASP C 745 -19.31 -1.40 -2.76
N SER C 746 -18.46 -0.42 -3.05
CA SER C 746 -17.95 0.49 -2.03
C SER C 746 -17.59 1.80 -2.72
N THR C 747 -18.37 2.85 -2.46
CA THR C 747 -18.16 4.13 -3.12
C THR C 747 -16.80 4.73 -2.77
N GLU C 748 -16.44 4.71 -1.48
CA GLU C 748 -15.18 5.30 -1.05
C GLU C 748 -13.99 4.58 -1.68
N CYS C 749 -14.04 3.26 -1.73
CA CYS C 749 -12.95 2.49 -2.35
C CYS C 749 -12.85 2.82 -3.84
N SER C 750 -14.00 2.95 -4.51
CA SER C 750 -13.98 3.28 -5.94
C SER C 750 -13.39 4.67 -6.17
N ASN C 751 -13.77 5.64 -5.33
CA ASN C 751 -13.21 6.98 -5.45
C ASN C 751 -11.70 6.97 -5.23
N LEU C 752 -11.23 6.23 -4.23
CA LEU C 752 -9.79 6.12 -4.01
C LEU C 752 -9.10 5.44 -5.19
N LEU C 753 -9.70 4.38 -5.72
CA LEU C 753 -9.09 3.66 -6.84
C LEU C 753 -9.05 4.53 -8.09
N LEU C 754 -9.99 5.47 -8.23
CA LEU C 754 -10.00 6.37 -9.37
C LEU C 754 -8.80 7.29 -9.39
N GLN C 755 -8.07 7.39 -8.28
CA GLN C 755 -6.85 8.20 -8.27
C GLN C 755 -5.74 7.54 -9.08
N TYR C 756 -5.74 6.21 -9.16
CA TYR C 756 -4.67 5.46 -9.81
C TYR C 756 -4.78 5.46 -11.34
N GLY C 757 -5.67 6.27 -11.90
CA GLY C 757 -5.70 6.46 -13.34
C GLY C 757 -6.36 5.33 -14.09
N SER C 758 -5.67 4.81 -15.10
CA SER C 758 -6.26 3.87 -16.05
C SER C 758 -5.59 2.50 -16.02
N PHE C 759 -5.04 2.09 -14.88
CA PHE C 759 -4.56 0.72 -14.75
C PHE C 759 -5.71 -0.26 -14.96
N CYS C 760 -6.82 -0.01 -14.29
CA CYS C 760 -7.98 -0.89 -14.35
C CYS C 760 -8.50 -1.01 -15.78
N THR C 761 -8.60 0.12 -16.48
CA THR C 761 -9.07 0.14 -17.86
C THR C 761 -8.15 -0.66 -18.76
N GLN C 762 -6.84 -0.45 -18.65
CA GLN C 762 -5.92 -1.14 -19.55
C GLN C 762 -5.84 -2.63 -19.24
N LEU C 763 -6.01 -3.03 -17.98
CA LEU C 763 -6.11 -4.45 -17.66
C LEU C 763 -7.33 -5.07 -18.33
N ASN C 764 -8.48 -4.40 -18.23
CA ASN C 764 -9.67 -4.91 -18.89
C ASN C 764 -9.47 -4.98 -20.40
N ARG C 765 -8.81 -3.98 -20.98
CA ARG C 765 -8.55 -3.98 -22.42
C ARG C 765 -7.65 -5.14 -22.81
N ALA C 766 -6.62 -5.40 -22.01
CA ALA C 766 -5.72 -6.52 -22.28
C ALA C 766 -6.47 -7.85 -22.24
N LEU C 767 -7.34 -8.03 -21.25
CA LEU C 767 -8.08 -9.28 -21.17
C LEU C 767 -9.05 -9.43 -22.35
N THR C 768 -9.67 -8.32 -22.76
CA THR C 768 -10.54 -8.36 -23.93
C THR C 768 -9.75 -8.74 -25.18
N GLY C 769 -8.56 -8.15 -25.34
CA GLY C 769 -7.69 -8.54 -26.43
C GLY C 769 -7.34 -10.01 -26.40
N ILE C 770 -7.07 -10.55 -25.21
CA ILE C 770 -6.76 -11.97 -25.07
C ILE C 770 -7.93 -12.81 -25.59
N ALA C 771 -9.15 -12.47 -25.14
CA ALA C 771 -10.31 -13.25 -25.55
C ALA C 771 -10.52 -13.18 -27.07
N VAL C 772 -10.41 -11.96 -27.63
CA VAL C 772 -10.54 -11.79 -29.07
C VAL C 772 -9.48 -12.59 -29.80
N GLU C 773 -8.26 -12.61 -29.27
CA GLU C 773 -7.18 -13.37 -29.89
C GLU C 773 -7.48 -14.87 -29.88
N GLN C 774 -8.07 -15.37 -28.78
CA GLN C 774 -8.43 -16.78 -28.74
C GLN C 774 -9.51 -17.11 -29.76
N ASP C 775 -10.52 -16.25 -29.86
CA ASP C 775 -11.54 -16.43 -30.88
C ASP C 775 -10.93 -16.44 -32.28
N LYS C 776 -10.01 -15.52 -32.54
CA LYS C 776 -9.35 -15.46 -33.85
C LYS C 776 -8.54 -16.73 -34.11
N ASN C 777 -7.85 -17.23 -33.08
CA ASN C 777 -7.09 -18.47 -33.22
C ASN C 777 -7.99 -19.62 -33.63
N THR C 778 -9.11 -19.80 -32.91
CA THR C 778 -10.02 -20.87 -33.27
C THR C 778 -10.57 -20.68 -34.68
N GLN C 779 -10.93 -19.45 -35.04
CA GLN C 779 -11.44 -19.15 -36.37
C GLN C 779 -10.43 -19.54 -37.45
N GLU C 780 -9.17 -19.18 -37.24
CA GLU C 780 -8.16 -19.42 -38.27
C GLU C 780 -7.78 -20.90 -38.33
N VAL C 781 -7.81 -21.60 -37.20
CA VAL C 781 -7.48 -23.03 -37.22
C VAL C 781 -8.56 -23.82 -37.92
N PHE C 782 -9.83 -23.57 -37.58
CA PHE C 782 -10.90 -24.45 -38.04
C PHE C 782 -11.62 -23.93 -39.28
N ALA C 783 -12.00 -22.66 -39.29
CA ALA C 783 -12.79 -22.10 -40.40
C ALA C 783 -11.91 -21.83 -41.60
N GLN C 784 -11.43 -22.91 -42.20
CA GLN C 784 -10.62 -22.84 -43.42
C GLN C 784 -11.31 -23.43 -44.64
N VAL C 785 -12.56 -23.85 -44.52
CA VAL C 785 -13.33 -24.42 -45.62
C VAL C 785 -14.48 -23.50 -45.96
N LYS C 786 -14.61 -23.17 -47.24
CA LYS C 786 -15.63 -22.20 -47.67
C LYS C 786 -17.04 -22.76 -47.54
N GLN C 787 -17.21 -24.07 -47.70
CA GLN C 787 -18.54 -24.68 -47.70
C GLN C 787 -18.62 -25.75 -46.60
N ILE C 788 -19.81 -26.32 -46.46
CA ILE C 788 -20.08 -27.34 -45.44
C ILE C 788 -20.46 -28.61 -46.20
N TYR C 789 -19.46 -29.45 -46.49
CA TYR C 789 -19.73 -30.73 -47.11
C TYR C 789 -20.27 -31.73 -46.08
N LYS C 790 -21.01 -32.72 -46.57
CA LYS C 790 -21.53 -33.79 -45.73
C LYS C 790 -21.37 -35.12 -46.45
N THR C 791 -21.00 -36.15 -45.69
CA THR C 791 -20.75 -37.45 -46.27
C THR C 791 -22.05 -38.02 -46.86
N PRO C 792 -21.99 -38.70 -48.00
CA PRO C 792 -23.18 -39.34 -48.55
C PRO C 792 -23.59 -40.54 -47.72
N PRO C 793 -24.84 -40.99 -47.82
CA PRO C 793 -25.26 -42.16 -47.05
C PRO C 793 -24.49 -43.43 -47.39
N ILE C 794 -24.13 -43.62 -48.66
CA ILE C 794 -23.33 -44.78 -49.05
C ILE C 794 -21.92 -44.63 -48.52
N LYS C 795 -21.40 -45.69 -47.91
CA LYS C 795 -20.06 -45.70 -47.33
C LYS C 795 -19.13 -46.66 -48.07
N ASP C 796 -19.21 -46.69 -49.40
CA ASP C 796 -18.39 -47.58 -50.21
C ASP C 796 -17.00 -46.96 -50.38
N PHE C 797 -16.30 -46.89 -49.26
CA PHE C 797 -14.96 -46.31 -49.23
C PHE C 797 -13.88 -47.40 -49.35
N GLY C 798 -13.99 -48.18 -50.42
CA GLY C 798 -13.01 -49.18 -50.77
C GLY C 798 -12.70 -50.20 -49.68
N GLY C 799 -13.60 -50.36 -48.72
CA GLY C 799 -13.39 -51.26 -47.61
C GLY C 799 -12.93 -50.59 -46.33
N PHE C 800 -12.44 -49.36 -46.42
CA PHE C 800 -12.06 -48.61 -45.23
C PHE C 800 -13.30 -48.25 -44.42
N ASN C 801 -13.14 -48.23 -43.11
CA ASN C 801 -14.26 -48.06 -42.18
C ASN C 801 -13.99 -46.80 -41.36
N PHE C 802 -14.72 -45.74 -41.66
CA PHE C 802 -14.56 -44.44 -41.03
C PHE C 802 -15.60 -44.17 -39.95
N SER C 803 -16.40 -45.17 -39.59
CA SER C 803 -17.53 -44.96 -38.69
C SER C 803 -17.11 -44.42 -37.34
N GLN C 804 -15.83 -44.49 -36.99
CA GLN C 804 -15.35 -43.97 -35.72
C GLN C 804 -14.88 -42.52 -35.81
N ILE C 805 -14.88 -41.93 -36.99
CA ILE C 805 -14.52 -40.52 -37.14
C ILE C 805 -15.59 -39.70 -37.86
N LEU C 806 -16.46 -40.32 -38.66
CA LEU C 806 -17.58 -39.60 -39.22
C LEU C 806 -18.64 -39.31 -38.16
N PRO C 807 -19.44 -38.25 -38.34
CA PRO C 807 -20.47 -37.93 -37.34
C PRO C 807 -21.45 -39.08 -37.15
N ASP C 808 -21.92 -39.22 -35.92
CA ASP C 808 -22.89 -40.26 -35.59
C ASP C 808 -24.28 -39.74 -35.93
N PRO C 809 -25.04 -40.42 -36.81
CA PRO C 809 -26.38 -39.92 -37.14
C PRO C 809 -27.31 -39.84 -35.94
N SER C 810 -27.39 -40.91 -35.15
CA SER C 810 -28.26 -40.96 -33.97
C SER C 810 -27.56 -40.27 -32.80
N LYS C 811 -27.50 -38.94 -32.90
CA LYS C 811 -26.89 -38.11 -31.87
C LYS C 811 -27.32 -36.67 -32.09
N PRO C 812 -27.53 -35.88 -31.02
CA PRO C 812 -27.94 -34.49 -31.20
C PRO C 812 -26.75 -33.56 -31.44
N SER C 813 -25.59 -33.94 -30.90
CA SER C 813 -24.40 -33.11 -31.02
C SER C 813 -23.65 -33.33 -32.34
N LYS C 814 -24.04 -34.34 -33.12
CA LYS C 814 -23.39 -34.65 -34.39
C LYS C 814 -21.88 -34.82 -34.21
N ARG C 815 -21.50 -35.47 -33.11
CA ARG C 815 -20.11 -35.78 -32.82
C ARG C 815 -19.83 -37.24 -33.08
N SER C 816 -18.57 -37.53 -33.44
CA SER C 816 -18.16 -38.88 -33.71
C SER C 816 -17.84 -39.62 -32.40
N PHE C 817 -17.65 -40.93 -32.52
CA PHE C 817 -17.29 -41.76 -31.38
C PHE C 817 -16.04 -41.22 -30.69
N ILE C 818 -14.99 -40.94 -31.47
CA ILE C 818 -13.75 -40.44 -30.90
C ILE C 818 -13.97 -39.08 -30.26
N GLU C 819 -14.82 -38.24 -30.87
CA GLU C 819 -15.16 -36.96 -30.26
C GLU C 819 -15.82 -37.15 -28.90
N ASP C 820 -16.74 -38.12 -28.81
CA ASP C 820 -17.38 -38.41 -27.53
C ASP C 820 -16.38 -38.90 -26.50
N LEU C 821 -15.45 -39.77 -26.92
CA LEU C 821 -14.40 -40.22 -26.02
C LEU C 821 -13.58 -39.03 -25.49
N LEU C 822 -13.17 -38.15 -26.40
CA LEU C 822 -12.37 -36.99 -26.00
C LEU C 822 -13.13 -36.11 -25.02
N PHE C 823 -14.43 -35.88 -25.30
CA PHE C 823 -15.22 -35.06 -24.40
C PHE C 823 -15.40 -35.71 -23.04
N ASN C 824 -15.48 -37.05 -22.99
CA ASN C 824 -15.67 -37.73 -21.72
C ASN C 824 -14.35 -37.97 -20.99
N LYS C 825 -13.21 -37.75 -21.63
CA LYS C 825 -11.91 -37.94 -21.01
C LYS C 825 -11.28 -36.64 -20.52
N VAL C 826 -12.05 -35.56 -20.46
CA VAL C 826 -11.54 -34.28 -19.97
C VAL C 826 -12.36 -33.93 -18.72
N THR C 827 -11.90 -34.39 -17.57
CA THR C 827 -12.60 -34.15 -16.33
C THR C 827 -12.37 -32.71 -15.87
N LEU C 828 -13.34 -32.19 -15.11
CA LEU C 828 -13.25 -30.83 -14.58
C LEU C 828 -13.33 -30.82 -13.05
N ALA C 829 -13.11 -31.96 -12.40
CA ALA C 829 -13.20 -32.04 -10.95
C ALA C 829 -11.98 -31.49 -10.24
N ASP C 830 -10.88 -31.27 -10.96
CA ASP C 830 -9.65 -30.73 -10.37
C ASP C 830 -9.46 -29.25 -10.63
N ALA C 831 -10.46 -28.57 -11.18
CA ALA C 831 -10.34 -27.15 -11.48
C ALA C 831 -10.57 -26.31 -10.22
N GLY C 832 -11.80 -26.32 -9.71
CA GLY C 832 -12.15 -25.56 -8.53
C GLY C 832 -13.01 -24.36 -8.86
N PHE C 833 -12.41 -23.35 -9.51
CA PHE C 833 -13.16 -22.16 -9.89
C PHE C 833 -13.88 -22.36 -11.22
N ILE C 834 -13.23 -23.04 -12.18
CA ILE C 834 -13.83 -23.26 -13.49
C ILE C 834 -14.96 -24.28 -13.40
N LYS C 835 -14.97 -25.10 -12.35
CA LYS C 835 -16.02 -26.07 -12.12
C LYS C 835 -17.18 -25.48 -11.33
N GLN C 836 -16.88 -24.65 -10.32
CA GLN C 836 -17.94 -24.04 -9.54
C GLN C 836 -18.64 -22.92 -10.31
N TYR C 837 -17.97 -22.32 -11.29
CA TYR C 837 -18.61 -21.32 -12.13
C TYR C 837 -19.46 -21.95 -13.23
N GLY C 838 -19.18 -23.19 -13.60
CA GLY C 838 -19.98 -23.86 -14.62
C GLY C 838 -21.31 -24.37 -14.10
N ASP C 839 -21.46 -24.51 -12.79
CA ASP C 839 -22.73 -24.95 -12.23
C ASP C 839 -23.80 -23.89 -12.37
N CYS C 840 -23.46 -22.63 -12.09
CA CYS C 840 -24.38 -21.50 -12.22
C CYS C 840 -25.03 -21.44 -13.59
N LYS C 854 -18.87 -18.92 -9.79
CA LYS C 854 -18.30 -18.13 -8.73
C LYS C 854 -18.44 -16.64 -9.00
N PHE C 855 -19.66 -16.13 -8.84
CA PHE C 855 -19.96 -14.73 -9.10
C PHE C 855 -19.29 -13.81 -8.09
N ASN C 856 -18.09 -13.35 -8.42
CA ASN C 856 -17.33 -12.42 -7.59
C ASN C 856 -16.61 -11.40 -8.47
N GLY C 857 -17.23 -11.02 -9.58
CA GLY C 857 -16.62 -10.13 -10.55
C GLY C 857 -15.82 -10.85 -11.61
N LEU C 858 -15.66 -12.16 -11.50
CA LEU C 858 -14.94 -12.98 -12.46
C LEU C 858 -15.96 -13.79 -13.24
N THR C 859 -15.87 -13.73 -14.57
CA THR C 859 -16.77 -14.46 -15.44
C THR C 859 -15.99 -15.19 -16.52
N VAL C 860 -16.61 -16.23 -17.07
CA VAL C 860 -16.04 -17.03 -18.13
C VAL C 860 -16.97 -16.88 -19.33
N LEU C 861 -16.57 -16.07 -20.30
CA LEU C 861 -17.35 -15.90 -21.51
C LEU C 861 -17.37 -17.20 -22.31
N PRO C 862 -18.48 -17.47 -23.01
CA PRO C 862 -18.54 -18.67 -23.82
C PRO C 862 -17.80 -18.48 -25.12
N PRO C 863 -17.24 -19.55 -25.69
CA PRO C 863 -16.55 -19.42 -26.98
C PRO C 863 -17.52 -19.07 -28.09
N LEU C 864 -16.99 -18.37 -29.10
CA LEU C 864 -17.82 -17.88 -30.19
C LEU C 864 -18.40 -19.03 -31.00
N LEU C 865 -17.61 -20.06 -31.25
CA LEU C 865 -18.04 -21.22 -32.02
C LEU C 865 -18.43 -22.33 -31.03
N THR C 866 -19.71 -22.67 -31.02
CA THR C 866 -20.20 -23.73 -30.16
C THR C 866 -19.63 -25.08 -30.60
N ASP C 867 -19.61 -26.02 -29.65
CA ASP C 867 -19.06 -27.34 -29.94
C ASP C 867 -19.77 -28.00 -31.11
N GLU C 868 -21.07 -27.72 -31.29
CA GLU C 868 -21.78 -28.21 -32.46
C GLU C 868 -21.19 -27.64 -33.74
N MET C 869 -20.85 -26.34 -33.74
CA MET C 869 -20.24 -25.73 -34.91
C MET C 869 -18.85 -26.32 -35.19
N ILE C 870 -18.07 -26.56 -34.13
CA ILE C 870 -16.75 -27.16 -34.33
C ILE C 870 -16.88 -28.56 -34.90
N ALA C 871 -17.87 -29.31 -34.40
CA ALA C 871 -18.13 -30.64 -34.94
C ALA C 871 -18.56 -30.57 -36.40
N GLN C 872 -19.39 -29.59 -36.75
CA GLN C 872 -19.80 -29.42 -38.14
C GLN C 872 -18.60 -29.08 -39.02
N TYR C 873 -17.69 -28.24 -38.52
CA TYR C 873 -16.50 -27.88 -39.30
C TYR C 873 -15.62 -29.10 -39.52
N THR C 874 -15.40 -29.89 -38.47
CA THR C 874 -14.60 -31.11 -38.63
C THR C 874 -15.28 -32.09 -39.56
N SER C 875 -16.61 -32.17 -39.50
CA SER C 875 -17.36 -33.04 -40.40
C SER C 875 -17.20 -32.60 -41.85
N ALA C 876 -17.29 -31.30 -42.10
CA ALA C 876 -17.12 -30.79 -43.46
C ALA C 876 -15.71 -31.08 -43.97
N LEU C 877 -14.70 -30.84 -43.14
CA LEU C 877 -13.32 -31.11 -43.55
C LEU C 877 -13.13 -32.59 -43.86
N LEU C 878 -13.66 -33.46 -42.99
CA LEU C 878 -13.48 -34.89 -43.17
C LEU C 878 -14.19 -35.39 -44.42
N ALA C 879 -15.42 -34.92 -44.65
CA ALA C 879 -16.14 -35.32 -45.86
C ALA C 879 -15.46 -34.81 -47.11
N GLY C 880 -14.96 -33.57 -47.09
CA GLY C 880 -14.23 -33.05 -48.23
C GLY C 880 -12.99 -33.88 -48.53
N THR C 881 -12.22 -34.20 -47.50
CA THR C 881 -11.01 -34.99 -47.70
C THR C 881 -11.35 -36.38 -48.25
N ILE C 882 -12.38 -37.02 -47.70
CA ILE C 882 -12.72 -38.37 -48.13
C ILE C 882 -13.23 -38.37 -49.57
N THR C 883 -14.16 -37.48 -49.89
CA THR C 883 -14.86 -37.53 -51.16
C THR C 883 -14.18 -36.75 -52.28
N SER C 884 -13.18 -35.93 -51.96
CA SER C 884 -12.51 -35.14 -52.99
C SER C 884 -11.00 -35.11 -52.89
N GLY C 885 -10.42 -35.56 -51.78
CA GLY C 885 -8.97 -35.52 -51.64
C GLY C 885 -8.49 -34.16 -51.16
N TRP C 886 -7.62 -33.52 -51.94
CA TRP C 886 -7.14 -32.19 -51.62
C TRP C 886 -7.81 -31.09 -52.42
N THR C 887 -8.61 -31.43 -53.43
CA THR C 887 -9.19 -30.42 -54.31
C THR C 887 -10.09 -29.46 -53.53
N PHE C 888 -10.79 -29.95 -52.50
CA PHE C 888 -11.70 -29.11 -51.76
C PHE C 888 -10.98 -28.02 -50.97
N GLY C 889 -9.69 -28.20 -50.71
CA GLY C 889 -8.93 -27.17 -50.02
C GLY C 889 -8.47 -26.07 -50.96
N ALA C 890 -8.02 -26.44 -52.15
CA ALA C 890 -7.55 -25.46 -53.11
C ALA C 890 -8.70 -24.64 -53.67
N GLY C 891 -9.81 -25.30 -54.00
CA GLY C 891 -10.97 -24.64 -54.57
C GLY C 891 -12.23 -25.45 -54.42
N ALA C 892 -13.06 -25.49 -55.47
CA ALA C 892 -14.27 -26.30 -55.44
C ALA C 892 -13.90 -27.78 -55.32
N ALA C 893 -14.70 -28.50 -54.54
CA ALA C 893 -14.45 -29.91 -54.32
C ALA C 893 -14.65 -30.72 -55.61
N LEU C 894 -13.64 -31.51 -55.96
CA LEU C 894 -13.66 -32.34 -57.15
C LEU C 894 -13.67 -33.80 -56.69
N GLN C 895 -14.78 -34.50 -56.95
CA GLN C 895 -14.91 -35.86 -56.45
C GLN C 895 -13.84 -36.78 -57.03
N ILE C 896 -13.58 -37.86 -56.32
CA ILE C 896 -12.58 -38.86 -56.72
C ILE C 896 -12.75 -40.10 -55.85
N PRO C 897 -12.70 -41.31 -56.42
CA PRO C 897 -12.74 -42.51 -55.59
C PRO C 897 -11.58 -42.55 -54.60
N PHE C 898 -11.86 -43.02 -53.39
CA PHE C 898 -10.89 -42.95 -52.31
C PHE C 898 -9.65 -43.78 -52.62
N ALA C 899 -9.82 -44.91 -53.29
CA ALA C 899 -8.68 -45.74 -53.69
C ALA C 899 -7.74 -44.94 -54.59
N MET C 900 -8.29 -44.17 -55.52
CA MET C 900 -7.44 -43.39 -56.41
C MET C 900 -6.76 -42.25 -55.65
N GLN C 901 -7.42 -41.71 -54.62
CA GLN C 901 -6.76 -40.72 -53.76
C GLN C 901 -5.57 -41.34 -53.04
N MET C 902 -5.73 -42.55 -52.50
CA MET C 902 -4.61 -43.21 -51.85
C MET C 902 -3.51 -43.55 -52.85
N ALA C 903 -3.90 -43.83 -54.10
CA ALA C 903 -2.91 -44.01 -55.16
C ALA C 903 -2.12 -42.72 -55.39
N TYR C 904 -2.82 -41.58 -55.40
CA TYR C 904 -2.14 -40.30 -55.48
C TYR C 904 -1.13 -40.16 -54.35
N ARG C 905 -1.54 -40.48 -53.13
CA ARG C 905 -0.66 -40.27 -51.99
C ARG C 905 0.56 -41.19 -52.07
N PHE C 906 0.35 -42.45 -52.47
CA PHE C 906 1.47 -43.37 -52.64
C PHE C 906 2.44 -42.87 -53.70
N ASN C 907 1.93 -42.41 -54.84
CA ASN C 907 2.80 -41.75 -55.81
C ASN C 907 3.50 -40.55 -55.20
N GLY C 908 2.83 -39.84 -54.28
CA GLY C 908 3.43 -38.70 -53.62
C GLY C 908 4.54 -39.06 -52.66
N ILE C 909 4.59 -40.31 -52.22
CA ILE C 909 5.67 -40.77 -51.36
C ILE C 909 6.60 -41.72 -52.11
N GLY C 910 6.55 -41.72 -53.44
CA GLY C 910 7.47 -42.52 -54.22
C GLY C 910 7.17 -44.01 -54.24
N VAL C 911 5.94 -44.41 -53.92
CA VAL C 911 5.52 -45.80 -53.98
C VAL C 911 4.51 -45.94 -55.11
N THR C 912 4.83 -46.77 -56.10
CA THR C 912 3.95 -46.95 -57.25
C THR C 912 2.55 -47.33 -56.80
N GLN C 913 1.56 -46.92 -57.60
CA GLN C 913 0.17 -47.05 -57.17
C GLN C 913 -0.27 -48.51 -57.12
N ASN C 914 0.31 -49.36 -57.98
CA ASN C 914 -0.06 -50.77 -57.99
C ASN C 914 0.17 -51.43 -56.65
N VAL C 915 1.17 -50.96 -55.90
CA VAL C 915 1.44 -51.51 -54.57
C VAL C 915 0.18 -51.43 -53.72
N LEU C 916 -0.53 -50.31 -53.81
CA LEU C 916 -1.81 -50.18 -53.13
C LEU C 916 -2.79 -51.23 -53.64
N TYR C 917 -3.04 -51.23 -54.95
CA TYR C 917 -4.07 -52.09 -55.52
C TYR C 917 -3.80 -53.57 -55.29
N GLU C 918 -2.52 -53.96 -55.23
CA GLU C 918 -2.23 -55.37 -54.98
C GLU C 918 -2.38 -55.77 -53.52
N ASN C 919 -2.37 -54.80 -52.60
CA ASN C 919 -2.55 -55.08 -51.18
C ASN C 919 -3.63 -54.18 -50.58
N GLN C 920 -4.69 -53.92 -51.33
CA GLN C 920 -5.66 -52.91 -50.89
C GLN C 920 -6.44 -53.35 -49.66
N LYS C 921 -7.01 -54.56 -49.69
CA LYS C 921 -7.85 -55.00 -48.58
C LYS C 921 -7.04 -55.07 -47.29
N LEU C 922 -5.83 -55.61 -47.36
CA LEU C 922 -4.98 -55.68 -46.17
C LEU C 922 -4.75 -54.29 -45.63
N ILE C 923 -4.44 -53.33 -46.51
CA ILE C 923 -4.18 -51.98 -46.02
C ILE C 923 -5.43 -51.43 -45.37
N ALA C 924 -6.60 -51.67 -45.99
CA ALA C 924 -7.83 -51.20 -45.38
C ALA C 924 -8.00 -51.83 -44.01
N ASN C 925 -7.77 -53.14 -43.92
CA ASN C 925 -7.92 -53.80 -42.63
C ASN C 925 -6.94 -53.18 -41.64
N GLN C 926 -5.71 -52.95 -42.08
CA GLN C 926 -4.72 -52.37 -41.18
C GLN C 926 -5.21 -51.01 -40.69
N PHE C 927 -5.73 -50.20 -41.61
CA PHE C 927 -6.21 -48.89 -41.22
C PHE C 927 -7.31 -49.04 -40.18
N ASN C 928 -8.26 -49.95 -40.44
CA ASN C 928 -9.33 -50.15 -39.49
C ASN C 928 -8.75 -50.63 -38.17
N SER C 929 -7.81 -51.57 -38.24
CA SER C 929 -7.21 -52.08 -37.02
C SER C 929 -6.52 -50.94 -36.28
N ALA C 930 -5.82 -50.07 -37.03
CA ALA C 930 -5.14 -48.97 -36.38
C ALA C 930 -6.14 -48.08 -35.69
N ILE C 931 -7.28 -47.82 -36.35
CA ILE C 931 -8.30 -46.99 -35.73
C ILE C 931 -8.80 -47.66 -34.46
N GLY C 932 -8.98 -48.99 -34.52
CA GLY C 932 -9.38 -49.70 -33.32
C GLY C 932 -8.38 -49.52 -32.21
N LYS C 933 -7.09 -49.58 -32.55
CA LYS C 933 -6.07 -49.40 -31.54
C LYS C 933 -6.19 -48.02 -30.92
N ILE C 934 -6.47 -47.01 -31.76
CA ILE C 934 -6.64 -45.66 -31.24
C ILE C 934 -7.78 -45.65 -30.24
N GLN C 935 -8.89 -46.31 -30.59
CA GLN C 935 -10.01 -46.43 -29.67
C GLN C 935 -9.52 -46.98 -28.35
N ASP C 936 -8.78 -48.08 -28.40
CA ASP C 936 -8.31 -48.71 -27.17
C ASP C 936 -7.46 -47.73 -26.38
N SER C 937 -6.57 -47.01 -27.07
CA SER C 937 -5.72 -46.06 -26.38
C SER C 937 -6.58 -45.02 -25.66
N LEU C 938 -7.59 -44.50 -26.38
CA LEU C 938 -8.47 -43.52 -25.77
C LEU C 938 -9.22 -44.15 -24.62
N SER C 939 -9.61 -45.42 -24.78
CA SER C 939 -10.32 -46.10 -23.71
C SER C 939 -9.39 -46.41 -22.54
N SER C 940 -8.10 -46.63 -22.82
CA SER C 940 -7.19 -47.04 -21.75
C SER C 940 -6.54 -45.86 -21.04
N THR C 941 -5.89 -44.96 -21.77
CA THR C 941 -5.11 -43.89 -21.17
C THR C 941 -5.90 -42.60 -21.18
N ALA C 942 -6.25 -42.11 -19.99
CA ALA C 942 -6.92 -40.81 -19.89
C ALA C 942 -5.92 -39.66 -20.00
N SER C 943 -4.68 -39.88 -19.56
CA SER C 943 -3.66 -38.85 -19.51
C SER C 943 -3.16 -38.43 -20.89
N ALA C 944 -3.59 -39.10 -21.97
CA ALA C 944 -3.09 -38.78 -23.30
C ALA C 944 -3.27 -37.30 -23.63
N LEU C 945 -4.40 -36.72 -23.26
CA LEU C 945 -4.68 -35.32 -23.55
C LEU C 945 -4.15 -34.38 -22.48
N GLY C 946 -3.17 -34.82 -21.69
CA GLY C 946 -2.60 -34.07 -20.58
C GLY C 946 -2.44 -32.60 -20.86
N LYS C 947 -1.73 -32.31 -21.96
CA LYS C 947 -1.47 -30.93 -22.39
C LYS C 947 -2.72 -30.08 -22.27
N LEU C 948 -3.79 -30.47 -22.98
CA LEU C 948 -5.01 -29.69 -22.93
C LEU C 948 -5.47 -29.51 -21.50
N GLN C 949 -5.61 -30.63 -20.77
CA GLN C 949 -5.99 -30.54 -19.36
C GLN C 949 -5.08 -29.58 -18.62
N ASP C 950 -3.77 -29.74 -18.83
CA ASP C 950 -2.79 -28.88 -18.16
C ASP C 950 -3.14 -27.42 -18.39
N VAL C 951 -3.38 -27.04 -19.66
CA VAL C 951 -3.74 -25.67 -19.97
C VAL C 951 -4.87 -25.23 -19.05
N VAL C 952 -5.98 -25.97 -19.07
CA VAL C 952 -7.12 -25.66 -18.21
C VAL C 952 -6.62 -25.46 -16.79
N ASN C 953 -5.95 -26.48 -16.25
CA ASN C 953 -5.43 -26.43 -14.90
C ASN C 953 -4.70 -25.12 -14.66
N GLN C 954 -3.74 -24.80 -15.53
CA GLN C 954 -2.95 -23.59 -15.36
C GLN C 954 -3.85 -22.39 -15.18
N ASN C 955 -4.79 -22.19 -16.13
CA ASN C 955 -5.69 -21.06 -16.03
C ASN C 955 -6.40 -21.09 -14.69
N ALA C 956 -6.99 -22.23 -14.34
CA ALA C 956 -7.67 -22.35 -13.06
C ALA C 956 -6.75 -21.90 -11.94
N GLN C 957 -5.54 -22.45 -11.92
CA GLN C 957 -4.59 -22.11 -10.88
C GLN C 957 -4.41 -20.60 -10.82
N ALA C 958 -4.14 -19.99 -11.98
CA ALA C 958 -4.02 -18.54 -12.05
C ALA C 958 -5.21 -17.90 -11.35
N LEU C 959 -6.41 -18.21 -11.84
CA LEU C 959 -7.62 -17.64 -11.25
C LEU C 959 -7.64 -17.91 -9.76
N ASN C 960 -7.40 -19.17 -9.38
CA ASN C 960 -7.37 -19.53 -7.97
C ASN C 960 -6.40 -18.62 -7.22
N THR C 961 -5.17 -18.51 -7.72
CA THR C 961 -4.20 -17.63 -7.07
C THR C 961 -4.77 -16.23 -6.94
N LEU C 962 -5.29 -15.68 -8.04
CA LEU C 962 -5.87 -14.35 -8.00
C LEU C 962 -6.92 -14.29 -6.91
N VAL C 963 -7.81 -15.28 -6.89
CA VAL C 963 -8.90 -15.28 -5.92
C VAL C 963 -8.32 -15.33 -4.51
N LYS C 964 -7.30 -16.18 -4.30
CA LYS C 964 -6.71 -16.30 -2.98
C LYS C 964 -6.07 -14.98 -2.55
N GLN C 965 -5.65 -14.16 -3.52
CA GLN C 965 -5.05 -12.89 -3.19
C GLN C 965 -6.02 -11.97 -2.46
N LEU C 966 -7.32 -12.23 -2.55
CA LEU C 966 -8.27 -11.43 -1.79
C LEU C 966 -8.13 -11.62 -0.28
N SER C 967 -7.42 -12.65 0.16
CA SER C 967 -7.24 -12.92 1.58
C SER C 967 -5.96 -12.34 2.14
N SER C 968 -5.19 -11.60 1.34
CA SER C 968 -3.91 -11.06 1.76
C SER C 968 -4.04 -9.61 2.21
N ASN C 969 -3.32 -9.27 3.28
CA ASN C 969 -3.37 -7.91 3.81
C ASN C 969 -2.43 -6.96 3.07
N PHE C 970 -1.43 -7.49 2.35
CA PHE C 970 -0.46 -6.69 1.62
C PHE C 970 0.19 -5.62 2.50
N GLY C 971 0.27 -5.88 3.80
CA GLY C 971 0.82 -4.95 4.75
C GLY C 971 -0.20 -4.13 5.50
N ALA C 972 -1.46 -4.13 5.08
CA ALA C 972 -2.51 -3.43 5.81
C ALA C 972 -2.80 -4.14 7.13
N ILE C 973 -3.75 -3.59 7.89
CA ILE C 973 -4.10 -4.17 9.18
C ILE C 973 -5.13 -5.29 9.05
N SER C 974 -5.89 -5.34 7.97
CA SER C 974 -6.88 -6.38 7.79
C SER C 974 -7.21 -6.52 6.31
N SER C 975 -7.42 -7.75 5.86
CA SER C 975 -7.82 -8.00 4.49
C SER C 975 -9.27 -7.61 4.20
N VAL C 976 -10.05 -7.27 5.22
CA VAL C 976 -11.45 -6.89 5.05
C VAL C 976 -11.55 -5.37 4.96
N LEU C 977 -12.06 -4.90 3.82
CA LEU C 977 -12.18 -3.46 3.60
C LEU C 977 -13.12 -2.80 4.60
N ASN C 978 -14.26 -3.43 4.88
CA ASN C 978 -15.26 -2.83 5.76
C ASN C 978 -14.72 -2.63 7.16
N ASP C 979 -13.93 -3.59 7.66
CA ASP C 979 -13.35 -3.43 9.00
C ASP C 979 -12.40 -2.25 9.04
N ILE C 980 -11.58 -2.07 8.00
CA ILE C 980 -10.70 -0.91 7.93
C ILE C 980 -11.51 0.38 7.92
N LEU C 981 -12.57 0.41 7.11
CA LEU C 981 -13.39 1.62 7.03
C LEU C 981 -14.02 1.96 8.37
N SER C 982 -14.56 0.96 9.05
CA SER C 982 -15.27 1.19 10.31
C SER C 982 -14.35 1.42 11.50
N ARG C 983 -13.11 0.93 11.44
CA ARG C 983 -12.25 0.93 12.62
C ARG C 983 -11.35 2.16 12.71
N LEU C 984 -10.67 2.53 11.62
CA LEU C 984 -9.72 3.61 11.66
C LEU C 984 -10.34 4.93 11.20
N ASP C 985 -9.66 6.02 11.57
CA ASP C 985 -10.03 7.33 11.10
C ASP C 985 -9.70 7.47 9.62
N PRO C 986 -10.39 8.36 8.90
CA PRO C 986 -10.19 8.47 7.45
C PRO C 986 -8.74 8.74 7.07
N PRO C 987 -8.00 9.60 7.80
CA PRO C 987 -6.61 9.85 7.37
C PRO C 987 -5.76 8.59 7.28
N GLU C 988 -5.92 7.64 8.20
CA GLU C 988 -5.16 6.40 8.16
C GLU C 988 -5.87 5.26 7.45
N ALA C 989 -7.21 5.23 7.51
CA ALA C 989 -7.95 4.30 6.66
C ALA C 989 -7.63 4.53 5.19
N GLU C 990 -7.32 5.78 4.81
CA GLU C 990 -6.94 6.05 3.43
C GLU C 990 -5.62 5.37 3.08
N VAL C 991 -4.65 5.41 3.99
CA VAL C 991 -3.38 4.74 3.76
C VAL C 991 -3.58 3.23 3.70
N GLN C 992 -4.41 2.69 4.59
CA GLN C 992 -4.67 1.25 4.57
C GLN C 992 -5.33 0.82 3.26
N ILE C 993 -6.31 1.59 2.80
CA ILE C 993 -7.00 1.23 1.56
C ILE C 993 -6.08 1.44 0.36
N ASP C 994 -5.16 2.42 0.43
CA ASP C 994 -4.15 2.54 -0.61
C ASP C 994 -3.25 1.32 -0.65
N ARG C 995 -2.84 0.82 0.51
CA ARG C 995 -2.06 -0.42 0.56
C ARG C 995 -2.83 -1.56 -0.09
N LEU C 996 -4.10 -1.73 0.27
CA LEU C 996 -4.90 -2.81 -0.30
C LEU C 996 -5.06 -2.65 -1.81
N ILE C 997 -5.29 -1.42 -2.27
CA ILE C 997 -5.48 -1.18 -3.69
C ILE C 997 -4.20 -1.48 -4.47
N THR C 998 -3.05 -1.03 -3.95
CA THR C 998 -1.78 -1.35 -4.57
C THR C 998 -1.56 -2.85 -4.63
N GLY C 999 -1.82 -3.55 -3.54
CA GLY C 999 -1.63 -4.99 -3.52
C GLY C 999 -2.49 -5.70 -4.54
N ARG C 1000 -3.78 -5.37 -4.57
CA ARG C 1000 -4.68 -6.05 -5.49
C ARG C 1000 -4.38 -5.68 -6.93
N LEU C 1001 -4.00 -4.43 -7.18
CA LEU C 1001 -3.61 -4.03 -8.53
C LEU C 1001 -2.36 -4.76 -9.00
N GLN C 1002 -1.38 -4.93 -8.09
CA GLN C 1002 -0.20 -5.72 -8.45
C GLN C 1002 -0.55 -7.16 -8.72
N SER C 1003 -1.46 -7.75 -7.92
CA SER C 1003 -1.89 -9.12 -8.17
C SER C 1003 -2.56 -9.24 -9.53
N LEU C 1004 -3.44 -8.28 -9.86
CA LEU C 1004 -4.10 -8.28 -11.16
C LEU C 1004 -3.10 -8.13 -12.29
N GLN C 1005 -2.11 -7.26 -12.11
CA GLN C 1005 -1.08 -7.07 -13.13
C GLN C 1005 -0.29 -8.35 -13.36
N THR C 1006 0.08 -9.03 -12.27
CA THR C 1006 0.79 -10.31 -12.41
C THR C 1006 -0.07 -11.33 -13.14
N TYR C 1007 -1.35 -11.41 -12.76
CA TYR C 1007 -2.25 -12.35 -13.42
C TYR C 1007 -2.37 -12.04 -14.91
N VAL C 1008 -2.50 -10.75 -15.25
CA VAL C 1008 -2.68 -10.36 -16.64
C VAL C 1008 -1.41 -10.66 -17.44
N THR C 1009 -0.24 -10.41 -16.84
CA THR C 1009 1.01 -10.71 -17.54
C THR C 1009 1.14 -12.21 -17.79
N GLN C 1010 0.83 -13.03 -16.78
CA GLN C 1010 0.87 -14.48 -16.96
C GLN C 1010 -0.13 -14.92 -18.03
N GLN C 1011 -1.32 -14.33 -18.03
CA GLN C 1011 -2.30 -14.64 -19.07
C GLN C 1011 -1.80 -14.25 -20.45
N LEU C 1012 -1.13 -13.11 -20.56
CA LEU C 1012 -0.58 -12.68 -21.84
C LEU C 1012 0.47 -13.66 -22.34
N ILE C 1013 1.37 -14.10 -21.45
CA ILE C 1013 2.41 -15.03 -21.86
C ILE C 1013 1.81 -16.38 -22.25
N ARG C 1014 0.88 -16.89 -21.45
CA ARG C 1014 0.25 -18.16 -21.77
C ARG C 1014 -0.57 -18.07 -23.05
N ALA C 1015 -1.18 -16.91 -23.31
CA ALA C 1015 -1.92 -16.73 -24.55
C ALA C 1015 -0.99 -16.63 -25.74
N ALA C 1016 0.20 -16.05 -25.57
CA ALA C 1016 1.20 -16.11 -26.63
C ALA C 1016 1.60 -17.55 -26.92
N GLU C 1017 1.81 -18.35 -25.87
CA GLU C 1017 2.07 -19.77 -26.05
C GLU C 1017 0.96 -20.45 -26.83
N ILE C 1018 -0.29 -20.20 -26.44
CA ILE C 1018 -1.42 -20.85 -27.08
C ILE C 1018 -1.59 -20.36 -28.51
N ARG C 1019 -1.27 -19.09 -28.78
CA ARG C 1019 -1.30 -18.59 -30.14
C ARG C 1019 -0.25 -19.25 -31.01
N ALA C 1020 0.95 -19.45 -30.47
CA ALA C 1020 1.97 -20.19 -31.21
C ALA C 1020 1.50 -21.61 -31.51
N SER C 1021 0.92 -22.27 -30.51
CA SER C 1021 0.41 -23.62 -30.72
C SER C 1021 -0.70 -23.64 -31.77
N ALA C 1022 -1.58 -22.64 -31.74
CA ALA C 1022 -2.70 -22.60 -32.68
C ALA C 1022 -2.20 -22.30 -34.09
N ASN C 1023 -1.20 -21.45 -34.23
CA ASN C 1023 -0.60 -21.23 -35.54
C ASN C 1023 0.04 -22.51 -36.07
N LEU C 1024 0.73 -23.24 -35.20
CA LEU C 1024 1.30 -24.52 -35.61
C LEU C 1024 0.21 -25.50 -36.03
N ALA C 1025 -0.89 -25.55 -35.28
CA ALA C 1025 -2.00 -26.43 -35.62
C ALA C 1025 -2.65 -26.05 -36.93
N ALA C 1026 -2.81 -24.74 -37.18
CA ALA C 1026 -3.36 -24.29 -38.46
C ALA C 1026 -2.44 -24.67 -39.61
N THR C 1027 -1.13 -24.51 -39.43
CA THR C 1027 -0.20 -24.92 -40.48
C THR C 1027 -0.29 -26.42 -40.73
N LYS C 1028 -0.41 -27.20 -39.66
CA LYS C 1028 -0.56 -28.65 -39.83
C LYS C 1028 -1.86 -28.98 -40.57
N MET C 1029 -2.94 -28.27 -40.25
CA MET C 1029 -4.20 -28.53 -40.95
C MET C 1029 -4.11 -28.16 -42.42
N SER C 1030 -3.38 -27.09 -42.72
CA SER C 1030 -3.24 -26.66 -44.11
C SER C 1030 -2.40 -27.65 -44.92
N GLU C 1031 -1.24 -28.04 -44.38
CA GLU C 1031 -0.29 -28.87 -45.13
C GLU C 1031 -0.52 -30.36 -44.95
N CYS C 1032 -1.37 -30.76 -44.02
CA CYS C 1032 -1.57 -32.14 -43.61
C CYS C 1032 -2.91 -32.71 -44.01
N VAL C 1033 -3.99 -31.95 -43.82
CA VAL C 1033 -5.33 -32.39 -44.19
C VAL C 1033 -5.66 -31.91 -45.60
N LEU C 1034 -5.57 -30.60 -45.83
CA LEU C 1034 -5.89 -30.02 -47.12
C LEU C 1034 -4.92 -30.42 -48.22
N GLY C 1035 -3.79 -30.99 -47.89
CA GLY C 1035 -2.83 -31.44 -48.89
C GLY C 1035 -2.12 -32.70 -48.44
N GLN C 1036 -0.91 -32.89 -48.95
CA GLN C 1036 -0.06 -34.01 -48.56
C GLN C 1036 1.35 -33.46 -48.39
N SER C 1037 1.80 -33.36 -47.14
CA SER C 1037 3.11 -32.78 -46.84
C SER C 1037 4.23 -33.77 -47.10
N LYS C 1038 5.37 -33.24 -47.53
CA LYS C 1038 6.61 -34.00 -47.62
C LYS C 1038 7.59 -33.62 -46.53
N ARG C 1039 7.15 -32.90 -45.51
CA ARG C 1039 8.02 -32.56 -44.39
C ARG C 1039 8.09 -33.71 -43.40
N VAL C 1040 9.31 -34.17 -43.12
CA VAL C 1040 9.51 -35.36 -42.30
C VAL C 1040 9.12 -35.06 -40.86
N ASP C 1041 8.41 -36.02 -40.25
CA ASP C 1041 7.99 -35.93 -38.84
C ASP C 1041 7.19 -34.67 -38.53
N PHE C 1042 6.68 -34.00 -39.56
CA PHE C 1042 5.80 -32.86 -39.34
C PHE C 1042 4.35 -33.28 -39.14
N CYS C 1043 4.01 -34.48 -39.57
CA CYS C 1043 2.66 -35.04 -39.48
C CYS C 1043 2.73 -36.48 -39.01
N GLY C 1044 3.45 -36.69 -37.92
CA GLY C 1044 3.58 -38.03 -37.34
C GLY C 1044 4.81 -38.75 -37.85
N LYS C 1045 5.35 -39.63 -37.01
CA LYS C 1045 6.53 -40.39 -37.37
C LYS C 1045 6.26 -41.28 -38.57
N GLY C 1046 7.19 -41.28 -39.52
CA GLY C 1046 7.06 -42.01 -40.75
C GLY C 1046 6.69 -41.09 -41.91
N TYR C 1047 6.55 -41.72 -43.08
CA TYR C 1047 6.15 -40.99 -44.28
C TYR C 1047 4.66 -40.71 -44.21
N HIS C 1048 4.29 -39.45 -44.46
CA HIS C 1048 2.92 -39.02 -44.26
C HIS C 1048 2.02 -39.47 -45.39
N LEU C 1049 0.88 -40.07 -45.04
CA LEU C 1049 -0.16 -40.41 -46.00
C LEU C 1049 -1.32 -39.43 -45.92
N MET C 1050 -1.89 -39.26 -44.73
CA MET C 1050 -2.98 -38.30 -44.54
C MET C 1050 -3.18 -38.08 -43.05
N SER C 1051 -4.13 -37.21 -42.71
CA SER C 1051 -4.47 -36.94 -41.33
C SER C 1051 -5.96 -36.64 -41.23
N PHE C 1052 -6.53 -36.88 -40.05
CA PHE C 1052 -7.94 -36.60 -39.79
C PHE C 1052 -8.05 -35.77 -38.51
N PRO C 1053 -8.67 -34.60 -38.57
CA PRO C 1053 -8.87 -33.81 -37.35
C PRO C 1053 -10.03 -34.34 -36.51
N GLN C 1054 -9.97 -34.02 -35.22
CA GLN C 1054 -11.04 -34.31 -34.29
C GLN C 1054 -11.07 -33.21 -33.24
N SER C 1055 -12.27 -32.69 -32.96
CA SER C 1055 -12.39 -31.65 -31.96
C SER C 1055 -12.05 -32.20 -30.57
N ALA C 1056 -11.85 -31.28 -29.63
CA ALA C 1056 -11.66 -31.61 -28.23
C ALA C 1056 -11.81 -30.32 -27.42
N PRO C 1057 -12.07 -30.42 -26.11
CA PRO C 1057 -12.33 -29.20 -25.35
C PRO C 1057 -11.14 -28.26 -25.38
N HIS C 1058 -11.33 -27.11 -26.05
CA HIS C 1058 -10.28 -26.12 -26.25
C HIS C 1058 -9.04 -26.70 -26.92
N GLY C 1059 -9.24 -27.58 -27.90
CA GLY C 1059 -8.10 -28.17 -28.58
C GLY C 1059 -8.51 -29.07 -29.72
N VAL C 1060 -7.50 -29.52 -30.46
CA VAL C 1060 -7.68 -30.42 -31.58
C VAL C 1060 -6.78 -31.63 -31.42
N VAL C 1061 -7.20 -32.74 -32.03
CA VAL C 1061 -6.49 -34.00 -32.00
C VAL C 1061 -6.41 -34.52 -33.42
N PHE C 1062 -5.19 -34.63 -33.94
CA PHE C 1062 -4.97 -35.15 -35.30
C PHE C 1062 -4.63 -36.63 -35.23
N LEU C 1063 -5.35 -37.43 -36.01
CA LEU C 1063 -4.99 -38.82 -36.26
C LEU C 1063 -4.18 -38.87 -37.54
N HIS C 1064 -2.88 -39.08 -37.40
CA HIS C 1064 -1.95 -39.10 -38.53
C HIS C 1064 -1.85 -40.53 -39.05
N VAL C 1065 -2.32 -40.76 -40.27
CA VAL C 1065 -2.18 -42.05 -40.93
C VAL C 1065 -0.93 -41.99 -41.79
N THR C 1066 0.05 -42.83 -41.46
CA THR C 1066 1.37 -42.81 -42.10
C THR C 1066 1.76 -44.23 -42.48
N TYR C 1067 2.81 -44.31 -43.30
CA TYR C 1067 3.29 -45.55 -43.90
C TYR C 1067 4.65 -45.86 -43.31
N VAL C 1068 4.82 -47.07 -42.76
CA VAL C 1068 6.02 -47.42 -42.01
C VAL C 1068 6.59 -48.73 -42.53
N PRO C 1069 7.79 -48.75 -43.10
CA PRO C 1069 8.37 -50.03 -43.56
C PRO C 1069 8.62 -50.98 -42.40
N ALA C 1070 8.28 -52.24 -42.61
CA ALA C 1070 8.25 -53.23 -41.52
C ALA C 1070 9.28 -54.33 -41.71
N GLN C 1071 9.22 -55.08 -42.81
CA GLN C 1071 10.06 -56.26 -43.02
C GLN C 1071 11.14 -55.94 -44.05
N GLU C 1072 12.39 -55.99 -43.61
CA GLU C 1072 13.53 -55.55 -44.41
C GLU C 1072 14.39 -56.75 -44.80
N LYS C 1073 14.94 -56.69 -46.01
CA LYS C 1073 15.83 -57.73 -46.53
C LYS C 1073 17.14 -57.12 -47.01
N ASN C 1074 18.20 -57.93 -46.90
CA ASN C 1074 19.53 -57.57 -47.40
C ASN C 1074 19.64 -57.92 -48.87
N PHE C 1075 20.06 -56.95 -49.69
CA PHE C 1075 20.34 -57.20 -51.09
C PHE C 1075 21.70 -56.61 -51.46
N THR C 1076 22.37 -57.27 -52.40
CA THR C 1076 23.55 -56.66 -52.99
C THR C 1076 23.13 -55.52 -53.90
N THR C 1077 23.98 -54.49 -53.98
CA THR C 1077 23.63 -53.28 -54.70
C THR C 1077 24.80 -52.83 -55.55
N ALA C 1078 24.51 -51.94 -56.49
CA ALA C 1078 25.52 -51.33 -57.35
C ALA C 1078 25.10 -49.90 -57.63
N PRO C 1079 26.06 -49.00 -57.87
CA PRO C 1079 25.68 -47.61 -58.21
C PRO C 1079 25.26 -47.46 -59.66
N ALA C 1080 25.63 -48.40 -60.52
CA ALA C 1080 25.27 -48.39 -61.94
C ALA C 1080 25.64 -49.76 -62.49
N ILE C 1081 25.17 -50.05 -63.69
CA ILE C 1081 25.46 -51.32 -64.35
C ILE C 1081 26.03 -51.05 -65.74
N CYS C 1082 27.04 -51.85 -66.11
CA CYS C 1082 27.76 -51.69 -67.37
C CYS C 1082 27.27 -52.76 -68.34
N HIS C 1083 26.65 -52.32 -69.45
CA HIS C 1083 26.10 -53.26 -70.42
C HIS C 1083 26.98 -53.41 -71.67
N ASP C 1084 27.22 -52.32 -72.39
CA ASP C 1084 27.98 -52.35 -73.63
C ASP C 1084 29.06 -51.28 -73.63
N GLY C 1085 29.76 -51.13 -72.50
CA GLY C 1085 30.70 -50.05 -72.32
C GLY C 1085 30.09 -48.75 -71.84
N LYS C 1086 28.78 -48.60 -71.99
CA LYS C 1086 28.04 -47.45 -71.48
C LYS C 1086 27.57 -47.73 -70.05
N ALA C 1087 27.35 -46.65 -69.31
CA ALA C 1087 26.88 -46.74 -67.93
C ALA C 1087 25.39 -46.43 -67.89
N HIS C 1088 24.62 -47.31 -67.26
CA HIS C 1088 23.17 -47.19 -67.19
C HIS C 1088 22.76 -46.90 -65.75
N PHE C 1089 22.01 -45.82 -65.56
CA PHE C 1089 21.53 -45.45 -64.24
C PHE C 1089 20.01 -45.60 -64.19
N PRO C 1090 19.44 -45.90 -63.01
CA PRO C 1090 17.98 -46.08 -62.95
C PRO C 1090 17.26 -44.75 -63.10
N ARG C 1091 16.20 -44.76 -63.92
CA ARG C 1091 15.40 -43.55 -64.10
C ARG C 1091 14.76 -43.14 -62.78
N GLU C 1092 14.06 -44.06 -62.14
CA GLU C 1092 13.44 -43.81 -60.84
C GLU C 1092 13.46 -45.13 -60.07
N GLY C 1093 14.47 -45.31 -59.24
CA GLY C 1093 14.62 -46.54 -58.49
C GLY C 1093 16.09 -46.83 -58.23
N VAL C 1094 16.36 -48.08 -57.89
CA VAL C 1094 17.71 -48.53 -57.55
C VAL C 1094 17.90 -49.96 -58.04
N PHE C 1095 19.11 -50.25 -58.51
CA PHE C 1095 19.45 -51.61 -58.90
C PHE C 1095 19.67 -52.48 -57.67
N VAL C 1096 19.21 -53.72 -57.73
CA VAL C 1096 19.38 -54.69 -56.66
C VAL C 1096 19.72 -56.04 -57.27
N SER C 1097 20.21 -56.94 -56.43
CA SER C 1097 20.59 -58.28 -56.86
C SER C 1097 20.30 -59.26 -55.74
N ASN C 1098 19.54 -60.31 -56.06
CA ASN C 1098 19.27 -61.39 -55.11
C ASN C 1098 20.34 -62.47 -55.14
N GLY C 1099 21.52 -62.16 -55.65
CA GLY C 1099 22.61 -63.11 -55.70
C GLY C 1099 23.02 -63.49 -57.11
N THR C 1100 22.04 -63.62 -58.00
CA THR C 1100 22.29 -64.08 -59.36
C THR C 1100 21.93 -63.04 -60.41
N HIS C 1101 20.73 -62.48 -60.36
CA HIS C 1101 20.24 -61.55 -61.37
C HIS C 1101 20.12 -60.15 -60.79
N TRP C 1102 20.12 -59.17 -61.69
CA TRP C 1102 20.02 -57.77 -61.32
C TRP C 1102 18.66 -57.23 -61.77
N PHE C 1103 17.91 -56.67 -60.83
CA PHE C 1103 16.62 -56.02 -61.09
C PHE C 1103 16.69 -54.56 -60.69
N VAL C 1104 15.62 -53.83 -60.99
CA VAL C 1104 15.49 -52.44 -60.58
C VAL C 1104 14.18 -52.29 -59.81
N THR C 1105 14.27 -51.80 -58.58
CA THR C 1105 13.13 -51.69 -57.69
C THR C 1105 13.00 -50.27 -57.16
N GLN C 1106 11.77 -49.87 -56.85
CA GLN C 1106 11.55 -48.65 -56.09
C GLN C 1106 12.23 -48.75 -54.73
N ARG C 1107 12.61 -47.59 -54.19
CA ARG C 1107 13.53 -47.55 -53.06
C ARG C 1107 12.84 -47.97 -51.76
N ASN C 1108 11.57 -47.62 -51.58
CA ASN C 1108 10.89 -47.79 -50.31
C ASN C 1108 10.03 -49.05 -50.25
N PHE C 1109 10.12 -49.91 -51.24
CA PHE C 1109 9.35 -51.17 -51.23
C PHE C 1109 9.96 -52.11 -52.25
N TYR C 1110 10.38 -53.30 -51.80
CA TYR C 1110 11.06 -54.24 -52.67
C TYR C 1110 10.06 -54.79 -53.69
N GLU C 1111 10.18 -54.34 -54.93
CA GLU C 1111 9.37 -54.84 -56.04
C GLU C 1111 10.28 -54.95 -57.25
N PRO C 1112 11.07 -56.03 -57.32
CA PRO C 1112 12.08 -56.13 -58.38
C PRO C 1112 11.45 -56.21 -59.76
N GLN C 1113 12.07 -55.54 -60.72
CA GLN C 1113 11.65 -55.56 -62.11
C GLN C 1113 12.86 -55.72 -63.01
N ILE C 1114 12.69 -56.48 -64.10
CA ILE C 1114 13.75 -56.67 -65.06
C ILE C 1114 14.27 -55.33 -65.54
N ILE C 1115 15.58 -55.24 -65.75
CA ILE C 1115 16.21 -53.98 -66.16
C ILE C 1115 16.06 -53.84 -67.67
N THR C 1116 15.39 -52.77 -68.09
CA THR C 1116 15.12 -52.51 -69.50
C THR C 1116 15.43 -51.05 -69.81
N THR C 1117 15.58 -50.77 -71.11
CA THR C 1117 15.86 -49.42 -71.56
C THR C 1117 14.72 -48.44 -71.25
N ASP C 1118 13.59 -48.94 -70.76
CA ASP C 1118 12.51 -48.08 -70.30
C ASP C 1118 12.54 -47.85 -68.79
N ASN C 1119 13.28 -48.69 -68.05
CA ASN C 1119 13.48 -48.47 -66.63
C ASN C 1119 14.71 -47.62 -66.35
N THR C 1120 15.70 -47.65 -67.24
CA THR C 1120 17.01 -47.08 -67.01
C THR C 1120 17.38 -46.15 -68.16
N PHE C 1121 18.19 -45.14 -67.85
CA PHE C 1121 18.70 -44.21 -68.84
C PHE C 1121 20.22 -44.31 -68.93
N VAL C 1122 20.73 -44.04 -70.12
CA VAL C 1122 22.16 -44.23 -70.40
C VAL C 1122 22.88 -42.91 -70.15
N SER C 1123 24.14 -43.00 -69.72
CA SER C 1123 24.99 -41.82 -69.55
C SER C 1123 26.45 -42.22 -69.42
N GLY C 1124 27.30 -41.62 -70.26
CA GLY C 1124 28.73 -41.80 -70.13
C GLY C 1124 29.20 -43.22 -70.44
N ASN C 1125 30.26 -43.63 -69.77
CA ASN C 1125 30.84 -44.96 -69.95
C ASN C 1125 31.28 -45.51 -68.60
N CYS C 1126 31.78 -46.74 -68.61
CA CYS C 1126 32.01 -47.51 -67.39
C CYS C 1126 33.39 -47.29 -66.80
N ASP C 1127 34.14 -46.28 -67.28
CA ASP C 1127 35.46 -45.99 -66.75
C ASP C 1127 35.45 -44.90 -65.69
N VAL C 1128 34.27 -44.42 -65.30
CA VAL C 1128 34.14 -43.28 -64.39
C VAL C 1128 33.46 -43.71 -63.08
N VAL C 1129 32.32 -44.40 -63.18
CA VAL C 1129 31.55 -44.76 -62.00
C VAL C 1129 32.34 -45.74 -61.14
N ILE C 1130 32.41 -45.46 -59.85
CA ILE C 1130 33.17 -46.29 -58.91
C ILE C 1130 32.22 -47.34 -58.34
N GLY C 1131 32.37 -48.59 -58.80
CA GLY C 1131 31.54 -49.68 -58.36
C GLY C 1131 30.60 -50.25 -59.39
N ILE C 1132 30.68 -49.77 -60.64
CA ILE C 1132 29.79 -50.27 -61.69
C ILE C 1132 30.01 -51.77 -61.87
N VAL C 1133 28.93 -52.49 -62.14
CA VAL C 1133 28.99 -53.93 -62.36
C VAL C 1133 28.56 -54.24 -63.79
N ASN C 1134 28.79 -55.48 -64.19
CA ASN C 1134 28.44 -55.95 -65.52
C ASN C 1134 27.14 -56.74 -65.48
N ASN C 1135 26.31 -56.55 -66.50
CA ASN C 1135 25.03 -57.23 -66.60
C ASN C 1135 24.48 -56.97 -68.00
N THR C 1136 23.29 -57.49 -68.27
CA THR C 1136 22.64 -57.32 -69.56
C THR C 1136 21.36 -56.52 -69.39
N VAL C 1137 21.24 -55.45 -70.17
CA VAL C 1137 20.03 -54.62 -70.18
C VAL C 1137 19.13 -55.15 -71.30
N TYR C 1138 18.07 -55.84 -70.92
CA TYR C 1138 17.17 -56.41 -71.92
C TYR C 1138 16.47 -55.30 -72.70
N ASP C 1139 16.40 -55.46 -74.02
CA ASP C 1139 15.78 -54.50 -74.91
C ASP C 1139 14.44 -55.06 -75.38
N PRO C 1140 13.31 -54.42 -75.04
CA PRO C 1140 12.02 -54.95 -75.51
C PRO C 1140 11.90 -54.98 -77.02
N LEU C 1141 12.64 -54.11 -77.72
CA LEU C 1141 12.50 -54.00 -79.17
C LEU C 1141 13.10 -55.20 -79.89
N GLN C 1142 14.15 -55.81 -79.33
CA GLN C 1142 14.87 -56.85 -80.05
C GLN C 1142 14.02 -58.09 -80.31
N PRO C 1143 13.29 -58.66 -79.35
CA PRO C 1143 12.45 -59.82 -79.67
C PRO C 1143 11.41 -59.53 -80.74
N GLU C 1144 10.81 -58.33 -80.70
CA GLU C 1144 9.85 -57.96 -81.74
C GLU C 1144 10.52 -57.85 -83.10
N LEU C 1145 11.71 -57.26 -83.15
CA LEU C 1145 12.42 -57.14 -84.42
C LEU C 1145 12.78 -58.51 -84.98
N ASP C 1146 13.21 -59.43 -84.11
CA ASP C 1146 13.55 -60.77 -84.56
C ASP C 1146 12.34 -61.49 -85.13
N SER C 1147 11.18 -61.34 -84.50
CA SER C 1147 9.96 -61.97 -84.96
C SER C 1147 9.53 -61.41 -86.31
N GLN D 14 -9.67 38.27 62.57
CA GLN D 14 -10.72 38.66 63.49
C GLN D 14 -11.44 37.44 64.07
N VAL D 15 -10.72 36.66 64.87
CA VAL D 15 -11.33 35.52 65.56
C VAL D 15 -12.24 36.06 66.66
N GLN D 16 -13.53 36.14 66.38
CA GLN D 16 -14.48 36.85 67.21
C GLN D 16 -15.54 35.89 67.74
N LEU D 17 -16.23 36.34 68.78
CA LEU D 17 -17.35 35.61 69.38
C LEU D 17 -18.29 36.67 69.95
N VAL D 18 -19.36 36.96 69.22
CA VAL D 18 -20.26 38.07 69.54
C VAL D 18 -21.58 37.51 70.05
N GLN D 19 -22.10 38.10 71.12
CA GLN D 19 -23.29 37.61 71.79
C GLN D 19 -24.45 38.58 71.56
N SER D 20 -25.62 38.17 72.05
CA SER D 20 -26.82 38.99 71.92
C SER D 20 -26.72 40.25 72.79
N GLY D 21 -27.70 41.14 72.62
CA GLY D 21 -27.80 42.31 73.45
C GLY D 21 -28.50 42.01 74.77
N PRO D 22 -28.66 43.05 75.59
CA PRO D 22 -29.32 42.85 76.88
C PRO D 22 -30.76 42.42 76.71
N GLU D 23 -31.21 41.57 77.63
CA GLU D 23 -32.55 41.01 77.61
C GLU D 23 -33.25 41.32 78.93
N VAL D 24 -34.53 41.67 78.84
CA VAL D 24 -35.36 41.97 80.01
C VAL D 24 -36.68 41.23 79.79
N LYS D 25 -36.86 40.12 80.49
CA LYS D 25 -38.03 39.26 80.30
C LYS D 25 -38.79 39.10 81.61
N LYS D 26 -40.09 38.88 81.48
CA LYS D 26 -40.93 38.62 82.64
C LYS D 26 -40.72 37.20 83.15
N PRO D 27 -41.01 36.96 84.43
CA PRO D 27 -40.89 35.60 84.95
C PRO D 27 -41.84 34.64 84.25
N GLY D 28 -41.37 33.42 84.03
CA GLY D 28 -42.17 32.41 83.36
C GLY D 28 -42.03 32.35 81.86
N THR D 29 -41.23 33.23 81.26
CA THR D 29 -41.01 33.25 79.83
C THR D 29 -39.73 32.52 79.48
N SER D 30 -39.27 32.68 78.23
CA SER D 30 -38.06 32.05 77.75
C SER D 30 -37.19 33.09 77.06
N VAL D 31 -35.87 32.88 77.12
CA VAL D 31 -34.91 33.73 76.43
C VAL D 31 -34.00 32.86 75.59
N LYS D 32 -33.61 33.35 74.42
CA LYS D 32 -32.70 32.61 73.54
C LYS D 32 -31.51 33.51 73.22
N VAL D 33 -30.36 33.19 73.80
CA VAL D 33 -29.15 33.99 73.61
C VAL D 33 -28.36 33.44 72.43
N SER D 34 -27.92 34.32 71.55
CA SER D 34 -27.15 33.98 70.37
C SER D 34 -25.66 34.19 70.62
N CYS D 35 -24.84 33.45 69.87
CA CYS D 35 -23.39 33.52 70.00
C CYS D 35 -22.78 33.16 68.66
N LYS D 36 -22.26 34.15 67.95
CA LYS D 36 -21.78 33.97 66.60
C LYS D 36 -20.25 33.96 66.59
N ALA D 37 -19.68 33.03 65.85
CA ALA D 37 -18.25 32.81 65.73
C ALA D 37 -17.69 33.49 64.50
N SER D 38 -16.38 33.73 64.53
CA SER D 38 -15.71 34.37 63.40
C SER D 38 -14.22 34.10 63.52
N GLY D 39 -13.54 34.09 62.37
CA GLY D 39 -12.12 33.88 62.34
C GLY D 39 -11.70 32.43 62.15
N PHE D 40 -12.17 31.56 63.03
CA PHE D 40 -11.87 30.14 62.96
C PHE D 40 -13.00 29.38 62.27
N THR D 41 -12.75 28.09 62.01
CA THR D 41 -13.72 27.23 61.36
C THR D 41 -14.67 26.66 62.42
N PHE D 42 -15.91 27.15 62.42
CA PHE D 42 -16.90 26.74 63.41
C PHE D 42 -17.13 25.23 63.38
N THR D 43 -17.11 24.64 62.17
CA THR D 43 -17.65 23.28 61.97
C THR D 43 -16.96 22.22 62.82
N THR D 44 -15.75 22.48 63.33
CA THR D 44 -14.96 21.46 64.00
C THR D 44 -14.63 21.82 65.44
N SER D 45 -15.26 22.86 65.99
CA SER D 45 -14.99 23.34 67.33
C SER D 45 -16.13 22.94 68.27
N ALA D 46 -16.13 23.52 69.46
CA ALA D 46 -17.18 23.32 70.45
C ALA D 46 -17.46 24.64 71.13
N VAL D 47 -18.67 24.77 71.66
CA VAL D 47 -19.11 26.01 72.30
C VAL D 47 -19.71 25.69 73.65
N GLN D 48 -19.15 26.29 74.70
CA GLN D 48 -19.72 26.21 76.04
C GLN D 48 -20.41 27.51 76.43
N TRP D 49 -21.38 27.38 77.35
CA TRP D 49 -22.15 28.46 77.92
C TRP D 49 -21.93 28.44 79.42
N VAL D 50 -21.66 29.62 79.99
CA VAL D 50 -21.37 29.82 81.41
C VAL D 50 -22.14 31.04 81.89
N ARG D 51 -22.71 30.96 83.09
CA ARG D 51 -23.42 32.10 83.65
C ARG D 51 -22.70 32.64 84.89
N GLN D 52 -22.94 33.93 85.16
CA GLN D 52 -22.33 34.63 86.28
C GLN D 52 -23.35 35.62 86.84
N ALA D 53 -23.82 35.37 88.05
CA ALA D 53 -24.71 36.33 88.70
C ALA D 53 -23.93 37.55 89.18
N ARG D 54 -24.62 38.68 89.27
CA ARG D 54 -23.98 39.96 89.61
C ARG D 54 -23.22 39.87 90.93
N GLY D 55 -21.89 39.88 90.84
CA GLY D 55 -21.05 39.79 92.02
C GLY D 55 -20.78 38.39 92.51
N GLN D 56 -21.07 37.37 91.70
CA GLN D 56 -20.88 35.98 92.06
C GLN D 56 -19.78 35.37 91.20
N ARG D 57 -19.55 34.08 91.40
CA ARG D 57 -18.51 33.34 90.69
C ARG D 57 -19.04 32.92 89.32
N LEU D 58 -18.24 32.14 88.59
CA LEU D 58 -18.64 31.63 87.29
C LEU D 58 -19.32 30.29 87.46
N GLU D 59 -20.47 30.12 86.80
CA GLU D 59 -21.27 28.90 86.89
C GLU D 59 -21.34 28.30 85.49
N TRP D 60 -20.75 27.12 85.34
CA TRP D 60 -20.73 26.44 84.04
C TRP D 60 -22.11 25.88 83.74
N ILE D 61 -22.65 26.25 82.59
CA ILE D 61 -23.97 25.78 82.19
C ILE D 61 -23.87 24.51 81.37
N GLY D 62 -23.02 24.50 80.34
CA GLY D 62 -22.96 23.32 79.49
C GLY D 62 -22.16 23.59 78.24
N TRP D 63 -21.91 22.52 77.49
CA TRP D 63 -21.19 22.67 76.24
C TRP D 63 -21.82 21.81 75.16
N ILE D 64 -21.45 22.11 73.91
CA ILE D 64 -21.95 21.41 72.73
C ILE D 64 -20.81 21.25 71.74
N VAL D 65 -20.76 20.08 71.09
CA VAL D 65 -19.83 19.84 70.00
C VAL D 65 -20.49 20.31 68.71
N VAL D 66 -19.83 21.22 68.01
CA VAL D 66 -20.47 21.87 66.86
C VAL D 66 -20.68 20.85 65.73
N GLY D 67 -19.69 19.98 65.49
CA GLY D 67 -19.79 19.05 64.38
C GLY D 67 -20.90 18.03 64.56
N SER D 68 -21.03 17.48 65.77
CA SER D 68 -21.99 16.42 66.03
C SER D 68 -23.30 16.93 66.60
N GLY D 69 -23.28 18.03 67.35
CA GLY D 69 -24.44 18.51 68.06
C GLY D 69 -24.67 17.88 69.40
N ASN D 70 -23.76 17.03 69.86
CA ASN D 70 -23.90 16.40 71.17
C ASN D 70 -23.74 17.45 72.27
N THR D 71 -24.51 17.29 73.34
CA THR D 71 -24.57 18.30 74.39
C THR D 71 -24.32 17.66 75.74
N ASN D 72 -23.65 18.40 76.61
CA ASN D 72 -23.53 18.03 78.01
C ASN D 72 -23.90 19.24 78.86
N TYR D 73 -24.83 19.04 79.80
CA TYR D 73 -25.30 20.13 80.65
C TYR D 73 -24.92 19.86 82.10
N ALA D 74 -24.89 20.94 82.87
CA ALA D 74 -24.72 20.83 84.31
C ALA D 74 -26.01 20.39 84.98
N GLN D 75 -25.87 19.87 86.20
CA GLN D 75 -27.04 19.40 86.94
C GLN D 75 -28.06 20.52 87.13
N LYS D 76 -27.59 21.73 87.44
CA LYS D 76 -28.50 22.83 87.75
C LYS D 76 -29.13 23.44 86.53
N PHE D 77 -28.69 23.08 85.32
CA PHE D 77 -29.26 23.61 84.09
C PHE D 77 -29.81 22.52 83.17
N GLN D 78 -29.82 21.26 83.63
CA GLN D 78 -30.38 20.17 82.83
C GLN D 78 -31.86 20.36 82.55
N GLU D 79 -32.55 21.19 83.33
CA GLU D 79 -34.00 21.23 83.31
C GLU D 79 -34.57 22.39 82.50
N ARG D 80 -33.80 23.45 82.29
CA ARG D 80 -34.35 24.65 81.65
C ARG D 80 -33.43 25.25 80.59
N VAL D 81 -32.31 24.62 80.27
CA VAL D 81 -31.36 25.15 79.29
C VAL D 81 -31.17 24.11 78.20
N THR D 82 -31.24 24.57 76.94
CA THR D 82 -30.95 23.73 75.79
C THR D 82 -30.03 24.47 74.83
N ILE D 83 -28.86 23.90 74.56
CA ILE D 83 -27.84 24.51 73.73
C ILE D 83 -27.94 23.92 72.33
N THR D 84 -27.99 24.78 71.32
CA THR D 84 -28.11 24.36 69.93
C THR D 84 -27.08 25.09 69.09
N ARG D 85 -26.95 24.69 67.83
CA ARG D 85 -26.03 25.37 66.92
C ARG D 85 -26.53 25.27 65.50
N ASP D 86 -26.03 26.17 64.65
CA ASP D 86 -26.37 26.24 63.24
C ASP D 86 -25.09 26.60 62.48
N MET D 87 -24.47 25.57 61.89
CA MET D 87 -23.19 25.75 61.19
C MET D 87 -23.32 26.60 59.94
N SER D 88 -24.52 26.70 59.36
CA SER D 88 -24.70 27.54 58.18
C SER D 88 -24.51 29.02 58.53
N THR D 89 -25.09 29.46 59.63
CA THR D 89 -24.93 30.84 60.09
C THR D 89 -23.86 30.94 61.16
N THR D 90 -23.01 29.92 61.27
CA THR D 90 -21.91 29.82 62.24
C THR D 90 -22.30 30.42 63.59
N THR D 91 -23.49 30.05 64.07
CA THR D 91 -23.99 30.63 65.31
C THR D 91 -24.54 29.54 66.21
N ALA D 92 -24.26 29.64 67.50
CA ALA D 92 -24.83 28.74 68.49
C ALA D 92 -25.76 29.50 69.43
N TYR D 93 -26.80 28.82 69.89
CA TYR D 93 -27.84 29.43 70.68
C TYR D 93 -27.98 28.71 72.01
N MET D 94 -28.60 29.40 72.97
CA MET D 94 -28.89 28.86 74.29
C MET D 94 -30.29 29.29 74.70
N GLU D 95 -31.21 28.34 74.73
CA GLU D 95 -32.60 28.62 75.10
C GLU D 95 -32.80 28.30 76.57
N LEU D 96 -33.36 29.26 77.31
CA LEU D 96 -33.58 29.18 78.75
C LEU D 96 -35.07 29.41 79.01
N SER D 97 -35.77 28.34 79.34
CA SER D 97 -37.22 28.36 79.51
C SER D 97 -37.57 28.57 80.98
N SER D 98 -38.78 29.10 81.20
CA SER D 98 -39.32 29.35 82.54
C SER D 98 -38.36 30.21 83.37
N LEU D 99 -38.22 31.45 82.90
CA LEU D 99 -37.29 32.39 83.53
C LEU D 99 -37.81 32.81 84.90
N ARG D 100 -36.87 33.17 85.78
CA ARG D 100 -37.18 33.67 87.11
C ARG D 100 -36.09 34.64 87.54
N SER D 101 -36.33 35.31 88.66
CA SER D 101 -35.39 36.32 89.14
C SER D 101 -33.99 35.75 89.36
N GLU D 102 -33.91 34.47 89.74
CA GLU D 102 -32.61 33.83 89.94
C GLU D 102 -31.81 33.76 88.64
N ASP D 103 -32.47 33.83 87.49
CA ASP D 103 -31.77 33.77 86.20
C ASP D 103 -31.16 35.09 85.79
N THR D 104 -31.43 36.17 86.52
CA THR D 104 -30.86 37.47 86.18
C THR D 104 -29.35 37.41 86.35
N ALA D 105 -28.62 37.32 85.25
CA ALA D 105 -27.17 37.21 85.32
C ALA D 105 -26.57 37.60 83.97
N VAL D 106 -25.25 37.47 83.85
CA VAL D 106 -24.55 37.70 82.60
C VAL D 106 -24.08 36.35 82.08
N TYR D 107 -24.32 36.10 80.79
CA TYR D 107 -24.06 34.81 80.18
C TYR D 107 -22.98 34.96 79.14
N PHE D 108 -21.98 34.08 79.21
CA PHE D 108 -20.85 34.07 78.28
C PHE D 108 -20.87 32.79 77.47
N CYS D 109 -20.39 32.88 76.24
CA CYS D 109 -20.11 31.73 75.41
C CYS D 109 -18.63 31.69 75.08
N ALA D 110 -18.07 30.50 75.02
CA ALA D 110 -16.64 30.33 74.82
C ALA D 110 -16.39 29.16 73.88
N ALA D 111 -15.33 29.29 73.07
CA ALA D 111 -15.02 28.31 72.06
C ALA D 111 -13.53 28.31 71.76
N PRO D 112 -12.93 27.15 71.49
CA PRO D 112 -11.57 27.12 70.97
C PRO D 112 -11.55 27.43 69.49
N HIS D 113 -10.58 28.25 69.07
CA HIS D 113 -10.43 28.56 67.66
C HIS D 113 -9.72 27.41 66.97
N CYS D 114 -10.20 27.07 65.77
CA CYS D 114 -9.74 25.89 65.07
C CYS D 114 -9.61 26.17 63.57
N ASN D 115 -8.66 25.49 62.94
CA ASN D 115 -8.58 25.53 61.49
C ASN D 115 -9.41 24.38 60.92
N SER D 116 -9.09 23.93 59.70
CA SER D 116 -9.94 22.94 59.05
C SER D 116 -9.79 21.54 59.64
N THR D 117 -8.80 21.29 60.49
CA THR D 117 -8.56 19.93 60.97
C THR D 117 -8.22 19.82 62.46
N SER D 118 -7.72 20.86 63.11
CA SER D 118 -7.29 20.75 64.50
C SER D 118 -7.81 21.94 65.29
N CYS D 119 -7.82 21.80 66.61
CA CYS D 119 -8.42 22.78 67.51
C CYS D 119 -7.43 23.20 68.58
N TYR D 120 -7.73 24.34 69.21
CA TYR D 120 -7.00 24.79 70.37
C TYR D 120 -7.37 23.96 71.60
N ASP D 121 -6.45 23.90 72.57
CA ASP D 121 -6.57 23.00 73.70
C ASP D 121 -7.26 23.65 74.91
N ALA D 122 -8.01 24.72 74.70
CA ALA D 122 -8.72 25.39 75.78
C ALA D 122 -9.73 26.36 75.18
N PHE D 123 -10.48 27.02 76.05
CA PHE D 123 -11.46 28.04 75.63
C PHE D 123 -10.78 29.40 75.68
N ASP D 124 -10.26 29.84 74.53
CA ASP D 124 -9.53 31.10 74.45
C ASP D 124 -10.36 32.23 73.87
N ILE D 125 -11.41 31.92 73.10
CA ILE D 125 -12.29 32.93 72.52
C ILE D 125 -13.52 33.03 73.41
N TRP D 126 -13.87 34.24 73.82
CA TRP D 126 -14.99 34.48 74.71
C TRP D 126 -15.88 35.58 74.16
N GLY D 127 -17.17 35.48 74.45
CA GLY D 127 -18.11 36.51 74.05
C GLY D 127 -18.13 37.68 75.01
N GLN D 128 -18.73 38.78 74.55
CA GLN D 128 -18.77 39.99 75.37
C GLN D 128 -19.70 39.84 76.57
N GLY D 129 -20.62 38.88 76.54
CA GLY D 129 -21.55 38.71 77.65
C GLY D 129 -22.92 39.27 77.34
N THR D 130 -23.96 38.57 77.81
CA THR D 130 -25.35 39.00 77.61
C THR D 130 -26.03 39.04 78.97
N MET D 131 -26.48 40.22 79.38
CA MET D 131 -27.16 40.37 80.65
C MET D 131 -28.65 40.10 80.48
N VAL D 132 -29.17 39.20 81.30
CA VAL D 132 -30.59 38.84 81.28
C VAL D 132 -31.19 39.18 82.64
N THR D 133 -32.16 40.10 82.62
CA THR D 133 -32.88 40.53 83.81
C THR D 133 -34.29 39.96 83.75
N VAL D 134 -34.72 39.32 84.83
CA VAL D 134 -36.04 38.70 84.92
C VAL D 134 -36.74 39.26 86.15
N SER D 135 -37.78 40.06 85.93
CA SER D 135 -38.61 40.56 87.01
C SER D 135 -39.91 41.09 86.40
N SER D 136 -40.83 41.48 87.28
CA SER D 136 -42.12 42.01 86.87
C SER D 136 -42.11 43.52 86.64
N ALA D 137 -40.93 44.15 86.70
CA ALA D 137 -40.86 45.59 86.63
C ALA D 137 -41.04 46.07 85.19
N SER D 138 -41.37 47.35 85.06
CA SER D 138 -41.54 47.99 83.76
C SER D 138 -40.49 49.07 83.57
N THR D 139 -40.27 49.42 82.30
CA THR D 139 -39.31 50.47 81.97
C THR D 139 -39.73 51.79 82.61
N LYS D 140 -38.76 52.47 83.22
CA LYS D 140 -39.03 53.73 83.91
C LYS D 140 -37.76 54.55 83.95
N GLY D 141 -37.89 55.85 83.68
CA GLY D 141 -36.78 56.76 83.76
C GLY D 141 -36.45 57.11 85.21
N PRO D 142 -35.22 57.55 85.45
CA PRO D 142 -34.79 57.84 86.83
C PRO D 142 -35.09 59.26 87.27
N SER D 143 -35.34 59.39 88.57
CA SER D 143 -35.46 60.68 89.24
C SER D 143 -34.11 61.06 89.84
N VAL D 144 -33.59 62.21 89.48
CA VAL D 144 -32.25 62.65 89.90
C VAL D 144 -32.44 63.72 90.96
N PHE D 145 -32.01 63.43 92.19
CA PHE D 145 -32.10 64.40 93.27
C PHE D 145 -30.72 64.87 93.68
N PRO D 146 -30.55 66.14 94.05
CA PRO D 146 -29.21 66.62 94.37
C PRO D 146 -28.84 66.34 95.82
N LEU D 147 -27.60 65.87 96.02
CA LEU D 147 -27.01 65.70 97.34
C LEU D 147 -26.11 66.93 97.54
N ALA D 148 -26.67 67.94 98.20
CA ALA D 148 -25.99 69.22 98.35
C ALA D 148 -24.86 69.14 99.36
N PRO D 149 -23.79 69.89 99.14
CA PRO D 149 -22.69 69.90 100.11
C PRO D 149 -23.04 70.73 101.34
N SER D 150 -22.59 70.26 102.50
CA SER D 150 -22.89 70.91 103.75
C SER D 150 -22.23 72.29 103.82
N SER D 151 -22.87 73.20 104.54
CA SER D 151 -22.34 74.55 104.72
C SER D 151 -21.47 74.63 105.97
N GLY D 157 -11.48 71.51 104.45
CA GLY D 157 -10.99 72.17 103.25
C GLY D 157 -11.58 71.62 101.97
N THR D 158 -12.09 70.39 102.05
CA THR D 158 -12.73 69.72 100.92
C THR D 158 -14.16 69.37 101.27
N ALA D 159 -15.05 69.51 100.30
CA ALA D 159 -16.46 69.24 100.47
C ALA D 159 -16.91 68.20 99.45
N ALA D 160 -18.04 67.56 99.74
CA ALA D 160 -18.58 66.48 98.90
C ALA D 160 -19.98 66.84 98.45
N LEU D 161 -20.28 66.55 97.18
CA LEU D 161 -21.61 66.77 96.64
C LEU D 161 -21.88 65.70 95.61
N GLY D 162 -23.14 65.57 95.20
CA GLY D 162 -23.42 64.52 94.24
C GLY D 162 -24.86 64.48 93.80
N CYS D 163 -25.21 63.38 93.13
CA CYS D 163 -26.55 63.16 92.60
C CYS D 163 -27.02 61.76 92.99
N LEU D 164 -28.34 61.67 93.23
CA LEU D 164 -29.03 60.43 93.57
C LEU D 164 -29.94 60.03 92.42
N VAL D 165 -29.54 59.00 91.68
CA VAL D 165 -30.30 58.49 90.55
C VAL D 165 -31.19 57.38 91.09
N LYS D 166 -32.44 57.72 91.41
CA LYS D 166 -33.34 56.86 92.16
C LYS D 166 -34.51 56.42 91.28
N ASP D 167 -34.93 55.17 91.44
CA ASP D 167 -36.17 54.66 90.87
C ASP D 167 -36.13 54.66 89.34
N TYR D 168 -35.35 53.72 88.81
CA TYR D 168 -35.29 53.48 87.38
C TYR D 168 -35.24 51.98 87.13
N PHE D 169 -35.55 51.59 85.89
CA PHE D 169 -35.52 50.19 85.49
C PHE D 169 -35.52 50.11 83.98
N PRO D 170 -34.71 49.24 83.36
CA PRO D 170 -33.74 48.37 84.04
C PRO D 170 -32.34 48.98 84.11
N GLU D 171 -31.38 48.16 84.50
CA GLU D 171 -29.98 48.57 84.49
C GLU D 171 -29.49 48.71 83.05
N PRO D 172 -28.48 49.56 82.81
CA PRO D 172 -27.88 50.49 83.78
C PRO D 172 -28.14 51.95 83.45
N VAL D 173 -27.58 52.84 84.25
CA VAL D 173 -27.51 54.27 83.93
C VAL D 173 -26.05 54.67 83.88
N THR D 174 -25.79 55.76 83.17
CA THR D 174 -24.46 56.34 83.10
C THR D 174 -24.51 57.77 83.64
N VAL D 175 -23.52 58.12 84.45
CA VAL D 175 -23.46 59.42 85.11
C VAL D 175 -22.12 60.05 84.78
N SER D 176 -22.15 61.31 84.35
CA SER D 176 -20.94 62.08 84.16
C SER D 176 -21.06 63.43 84.84
N TRP D 177 -19.92 64.08 85.07
CA TRP D 177 -19.87 65.36 85.75
C TRP D 177 -19.30 66.40 84.80
N ASN D 178 -19.98 67.54 84.69
CA ASN D 178 -19.61 68.61 83.77
C ASN D 178 -19.48 68.09 82.34
N SER D 179 -20.44 67.25 81.94
CA SER D 179 -20.48 66.65 80.61
C SER D 179 -19.18 65.92 80.27
N GLY D 180 -18.56 65.32 81.28
CA GLY D 180 -17.32 64.58 81.10
C GLY D 180 -16.06 65.35 81.46
N ALA D 181 -16.18 66.64 81.77
CA ALA D 181 -15.00 67.44 82.07
C ALA D 181 -14.44 67.10 83.45
N LEU D 182 -15.31 66.87 84.43
CA LEU D 182 -14.90 66.56 85.79
C LEU D 182 -14.86 65.05 85.96
N THR D 183 -13.67 64.51 86.16
CA THR D 183 -13.49 63.08 86.41
C THR D 183 -12.73 62.84 87.71
N SER D 184 -11.84 63.78 88.05
CA SER D 184 -11.00 63.61 89.23
C SER D 184 -11.86 63.67 90.49
N GLY D 185 -11.69 62.69 91.37
CA GLY D 185 -12.41 62.65 92.62
C GLY D 185 -13.85 62.20 92.50
N VAL D 186 -14.23 61.62 91.37
CA VAL D 186 -15.60 61.20 91.12
C VAL D 186 -15.74 59.72 91.50
N HIS D 187 -16.78 59.40 92.24
CA HIS D 187 -17.11 58.02 92.60
C HIS D 187 -18.55 57.76 92.22
N THR D 188 -18.76 56.95 91.19
CA THR D 188 -20.09 56.48 90.80
C THR D 188 -20.27 55.07 91.32
N PHE D 189 -21.16 54.90 92.29
CA PHE D 189 -21.32 53.63 92.97
C PHE D 189 -22.15 52.68 92.13
N PRO D 190 -21.92 51.37 92.27
CA PRO D 190 -22.80 50.39 91.62
C PRO D 190 -24.21 50.45 92.21
N ALA D 191 -25.19 50.21 91.35
CA ALA D 191 -26.58 50.38 91.74
C ALA D 191 -27.05 49.23 92.61
N VAL D 192 -27.99 49.51 93.50
CA VAL D 192 -28.63 48.51 94.34
C VAL D 192 -30.07 48.33 93.87
N LEU D 193 -30.57 47.11 94.05
CA LEU D 193 -31.93 46.76 93.63
C LEU D 193 -32.84 46.87 94.85
N GLN D 194 -33.71 47.87 94.85
CA GLN D 194 -34.62 48.08 95.96
C GLN D 194 -35.71 47.02 95.97
N SER D 195 -36.42 46.92 97.11
CA SER D 195 -37.53 45.98 97.21
C SER D 195 -38.70 46.36 96.32
N SER D 196 -38.77 47.62 95.87
CA SER D 196 -39.78 48.05 94.93
C SER D 196 -39.52 47.58 93.51
N GLY D 197 -38.39 46.92 93.26
CA GLY D 197 -38.01 46.50 91.93
C GLY D 197 -37.21 47.51 91.14
N LEU D 198 -37.07 48.73 91.63
CA LEU D 198 -36.32 49.78 90.95
C LEU D 198 -34.92 49.88 91.54
N TYR D 199 -34.02 50.47 90.75
CA TYR D 199 -32.63 50.62 91.15
C TYR D 199 -32.34 52.01 91.71
N SER D 200 -31.33 52.08 92.57
CA SER D 200 -30.85 53.34 93.12
C SER D 200 -29.33 53.39 92.99
N LEU D 201 -28.83 54.56 92.62
CA LEU D 201 -27.41 54.78 92.36
C LEU D 201 -27.03 56.15 92.89
N SER D 202 -25.84 56.24 93.48
CA SER D 202 -25.33 57.53 93.97
C SER D 202 -24.01 57.83 93.30
N SER D 203 -23.83 59.08 92.88
CA SER D 203 -22.58 59.52 92.26
C SER D 203 -22.11 60.79 92.97
N VAL D 204 -20.91 60.74 93.54
CA VAL D 204 -20.42 61.84 94.36
C VAL D 204 -19.08 62.33 93.82
N VAL D 205 -18.73 63.54 94.24
CA VAL D 205 -17.49 64.19 93.85
C VAL D 205 -17.03 65.07 95.01
N THR D 206 -15.72 65.06 95.25
CA THR D 206 -15.08 65.89 96.26
C THR D 206 -14.38 67.06 95.58
N VAL D 207 -14.71 68.28 96.00
CA VAL D 207 -14.12 69.48 95.41
C VAL D 207 -13.64 70.39 96.54
N PRO D 208 -12.70 71.29 96.23
CA PRO D 208 -12.27 72.25 97.26
C PRO D 208 -13.41 73.14 97.71
N SER D 209 -13.38 73.50 99.00
CA SER D 209 -14.46 74.30 99.57
C SER D 209 -14.56 75.69 98.94
N SER D 210 -13.48 76.20 98.37
CA SER D 210 -13.51 77.54 97.79
C SER D 210 -14.36 77.59 96.53
N SER D 211 -14.33 76.53 95.72
CA SER D 211 -14.98 76.53 94.42
C SER D 211 -16.50 76.36 94.50
N LEU D 212 -17.08 76.31 95.70
CA LEU D 212 -18.50 76.03 95.79
C LEU D 212 -19.35 77.20 95.30
N GLY D 213 -18.87 78.44 95.48
CA GLY D 213 -19.61 79.60 95.06
C GLY D 213 -19.27 80.14 93.68
N THR D 214 -18.26 79.57 93.01
CA THR D 214 -17.82 80.08 91.72
C THR D 214 -17.60 78.94 90.72
N GLN D 215 -18.35 77.85 90.84
CA GLN D 215 -18.22 76.73 89.92
C GLN D 215 -19.52 75.93 89.96
N THR D 216 -20.29 76.01 88.87
CA THR D 216 -21.53 75.25 88.78
C THR D 216 -21.23 73.78 88.51
N TYR D 217 -21.85 72.90 89.28
CA TYR D 217 -21.70 71.46 89.13
C TYR D 217 -23.01 70.88 88.65
N ILE D 218 -22.97 70.18 87.52
CA ILE D 218 -24.16 69.59 86.90
C ILE D 218 -23.85 68.13 86.60
N CYS D 219 -24.67 67.22 87.14
CA CYS D 219 -24.55 65.82 86.82
C CYS D 219 -25.44 65.46 85.63
N ASN D 220 -24.87 64.65 84.74
CA ASN D 220 -25.50 64.23 83.48
C ASN D 220 -25.83 62.76 83.61
N VAL D 221 -27.11 62.47 83.84
CA VAL D 221 -27.61 61.11 84.02
C VAL D 221 -28.30 60.68 82.73
N ASN D 222 -27.83 59.60 82.14
CA ASN D 222 -28.40 59.07 80.90
C ASN D 222 -28.82 57.62 81.11
N HIS D 223 -30.07 57.32 80.78
CA HIS D 223 -30.66 55.99 80.88
C HIS D 223 -31.17 55.61 79.49
N LYS D 224 -30.39 54.82 78.77
CA LYS D 224 -30.76 54.43 77.41
C LYS D 224 -32.03 53.58 77.35
N PRO D 225 -32.27 52.59 78.23
CA PRO D 225 -33.50 51.80 78.12
C PRO D 225 -34.77 52.62 78.20
N SER D 226 -34.74 53.79 78.83
CA SER D 226 -35.90 54.66 78.91
C SER D 226 -35.72 55.96 78.14
N ASN D 227 -34.59 56.13 77.45
CA ASN D 227 -34.31 57.35 76.69
C ASN D 227 -34.43 58.59 77.56
N THR D 228 -33.81 58.54 78.74
CA THR D 228 -33.89 59.62 79.70
C THR D 228 -32.53 60.33 79.81
N LYS D 229 -32.55 61.65 79.63
CA LYS D 229 -31.35 62.48 79.69
C LYS D 229 -31.63 63.64 80.64
N VAL D 230 -31.09 63.56 81.86
CA VAL D 230 -31.34 64.55 82.90
C VAL D 230 -30.03 65.23 83.25
N ASP D 231 -30.00 66.55 83.14
CA ASP D 231 -28.86 67.35 83.60
C ASP D 231 -29.32 68.15 84.81
N LYS D 232 -28.85 67.73 85.99
CA LYS D 232 -29.28 68.32 87.26
C LYS D 232 -28.13 69.11 87.87
N LYS D 233 -28.39 70.35 88.23
CA LYS D 233 -27.38 71.22 88.83
C LYS D 233 -27.47 71.14 90.35
N VAL D 234 -26.33 70.89 91.00
CA VAL D 234 -26.25 70.77 92.45
C VAL D 234 -26.01 72.15 93.03
N GLU D 235 -26.79 72.50 94.05
CA GLU D 235 -26.71 73.81 94.66
C GLU D 235 -26.28 73.69 96.13
N PRO D 236 -25.35 74.52 96.60
CA PRO D 236 -25.12 74.67 98.04
C PRO D 236 -26.19 75.55 98.67
N LYS D 237 -27.02 74.93 99.51
CA LYS D 237 -28.15 75.62 100.14
C LYS D 237 -27.69 76.80 100.99
N ASP E 1 -19.65 15.31 90.98
CA ASP E 1 -19.04 16.39 90.25
C ASP E 1 -17.69 16.78 90.86
N ILE E 2 -16.81 17.33 90.04
CA ILE E 2 -15.51 17.81 90.52
C ILE E 2 -15.67 19.22 91.06
N VAL E 3 -15.29 19.42 92.32
CA VAL E 3 -15.41 20.70 93.00
C VAL E 3 -14.09 21.44 92.88
N MET E 4 -14.13 22.68 92.41
CA MET E 4 -12.96 23.53 92.27
C MET E 4 -12.99 24.60 93.35
N THR E 5 -11.93 24.66 94.15
CA THR E 5 -11.79 25.66 95.21
C THR E 5 -10.56 26.50 94.95
N GLN E 6 -10.68 27.81 95.13
CA GLN E 6 -9.60 28.74 94.88
C GLN E 6 -9.18 29.42 96.18
N SER E 7 -7.92 29.84 96.23
CA SER E 7 -7.42 30.54 97.40
C SER E 7 -6.30 31.48 96.98
N PRO E 8 -6.15 32.63 97.65
CA PRO E 8 -6.98 33.09 98.77
C PRO E 8 -8.28 33.76 98.28
N GLY E 9 -9.18 34.08 99.22
CA GLY E 9 -10.37 34.81 98.85
C GLY E 9 -10.06 36.22 98.37
N THR E 10 -9.25 36.94 99.14
CA THR E 10 -8.76 38.26 98.75
C THR E 10 -7.25 38.28 98.90
N LEU E 11 -6.55 38.63 97.83
CA LEU E 11 -5.09 38.71 97.83
C LEU E 11 -4.67 40.17 97.80
N SER E 12 -4.41 40.74 98.97
CA SER E 12 -3.99 42.14 99.08
C SER E 12 -2.47 42.19 98.93
N LEU E 13 -2.01 42.69 97.79
CA LEU E 13 -0.59 42.71 97.48
C LEU E 13 -0.22 44.04 96.84
N SER E 14 1.04 44.43 97.03
CA SER E 14 1.54 45.67 96.46
C SER E 14 2.01 45.45 95.03
N PRO E 15 1.88 46.46 94.17
CA PRO E 15 2.35 46.31 92.78
C PRO E 15 3.87 46.12 92.75
N GLY E 16 4.30 45.02 92.14
CA GLY E 16 5.70 44.65 92.10
C GLY E 16 6.05 43.41 92.90
N GLU E 17 5.12 42.89 93.70
CA GLU E 17 5.37 41.69 94.49
C GLU E 17 5.04 40.45 93.67
N ARG E 18 5.32 39.28 94.24
CA ARG E 18 5.04 38.01 93.60
C ARG E 18 3.74 37.44 94.16
N ALA E 19 2.76 37.25 93.29
CA ALA E 19 1.48 36.69 93.69
C ALA E 19 1.49 35.17 93.49
N THR E 20 0.75 34.48 94.35
CA THR E 20 0.63 33.02 94.27
C THR E 20 -0.79 32.62 94.62
N LEU E 21 -1.45 31.96 93.68
CA LEU E 21 -2.83 31.53 93.87
C LEU E 21 -2.89 30.00 93.80
N SER E 22 -3.82 29.42 94.56
CA SER E 22 -3.96 27.98 94.64
C SER E 22 -5.32 27.55 94.13
N CYS E 23 -5.36 26.35 93.56
CA CYS E 23 -6.58 25.75 93.02
C CYS E 23 -6.59 24.27 93.39
N ARG E 24 -7.64 23.85 94.09
CA ARG E 24 -7.76 22.48 94.59
C ARG E 24 -9.00 21.84 93.96
N ALA E 25 -8.83 20.59 93.52
CA ALA E 25 -9.91 19.80 92.97
C ALA E 25 -10.30 18.71 93.95
N SER E 26 -11.60 18.41 94.02
CA SER E 26 -12.08 17.38 94.94
C SER E 26 -11.65 15.98 94.51
N GLN E 27 -11.18 15.81 93.27
CA GLN E 27 -10.61 14.56 92.82
C GLN E 27 -9.55 14.85 91.77
N SER E 28 -8.69 13.86 91.54
CA SER E 28 -7.58 14.03 90.61
C SER E 28 -8.09 14.33 89.22
N VAL E 29 -7.58 15.41 88.62
CA VAL E 29 -7.97 15.80 87.28
C VAL E 29 -6.73 15.83 86.40
N ARG E 30 -6.96 15.71 85.09
CA ARG E 30 -5.87 15.73 84.13
C ARG E 30 -5.22 17.11 84.09
N SER E 31 -3.89 17.13 84.08
CA SER E 31 -3.17 18.40 83.98
C SER E 31 -3.42 19.09 82.65
N SER E 32 -3.61 18.32 81.58
CA SER E 32 -3.84 18.86 80.25
C SER E 32 -5.25 19.40 80.06
N TYR E 33 -6.09 19.35 81.09
CA TYR E 33 -7.46 19.83 81.00
C TYR E 33 -7.80 20.81 82.12
N LEU E 34 -6.82 21.62 82.53
CA LEU E 34 -7.05 22.68 83.50
C LEU E 34 -6.60 24.01 82.91
N ALA E 35 -7.38 25.05 83.17
CA ALA E 35 -7.09 26.39 82.67
C ALA E 35 -7.22 27.42 83.78
N TRP E 36 -6.58 28.55 83.57
CA TRP E 36 -6.67 29.73 84.41
C TRP E 36 -7.13 30.89 83.53
N TYR E 37 -8.12 31.64 84.03
CA TYR E 37 -8.74 32.76 83.35
C TYR E 37 -8.67 34.00 84.21
N GLN E 38 -8.59 35.17 83.56
CA GLN E 38 -8.61 36.46 84.22
C GLN E 38 -9.84 37.23 83.77
N GLN E 39 -10.55 37.81 84.74
CA GLN E 39 -11.76 38.59 84.49
C GLN E 39 -11.70 39.87 85.28
N LYS E 40 -11.90 41.00 84.60
CA LYS E 40 -11.97 42.33 85.18
C LYS E 40 -13.42 42.79 85.29
N PRO E 41 -13.75 43.66 86.24
CA PRO E 41 -15.15 44.07 86.42
C PRO E 41 -15.75 44.62 85.14
N GLY E 42 -16.93 44.11 84.78
CA GLY E 42 -17.58 44.55 83.57
C GLY E 42 -16.97 44.03 82.29
N GLN E 43 -16.10 43.04 82.37
CA GLN E 43 -15.42 42.48 81.21
C GLN E 43 -15.67 40.98 81.12
N ALA E 44 -15.35 40.42 79.95
CA ALA E 44 -15.44 38.99 79.73
C ALA E 44 -14.21 38.27 80.26
N PRO E 45 -14.33 36.99 80.59
CA PRO E 45 -13.15 36.22 81.01
C PRO E 45 -12.10 36.19 79.91
N ARG E 46 -10.83 36.14 80.33
CA ARG E 46 -9.69 36.10 79.42
C ARG E 46 -8.82 34.92 79.77
N LEU E 47 -8.54 34.07 78.78
CA LEU E 47 -7.73 32.89 79.03
C LEU E 47 -6.28 33.28 79.30
N LEU E 48 -5.75 32.80 80.42
CA LEU E 48 -4.36 33.05 80.80
C LEU E 48 -3.49 31.82 80.59
N ILE E 49 -3.85 30.71 81.23
CA ILE E 49 -3.03 29.50 81.23
C ILE E 49 -3.88 28.30 80.83
N TYR E 50 -3.32 27.41 80.03
CA TYR E 50 -3.98 26.14 79.74
C TYR E 50 -2.97 25.01 79.89
N GLY E 51 -3.48 23.78 79.84
CA GLY E 51 -2.68 22.59 80.03
C GLY E 51 -1.86 22.63 81.31
N ALA E 52 -2.37 23.32 82.32
CA ALA E 52 -1.75 23.53 83.62
C ALA E 52 -0.47 24.35 83.52
N SER E 53 0.33 24.14 82.48
CA SER E 53 1.63 24.79 82.34
C SER E 53 1.89 25.19 80.88
N ARG E 54 0.91 25.82 80.25
CA ARG E 54 1.05 26.32 78.89
C ARG E 54 0.51 27.74 78.81
N ARG E 55 1.41 28.71 78.66
CA ARG E 55 1.00 30.11 78.59
C ARG E 55 0.18 30.36 77.33
N GLY E 56 -0.86 31.18 77.46
CA GLY E 56 -1.73 31.47 76.34
C GLY E 56 -1.18 32.56 75.44
N THR E 57 -1.88 32.77 74.33
CA THR E 57 -1.44 33.74 73.33
C THR E 57 -1.69 35.15 73.84
N GLY E 58 -0.62 35.96 73.88
CA GLY E 58 -0.70 37.33 74.32
C GLY E 58 -0.53 37.53 75.80
N ILE E 59 -0.59 36.45 76.59
CA ILE E 59 -0.41 36.55 78.04
C ILE E 59 1.06 36.80 78.34
N PRO E 60 1.40 37.79 79.18
CA PRO E 60 2.80 38.04 79.50
C PRO E 60 3.46 36.83 80.15
N ASP E 61 4.79 36.78 80.03
CA ASP E 61 5.57 35.65 80.54
C ASP E 61 5.73 35.68 82.05
N ARG E 62 5.32 36.77 82.72
CA ARG E 62 5.32 36.78 84.18
C ARG E 62 4.27 35.85 84.78
N PHE E 63 3.24 35.51 84.02
CA PHE E 63 2.27 34.51 84.47
C PHE E 63 2.83 33.10 84.24
N SER E 64 2.73 32.25 85.26
CA SER E 64 3.22 30.89 85.17
C SER E 64 2.22 29.97 85.85
N GLY E 65 2.37 28.68 85.60
CA GLY E 65 1.49 27.67 86.17
C GLY E 65 2.19 26.37 86.48
N SER E 66 1.78 25.74 87.58
CA SER E 66 2.37 24.47 88.00
C SER E 66 1.30 23.69 88.74
N GLY E 67 1.57 22.42 89.01
CA GLY E 67 0.67 21.58 89.76
C GLY E 67 0.42 20.26 89.07
N SER E 68 -0.25 19.37 89.81
CA SER E 68 -0.55 18.04 89.29
C SER E 68 -1.53 17.29 90.18
N GLY E 69 -2.60 16.77 89.58
CA GLY E 69 -3.56 15.96 90.31
C GLY E 69 -4.66 16.77 90.94
N THR E 70 -4.50 17.09 92.23
CA THR E 70 -5.52 17.81 92.98
C THR E 70 -5.09 19.22 93.37
N ASP E 71 -3.81 19.56 93.25
CA ASP E 71 -3.31 20.87 93.67
C ASP E 71 -2.58 21.53 92.50
N PHE E 72 -2.94 22.80 92.25
CA PHE E 72 -2.35 23.58 91.17
C PHE E 72 -2.11 24.99 91.66
N THR E 73 -1.14 25.66 91.04
CA THR E 73 -0.63 26.95 91.46
C THR E 73 -0.50 27.86 90.25
N LEU E 74 -0.97 29.11 90.41
CA LEU E 74 -0.76 30.18 89.43
C LEU E 74 0.16 31.21 90.06
N THR E 75 1.32 31.43 89.42
CA THR E 75 2.36 32.30 89.97
C THR E 75 2.55 33.53 89.09
N ILE E 76 2.49 34.71 89.70
CA ILE E 76 2.81 35.96 89.02
C ILE E 76 4.11 36.48 89.61
N SER E 77 5.17 36.49 88.79
CA SER E 77 6.50 36.82 89.29
C SER E 77 6.55 38.24 89.83
N ARG E 78 6.14 39.22 89.01
CA ARG E 78 6.13 40.62 89.41
C ARG E 78 4.74 41.19 89.10
N LEU E 79 4.03 41.59 90.15
CA LEU E 79 2.64 42.02 89.99
C LEU E 79 2.61 43.41 89.40
N GLU E 80 1.88 43.57 88.29
CA GLU E 80 1.69 44.80 87.56
C GLU E 80 0.33 45.41 87.86
N PRO E 81 0.18 46.72 87.73
CA PRO E 81 -1.12 47.36 88.04
C PRO E 81 -2.24 46.83 87.17
N GLU E 82 -1.95 46.39 85.95
CA GLU E 82 -2.95 45.84 85.06
C GLU E 82 -3.33 44.40 85.39
N ASP E 83 -2.78 43.83 86.47
CA ASP E 83 -3.02 42.45 86.84
C ASP E 83 -4.01 42.31 87.98
N PHE E 84 -4.47 43.42 88.56
CA PHE E 84 -5.36 43.39 89.71
C PHE E 84 -6.78 43.17 89.20
N ALA E 85 -7.25 41.93 89.31
CA ALA E 85 -8.60 41.58 88.86
C ALA E 85 -9.02 40.30 89.58
N VAL E 86 -9.88 39.51 88.94
CA VAL E 86 -10.37 38.25 89.49
C VAL E 86 -9.81 37.12 88.66
N TYR E 87 -9.42 36.04 89.32
CA TYR E 87 -8.80 34.89 88.66
C TYR E 87 -9.61 33.64 88.95
N TYR E 88 -9.87 32.85 87.91
CA TYR E 88 -10.61 31.61 88.04
C TYR E 88 -9.79 30.45 87.49
N CYS E 89 -9.99 29.27 88.07
CA CYS E 89 -9.45 28.03 87.53
C CYS E 89 -10.59 27.10 87.17
N GLN E 90 -10.50 26.50 85.99
CA GLN E 90 -11.53 25.59 85.51
C GLN E 90 -10.90 24.30 85.00
N GLN E 91 -11.44 23.16 85.43
CA GLN E 91 -11.09 21.87 84.85
C GLN E 91 -12.09 21.54 83.75
N TYR E 92 -11.59 21.12 82.60
CA TYR E 92 -12.45 20.80 81.47
C TYR E 92 -12.18 19.40 80.94
N GLY E 93 -11.88 18.47 81.84
CA GLY E 93 -11.67 17.10 81.45
C GLY E 93 -12.91 16.24 81.68
N SER E 94 -13.42 16.24 82.90
CA SER E 94 -14.58 15.47 83.29
C SER E 94 -15.79 16.38 83.44
N SER E 95 -16.88 16.04 82.77
CA SER E 95 -18.10 16.83 82.81
C SER E 95 -18.83 16.60 84.13
N PRO E 96 -19.36 17.67 84.76
CA PRO E 96 -19.36 19.06 84.27
C PRO E 96 -18.04 19.78 84.49
N TRP E 97 -17.73 20.73 83.60
CA TRP E 97 -16.48 21.48 83.65
C TRP E 97 -16.64 22.65 84.63
N THR E 98 -16.48 22.33 85.91
CA THR E 98 -16.79 23.27 86.97
C THR E 98 -15.72 24.36 87.08
N PHE E 99 -16.14 25.51 87.59
CA PHE E 99 -15.27 26.66 87.82
C PHE E 99 -14.98 26.81 89.31
N GLY E 100 -13.96 27.63 89.61
CA GLY E 100 -13.71 28.05 90.96
C GLY E 100 -14.50 29.30 91.35
N GLN E 101 -14.41 29.66 92.62
CA GLN E 101 -15.16 30.80 93.14
C GLN E 101 -14.47 32.13 92.93
N GLY E 102 -13.21 32.14 92.52
CA GLY E 102 -12.56 33.38 92.16
C GLY E 102 -11.64 33.88 93.26
N THR E 103 -10.64 34.66 92.86
CA THR E 103 -9.70 35.27 93.78
C THR E 103 -9.52 36.74 93.40
N LYS E 104 -9.81 37.64 94.32
CA LYS E 104 -9.67 39.06 94.09
C LYS E 104 -8.27 39.51 94.49
N VAL E 105 -7.53 40.04 93.52
CA VAL E 105 -6.19 40.58 93.76
C VAL E 105 -6.32 42.10 93.82
N GLU E 106 -6.18 42.65 95.02
CA GLU E 106 -6.30 44.09 95.23
C GLU E 106 -4.92 44.68 95.53
N ILE E 107 -4.81 45.99 95.30
CA ILE E 107 -3.59 46.72 95.59
C ILE E 107 -3.49 46.94 97.09
N LYS E 108 -2.39 46.48 97.68
CA LYS E 108 -2.19 46.72 99.11
C LYS E 108 -1.77 48.16 99.34
N ARG E 109 -2.21 48.71 100.47
CA ARG E 109 -2.04 50.13 100.75
C ARG E 109 -1.90 50.31 102.25
N THR E 110 -1.58 51.53 102.66
CA THR E 110 -1.55 51.86 104.08
C THR E 110 -2.95 52.22 104.55
N VAL E 111 -3.19 52.01 105.85
CA VAL E 111 -4.52 52.23 106.41
C VAL E 111 -4.89 53.70 106.25
N ALA E 112 -6.00 53.95 105.58
CA ALA E 112 -6.50 55.30 105.35
C ALA E 112 -7.92 55.41 105.89
N ALA E 113 -8.15 56.43 106.72
CA ALA E 113 -9.47 56.61 107.30
C ALA E 113 -10.40 57.29 106.29
N PRO E 114 -11.69 56.96 106.33
CA PRO E 114 -12.63 57.53 105.37
C PRO E 114 -13.05 58.95 105.75
N SER E 115 -13.25 59.77 104.71
CA SER E 115 -13.85 61.08 104.89
C SER E 115 -15.36 60.92 104.84
N VAL E 116 -16.05 61.31 105.91
CA VAL E 116 -17.47 61.01 106.08
C VAL E 116 -18.27 62.27 105.79
N PHE E 117 -19.31 62.13 104.98
CA PHE E 117 -20.20 63.23 104.65
C PHE E 117 -21.64 62.75 104.70
N ILE E 118 -22.53 63.58 105.23
CA ILE E 118 -23.95 63.23 105.30
C ILE E 118 -24.73 64.20 104.42
N PHE E 119 -25.76 63.68 103.75
CA PHE E 119 -26.57 64.45 102.80
C PHE E 119 -28.03 64.25 103.18
N PRO E 120 -28.75 65.31 103.54
CA PRO E 120 -30.20 65.21 103.78
C PRO E 120 -30.94 64.96 102.48
N PRO E 121 -32.16 64.43 102.55
CA PRO E 121 -32.97 64.28 101.32
C PRO E 121 -33.37 65.63 100.76
N SER E 122 -33.29 65.75 99.44
CA SER E 122 -33.63 66.99 98.77
C SER E 122 -35.11 67.30 98.94
N ASP E 123 -35.45 68.60 98.91
CA ASP E 123 -36.84 69.00 99.02
C ASP E 123 -37.66 68.50 97.84
N GLU E 124 -37.02 68.28 96.68
CA GLU E 124 -37.74 67.76 95.53
C GLU E 124 -38.18 66.33 95.78
N GLN E 125 -37.32 65.52 96.41
CA GLN E 125 -37.72 64.15 96.73
C GLN E 125 -38.73 64.14 97.85
N LEU E 126 -38.58 65.07 98.81
CA LEU E 126 -39.55 65.20 99.90
C LEU E 126 -40.94 65.53 99.37
N LYS E 127 -41.02 66.24 98.24
CA LYS E 127 -42.32 66.50 97.62
C LYS E 127 -42.97 65.21 97.11
N SER E 128 -42.19 64.15 96.90
CA SER E 128 -42.71 62.87 96.44
C SER E 128 -43.19 61.97 97.57
N GLY E 129 -43.01 62.37 98.82
CA GLY E 129 -43.44 61.58 99.95
C GLY E 129 -42.43 60.56 100.45
N THR E 130 -41.18 60.64 100.01
CA THR E 130 -40.14 59.73 100.46
C THR E 130 -38.86 60.51 100.71
N ALA E 131 -38.13 60.13 101.75
CA ALA E 131 -36.90 60.78 102.14
C ALA E 131 -35.75 59.77 102.08
N SER E 132 -34.63 60.22 101.51
CA SER E 132 -33.43 59.40 101.36
C SER E 132 -32.26 60.19 101.92
N VAL E 133 -31.66 59.69 102.99
CA VAL E 133 -30.49 60.29 103.61
C VAL E 133 -29.26 59.49 103.19
N VAL E 134 -28.24 60.17 102.70
CA VAL E 134 -27.08 59.50 102.11
C VAL E 134 -25.85 59.76 102.97
N CYS E 135 -25.04 58.73 103.18
CA CYS E 135 -23.79 58.84 103.93
C CYS E 135 -22.67 58.35 103.03
N LEU E 136 -21.69 59.22 102.79
CA LEU E 136 -20.57 58.96 101.90
C LEU E 136 -19.30 58.74 102.71
N LEU E 137 -18.64 57.61 102.47
CA LEU E 137 -17.32 57.28 103.02
C LEU E 137 -16.32 57.37 101.87
N ASN E 138 -15.44 58.36 101.92
CA ASN E 138 -14.62 58.76 100.79
C ASN E 138 -13.18 58.35 101.04
N ASN E 139 -12.63 57.55 100.11
CA ASN E 139 -11.20 57.24 100.07
C ASN E 139 -10.67 56.62 101.35
N PHE E 140 -10.88 55.33 101.52
CA PHE E 140 -10.43 54.61 102.70
C PHE E 140 -9.85 53.27 102.29
N TYR E 141 -9.09 52.67 103.21
CA TYR E 141 -8.50 51.36 103.00
C TYR E 141 -8.21 50.74 104.36
N PRO E 142 -8.50 49.46 104.58
CA PRO E 142 -9.07 48.48 103.64
C PRO E 142 -10.56 48.72 103.35
N ARG E 143 -11.14 47.84 102.53
CA ARG E 143 -12.51 48.03 102.07
C ARG E 143 -13.51 47.89 103.22
N GLU E 144 -13.19 47.07 104.23
CA GLU E 144 -14.14 46.78 105.29
C GLU E 144 -14.48 48.07 106.05
N ALA E 145 -15.78 48.36 106.14
CA ALA E 145 -16.26 49.55 106.81
C ALA E 145 -17.67 49.30 107.32
N LYS E 146 -18.04 50.00 108.38
CA LYS E 146 -19.32 49.79 109.06
C LYS E 146 -20.05 51.11 109.16
N VAL E 147 -21.31 51.12 108.74
CA VAL E 147 -22.16 52.31 108.79
C VAL E 147 -23.42 51.97 109.58
N GLN E 148 -23.74 52.81 110.56
CA GLN E 148 -24.96 52.66 111.34
C GLN E 148 -25.74 53.96 111.31
N TRP E 149 -27.04 53.87 111.04
CA TRP E 149 -27.92 55.02 110.98
C TRP E 149 -28.60 55.24 112.32
N LYS E 150 -28.62 56.49 112.77
CA LYS E 150 -29.25 56.86 114.03
C LYS E 150 -30.19 58.04 113.77
N VAL E 151 -31.47 57.85 114.11
CA VAL E 151 -32.51 58.83 113.88
C VAL E 151 -33.04 59.23 115.25
N ASP E 152 -32.72 60.45 115.68
CA ASP E 152 -32.96 60.89 117.05
C ASP E 152 -32.41 59.89 118.06
N ASN E 153 -31.13 59.52 117.86
CA ASN E 153 -30.37 58.60 118.68
C ASN E 153 -30.90 57.16 118.64
N ALA E 154 -31.84 56.87 117.75
CA ALA E 154 -32.39 55.52 117.61
C ALA E 154 -31.66 54.81 116.47
N LEU E 155 -30.95 53.75 116.80
CA LEU E 155 -30.21 52.99 115.79
C LEU E 155 -31.18 52.32 114.83
N GLN E 156 -30.98 52.53 113.54
CA GLN E 156 -31.83 51.96 112.50
C GLN E 156 -31.30 50.61 112.05
N SER E 157 -32.22 49.77 111.57
CA SER E 157 -31.85 48.46 111.06
C SER E 157 -32.94 47.99 110.10
N GLY E 158 -32.53 47.47 108.94
CA GLY E 158 -33.46 46.95 107.97
C GLY E 158 -34.12 47.97 107.06
N ASN E 159 -33.68 49.23 107.12
CA ASN E 159 -34.24 50.28 106.28
C ASN E 159 -33.13 51.08 105.59
N SER E 160 -31.99 50.45 105.35
CA SER E 160 -30.85 51.11 104.72
C SER E 160 -30.17 50.13 103.78
N GLN E 161 -29.49 50.67 102.77
CA GLN E 161 -28.78 49.85 101.80
C GLN E 161 -27.45 50.50 101.45
N GLU E 162 -26.44 49.66 101.21
CA GLU E 162 -25.09 50.14 100.98
C GLU E 162 -24.61 49.76 99.58
N SER E 163 -23.56 50.45 99.14
CA SER E 163 -22.94 50.20 97.85
C SER E 163 -21.48 50.61 97.91
N VAL E 164 -20.59 49.74 97.45
CA VAL E 164 -19.15 49.97 97.52
C VAL E 164 -18.59 49.93 96.10
N THR E 165 -17.73 50.90 95.79
CA THR E 165 -17.06 50.94 94.49
C THR E 165 -15.86 50.02 94.47
N GLU E 166 -15.40 49.71 93.26
CA GLU E 166 -14.16 48.98 93.09
C GLU E 166 -12.97 49.83 93.55
N GLN E 167 -11.86 49.16 93.83
CA GLN E 167 -10.65 49.84 94.27
C GLN E 167 -10.19 50.84 93.21
N ASP E 168 -9.90 52.06 93.65
CA ASP E 168 -9.54 53.13 92.72
C ASP E 168 -8.21 52.84 92.04
N SER E 169 -8.14 53.16 90.75
CA SER E 169 -6.95 52.90 89.96
C SER E 169 -5.81 53.88 90.25
N LYS E 170 -6.05 54.95 91.01
CA LYS E 170 -5.03 55.96 91.26
C LYS E 170 -4.55 55.97 92.70
N ASP E 171 -5.45 55.94 93.68
CA ASP E 171 -5.05 55.94 95.09
C ASP E 171 -5.38 54.64 95.81
N SER E 172 -5.89 53.62 95.10
CA SER E 172 -6.08 52.28 95.63
C SER E 172 -7.00 52.26 96.86
N THR E 173 -7.91 53.22 96.95
CA THR E 173 -8.87 53.30 98.04
C THR E 173 -10.26 52.93 97.56
N TYR E 174 -11.15 52.69 98.51
CA TYR E 174 -12.54 52.37 98.25
C TYR E 174 -13.44 53.49 98.74
N SER E 175 -14.66 53.52 98.22
CA SER E 175 -15.68 54.48 98.62
C SER E 175 -16.99 53.75 98.87
N LEU E 176 -17.72 54.20 99.88
CA LEU E 176 -18.96 53.55 100.30
C LEU E 176 -20.09 54.58 100.33
N SER E 177 -21.28 54.15 99.93
CA SER E 177 -22.46 55.00 99.92
C SER E 177 -23.60 54.24 100.58
N SER E 178 -24.13 54.78 101.67
CA SER E 178 -25.23 54.15 102.38
C SER E 178 -26.45 55.06 102.33
N THR E 179 -27.60 54.48 102.01
CA THR E 179 -28.84 55.24 101.82
C THR E 179 -29.88 54.73 102.81
N LEU E 180 -30.37 55.64 103.66
CA LEU E 180 -31.48 55.39 104.57
C LEU E 180 -32.77 55.89 103.91
N THR E 181 -33.78 55.03 103.88
CA THR E 181 -35.04 55.31 103.17
C THR E 181 -36.16 55.34 104.20
N LEU E 182 -36.80 56.50 104.35
CA LEU E 182 -37.97 56.64 105.20
C LEU E 182 -39.10 57.30 104.42
N SER E 183 -40.32 57.13 104.93
CA SER E 183 -41.46 57.85 104.39
C SER E 183 -41.42 59.31 104.84
N LYS E 184 -42.18 60.15 104.12
CA LYS E 184 -42.26 61.56 104.49
C LYS E 184 -42.81 61.73 105.91
N ALA E 185 -43.75 60.86 106.30
CA ALA E 185 -44.30 60.94 107.66
C ALA E 185 -43.21 60.64 108.69
N ASP E 186 -42.52 59.51 108.52
CA ASP E 186 -41.47 59.16 109.48
C ASP E 186 -40.33 60.16 109.41
N TYR E 187 -40.10 60.76 108.24
CA TYR E 187 -39.04 61.75 108.14
C TYR E 187 -39.40 62.99 108.95
N GLU E 188 -40.69 63.38 108.92
CA GLU E 188 -41.12 64.54 109.68
C GLU E 188 -41.37 64.23 111.15
N LYS E 189 -41.31 62.95 111.54
CA LYS E 189 -41.51 62.63 112.95
C LYS E 189 -40.24 62.77 113.78
N HIS E 190 -39.08 62.98 113.16
CA HIS E 190 -37.82 63.08 113.85
C HIS E 190 -37.04 64.28 113.34
N LYS E 191 -35.97 64.63 114.04
CA LYS E 191 -35.25 65.86 113.79
C LYS E 191 -33.77 65.67 113.48
N VAL E 192 -33.06 64.81 114.21
CA VAL E 192 -31.62 64.62 114.04
C VAL E 192 -31.36 63.32 113.30
N TYR E 193 -30.63 63.40 112.19
CA TYR E 193 -30.27 62.24 111.38
C TYR E 193 -28.75 62.14 111.31
N ALA E 194 -28.20 60.97 111.65
CA ALA E 194 -26.76 60.83 111.74
C ALA E 194 -26.31 59.46 111.28
N CYS E 195 -25.12 59.40 110.70
CA CYS E 195 -24.49 58.13 110.33
C CYS E 195 -23.16 58.00 111.07
N GLU E 196 -23.00 56.87 111.76
CA GLU E 196 -21.79 56.53 112.51
C GLU E 196 -20.97 55.57 111.67
N VAL E 197 -19.70 55.92 111.46
CA VAL E 197 -18.77 55.17 110.62
C VAL E 197 -17.70 54.56 111.51
N THR E 198 -17.59 53.24 111.46
CA THR E 198 -16.53 52.50 112.13
C THR E 198 -15.60 51.95 111.05
N HIS E 199 -14.30 52.19 111.21
CA HIS E 199 -13.32 51.78 110.22
C HIS E 199 -11.97 51.58 110.91
N GLN E 200 -11.08 50.84 110.25
CA GLN E 200 -9.77 50.56 110.82
C GLN E 200 -8.94 51.83 110.96
N GLY E 201 -9.09 52.76 110.03
CA GLY E 201 -8.34 54.00 110.08
C GLY E 201 -8.82 55.01 111.09
N LEU E 202 -9.98 54.79 111.68
CA LEU E 202 -10.55 55.66 112.70
C LEU E 202 -10.27 55.08 114.08
N SER E 203 -9.66 55.90 114.96
CA SER E 203 -9.41 55.45 116.32
C SER E 203 -10.70 55.24 117.10
N SER E 204 -11.80 55.80 116.62
CA SER E 204 -13.11 55.66 117.24
C SER E 204 -14.15 56.00 116.20
N PRO E 205 -15.36 55.45 116.30
CA PRO E 205 -16.38 55.70 115.26
C PRO E 205 -16.69 57.19 115.14
N VAL E 206 -16.67 57.68 113.90
CA VAL E 206 -16.93 59.08 113.61
C VAL E 206 -18.40 59.23 113.22
N THR E 207 -19.07 60.23 113.75
CA THR E 207 -20.50 60.41 113.51
C THR E 207 -20.72 61.74 112.81
N LYS E 208 -21.45 61.71 111.70
CA LYS E 208 -21.83 62.91 110.98
C LYS E 208 -23.35 63.02 110.95
N SER E 209 -23.88 64.17 111.38
CA SER E 209 -25.31 64.34 111.57
C SER E 209 -25.76 65.65 110.92
N PHE E 210 -27.09 65.79 110.88
CA PHE E 210 -27.72 67.06 110.52
C PHE E 210 -29.04 67.17 111.24
N ASN E 211 -29.47 68.42 111.44
CA ASN E 211 -30.73 68.75 112.09
C ASN E 211 -31.77 69.05 111.01
N ARG E 212 -32.90 68.36 111.06
CA ARG E 212 -33.94 68.52 110.05
C ARG E 212 -34.41 69.97 109.95
N GLY E 213 -34.00 70.66 108.88
CA GLY E 213 -34.38 72.03 108.69
C GLY E 213 -33.21 72.98 108.73
N GLU E 214 -32.47 72.98 109.84
CA GLU E 214 -31.33 73.86 110.01
C GLU E 214 -30.17 73.45 109.10
C1 NAG F . 28.59 31.12 6.93
C2 NAG F . 27.44 30.80 5.97
C3 NAG F . 27.51 31.71 4.75
C4 NAG F . 27.60 33.19 5.16
C5 NAG F . 28.73 33.38 6.17
C6 NAG F . 28.78 34.78 6.74
C7 NAG F . 26.45 28.79 4.99
C8 NAG F . 26.67 27.35 4.62
N2 NAG F . 27.48 29.41 5.56
O3 NAG F . 26.36 31.52 3.93
O4 NAG F . 27.90 33.95 4.00
O5 NAG F . 28.56 32.50 7.29
O6 NAG F . 27.48 35.26 7.07
O7 NAG F . 25.38 29.34 4.77
C1 NAG F . 26.95 35.03 3.77
C2 NAG F . 27.73 36.22 3.22
C3 NAG F . 26.77 37.37 2.92
C4 NAG F . 25.65 36.91 2.00
C5 NAG F . 24.96 35.67 2.59
C6 NAG F . 23.92 35.08 1.65
C7 NAG F . 30.00 36.95 3.76
C8 NAG F . 30.95 37.36 4.85
N2 NAG F . 28.77 36.64 4.14
O3 NAG F . 27.49 38.44 2.32
O4 NAG F . 24.69 37.94 1.84
O5 NAG F . 25.93 34.64 2.84
O6 NAG F . 24.16 35.47 0.31
O7 NAG F . 30.35 36.88 2.58
C1 NAG G . 34.52 -27.28 -61.55
C2 NAG G . 35.57 -27.81 -62.53
C3 NAG G . 36.68 -28.51 -61.76
C4 NAG G . 37.25 -27.61 -60.68
C5 NAG G . 36.13 -27.07 -59.79
C6 NAG G . 36.61 -26.05 -58.78
C7 NAG G . 34.37 -28.26 -64.62
C8 NAG G . 33.80 -29.32 -65.52
N2 NAG G . 34.97 -28.69 -63.50
O3 NAG G . 37.70 -28.89 -62.67
O4 NAG G . 38.18 -28.34 -59.88
O5 NAG G . 35.14 -26.42 -60.60
O6 NAG G . 35.52 -25.31 -58.25
O7 NAG G . 34.27 -27.07 -64.89
C1 NAG G . 39.48 -27.74 -59.98
C2 NAG G . 40.44 -28.53 -59.10
C3 NAG G . 41.85 -27.94 -59.21
C4 NAG G . 42.28 -27.87 -60.66
C5 NAG G . 41.25 -27.12 -61.49
C6 NAG G . 41.55 -27.13 -62.97
C7 NAG G . 39.82 -29.65 -57.02
C8 NAG G . 39.35 -29.48 -55.60
N2 NAG G . 40.00 -28.54 -57.72
O3 NAG G . 42.75 -28.75 -58.47
O4 NAG G . 43.53 -27.20 -60.76
O5 NAG G . 39.96 -27.74 -61.34
O6 NAG G . 40.44 -27.58 -63.74
O7 NAG G . 40.03 -30.77 -57.49
C1 NAG H . 40.51 -36.77 -42.56
C2 NAG H . 41.81 -37.49 -42.92
C3 NAG H . 42.76 -37.48 -41.73
C4 NAG H . 42.97 -36.05 -41.22
C5 NAG H . 41.62 -35.40 -40.93
C6 NAG H . 41.74 -33.94 -40.54
C7 NAG H . 42.35 -39.52 -44.20
C8 NAG H . 41.91 -40.92 -44.53
N2 NAG H . 41.55 -38.85 -43.35
O3 NAG H . 44.01 -38.05 -42.11
O4 NAG H . 43.75 -36.07 -40.04
O5 NAG H . 40.80 -35.45 -42.10
O6 NAG H . 42.64 -33.25 -41.40
O7 NAG H . 43.36 -39.02 -44.66
C1 NAG H . 44.99 -35.36 -40.25
C2 NAG H . 45.36 -34.61 -38.97
C3 NAG H . 46.70 -33.89 -39.15
C4 NAG H . 47.77 -34.87 -39.61
C5 NAG H . 47.31 -35.61 -40.86
C6 NAG H . 48.27 -36.68 -41.30
C7 NAG H . 43.84 -33.56 -37.35
C8 NAG H . 42.77 -32.55 -37.14
N2 NAG H . 44.31 -33.67 -38.60
O3 NAG H . 47.08 -33.29 -37.92
O4 NAG H . 48.97 -34.17 -39.90
O5 NAG H . 46.06 -36.27 -40.60
O6 NAG H . 47.74 -37.98 -41.09
O7 NAG H . 44.26 -34.27 -36.43
C1 NAG I . 9.85 -23.95 -89.40
C2 NAG I . 9.91 -22.49 -89.83
C3 NAG I . 8.51 -21.99 -90.18
C4 NAG I . 7.87 -22.91 -91.21
C5 NAG I . 7.90 -24.36 -90.73
C6 NAG I . 7.38 -25.34 -91.75
C7 NAG I . 11.82 -21.41 -88.74
C8 NAG I . 12.27 -20.53 -87.61
N2 NAG I . 10.51 -21.66 -88.80
O3 NAG I . 8.60 -20.66 -90.68
O4 NAG I . 6.52 -22.52 -91.43
O5 NAG I . 9.24 -24.74 -90.43
O6 NAG I . 8.12 -25.27 -92.96
O7 NAG I . 12.61 -21.87 -89.56
C1 NAG I . 6.41 -21.90 -92.72
C2 NAG I . 5.05 -22.24 -93.32
C3 NAG I . 4.87 -21.56 -94.67
C4 NAG I . 5.13 -20.07 -94.54
C5 NAG I . 6.48 -19.81 -93.90
C6 NAG I . 6.75 -18.34 -93.64
C7 NAG I . 3.71 -24.30 -93.23
C8 NAG I . 3.72 -25.79 -93.39
N2 NAG I . 4.88 -23.68 -93.45
O3 NAG I . 3.55 -21.79 -95.15
O4 NAG I . 5.10 -19.46 -95.83
O5 NAG I . 6.56 -20.47 -92.64
O6 NAG I . 5.57 -17.67 -93.23
O7 NAG I . 2.70 -23.69 -92.90
C1 NAG J . 0.41 -2.25 -68.05
C2 NAG J . 0.53 -1.65 -69.45
C3 NAG J . 0.54 -0.12 -69.35
C4 NAG J . -0.65 0.39 -68.57
C5 NAG J . -0.75 -0.31 -67.22
C6 NAG J . -1.99 0.03 -66.45
C7 NAG J . 1.70 -3.19 -70.96
C8 NAG J . 3.01 -3.55 -71.58
N2 NAG J . 1.71 -2.14 -70.13
O3 NAG J . 0.54 0.43 -70.67
O4 NAG J . -0.51 1.79 -68.35
O5 NAG J . -0.76 -1.73 -67.40
O6 NAG J . -3.15 -0.08 -67.26
O7 NAG J . 0.67 -3.81 -71.20
C1 NAG J . -1.61 2.52 -68.93
C2 NAG J . -1.64 3.90 -68.27
C3 NAG J . -2.78 4.73 -68.88
C4 NAG J . -2.65 4.78 -70.39
C5 NAG J . -2.55 3.37 -70.96
C6 NAG J . -2.30 3.36 -72.46
C7 NAG J . -0.76 3.66 -66.00
C8 NAG J . -1.10 3.56 -64.55
N2 NAG J . -1.79 3.79 -66.83
O3 NAG J . -2.74 6.05 -68.34
O4 NAG J . -3.78 5.44 -70.96
O5 NAG J . -1.46 2.66 -70.35
O6 NAG J . -2.83 2.18 -73.06
O7 NAG J . 0.39 3.64 -66.40
C1 NAG K . -14.65 -39.18 -76.82
C2 NAG K . -15.81 -39.25 -77.81
C3 NAG K . -15.38 -39.96 -79.07
C4 NAG K . -14.14 -39.31 -79.66
C5 NAG K . -13.05 -39.23 -78.60
C6 NAG K . -11.82 -38.48 -79.06
C7 NAG K . -17.93 -39.25 -76.57
C8 NAG K . -19.06 -40.09 -76.02
N2 NAG K . -16.97 -39.91 -77.21
O3 NAG K . -16.44 -39.92 -80.02
O4 NAG K . -13.60 -40.10 -80.71
O5 NAG K . -13.53 -38.54 -77.43
O6 NAG K . -11.75 -37.18 -78.48
O7 NAG K . -17.90 -38.04 -76.42
C1 NAG K . -14.08 -39.79 -82.03
C2 NAG K . -13.17 -38.79 -82.74
C3 NAG K . -13.65 -38.58 -84.18
C4 NAG K . -13.77 -39.91 -84.91
C5 NAG K . -14.65 -40.87 -84.10
C6 NAG K . -14.71 -42.26 -84.70
C7 NAG K . -12.07 -36.71 -82.06
C8 NAG K . -12.20 -35.44 -81.26
N2 NAG K . -13.13 -37.52 -82.03
O3 NAG K . -12.73 -37.73 -84.86
O4 NAG K . -14.33 -39.72 -86.19
O5 NAG K . -14.13 -41.01 -82.78
O6 NAG K . -13.99 -43.19 -83.90
O7 NAG K . -11.05 -36.98 -82.69
C1 NAG L . -12.30 -58.47 -69.68
C2 NAG L . -13.40 -58.89 -68.71
C3 NAG L . -13.12 -60.28 -68.15
C4 NAG L . -12.92 -61.27 -69.29
C5 NAG L . -11.83 -60.76 -70.23
C6 NAG L . -11.65 -61.65 -71.45
C7 NAG L . -14.71 -57.37 -67.29
C8 NAG L . -14.67 -56.39 -66.15
N2 NAG L . -13.54 -57.92 -67.63
O3 NAG L . -14.21 -60.69 -67.33
O4 NAG L . -12.53 -62.54 -68.76
O5 NAG L . -12.17 -59.46 -70.72
O6 NAG L . -10.46 -61.32 -72.16
O7 NAG L . -15.75 -57.64 -67.88
C1 NAG L . -13.63 -63.45 -68.89
C2 NAG L . -13.07 -64.87 -69.03
C3 NAG L . -14.21 -65.89 -69.11
C4 NAG L . -15.15 -65.71 -67.92
C5 NAG L . -15.63 -64.27 -67.83
C6 NAG L . -16.47 -64.00 -66.60
C7 NAG L . -10.90 -65.20 -70.11
C8 NAG L . -10.16 -65.28 -71.42
N2 NAG L . -12.21 -64.98 -70.19
O3 NAG L . -13.67 -67.20 -69.12
O4 NAG L . -16.29 -66.57 -68.09
O5 NAG L . -14.49 -63.38 -67.75
O6 NAG L . -16.14 -62.76 -66.01
O7 NAG L . -10.32 -65.33 -69.04
C1 NAG M . 2.91 -58.06 -44.26
C2 NAG M . 2.66 -59.41 -44.92
C3 NAG M . 1.24 -59.88 -44.65
C4 NAG M . 0.95 -59.87 -43.15
C5 NAG M . 1.28 -58.50 -42.56
C6 NAG M . 1.15 -58.45 -41.05
C7 NAG M . 4.11 -59.54 -46.90
C8 NAG M . 4.18 -59.43 -48.39
N2 NAG M . 2.90 -59.34 -46.35
O3 NAG M . 1.05 -61.19 -45.17
O4 NAG M . -0.42 -60.17 -42.90
O5 NAG M . 2.64 -58.16 -42.86
O6 NAG M . 2.32 -58.94 -40.41
O7 NAG M . 5.10 -59.79 -46.21
C1 NAG M . -0.48 -61.42 -42.18
C2 NAG M . -1.70 -61.38 -41.24
C3 NAG M . -1.81 -62.71 -40.49
C4 NAG M . -1.84 -63.87 -41.47
C5 NAG M . -0.63 -63.81 -42.40
C6 NAG M . -0.65 -64.87 -43.48
C7 NAG M . -2.58 -59.39 -40.13
C8 NAG M . -2.31 -58.30 -39.13
N2 NAG M . -1.59 -60.26 -40.32
O3 NAG M . -3.00 -62.70 -39.70
O4 NAG M . -1.82 -65.10 -40.74
O5 NAG M . -0.60 -62.54 -43.07
O6 NAG M . 0.08 -64.46 -44.62
O7 NAG M . -3.64 -59.46 -40.74
C1 NAG N . -16.88 -50.32 -38.62
C2 NAG N . -17.95 -51.30 -39.09
C3 NAG N . -19.10 -51.33 -38.08
C4 NAG N . -18.58 -51.63 -36.68
C5 NAG N . -17.47 -50.65 -36.32
C6 NAG N . -16.80 -50.98 -35.00
C7 NAG N . -18.31 -51.74 -41.47
C8 NAG N . -18.87 -51.21 -42.77
N2 NAG N . -18.45 -50.94 -40.41
O3 NAG N . -20.03 -52.35 -38.48
O4 NAG N . -19.63 -51.50 -35.74
O5 NAG N . -16.43 -50.69 -37.32
O6 NAG N . -16.44 -49.79 -34.30
O7 NAG N . -17.76 -52.83 -41.40
C1 NAG N . -19.98 -52.80 -35.22
C2 NAG N . -20.88 -52.62 -34.01
C3 NAG N . -21.29 -53.97 -33.45
C4 NAG N . -21.93 -54.82 -34.53
C5 NAG N . -21.00 -54.91 -35.74
C6 NAG N . -21.63 -55.63 -36.91
C7 NAG N . -20.29 -50.49 -32.92
C8 NAG N . -19.53 -49.84 -31.80
N2 NAG N . -20.20 -51.82 -32.97
O3 NAG N . -22.21 -53.78 -32.37
O4 NAG N . -22.19 -56.13 -34.04
O5 NAG N . -20.64 -53.60 -36.20
O6 NAG N . -21.92 -54.73 -37.98
O7 NAG N . -20.92 -49.84 -33.74
C1 NAG O . 16.60 -64.19 -58.17
C2 NAG O . 16.75 -65.70 -58.01
C3 NAG O . 16.58 -66.38 -59.37
C4 NAG O . 15.26 -65.98 -60.00
C5 NAG O . 15.13 -64.46 -60.05
C6 NAG O . 13.76 -64.00 -60.53
C7 NAG O . 18.22 -66.27 -56.13
C8 NAG O . 19.61 -66.61 -55.70
N2 NAG O . 18.04 -66.03 -57.43
O3 NAG O . 16.63 -67.79 -59.20
O4 NAG O . 15.18 -66.50 -61.33
O5 NAG O . 15.32 -63.90 -58.74
O6 NAG O . 12.87 -63.84 -59.43
O7 NAG O . 17.28 -66.21 -55.33
C1 NAG O . 14.12 -67.47 -61.41
C2 NAG O . 14.40 -68.38 -62.61
C3 NAG O . 13.31 -69.45 -62.72
C4 NAG O . 13.19 -70.21 -61.40
C5 NAG O . 12.96 -69.22 -60.25
C6 NAG O . 12.95 -69.90 -58.90
C7 NAG O . 15.56 -67.59 -64.63
C8 NAG O . 15.46 -66.74 -65.86
N2 NAG O . 14.48 -67.60 -63.84
O3 NAG O . 13.64 -70.34 -63.77
O4 NAG O . 12.09 -71.11 -61.46
O5 NAG O . 14.03 -68.27 -60.22
O6 NAG O . 13.08 -68.95 -57.84
O7 NAG O . 16.56 -68.25 -64.35
C1 NAG P . -4.23 23.21 61.92
C2 NAG P . -3.27 22.76 60.83
C3 NAG P . -2.44 21.56 61.31
C4 NAG P . -1.79 21.84 62.65
C5 NAG P . -2.84 22.36 63.65
C6 NAG P . -2.23 22.79 64.97
C7 NAG P . -4.21 23.32 58.63
C8 NAG P . -4.96 22.82 57.43
N2 NAG P . -3.98 22.43 59.60
O3 NAG P . -1.46 21.25 60.35
O4 NAG P . -1.23 20.64 63.17
O5 NAG P . -3.51 23.50 63.11
O6 NAG P . -2.49 24.16 65.23
O7 NAG P . -3.85 24.50 58.72
C1 NAG P . 0.20 20.78 63.26
C2 NAG P . 0.72 19.63 64.14
C3 NAG P . 2.25 19.67 64.21
C4 NAG P . 2.84 19.66 62.81
C5 NAG P . 2.26 20.81 61.99
C6 NAG P . 2.72 20.80 60.55
C7 NAG P . -1.00 19.13 65.81
C8 NAG P . -1.44 19.31 67.23
N2 NAG P . 0.15 19.71 65.48
O3 NAG P . 2.71 18.54 64.94
O4 NAG P . 4.26 19.81 62.89
O5 NAG P . 0.83 20.71 61.97
O6 NAG P . 3.90 21.59 60.38
O7 NAG P . -1.66 18.49 65.01
C1 FUC P . -2.39 24.39 66.64
C2 FUC P . -1.30 25.46 66.87
C3 FUC P . -1.73 26.79 66.25
C4 FUC P . -3.12 27.21 66.78
C5 FUC P . -4.12 26.06 66.61
C6 FUC P . -5.45 26.32 67.30
O2 FUC P . -0.03 25.04 66.38
O3 FUC P . -0.80 27.81 66.61
O4 FUC P . -3.03 27.58 68.14
O5 FUC P . -3.62 24.83 67.17
C1 NAG Q . 47.40 -8.23 -3.84
C2 NAG Q . 48.41 -7.64 -4.81
C3 NAG Q . 49.30 -8.75 -5.37
C4 NAG Q . 49.91 -9.58 -4.26
C5 NAG Q . 48.82 -10.07 -3.31
C6 NAG Q . 49.38 -10.80 -2.10
C7 NAG Q . 48.21 -5.75 -6.37
C8 NAG Q . 47.40 -5.14 -7.47
N2 NAG Q . 47.76 -6.91 -5.88
O3 NAG Q . 50.33 -8.16 -6.17
O4 NAG Q . 50.60 -10.69 -4.80
O5 NAG Q . 48.08 -8.95 -2.81
O6 NAG Q . 49.18 -10.05 -0.91
O7 NAG Q . 49.23 -5.22 -5.94
C1 NAG R . 1.78 46.77 -10.81
C2 NAG R . 2.45 48.09 -11.24
C3 NAG R . 1.61 48.80 -12.29
C4 NAG R . 1.34 47.85 -13.46
C5 NAG R . 0.70 46.58 -12.94
C6 NAG R . 0.46 45.55 -14.02
C7 NAG R . 3.83 49.00 -9.41
C8 NAG R . 3.87 49.95 -8.25
N2 NAG R . 2.68 48.96 -10.08
O3 NAG R . 2.32 49.94 -12.76
O4 NAG R . 0.46 48.48 -14.39
O5 NAG R . 1.55 45.96 -11.97
O6 NAG R . -0.67 44.75 -13.74
O7 NAG R . 4.78 48.29 -9.71
C1 NAG S . -0.48 42.09 18.69
C2 NAG S . 0.21 41.68 17.39
C3 NAG S . 1.73 41.89 17.51
C4 NAG S . 2.05 43.29 18.01
C5 NAG S . 1.26 43.60 19.28
C6 NAG S . 1.43 45.03 19.75
C7 NAG S . 0.10 39.79 15.82
C8 NAG S . -0.25 38.35 15.65
N2 NAG S . -0.08 40.30 17.05
O3 NAG S . 2.34 41.68 16.24
O4 NAG S . 3.44 43.40 18.31
O5 NAG S . -0.14 43.43 19.02
O6 NAG S . 1.33 45.12 21.16
O7 NAG S . 0.54 40.47 14.90
C1 NAG T . 39.20 -5.16 -29.15
C2 NAG T . 40.18 -5.60 -30.24
C3 NAG T . 39.43 -6.24 -31.40
C4 NAG T . 38.54 -7.37 -30.89
C5 NAG T . 37.64 -6.88 -29.76
C6 NAG T . 36.85 -8.00 -29.12
C7 NAG T . 42.22 -4.22 -30.26
C8 NAG T . 42.89 -3.02 -30.86
N2 NAG T . 40.97 -4.47 -30.70
O3 NAG T . 40.36 -6.74 -32.35
O4 NAG T . 37.74 -7.88 -31.95
O5 NAG T . 38.43 -6.29 -28.72
O6 NAG T . 35.94 -7.50 -28.15
O7 NAG T . 42.76 -4.93 -29.43
C1 NAG U . 17.75 23.44 -39.81
C2 NAG U . 16.75 22.95 -40.85
C3 NAG U . 17.08 23.51 -42.22
C4 NAG U . 17.14 25.03 -42.16
C5 NAG U . 18.14 25.46 -41.09
C6 NAG U . 18.18 26.96 -40.90
C7 NAG U . 15.90 20.74 -40.15
C8 NAG U . 16.02 19.26 -40.32
N2 NAG U . 16.73 21.48 -40.89
O3 NAG U . 16.09 23.10 -43.16
O4 NAG U . 17.55 25.55 -43.42
O5 NAG U . 17.77 24.89 -39.82
O6 NAG U . 17.87 27.65 -42.10
O7 NAG U . 15.08 21.25 -39.38
C1 NAG V . 30.68 14.74 -51.52
C2 NAG V . 31.88 15.66 -51.35
C3 NAG V . 31.41 17.12 -51.22
C4 NAG V . 30.51 17.49 -52.38
C5 NAG V . 29.37 16.49 -52.51
C6 NAG V . 28.50 16.73 -53.71
C7 NAG V . 33.67 14.38 -50.27
C8 NAG V . 34.40 14.10 -48.99
N2 NAG V . 32.69 15.28 -50.20
O3 NAG V . 32.55 17.98 -51.18
O4 NAG V . 29.98 18.80 -52.18
O5 NAG V . 29.90 15.16 -52.64
O6 NAG V . 27.71 15.59 -54.03
O7 NAG V . 33.95 13.80 -51.32
C1 NAG W . 11.65 -11.69 -78.56
C2 NAG W . 10.73 -12.47 -79.50
C3 NAG W . 10.93 -12.02 -80.94
C4 NAG W . 10.76 -10.50 -81.04
C5 NAG W . 11.68 -9.81 -80.04
C6 NAG W . 11.48 -8.31 -80.01
C7 NAG W . 10.40 -14.66 -78.45
C8 NAG W . 10.77 -16.12 -78.47
N2 NAG W . 10.98 -13.90 -79.38
O3 NAG W . 9.98 -12.67 -81.77
O4 NAG W . 11.08 -10.07 -82.35
O5 NAG W . 11.42 -10.29 -78.72
O6 NAG W . 11.33 -7.83 -78.67
O7 NAG W . 9.63 -14.21 -77.62
C1 NAG X . 26.10 -13.59 -70.86
C2 NAG X . 27.54 -13.58 -70.34
C3 NAG X . 27.78 -12.34 -69.48
C4 NAG X . 27.42 -11.08 -70.28
C5 NAG X . 26.00 -11.18 -70.80
C6 NAG X . 25.63 -10.02 -71.70
C7 NAG X . 28.68 -15.72 -70.02
C8 NAG X . 28.87 -16.90 -69.12
N2 NAG X . 27.83 -14.78 -69.58
O3 NAG X . 29.14 -12.30 -69.09
O4 NAG X . 27.55 -9.93 -69.44
O5 NAG X . 25.83 -12.37 -71.57
O6 NAG X . 25.77 -8.77 -71.03
O7 NAG X . 29.26 -15.62 -71.09
C1 NAG Y . 27.92 -27.25 -80.11
C2 NAG Y . 29.07 -26.86 -81.04
C3 NAG Y . 29.23 -27.92 -82.13
C4 NAG Y . 29.40 -29.30 -81.50
C5 NAG Y . 28.27 -29.58 -80.52
C6 NAG Y . 28.46 -30.87 -79.74
C7 NAG Y . 29.24 -24.41 -81.07
C8 NAG Y . 28.92 -23.15 -81.83
N2 NAG Y . 28.83 -25.56 -81.64
O3 NAG Y . 30.37 -27.61 -82.91
O4 NAG Y . 29.40 -30.30 -82.51
O5 NAG Y . 28.18 -28.53 -79.54
O6 NAG Y . 29.08 -30.63 -78.49
O7 NAG Y . 29.83 -24.39 -80.00
C1 NAG Z . -41.52 14.11 -16.81
C2 NAG Z . -41.10 12.64 -16.76
C3 NAG Z . -42.09 11.77 -17.53
C4 NAG Z . -43.51 12.02 -17.05
C5 NAG Z . -43.83 13.51 -17.08
C6 NAG Z . -45.19 13.84 -16.49
C7 NAG Z . -39.34 12.76 -18.49
C8 NAG Z . -37.90 12.49 -18.80
N2 NAG Z . -39.74 12.45 -17.25
O3 NAG Z . -41.75 10.39 -17.37
O4 NAG Z . -44.44 11.32 -17.87
O5 NAG Z . -42.86 14.23 -16.31
O6 NAG Z . -45.07 14.33 -15.17
O7 NAG Z . -40.11 13.23 -19.34
C1 NAG AA . -30.10 21.34 6.59
C2 NAG AA . -29.75 20.11 7.43
C3 NAG AA . -30.73 18.98 7.13
C4 NAG AA . -32.17 19.44 7.30
C5 NAG AA . -32.42 20.70 6.47
C6 NAG AA . -33.79 21.29 6.69
C7 NAG AA . -27.67 18.98 8.07
C8 NAG AA . -26.27 18.63 7.66
N2 NAG AA . -28.38 19.70 7.19
O3 NAG AA . -30.46 17.88 8.00
O4 NAG AA . -33.06 18.42 6.89
O5 NAG AA . -31.47 21.71 6.81
O6 NAG AA . -34.37 20.82 7.90
O7 NAG AA . -28.13 18.65 9.15
C1 NAG BA . -10.39 30.55 -32.21
C2 NAG BA . -10.67 30.13 -33.66
C3 NAG BA . -10.00 31.12 -34.63
C4 NAG BA . -10.40 32.55 -34.30
C5 NAG BA . -10.15 32.85 -32.82
C6 NAG BA . -10.65 34.22 -32.41
C7 NAG BA . -10.70 28.02 -34.90
C8 NAG BA . -10.13 26.65 -35.01
N2 NAG BA . -10.22 28.78 -33.91
O3 NAG BA . -10.38 30.80 -35.96
O4 NAG BA . -9.64 33.46 -35.10
O5 NAG BA . -10.84 31.90 -32.00
O6 NAG BA . -9.64 34.96 -31.74
O7 NAG BA . -11.57 28.42 -35.66
C1 NAG CA . -35.17 -15.89 18.48
C2 NAG CA . -34.80 -17.36 18.23
C3 NAG CA . -35.74 -17.98 17.22
C4 NAG CA . -37.19 -17.78 17.64
C5 NAG CA . -37.46 -16.30 17.89
C6 NAG CA . -38.85 -16.04 18.41
C7 NAG CA . -32.39 -17.61 18.63
C8 NAG CA . -31.04 -17.72 18.00
N2 NAG CA . -33.42 -17.48 17.79
O3 NAG CA . -35.46 -19.37 17.09
O4 NAG CA . -38.07 -18.26 16.63
O5 NAG CA . -36.54 -15.80 18.87
O6 NAG CA . -38.82 -15.51 19.74
O7 NAG CA . -32.54 -17.64 19.86
C1 NAG DA . -33.31 -19.52 -16.45
C2 NAG DA . -32.60 -19.96 -15.18
C3 NAG DA . -32.25 -21.44 -15.24
C4 NAG DA . -33.50 -22.26 -15.55
C5 NAG DA . -34.18 -21.72 -16.81
C6 NAG DA . -35.49 -22.41 -17.11
C7 NAG DA . -30.93 -18.87 -13.73
C8 NAG DA . -29.68 -18.04 -13.70
N2 NAG DA . -31.39 -19.16 -14.96
O3 NAG DA . -31.69 -21.86 -14.00
O4 NAG DA . -33.14 -23.62 -15.76
O5 NAG DA . -34.47 -20.33 -16.65
O6 NAG DA . -35.75 -22.45 -18.51
O7 NAG DA . -31.48 -19.25 -12.72
C1 NAG EA . -38.25 -18.43 -36.85
C2 NAG EA . -39.40 -17.45 -36.64
C3 NAG EA . -40.27 -17.89 -35.46
C4 NAG EA . -40.72 -19.34 -35.65
C5 NAG EA . -39.52 -20.24 -35.92
C6 NAG EA . -39.90 -21.66 -36.24
C7 NAG EA . -38.65 -15.24 -37.42
C8 NAG EA . -38.14 -13.90 -37.01
N2 NAG EA . -38.91 -16.10 -36.43
O3 NAG EA . -41.40 -17.05 -35.35
O4 NAG EA . -41.41 -19.80 -34.49
O5 NAG EA . -38.78 -19.75 -37.04
O6 NAG EA . -38.77 -22.52 -36.26
O7 NAG EA . -38.81 -15.55 -38.59
C1 NAG FA . -19.05 -49.63 -57.08
C2 NAG FA . -18.47 -50.83 -57.85
C3 NAG FA . -19.59 -51.69 -58.42
C4 NAG FA . -20.57 -52.09 -57.32
C5 NAG FA . -21.06 -50.84 -56.59
C6 NAG FA . -21.95 -51.16 -55.42
C7 NAG FA . -16.29 -50.10 -58.71
C8 NAG FA . -15.52 -49.64 -59.92
N2 NAG FA . -17.58 -50.37 -58.91
O3 NAG FA . -19.03 -52.86 -59.01
O4 NAG FA . -21.67 -52.77 -57.88
O5 NAG FA . -19.94 -50.11 -56.08
O6 NAG FA . -21.85 -50.17 -54.40
O7 NAG FA . -15.76 -50.21 -57.61
C1 NAG GA . -11.55 -19.96 -69.18
C2 NAG GA . -12.05 -20.10 -70.63
C3 NAG GA . -11.69 -18.85 -71.43
C4 NAG GA . -12.20 -17.59 -70.73
C5 NAG GA . -11.67 -17.56 -69.29
C6 NAG GA . -12.20 -16.39 -68.49
C7 NAG GA . -12.22 -22.39 -71.48
C8 NAG GA . -11.49 -23.52 -72.16
N2 NAG GA . -11.50 -21.28 -71.27
O3 NAG GA . -12.26 -18.93 -72.74
O4 NAG GA . -11.77 -16.43 -71.41
O5 NAG GA . -12.07 -18.75 -68.60
O6 NAG GA . -13.39 -16.73 -67.81
O7 NAG GA . -13.40 -22.47 -71.15
C1 NAG HA . -21.84 -34.60 -61.90
C2 NAG HA . -22.45 -33.27 -62.33
C3 NAG HA . -23.31 -32.69 -61.20
C4 NAG HA . -24.34 -33.70 -60.75
C5 NAG HA . -23.68 -35.03 -60.39
C6 NAG HA . -24.67 -36.12 -60.06
C7 NAG HA . -21.01 -32.17 -63.99
C8 NAG HA . -19.93 -31.16 -64.22
N2 NAG HA . -21.41 -32.32 -62.72
O3 NAG HA . -23.93 -31.50 -61.65
O4 NAG HA . -25.06 -33.21 -59.62
O5 NAG HA . -22.89 -35.50 -61.49
O6 NAG HA . -25.99 -35.73 -60.38
O7 NAG HA . -21.49 -32.84 -64.91
C1 NAG IA . -38.00 -0.88 39.48
C2 NAG IA . -37.54 -1.16 38.06
C3 NAG IA . -38.28 -0.26 37.07
C4 NAG IA . -39.79 -0.43 37.25
C5 NAG IA . -40.17 -0.16 38.70
C6 NAG IA . -41.63 -0.39 38.98
C7 NAG IA . -35.30 -1.89 37.37
C8 NAG IA . -33.84 -1.54 37.31
N2 NAG IA . -36.10 -0.98 37.93
O3 NAG IA . -37.91 -0.61 35.75
O4 NAG IA . -40.48 0.47 36.40
O5 NAG IA . -39.43 -1.03 39.56
O6 NAG IA . -41.85 -0.73 40.34
O7 NAG IA . -35.73 -2.95 36.91
C1 NAG JA . -23.99 -36.70 4.88
C2 NAG JA . -23.43 -38.07 4.50
C3 NAG JA . -24.52 -38.93 3.88
C4 NAG JA . -25.74 -39.00 4.79
C5 NAG JA . -26.20 -37.59 5.16
C6 NAG JA . -27.33 -37.57 6.16
C7 NAG JA . -21.03 -37.91 4.01
C8 NAG JA . -19.99 -37.77 2.94
N2 NAG JA . -22.30 -37.94 3.59
O3 NAG JA . -24.02 -40.25 3.66
O4 NAG JA . -26.80 -39.68 4.14
O5 NAG JA . -25.12 -36.86 5.75
O6 NAG JA . -27.52 -36.28 6.71
O7 NAG JA . -20.73 -37.98 5.20
C1 NAG KA . 41.36 -7.58 25.60
C2 NAG KA . 42.38 -7.81 26.73
C3 NAG KA . 43.78 -8.01 26.13
C4 NAG KA . 43.74 -9.14 25.10
C5 NAG KA . 42.68 -8.86 24.05
C6 NAG KA . 42.53 -9.98 23.05
C7 NAG KA . 41.68 -6.70 28.79
C8 NAG KA . 41.79 -5.47 29.65
N2 NAG KA . 42.39 -6.70 27.66
O3 NAG KA . 44.69 -8.33 27.17
O4 NAG KA . 45.02 -9.25 24.47
O5 NAG KA . 41.41 -8.68 24.67
O6 NAG KA . 41.40 -10.80 23.37
O7 NAG KA . 40.97 -7.64 29.12
C1 NAG LA . 32.15 -33.16 -1.80
C2 NAG LA . 32.56 -32.34 -3.02
C3 NAG LA . 33.72 -33.01 -3.73
C4 NAG LA . 34.88 -33.27 -2.76
C5 NAG LA . 34.37 -34.03 -1.54
C6 NAG LA . 35.42 -34.21 -0.47
C7 NAG LA . 30.98 -30.96 -4.30
C8 NAG LA . 29.82 -30.96 -5.24
N2 NAG LA . 31.44 -32.16 -3.93
O3 NAG LA . 34.17 -32.18 -4.80
O4 NAG LA . 35.89 -34.02 -3.40
O5 NAG LA . 33.27 -33.33 -0.93
O6 NAG LA . 35.03 -33.59 0.74
O7 NAG LA . 31.49 -29.92 -3.89
C1 NAG MA . 28.72 -51.47 -9.64
C2 NAG MA . 28.70 -52.58 -8.59
C3 NAG MA . 29.72 -52.29 -7.50
C4 NAG MA . 31.10 -52.06 -8.12
C5 NAG MA . 31.02 -50.98 -9.19
C6 NAG MA . 32.33 -50.79 -9.93
C7 NAG MA . 26.42 -53.50 -8.55
C8 NAG MA . 25.11 -53.53 -7.81
N2 NAG MA . 27.37 -52.72 -8.01
O3 NAG MA . 29.78 -53.39 -6.60
O4 NAG MA . 32.02 -51.66 -7.11
O5 NAG MA . 30.04 -51.34 -10.18
O6 NAG MA . 32.10 -50.50 -11.31
O7 NAG MA . 26.60 -54.14 -9.57
C1 NAG NA . 34.11 -51.60 -51.28
C2 NAG NA . 34.55 -51.32 -52.72
C3 NAG NA . 35.57 -52.36 -53.17
C4 NAG NA . 36.73 -52.41 -52.18
C5 NAG NA . 36.20 -52.65 -50.76
C6 NAG NA . 37.29 -52.61 -49.72
C7 NAG NA . 32.64 -50.23 -53.82
C8 NAG NA . 31.50 -50.40 -54.77
N2 NAG NA . 33.40 -51.31 -53.62
O3 NAG NA . 36.05 -52.01 -54.47
O4 NAG NA . 37.62 -53.46 -52.54
O5 NAG NA . 35.26 -51.63 -50.42
O6 NAG NA . 38.06 -51.43 -49.82
O7 NAG NA . 32.86 -49.17 -53.24
C1 NAG OA . 21.96 -58.16 -43.09
C2 NAG OA . 21.03 -58.80 -42.05
C3 NAG OA . 21.52 -58.49 -40.64
C4 NAG OA . 22.98 -58.90 -40.48
C5 NAG OA . 23.82 -58.22 -41.56
C6 NAG OA . 25.28 -58.64 -41.52
C7 NAG OA . 18.78 -58.96 -43.01
C8 NAG OA . 17.41 -58.36 -43.07
N2 NAG OA . 19.67 -58.34 -42.23
O3 NAG OA . 20.72 -59.18 -39.70
O4 NAG OA . 23.46 -58.52 -39.20
O5 NAG OA . 23.32 -58.58 -42.85
O6 NAG OA . 25.80 -58.82 -42.83
O7 NAG OA . 19.08 -59.98 -43.64
C1 NAG PA . 33.06 -55.74 -67.05
C2 NAG PA . 34.34 -56.51 -66.74
C3 NAG PA . 35.55 -55.78 -67.32
C4 NAG PA . 35.35 -55.51 -68.80
C5 NAG PA . 34.04 -54.76 -69.02
C6 NAG PA . 33.72 -54.55 -70.49
C7 NAG PA . 34.13 -57.83 -64.69
C8 NAG PA . 34.36 -57.87 -63.20
N2 NAG PA . 34.49 -56.71 -65.31
O3 NAG PA . 36.72 -56.57 -67.12
O4 NAG PA . 36.42 -54.72 -69.30
O5 NAG PA . 32.95 -55.53 -68.47
O6 NAG PA . 32.34 -54.25 -70.68
O7 NAG PA . 33.63 -58.78 -65.29
C1 NAG QA . 22.47 11.80 38.37
C2 NAG QA . 23.10 10.44 38.67
C3 NAG QA . 22.02 9.41 38.96
C4 NAG QA . 21.11 9.89 40.08
C5 NAG QA . 20.54 11.26 39.72
C6 NAG QA . 19.70 11.86 40.83
C7 NAG QA . 25.17 9.48 37.73
C8 NAG QA . 25.65 9.38 39.15
N2 NAG QA . 23.95 10.00 37.57
O3 NAG QA . 22.63 8.17 39.32
O4 NAG QA . 20.04 8.97 40.28
O5 NAG QA . 21.62 12.18 39.47
O6 NAG QA . 20.51 12.56 41.76
O7 NAG QA . 25.85 9.11 36.79
#